data_1JYV
#
_entry.id   1JYV
#
_cell.length_a   149.492
_cell.length_b   167.455
_cell.length_c   200.341
_cell.angle_alpha   90.00
_cell.angle_beta   90.00
_cell.angle_gamma   90.00
#
_symmetry.space_group_name_H-M   'P 21 21 21'
#
loop_
_entity.id
_entity.type
_entity.pdbx_description
1 polymer Beta-Galactosidase
2 non-polymer 'MAGNESIUM ION'
3 non-polymer 'SODIUM ION'
4 non-polymer '2-nitrophenyl beta-D-galactopyranoside'
5 non-polymer 'DIMETHYL SULFOXIDE'
6 water water
#
_entity_poly.entity_id   1
_entity_poly.type   'polypeptide(L)'
_entity_poly.pdbx_seq_one_letter_code
;GSHMLEDPVVLQRRDWENPGVTQLNRLAAHPPFASWRNSEEARTDRPSQQLRSLNGEWRFAWFPAPEAVPESWLECDLPE
ADTVVVPSNWQMHGYDAPIYTNVTYPITVNPPFVPTENPTGCYSLTFNVDESWLQEGQTRIIFDGVNSAFHLWCNGRWVG
YGQDSRLPSEFDLSAFLRAGENRLAVMVLRWSDGSYLEDQDMWRMSGIFRDVSLLHKPTTQISDFHVATRFNDDFSRAVL
EAEVQMCGELRDYLRVTVSLWQGETQVASGTAPFGGEIIDERGGYADRVTLRLNVENPKLWSAEIPNLYRAVVELHTADG
TLIEAEACDVGFREVRIENGLLLLNGKPLLIRGVNRHEHHPLHGQVMDEQTMVQDILLMKQNNFNAVRCSHYPNHPLWYT
LCDRYGLYVVDEANIETHGMVPMNRLTDDPRWLPAMSERVTRMVQRDRNHPSVIIWSLGNESGHGANHDALYRWIKSVDP
SRPVQYEGGGADTTATDIICPMYARVDEDQPFPAVPKWSIKKWLSLPGETRPLILCQYAHAMGNSLGGFAKYWQAFRQYP
RLQGGFVWDWVDQSLIKYDENGNPWSAYGGDFGDTPNDRQFCMNGLVFADRTPHPALTEAKHQQQFFQFRLSGQTIEVTS
EYLFRHSDNELLHWMVALDGKPLASGEVPLDVAPQGKQLIELPELPQPESAGQLWLTVRVVQPNATAWSEAGHISAWQQW
RLAENLSVTLPAASHAIPHLTTSEMDFCIELGNKRWQFNRQSGFLSQMWIGDKKQLLTPLRDQFTRAPLDNDIGVSEATR
IDPNAWVERWKAAGHYQAEAALLQCTADTLADAVLITTAHAWQHQGKTLFISRKTYRIDGSGQMAITVDVEVASDTPHPA
RIGLNCQLAQVAERVNWLGLGPQENYPDRLTAACFDRWDLPLSDMYTPYVFPSENGLRCGTRELNYGPHQWRGDFQFNIS
RYSQQQLMETSHRHLLHAEEGTWLNIDGFHMGIGGDDSWSPSVSAEFQLSAGRYHYQLVWCQK
;
_entity_poly.pdbx_strand_id   A,B,C,D
#
# COMPACT_ATOMS: atom_id res chain seq x y z
N ARG A 13 19.23 22.87 -45.58
CA ARG A 13 18.78 22.76 -44.20
C ARG A 13 19.93 22.69 -43.20
N ARG A 14 19.87 23.41 -42.15
CA ARG A 14 20.97 23.27 -41.25
C ARG A 14 20.42 22.24 -40.25
N ASP A 15 20.33 20.95 -40.68
CA ASP A 15 19.73 19.96 -39.80
C ASP A 15 20.45 19.86 -38.43
N TRP A 16 21.67 20.34 -38.35
CA TRP A 16 22.45 20.28 -37.13
C TRP A 16 22.16 21.44 -36.18
N GLU A 17 21.14 22.24 -36.53
CA GLU A 17 20.69 23.28 -35.64
C GLU A 17 19.20 23.07 -35.43
N ASN A 18 18.74 21.82 -35.33
CA ASN A 18 17.31 21.53 -35.18
C ASN A 18 17.16 20.25 -34.40
N PRO A 19 16.87 20.43 -33.13
CA PRO A 19 16.68 19.26 -32.22
C PRO A 19 15.49 18.41 -32.72
N GLY A 20 14.71 18.90 -33.70
CA GLY A 20 13.59 18.13 -34.20
C GLY A 20 14.09 17.13 -35.25
N VAL A 21 15.31 17.37 -35.76
CA VAL A 21 15.87 16.43 -36.76
C VAL A 21 17.11 15.77 -36.16
N THR A 22 17.02 14.52 -35.71
CA THR A 22 18.14 13.85 -35.10
C THR A 22 18.74 12.78 -36.01
N GLN A 23 18.07 12.55 -37.18
CA GLN A 23 18.57 11.59 -38.18
C GLN A 23 17.71 11.72 -39.40
N LEU A 24 18.20 11.22 -40.51
CA LEU A 24 17.35 11.18 -41.72
C LEU A 24 17.69 9.84 -42.37
N ASN A 25 16.70 8.98 -42.70
CA ASN A 25 16.99 7.67 -43.35
C ASN A 25 17.72 6.62 -42.50
N ARG A 26 17.73 6.87 -41.19
CA ARG A 26 18.47 5.95 -40.35
C ARG A 26 17.68 4.71 -40.08
N LEU A 27 18.29 3.53 -40.04
CA LEU A 27 17.57 2.33 -39.77
C LEU A 27 17.29 2.19 -38.28
N ALA A 28 16.33 1.34 -37.93
CA ALA A 28 16.01 1.06 -36.55
C ALA A 28 17.18 0.47 -35.78
N ALA A 29 17.21 0.81 -34.45
CA ALA A 29 18.22 0.26 -33.53
C ALA A 29 17.83 -1.18 -33.18
N HIS A 30 18.84 -2.00 -32.85
CA HIS A 30 18.66 -3.44 -32.53
C HIS A 30 19.91 -3.97 -31.83
N PRO A 31 19.85 -5.20 -31.32
CA PRO A 31 20.98 -5.75 -30.62
C PRO A 31 22.00 -6.15 -31.70
N PRO A 32 23.20 -6.44 -31.25
CA PRO A 32 24.29 -6.78 -32.18
C PRO A 32 23.96 -7.90 -33.13
N PHE A 33 24.11 -7.63 -34.43
CA PHE A 33 23.87 -8.62 -35.49
C PHE A 33 25.17 -8.94 -36.22
N ALA A 34 25.18 -10.14 -36.80
CA ALA A 34 26.33 -10.57 -37.59
C ALA A 34 25.81 -11.32 -38.84
N SER A 35 24.51 -11.66 -38.90
CA SER A 35 23.93 -12.39 -40.03
C SER A 35 24.76 -13.60 -40.43
N TRP A 36 25.02 -14.49 -39.47
CA TRP A 36 25.68 -15.70 -39.86
C TRP A 36 24.71 -16.53 -40.76
N ARG A 37 25.32 -17.34 -41.65
CA ARG A 37 24.59 -18.20 -42.57
C ARG A 37 24.90 -19.64 -42.26
N ASN A 38 25.53 -19.86 -41.08
CA ASN A 38 25.82 -21.20 -40.61
C ASN A 38 25.62 -21.10 -39.09
N SER A 39 24.79 -21.97 -38.54
CA SER A 39 24.47 -21.90 -37.11
C SER A 39 25.59 -22.25 -36.16
N GLU A 40 26.49 -23.13 -36.59
CA GLU A 40 27.61 -23.47 -35.74
C GLU A 40 28.55 -22.28 -35.56
N GLU A 41 28.74 -21.48 -36.64
CA GLU A 41 29.59 -20.31 -36.54
C GLU A 41 28.91 -19.28 -35.60
N ALA A 42 27.54 -19.21 -35.63
CA ALA A 42 26.81 -18.31 -34.71
C ALA A 42 26.96 -18.87 -33.31
N ARG A 43 26.84 -20.18 -33.14
CA ARG A 43 26.97 -20.71 -31.78
C ARG A 43 28.34 -20.40 -31.18
N THR A 44 29.43 -20.54 -31.94
CA THR A 44 30.80 -20.34 -31.49
C THR A 44 31.23 -18.92 -31.44
N ASP A 45 30.43 -18.03 -31.95
CA ASP A 45 30.76 -16.61 -31.98
C ASP A 45 31.95 -16.38 -32.86
N ARG A 46 32.15 -17.21 -33.91
CA ARG A 46 33.26 -16.94 -34.82
C ARG A 46 32.86 -15.81 -35.80
N PRO A 47 33.83 -15.26 -36.51
CA PRO A 47 33.55 -14.15 -37.40
C PRO A 47 32.55 -14.52 -38.46
N SER A 48 31.86 -13.53 -38.99
CA SER A 48 30.86 -13.88 -39.97
C SER A 48 31.29 -13.28 -41.29
N GLN A 49 31.15 -14.00 -42.40
CA GLN A 49 31.55 -13.41 -43.68
C GLN A 49 30.62 -12.28 -44.03
N GLN A 50 29.46 -12.20 -43.37
CA GLN A 50 28.49 -11.15 -43.68
C GLN A 50 28.71 -9.89 -42.90
N LEU A 51 29.75 -9.86 -42.06
CA LEU A 51 29.98 -8.62 -41.28
C LEU A 51 31.43 -8.20 -41.46
N ARG A 52 31.65 -7.18 -42.29
CA ARG A 52 33.00 -6.66 -42.60
C ARG A 52 33.34 -5.39 -41.84
N SER A 53 34.63 -5.23 -41.59
CA SER A 53 35.06 -4.03 -40.94
C SER A 53 35.56 -3.11 -42.01
N LEU A 54 35.23 -1.87 -41.89
CA LEU A 54 35.72 -0.89 -42.79
C LEU A 54 36.77 -0.03 -42.12
N ASN A 55 37.21 -0.46 -40.95
CA ASN A 55 38.25 0.30 -40.21
C ASN A 55 39.57 0.27 -41.03
N GLY A 56 40.45 1.27 -40.85
CA GLY A 56 41.70 1.20 -41.59
C GLY A 56 42.03 2.59 -42.03
N GLU A 57 42.66 2.64 -43.20
CA GLU A 57 43.07 3.95 -43.75
C GLU A 57 42.03 4.64 -44.59
N TRP A 58 41.70 5.87 -44.18
CA TRP A 58 40.75 6.69 -44.84
C TRP A 58 41.42 8.01 -45.24
N ARG A 59 40.68 8.79 -46.02
CA ARG A 59 41.11 10.09 -46.47
C ARG A 59 40.38 11.16 -45.63
N PHE A 60 41.11 12.21 -45.20
CA PHE A 60 40.46 13.19 -44.33
C PHE A 60 40.95 14.59 -44.64
N ALA A 61 40.03 15.52 -44.62
CA ALA A 61 40.24 16.95 -44.77
C ALA A 61 39.45 17.76 -43.76
N TRP A 62 40.16 18.72 -43.11
CA TRP A 62 39.49 19.55 -42.12
C TRP A 62 39.08 20.87 -42.69
N PHE A 63 37.88 21.37 -42.36
CA PHE A 63 37.34 22.67 -42.82
C PHE A 63 36.85 23.43 -41.59
N PRO A 64 36.87 24.74 -41.66
CA PRO A 64 36.44 25.54 -40.51
C PRO A 64 34.93 25.64 -40.36
N ALA A 65 34.14 25.20 -41.36
CA ALA A 65 32.68 25.30 -41.35
C ALA A 65 32.21 24.50 -42.54
N PRO A 66 31.00 23.98 -42.47
CA PRO A 66 30.44 23.16 -43.54
C PRO A 66 30.31 23.94 -44.84
N GLU A 67 30.15 25.26 -44.72
CA GLU A 67 30.06 26.12 -45.89
C GLU A 67 31.35 26.13 -46.70
N ALA A 68 32.47 25.72 -46.12
CA ALA A 68 33.72 25.72 -46.83
C ALA A 68 33.97 24.44 -47.54
N VAL A 69 33.09 23.45 -47.40
CA VAL A 69 33.44 22.18 -48.10
C VAL A 69 33.08 22.24 -49.58
N PRO A 70 34.03 22.01 -50.47
CA PRO A 70 33.73 22.05 -51.90
C PRO A 70 32.85 20.88 -52.38
N GLU A 71 31.94 21.20 -53.27
CA GLU A 71 31.09 20.15 -53.75
C GLU A 71 31.81 19.08 -54.49
N SER A 72 33.05 19.36 -54.92
CA SER A 72 33.73 18.32 -55.66
C SER A 72 34.01 17.09 -54.85
N TRP A 73 34.13 17.35 -53.55
CA TRP A 73 34.46 16.31 -52.59
C TRP A 73 33.47 15.15 -52.57
N LEU A 74 32.26 15.41 -53.03
CA LEU A 74 31.24 14.36 -53.07
C LEU A 74 31.52 13.34 -54.13
N GLU A 75 32.12 13.84 -55.23
CA GLU A 75 32.46 13.01 -56.38
C GLU A 75 33.90 12.61 -56.34
N CYS A 76 34.80 13.38 -55.78
CA CYS A 76 36.10 12.80 -55.76
C CYS A 76 37.01 13.31 -54.66
N ASP A 77 37.99 12.50 -54.38
CA ASP A 77 38.93 12.82 -53.37
C ASP A 77 39.62 14.14 -53.52
N LEU A 78 39.88 14.81 -52.42
CA LEU A 78 40.59 16.08 -52.43
C LEU A 78 42.08 15.79 -52.31
N PRO A 79 42.78 16.30 -53.27
CA PRO A 79 44.21 16.13 -53.39
C PRO A 79 44.89 16.53 -52.10
N GLU A 80 44.35 17.61 -51.51
CA GLU A 80 44.97 18.03 -50.28
C GLU A 80 44.57 17.17 -49.07
N ALA A 81 43.73 16.18 -49.25
CA ALA A 81 43.35 15.41 -48.10
C ALA A 81 44.53 14.65 -47.59
N ASP A 82 44.50 14.22 -46.32
CA ASP A 82 45.54 13.34 -45.75
C ASP A 82 44.97 11.94 -45.57
N THR A 83 45.85 10.94 -45.51
CA THR A 83 45.39 9.61 -45.27
C THR A 83 45.50 9.39 -43.80
N VAL A 84 44.43 8.99 -43.13
CA VAL A 84 44.55 8.83 -41.66
C VAL A 84 43.86 7.56 -41.21
N VAL A 85 44.19 7.10 -40.01
CA VAL A 85 43.51 5.90 -39.51
C VAL A 85 42.09 6.23 -38.93
N VAL A 86 41.11 5.36 -39.23
CA VAL A 86 39.76 5.52 -38.69
C VAL A 86 39.48 4.19 -38.00
N PRO A 87 38.90 4.14 -36.81
CA PRO A 87 38.38 5.24 -36.04
C PRO A 87 39.47 6.11 -35.40
N SER A 88 39.08 7.37 -35.19
CA SER A 88 39.98 8.34 -34.62
C SER A 88 39.17 9.54 -34.26
N ASN A 89 39.78 10.36 -33.43
CA ASN A 89 39.26 11.68 -33.08
C ASN A 89 40.24 12.66 -33.80
N TRP A 90 39.75 13.55 -34.64
CA TRP A 90 40.65 14.38 -35.37
C TRP A 90 41.57 15.26 -34.52
N GLN A 91 41.14 15.59 -33.29
CA GLN A 91 42.03 16.39 -32.43
C GLN A 91 43.31 15.59 -32.15
N MET A 92 43.19 14.26 -32.08
CA MET A 92 44.34 13.44 -31.78
C MET A 92 45.40 13.45 -32.88
N HIS A 93 45.00 13.86 -34.06
CA HIS A 93 45.91 13.94 -35.17
C HIS A 93 46.39 15.38 -35.32
N GLY A 94 46.03 16.28 -34.40
CA GLY A 94 46.42 17.69 -34.45
C GLY A 94 45.63 18.62 -35.40
N TYR A 95 44.50 18.22 -35.95
CA TYR A 95 43.83 19.14 -36.85
C TYR A 95 43.29 20.34 -36.18
N ASP A 96 42.88 20.15 -34.95
CA ASP A 96 42.37 21.28 -34.19
C ASP A 96 42.51 20.85 -32.72
N ALA A 97 42.23 21.76 -31.79
CA ALA A 97 42.49 21.38 -30.37
C ALA A 97 41.33 20.70 -29.63
N PRO A 98 41.65 19.77 -28.79
CA PRO A 98 40.58 19.22 -27.97
C PRO A 98 40.36 20.27 -26.89
N ILE A 99 39.17 20.33 -26.30
CA ILE A 99 38.89 21.32 -25.28
C ILE A 99 38.49 20.65 -23.98
N TYR A 100 39.08 21.08 -22.84
CA TYR A 100 38.70 20.49 -21.58
C TYR A 100 37.90 21.51 -20.80
N THR A 101 36.54 21.30 -20.79
CA THR A 101 35.63 22.18 -20.03
C THR A 101 34.75 21.21 -19.24
N ASN A 102 34.47 21.55 -17.96
CA ASN A 102 33.69 20.68 -17.12
C ASN A 102 32.20 20.92 -17.33
N VAL A 103 31.69 22.01 -16.75
CA VAL A 103 30.25 22.33 -16.79
C VAL A 103 29.84 23.27 -17.93
N THR A 104 30.58 24.40 -17.98
CA THR A 104 30.24 25.45 -18.98
C THR A 104 30.36 24.85 -20.37
N TYR A 105 29.36 25.05 -21.20
CA TYR A 105 29.39 24.51 -22.54
C TYR A 105 30.55 25.15 -23.27
N PRO A 106 31.12 24.39 -24.17
CA PRO A 106 32.26 24.80 -25.00
C PRO A 106 31.80 25.74 -26.10
N ILE A 107 30.48 25.91 -26.23
CA ILE A 107 29.92 26.85 -27.19
C ILE A 107 29.03 27.84 -26.48
N THR A 108 28.74 28.95 -27.09
CA THR A 108 27.82 29.90 -26.53
C THR A 108 26.45 29.26 -26.29
N VAL A 109 25.84 29.44 -25.15
CA VAL A 109 24.57 28.80 -24.90
C VAL A 109 23.43 29.50 -25.59
N ASN A 110 22.98 28.96 -26.69
CA ASN A 110 21.86 29.61 -27.43
C ASN A 110 21.13 28.58 -28.31
N PRO A 111 20.59 27.60 -27.62
CA PRO A 111 19.96 26.45 -28.25
C PRO A 111 18.87 26.94 -29.18
N PRO A 112 18.76 26.32 -30.32
CA PRO A 112 19.52 25.13 -30.69
C PRO A 112 20.69 25.46 -31.60
N PHE A 113 21.10 26.72 -31.59
CA PHE A 113 22.16 27.06 -32.51
C PHE A 113 23.57 26.75 -32.06
N VAL A 114 24.44 26.59 -33.06
CA VAL A 114 25.85 26.38 -32.87
C VAL A 114 26.68 27.51 -33.57
N PRO A 115 28.00 27.64 -33.25
CA PRO A 115 28.85 28.70 -33.84
C PRO A 115 28.88 28.57 -35.35
N THR A 116 28.95 29.68 -36.03
CA THR A 116 29.04 29.53 -37.48
C THR A 116 30.44 28.96 -37.75
N GLU A 117 31.44 29.24 -36.86
CA GLU A 117 32.74 28.58 -37.09
C GLU A 117 32.63 27.20 -36.43
N ASN A 118 32.42 26.16 -37.21
CA ASN A 118 32.17 24.79 -36.72
C ASN A 118 32.97 23.78 -37.51
N PRO A 119 34.04 23.38 -36.86
CA PRO A 119 35.02 22.48 -37.40
C PRO A 119 34.32 21.28 -38.03
N THR A 120 34.65 21.03 -39.30
CA THR A 120 34.00 19.98 -40.10
C THR A 120 35.06 19.05 -40.58
N GLY A 121 34.85 17.76 -40.31
CA GLY A 121 35.77 16.72 -40.68
C GLY A 121 35.19 15.99 -41.93
N CYS A 122 35.88 16.07 -43.10
CA CYS A 122 35.43 15.42 -44.31
C CYS A 122 36.19 14.14 -44.50
N TYR A 123 35.49 13.04 -44.19
CA TYR A 123 36.17 11.77 -44.29
C TYR A 123 35.69 11.05 -45.57
N SER A 124 36.53 10.18 -46.14
CA SER A 124 36.11 9.43 -47.32
C SER A 124 36.85 8.13 -47.40
N LEU A 125 36.25 7.21 -48.12
CA LEU A 125 36.82 5.92 -48.24
C LEU A 125 36.35 5.27 -49.55
N THR A 126 37.38 4.71 -50.25
CA THR A 126 37.11 3.98 -51.48
C THR A 126 37.25 2.59 -51.06
N PHE A 127 36.23 1.75 -51.28
CA PHE A 127 36.28 0.38 -50.82
C PHE A 127 35.54 -0.49 -51.83
N ASN A 128 35.76 -1.75 -51.59
CA ASN A 128 35.20 -2.75 -52.47
C ASN A 128 34.00 -3.47 -51.94
N VAL A 129 33.08 -3.79 -52.87
CA VAL A 129 31.86 -4.56 -52.53
C VAL A 129 31.76 -5.74 -53.52
N ASP A 130 31.75 -6.92 -52.96
CA ASP A 130 31.66 -8.09 -53.81
C ASP A 130 30.36 -8.13 -54.52
N GLU A 131 30.37 -8.52 -55.75
CA GLU A 131 29.11 -8.60 -56.46
C GLU A 131 28.03 -9.42 -55.77
N SER A 132 28.46 -10.47 -55.10
CA SER A 132 27.47 -11.31 -54.49
C SER A 132 26.62 -10.62 -53.45
N TRP A 133 27.14 -9.58 -52.79
CA TRP A 133 26.36 -8.85 -51.79
C TRP A 133 25.25 -8.02 -52.41
N LEU A 134 25.40 -7.75 -53.72
CA LEU A 134 24.46 -6.93 -54.43
C LEU A 134 23.48 -7.80 -55.22
N GLN A 135 23.74 -9.10 -55.34
CA GLN A 135 22.81 -9.97 -56.08
C GLN A 135 21.57 -10.28 -55.30
N GLU A 136 21.63 -10.16 -53.98
CA GLU A 136 20.48 -10.46 -53.15
C GLU A 136 20.63 -9.75 -51.80
N GLY A 137 19.50 -9.66 -51.06
CA GLY A 137 19.54 -9.16 -49.71
C GLY A 137 19.87 -7.71 -49.59
N GLN A 138 20.25 -7.35 -48.36
CA GLN A 138 20.46 -5.94 -48.06
C GLN A 138 21.87 -5.66 -47.53
N THR A 139 22.48 -4.57 -48.03
CA THR A 139 23.81 -4.19 -47.59
C THR A 139 23.69 -2.83 -46.89
N ARG A 140 24.09 -2.84 -45.58
CA ARG A 140 24.01 -1.60 -44.77
C ARG A 140 25.37 -1.24 -44.22
N ILE A 141 25.48 0.06 -43.95
CA ILE A 141 26.72 0.49 -43.32
C ILE A 141 26.40 0.85 -41.88
N ILE A 142 27.37 0.60 -41.01
CA ILE A 142 27.15 0.90 -39.60
C ILE A 142 28.28 1.76 -39.09
N PHE A 143 27.96 2.94 -38.53
CA PHE A 143 28.96 3.79 -37.88
C PHE A 143 28.67 3.71 -36.37
N ASP A 144 29.47 2.96 -35.65
CA ASP A 144 29.22 2.83 -34.20
C ASP A 144 29.37 4.13 -33.40
N GLY A 145 30.06 5.12 -33.92
CA GLY A 145 30.28 6.38 -33.14
C GLY A 145 30.89 7.51 -34.01
N VAL A 146 30.07 8.55 -34.17
CA VAL A 146 30.42 9.72 -34.95
C VAL A 146 29.99 10.87 -34.07
N ASN A 147 31.00 11.74 -33.79
CA ASN A 147 30.85 12.89 -32.88
C ASN A 147 31.05 14.24 -33.61
N SER A 148 30.02 15.10 -33.71
CA SER A 148 28.70 14.90 -33.09
C SER A 148 27.51 14.72 -33.99
N ALA A 149 27.65 14.98 -35.28
CA ALA A 149 26.48 14.86 -36.19
C ALA A 149 27.10 14.66 -37.59
N PHE A 150 26.39 13.99 -38.49
CA PHE A 150 27.06 13.83 -39.76
C PHE A 150 26.13 13.56 -40.90
N HIS A 151 26.56 13.92 -42.11
CA HIS A 151 25.82 13.59 -43.35
C HIS A 151 26.63 12.53 -44.07
N LEU A 152 25.92 11.64 -44.77
CA LEU A 152 26.58 10.57 -45.49
C LEU A 152 26.13 10.55 -46.96
N TRP A 153 27.11 10.42 -47.87
CA TRP A 153 26.91 10.24 -49.30
C TRP A 153 27.62 8.94 -49.71
N CYS A 154 27.11 8.25 -50.72
CA CYS A 154 27.75 7.02 -51.21
C CYS A 154 27.76 7.18 -52.75
N ASN A 155 28.95 7.03 -53.32
CA ASN A 155 29.08 7.24 -54.76
C ASN A 155 28.46 8.58 -55.20
N GLY A 156 28.74 9.66 -54.42
CA GLY A 156 28.27 11.01 -54.71
C GLY A 156 26.79 11.27 -54.46
N ARG A 157 26.04 10.24 -54.02
CA ARG A 157 24.62 10.44 -53.80
C ARG A 157 24.31 10.47 -52.29
N TRP A 158 23.45 11.46 -51.89
CA TRP A 158 23.10 11.63 -50.48
C TRP A 158 22.30 10.45 -49.89
N VAL A 159 22.82 9.92 -48.78
CA VAL A 159 22.21 8.77 -48.10
C VAL A 159 21.41 9.22 -46.86
N GLY A 160 22.07 9.96 -45.94
CA GLY A 160 21.29 10.29 -44.76
C GLY A 160 22.09 11.06 -43.76
N TYR A 161 21.52 11.13 -42.53
CA TYR A 161 22.08 11.91 -41.46
C TYR A 161 21.89 11.28 -40.11
N GLY A 162 22.81 11.58 -39.17
CA GLY A 162 22.66 11.04 -37.81
C GLY A 162 23.29 11.94 -36.72
N GLN A 163 22.71 11.87 -35.49
CA GLN A 163 23.12 12.55 -34.25
C GLN A 163 23.19 11.49 -33.14
N ASP A 164 23.72 11.89 -31.99
CA ASP A 164 23.99 11.01 -30.82
C ASP A 164 25.32 10.37 -31.07
N SER A 165 26.37 10.97 -30.50
CA SER A 165 27.71 10.50 -30.75
C SER A 165 28.04 9.14 -30.21
N ARG A 166 27.17 8.57 -29.40
CA ARG A 166 27.54 7.38 -28.65
C ARG A 166 26.77 6.11 -28.97
N LEU A 167 25.95 6.13 -30.01
CA LEU A 167 25.23 4.90 -30.41
C LEU A 167 25.42 4.73 -31.93
N PRO A 168 25.28 3.52 -32.41
CA PRO A 168 25.45 3.28 -33.84
C PRO A 168 24.38 3.88 -34.73
N SER A 169 24.82 4.40 -35.89
CA SER A 169 23.95 4.93 -36.95
C SER A 169 24.11 3.97 -38.15
N GLU A 170 23.01 3.37 -38.59
CA GLU A 170 23.00 2.38 -39.68
C GLU A 170 22.15 2.86 -40.86
N PHE A 171 22.74 2.67 -42.09
CA PHE A 171 22.03 3.14 -43.31
C PHE A 171 22.02 2.05 -44.35
N ASP A 172 20.89 1.89 -45.03
CA ASP A 172 20.86 0.81 -46.07
C ASP A 172 21.52 1.35 -47.37
N LEU A 173 22.60 0.72 -47.83
CA LEU A 173 23.22 1.29 -49.02
C LEU A 173 22.87 0.46 -50.25
N SER A 174 21.97 -0.50 -50.05
CA SER A 174 21.67 -1.45 -51.12
C SER A 174 21.53 -0.80 -52.48
N ALA A 175 20.82 0.27 -52.53
CA ALA A 175 20.59 0.89 -53.81
C ALA A 175 21.67 1.86 -54.26
N PHE A 176 22.67 2.11 -53.44
CA PHE A 176 23.67 3.08 -53.81
C PHE A 176 24.92 2.41 -54.23
N LEU A 177 25.05 1.15 -53.99
CA LEU A 177 26.35 0.60 -54.30
C LEU A 177 26.48 -0.09 -55.65
N ARG A 178 27.69 -0.36 -56.03
CA ARG A 178 27.85 -1.08 -57.26
C ARG A 178 28.95 -2.11 -57.05
N ALA A 179 28.98 -3.21 -57.84
CA ALA A 179 30.05 -4.20 -57.63
C ALA A 179 31.44 -3.57 -57.73
N GLY A 180 32.41 -4.05 -56.94
CA GLY A 180 33.74 -3.49 -56.96
C GLY A 180 33.87 -2.21 -56.17
N GLU A 181 34.52 -1.25 -56.79
CA GLU A 181 34.83 0.00 -56.11
C GLU A 181 33.72 0.95 -55.82
N ASN A 182 33.66 1.41 -54.55
CA ASN A 182 32.66 2.37 -54.13
C ASN A 182 33.37 3.40 -53.26
N ARG A 183 32.79 4.61 -53.17
CA ARG A 183 33.38 5.67 -52.34
C ARG A 183 32.37 6.30 -51.37
N LEU A 184 32.68 6.32 -50.08
CA LEU A 184 31.80 6.95 -49.07
C LEU A 184 32.34 8.38 -48.89
N ALA A 185 31.47 9.34 -48.52
CA ALA A 185 31.87 10.71 -48.14
C ALA A 185 31.06 10.98 -46.91
N VAL A 186 31.73 11.30 -45.80
CA VAL A 186 31.14 11.53 -44.47
C VAL A 186 31.55 12.92 -44.02
N MET A 187 30.56 13.80 -43.85
CA MET A 187 30.88 15.15 -43.42
C MET A 187 30.44 15.20 -41.96
N VAL A 188 31.44 15.33 -41.09
CA VAL A 188 31.19 15.32 -39.65
C VAL A 188 31.27 16.70 -39.01
N LEU A 189 30.17 17.14 -38.37
CA LEU A 189 30.21 18.43 -37.74
C LEU A 189 30.67 18.31 -36.28
N ARG A 190 31.59 19.17 -35.83
CA ARG A 190 31.98 19.01 -34.44
C ARG A 190 30.86 19.40 -33.49
N TRP A 191 30.16 20.48 -33.85
CA TRP A 191 29.06 20.97 -33.01
C TRP A 191 27.69 20.81 -33.70
N SER A 192 26.61 20.49 -32.93
CA SER A 192 25.27 20.37 -33.51
C SER A 192 24.31 20.51 -32.36
N ASP A 193 23.02 20.45 -32.67
CA ASP A 193 22.03 20.60 -31.59
C ASP A 193 22.22 19.42 -30.65
N GLY A 194 22.85 18.38 -31.17
CA GLY A 194 23.09 17.23 -30.27
C GLY A 194 24.07 17.59 -29.15
N SER A 195 24.90 18.62 -29.41
CA SER A 195 25.88 19.08 -28.42
C SER A 195 25.25 19.60 -27.11
N TYR A 196 24.03 20.12 -27.20
CA TYR A 196 23.39 20.59 -26.00
C TYR A 196 23.07 19.42 -25.07
N LEU A 197 23.02 18.16 -25.60
CA LEU A 197 22.76 16.99 -24.74
C LEU A 197 24.05 16.22 -24.44
N GLU A 198 25.20 16.81 -24.79
CA GLU A 198 26.49 16.16 -24.62
C GLU A 198 27.49 17.03 -23.84
N ASP A 199 27.03 17.51 -22.71
CA ASP A 199 27.92 18.38 -21.94
C ASP A 199 28.64 17.60 -20.82
N GLN A 200 29.05 16.36 -20.99
CA GLN A 200 29.71 15.60 -19.93
C GLN A 200 31.09 16.23 -19.61
N ASP A 201 31.53 16.07 -18.39
CA ASP A 201 32.84 16.58 -17.87
C ASP A 201 33.98 15.72 -18.42
N MET A 202 34.41 16.10 -19.65
CA MET A 202 35.47 15.36 -20.31
C MET A 202 35.99 16.20 -21.47
N TRP A 203 37.05 15.70 -22.16
CA TRP A 203 37.57 16.41 -23.34
C TRP A 203 36.50 16.45 -24.39
N ARG A 204 36.37 17.65 -24.99
CA ARG A 204 35.40 17.82 -26.09
C ARG A 204 36.16 17.54 -27.40
N MET A 205 35.89 16.40 -28.03
CA MET A 205 36.56 16.00 -29.27
C MET A 205 35.50 15.78 -30.37
N SER A 206 35.92 15.22 -31.54
CA SER A 206 34.98 14.97 -32.66
C SER A 206 35.64 14.00 -33.64
N GLY A 207 34.77 13.45 -34.49
CA GLY A 207 35.29 12.50 -35.49
C GLY A 207 34.53 11.17 -35.56
N ILE A 208 35.01 10.23 -36.43
CA ILE A 208 34.44 8.88 -36.58
C ILE A 208 35.33 8.07 -35.66
N PHE A 209 34.89 8.04 -34.40
CA PHE A 209 35.71 7.49 -33.34
C PHE A 209 35.40 6.10 -32.87
N ARG A 210 34.39 5.45 -33.46
CA ARG A 210 34.15 4.04 -33.16
C ARG A 210 34.19 3.33 -34.53
N ASP A 211 34.00 2.01 -34.51
CA ASP A 211 34.11 1.19 -35.69
C ASP A 211 33.16 1.50 -36.77
N VAL A 212 33.54 1.22 -38.01
CA VAL A 212 32.65 1.35 -39.18
C VAL A 212 32.61 -0.08 -39.78
N SER A 213 31.39 -0.53 -40.11
CA SER A 213 31.35 -1.87 -40.65
C SER A 213 30.25 -1.93 -41.69
N LEU A 214 30.31 -3.07 -42.42
CA LEU A 214 29.30 -3.27 -43.48
C LEU A 214 28.70 -4.67 -43.21
N LEU A 215 27.36 -4.71 -43.17
CA LEU A 215 26.60 -5.92 -42.86
C LEU A 215 25.62 -6.28 -43.96
N HIS A 216 25.75 -7.56 -44.33
CA HIS A 216 24.85 -8.09 -45.31
C HIS A 216 23.74 -8.85 -44.59
N LYS A 217 22.49 -8.51 -44.85
CA LYS A 217 21.39 -9.29 -44.25
C LYS A 217 20.52 -9.77 -45.41
N PRO A 218 19.82 -10.90 -45.22
CA PRO A 218 18.93 -11.36 -46.28
C PRO A 218 17.69 -10.47 -46.29
N THR A 219 16.93 -10.53 -47.40
CA THR A 219 15.72 -9.74 -47.50
C THR A 219 14.74 -10.07 -46.40
N THR A 220 14.56 -11.35 -46.11
CA THR A 220 13.70 -11.86 -45.01
C THR A 220 14.66 -12.12 -43.88
N GLN A 221 14.52 -11.32 -42.81
CA GLN A 221 15.57 -11.41 -41.78
C GLN A 221 15.05 -11.15 -40.36
N ILE A 222 15.96 -11.44 -39.45
CA ILE A 222 15.73 -11.20 -38.04
C ILE A 222 16.00 -9.69 -37.85
N SER A 223 14.95 -8.92 -37.52
CA SER A 223 15.06 -7.48 -37.34
C SER A 223 15.24 -7.12 -35.88
N ASP A 224 14.90 -7.99 -34.94
CA ASP A 224 15.16 -7.65 -33.56
C ASP A 224 14.92 -8.92 -32.77
N PHE A 225 15.51 -9.02 -31.57
CA PHE A 225 15.19 -10.18 -30.75
C PHE A 225 15.47 -9.79 -29.33
N HIS A 226 14.65 -10.28 -28.39
CA HIS A 226 14.87 -9.92 -26.97
C HIS A 226 14.85 -11.19 -26.14
N VAL A 227 15.83 -11.26 -25.27
CA VAL A 227 15.91 -12.47 -24.45
C VAL A 227 15.62 -12.16 -22.99
N ALA A 228 14.71 -12.87 -22.37
CA ALA A 228 14.37 -12.72 -20.95
C ALA A 228 14.55 -14.10 -20.22
N THR A 229 14.92 -14.08 -18.91
CA THR A 229 15.06 -15.30 -18.10
C THR A 229 14.30 -15.06 -16.79
N ARG A 230 13.31 -15.87 -16.48
CA ARG A 230 12.52 -15.71 -15.27
C ARG A 230 12.68 -16.98 -14.46
N PHE A 231 12.52 -16.86 -13.12
CA PHE A 231 12.81 -17.96 -12.28
C PHE A 231 11.74 -18.32 -11.33
N ASN A 232 11.92 -19.52 -10.80
CA ASN A 232 11.06 -19.96 -9.74
C ASN A 232 11.60 -19.39 -8.43
N ASP A 233 10.89 -19.66 -7.37
CA ASP A 233 11.22 -19.12 -6.11
C ASP A 233 12.60 -19.39 -5.60
N ASP A 234 13.20 -20.53 -5.93
CA ASP A 234 14.53 -20.76 -5.43
C ASP A 234 15.57 -20.77 -6.49
N PHE A 235 15.18 -20.27 -7.67
CA PHE A 235 16.15 -20.22 -8.74
C PHE A 235 16.62 -21.55 -9.24
N SER A 236 15.91 -22.62 -8.93
CA SER A 236 16.34 -23.94 -9.43
C SER A 236 15.69 -24.28 -10.77
N ARG A 237 14.79 -23.43 -11.20
CA ARG A 237 14.14 -23.62 -12.49
C ARG A 237 13.97 -22.24 -13.15
N ALA A 238 14.03 -22.19 -14.50
CA ALA A 238 13.91 -20.94 -15.25
C ALA A 238 13.20 -21.23 -16.56
N VAL A 239 12.74 -20.15 -17.11
CA VAL A 239 12.11 -20.16 -18.40
C VAL A 239 12.86 -19.04 -19.13
N LEU A 240 13.44 -19.46 -20.25
CA LEU A 240 14.08 -18.49 -21.08
C LEU A 240 13.01 -18.12 -22.14
N GLU A 241 12.67 -16.85 -22.34
CA GLU A 241 11.70 -16.44 -23.34
C GLU A 241 12.40 -15.51 -24.33
N ALA A 242 12.32 -15.83 -25.62
CA ALA A 242 12.98 -15.05 -26.67
C ALA A 242 11.93 -14.61 -27.64
N GLU A 243 11.77 -13.29 -27.76
CA GLU A 243 10.79 -12.73 -28.70
C GLU A 243 11.56 -12.35 -29.91
N VAL A 244 11.10 -12.82 -31.06
CA VAL A 244 11.90 -12.51 -32.24
C VAL A 244 11.03 -11.84 -33.27
N GLN A 245 11.55 -10.81 -33.91
CA GLN A 245 10.74 -10.11 -34.93
C GLN A 245 11.44 -10.25 -36.29
N MET A 246 10.65 -10.23 -37.33
CA MET A 246 11.27 -10.32 -38.63
C MET A 246 10.81 -9.18 -39.47
N CYS A 247 11.59 -8.95 -40.52
CA CYS A 247 11.20 -7.96 -41.55
C CYS A 247 11.29 -8.76 -42.84
N GLY A 248 10.53 -8.39 -43.83
CA GLY A 248 10.66 -9.05 -45.10
C GLY A 248 9.43 -9.81 -45.59
N GLU A 249 9.74 -10.89 -46.32
CA GLU A 249 8.78 -11.76 -46.95
C GLU A 249 8.19 -12.77 -45.96
N LEU A 250 7.05 -12.40 -45.36
CA LEU A 250 6.25 -13.17 -44.38
C LEU A 250 5.37 -14.24 -45.02
N ARG A 251 5.73 -15.51 -44.76
CA ARG A 251 5.09 -16.69 -45.35
C ARG A 251 4.95 -17.76 -44.30
N ASP A 252 3.96 -18.60 -44.53
CA ASP A 252 3.63 -19.65 -43.59
C ASP A 252 4.74 -20.64 -43.35
N TYR A 253 5.65 -20.75 -44.32
CA TYR A 253 6.69 -21.75 -44.17
C TYR A 253 7.78 -21.24 -43.24
N LEU A 254 7.76 -19.97 -42.83
CA LEU A 254 8.84 -19.48 -41.95
C LEU A 254 8.73 -20.00 -40.51
N ARG A 255 9.89 -20.19 -39.90
CA ARG A 255 9.98 -20.63 -38.52
C ARG A 255 11.16 -19.94 -37.88
N VAL A 256 11.10 -19.97 -36.54
CA VAL A 256 12.23 -19.56 -35.79
C VAL A 256 12.55 -20.73 -34.83
N THR A 257 13.82 -21.03 -34.71
CA THR A 257 14.21 -22.01 -33.72
C THR A 257 15.25 -21.31 -32.83
N VAL A 258 14.98 -21.39 -31.52
CA VAL A 258 15.90 -20.84 -30.54
C VAL A 258 16.43 -22.00 -29.75
N SER A 259 17.72 -22.13 -29.78
CA SER A 259 18.42 -23.19 -29.05
C SER A 259 19.42 -22.54 -28.08
N LEU A 260 19.51 -23.27 -26.96
CA LEU A 260 20.30 -22.85 -25.81
C LEU A 260 21.41 -23.85 -25.53
N TRP A 261 22.65 -23.34 -25.48
CA TRP A 261 23.82 -24.16 -25.34
C TRP A 261 24.65 -23.81 -24.15
N GLN A 262 25.20 -24.89 -23.59
CA GLN A 262 26.15 -24.79 -22.50
C GLN A 262 27.37 -25.43 -23.09
N GLY A 263 28.21 -24.56 -23.56
CA GLY A 263 29.34 -25.11 -24.26
C GLY A 263 28.85 -25.86 -25.50
N GLU A 264 29.35 -27.04 -25.77
CA GLU A 264 28.93 -27.81 -26.93
C GLU A 264 27.67 -28.64 -26.61
N THR A 265 27.12 -28.45 -25.44
CA THR A 265 25.91 -29.20 -25.22
C THR A 265 24.65 -28.34 -25.37
N GLN A 266 23.68 -28.86 -26.11
CA GLN A 266 22.43 -28.13 -26.27
C GLN A 266 21.57 -28.47 -25.10
N VAL A 267 21.24 -27.48 -24.32
CA VAL A 267 20.41 -27.76 -23.18
C VAL A 267 18.93 -27.61 -23.45
N ALA A 268 18.53 -26.83 -24.45
CA ALA A 268 17.10 -26.69 -24.73
C ALA A 268 16.96 -26.10 -26.11
N SER A 269 15.74 -26.28 -26.66
CA SER A 269 15.45 -25.77 -27.96
C SER A 269 13.95 -25.71 -28.15
N GLY A 270 13.48 -24.73 -28.93
CA GLY A 270 12.07 -24.62 -29.25
C GLY A 270 11.97 -24.07 -30.69
N THR A 271 10.95 -24.51 -31.38
CA THR A 271 10.74 -24.03 -32.76
C THR A 271 9.28 -23.62 -32.92
N ALA A 272 9.01 -22.54 -33.62
CA ALA A 272 7.62 -22.15 -33.78
C ALA A 272 7.44 -21.34 -35.05
N PRO A 273 6.23 -21.33 -35.63
CA PRO A 273 5.97 -20.50 -36.80
C PRO A 273 5.75 -19.07 -36.30
N PHE A 274 5.74 -18.08 -37.20
CA PHE A 274 5.50 -16.68 -36.80
C PHE A 274 4.02 -16.46 -36.53
N GLY A 275 3.70 -15.45 -35.73
CA GLY A 275 2.34 -15.06 -35.38
C GLY A 275 2.25 -15.07 -33.85
N GLY A 276 2.35 -13.88 -33.22
CA GLY A 276 2.34 -13.89 -31.76
C GLY A 276 0.91 -13.94 -31.25
N GLU A 277 0.72 -14.00 -29.96
CA GLU A 277 -0.62 -14.03 -29.39
C GLU A 277 -1.44 -12.79 -29.78
N ILE A 278 -2.78 -12.90 -29.73
CA ILE A 278 -3.62 -11.73 -29.99
C ILE A 278 -3.31 -10.73 -28.89
N ILE A 279 -3.19 -9.49 -29.29
CA ILE A 279 -2.89 -8.46 -28.31
C ILE A 279 -3.96 -7.42 -28.22
N ASP A 280 -4.73 -7.25 -29.29
CA ASP A 280 -5.81 -6.29 -29.24
C ASP A 280 -6.88 -6.65 -30.26
N GLU A 281 -7.89 -5.73 -30.40
CA GLU A 281 -9.00 -5.92 -31.29
C GLU A 281 -8.55 -6.12 -32.72
N ARG A 282 -7.34 -5.70 -33.08
CA ARG A 282 -6.95 -5.90 -34.47
C ARG A 282 -6.13 -7.15 -34.67
N GLY A 283 -5.91 -7.92 -33.62
CA GLY A 283 -5.15 -9.13 -33.78
C GLY A 283 -3.83 -9.10 -33.01
N GLY A 284 -2.79 -9.74 -33.60
CA GLY A 284 -1.46 -9.82 -33.01
C GLY A 284 -0.40 -9.46 -34.06
N TYR A 285 0.86 -9.66 -33.66
CA TYR A 285 2.03 -9.40 -34.52
C TYR A 285 2.27 -10.66 -35.37
N ALA A 286 1.87 -10.54 -36.60
CA ALA A 286 2.08 -11.71 -37.48
C ALA A 286 3.56 -11.87 -37.84
N ASP A 287 4.33 -10.80 -37.61
CA ASP A 287 5.76 -10.77 -37.90
C ASP A 287 6.60 -11.02 -36.65
N ARG A 288 6.00 -11.55 -35.59
CA ARG A 288 6.75 -11.86 -34.39
C ARG A 288 6.41 -13.25 -33.88
N VAL A 289 7.32 -13.77 -33.04
CA VAL A 289 7.09 -15.08 -32.43
C VAL A 289 7.85 -15.08 -31.09
N THR A 290 7.27 -15.74 -30.04
CA THR A 290 7.95 -15.89 -28.75
C THR A 290 8.21 -17.33 -28.50
N LEU A 291 9.45 -17.69 -28.26
CA LEU A 291 9.79 -19.10 -27.98
C LEU A 291 10.01 -19.17 -26.46
N ARG A 292 9.55 -20.17 -25.80
CA ARG A 292 9.74 -20.27 -24.37
C ARG A 292 10.42 -21.59 -24.10
N LEU A 293 11.59 -21.58 -23.48
CA LEU A 293 12.39 -22.74 -23.20
C LEU A 293 12.48 -22.97 -21.70
N ASN A 294 12.21 -24.19 -21.29
CA ASN A 294 12.34 -24.50 -19.86
C ASN A 294 13.77 -24.93 -19.59
N VAL A 295 14.36 -24.45 -18.51
CA VAL A 295 15.75 -24.78 -18.17
C VAL A 295 15.79 -25.17 -16.70
N GLU A 296 16.12 -26.38 -16.39
CA GLU A 296 16.21 -26.87 -15.04
C GLU A 296 17.59 -26.61 -14.43
N ASN A 297 17.67 -26.21 -13.17
CA ASN A 297 18.92 -25.98 -12.49
C ASN A 297 19.87 -25.15 -13.30
N PRO A 298 19.39 -24.04 -13.81
CA PRO A 298 20.27 -23.20 -14.59
C PRO A 298 21.54 -22.76 -13.82
N LYS A 299 22.69 -22.63 -14.48
CA LYS A 299 23.91 -22.10 -13.89
C LYS A 299 23.68 -20.59 -13.92
N LEU A 300 23.70 -19.96 -12.74
CA LEU A 300 23.37 -18.55 -12.68
C LEU A 300 24.52 -17.58 -12.98
N TRP A 301 24.20 -16.37 -13.56
CA TRP A 301 25.26 -15.44 -13.82
C TRP A 301 25.32 -14.42 -12.71
N SER A 302 26.53 -14.01 -12.34
CA SER A 302 26.76 -12.90 -11.42
C SER A 302 28.18 -12.42 -11.74
N ALA A 303 28.59 -11.29 -11.11
CA ALA A 303 29.97 -10.80 -11.29
C ALA A 303 30.96 -11.77 -10.62
N GLU A 304 30.49 -12.49 -9.64
CA GLU A 304 31.28 -13.48 -8.94
C GLU A 304 31.58 -14.70 -9.80
N ILE A 305 30.57 -15.23 -10.46
CA ILE A 305 30.71 -16.42 -11.36
C ILE A 305 29.90 -16.10 -12.61
N PRO A 306 30.59 -15.58 -13.61
CA PRO A 306 29.84 -15.18 -14.82
C PRO A 306 29.47 -16.35 -15.77
N ASN A 307 28.67 -17.27 -15.26
CA ASN A 307 28.21 -18.39 -16.03
C ASN A 307 27.36 -17.85 -17.20
N LEU A 308 27.62 -18.33 -18.39
CA LEU A 308 26.88 -17.94 -19.58
C LEU A 308 26.49 -19.17 -20.41
N TYR A 309 25.36 -18.99 -21.11
CA TYR A 309 24.89 -19.97 -22.08
C TYR A 309 24.97 -19.23 -23.39
N ARG A 310 24.80 -19.95 -24.50
CA ARG A 310 24.77 -19.25 -25.78
C ARG A 310 23.37 -19.51 -26.37
N ALA A 311 22.65 -18.45 -26.73
CA ALA A 311 21.34 -18.62 -27.39
C ALA A 311 21.52 -18.39 -28.91
N VAL A 312 21.10 -19.36 -29.75
CA VAL A 312 21.24 -19.21 -31.22
C VAL A 312 19.81 -19.02 -31.79
N VAL A 313 19.62 -17.94 -32.51
CA VAL A 313 18.30 -17.61 -33.04
C VAL A 313 18.36 -17.88 -34.55
N GLU A 314 17.76 -18.99 -34.93
CA GLU A 314 17.75 -19.38 -36.35
C GLU A 314 16.39 -19.04 -36.99
N LEU A 315 16.47 -18.33 -38.15
CA LEU A 315 15.31 -17.96 -38.94
C LEU A 315 15.38 -18.97 -40.08
N HIS A 316 14.35 -19.76 -40.29
CA HIS A 316 14.53 -20.75 -41.32
C HIS A 316 13.21 -21.20 -41.91
N THR A 317 13.27 -21.97 -43.03
CA THR A 317 12.02 -22.48 -43.57
C THR A 317 11.69 -23.71 -42.73
N ALA A 318 10.44 -24.02 -42.64
CA ALA A 318 10.09 -25.19 -41.83
C ALA A 318 10.79 -26.49 -42.25
N ASP A 319 10.98 -26.61 -43.58
CA ASP A 319 11.61 -27.75 -44.23
C ASP A 319 13.11 -27.80 -44.06
N GLY A 320 13.71 -26.84 -43.36
CA GLY A 320 15.10 -27.02 -43.05
C GLY A 320 16.10 -26.04 -43.61
N THR A 321 15.68 -25.01 -44.35
CA THR A 321 16.70 -24.09 -44.84
C THR A 321 16.95 -22.93 -43.87
N LEU A 322 18.18 -22.80 -43.37
CA LEU A 322 18.48 -21.66 -42.51
C LEU A 322 18.64 -20.47 -43.44
N ILE A 323 17.90 -19.42 -43.09
CA ILE A 323 17.92 -18.16 -43.82
C ILE A 323 19.08 -17.39 -43.24
N GLU A 324 19.05 -17.18 -41.94
CA GLU A 324 20.19 -16.53 -41.25
C GLU A 324 20.07 -16.86 -39.77
N ALA A 325 21.17 -16.67 -39.07
CA ALA A 325 21.16 -16.91 -37.64
C ALA A 325 21.83 -15.68 -36.97
N GLU A 326 21.25 -15.27 -35.82
CA GLU A 326 21.79 -14.26 -34.95
C GLU A 326 22.01 -15.00 -33.60
N ALA A 327 22.69 -14.39 -32.60
CA ALA A 327 22.93 -15.15 -31.36
C ALA A 327 23.46 -14.20 -30.28
N CYS A 328 23.41 -14.58 -29.02
CA CYS A 328 23.97 -13.74 -27.98
C CYS A 328 24.38 -14.63 -26.83
N ASP A 329 25.19 -14.11 -25.92
CA ASP A 329 25.57 -14.80 -24.68
C ASP A 329 24.38 -14.52 -23.75
N VAL A 330 23.97 -15.55 -23.02
CA VAL A 330 22.89 -15.34 -22.08
C VAL A 330 23.37 -15.62 -20.66
N GLY A 331 23.02 -14.72 -19.73
CA GLY A 331 23.33 -14.88 -18.32
C GLY A 331 22.02 -15.03 -17.55
N PHE A 332 21.76 -16.18 -16.96
CA PHE A 332 20.54 -16.35 -16.21
C PHE A 332 20.65 -15.60 -14.86
N ARG A 333 19.98 -14.48 -14.76
CA ARG A 333 19.99 -13.78 -13.48
C ARG A 333 18.75 -12.92 -13.49
N GLU A 334 18.24 -12.70 -12.28
CA GLU A 334 17.11 -11.84 -12.03
C GLU A 334 17.62 -10.62 -11.19
N VAL A 335 17.16 -9.46 -11.60
CA VAL A 335 17.48 -8.23 -10.87
C VAL A 335 16.16 -7.68 -10.38
N ARG A 336 16.08 -7.40 -9.06
CA ARG A 336 14.83 -6.84 -8.59
C ARG A 336 15.04 -6.08 -7.32
N ILE A 337 14.16 -5.13 -7.07
CA ILE A 337 14.22 -4.36 -5.81
C ILE A 337 13.01 -4.81 -4.98
N GLU A 338 13.25 -5.29 -3.78
CA GLU A 338 12.13 -5.79 -2.99
C GLU A 338 12.36 -5.42 -1.54
N ASN A 339 11.33 -4.89 -0.94
CA ASN A 339 11.54 -4.48 0.41
C ASN A 339 12.67 -3.47 0.63
N GLY A 340 12.95 -2.60 -0.37
CA GLY A 340 13.99 -1.58 -0.17
C GLY A 340 15.39 -2.03 -0.54
N LEU A 341 15.52 -3.29 -1.02
CA LEU A 341 16.84 -3.83 -1.37
C LEU A 341 16.96 -4.22 -2.83
N LEU A 342 18.13 -3.95 -3.39
CA LEU A 342 18.40 -4.37 -4.75
C LEU A 342 18.94 -5.79 -4.63
N LEU A 343 18.24 -6.75 -5.24
CA LEU A 343 18.68 -8.15 -5.14
C LEU A 343 19.09 -8.71 -6.49
N LEU A 344 20.07 -9.58 -6.45
CA LEU A 344 20.52 -10.24 -7.64
C LEU A 344 20.36 -11.68 -7.35
N ASN A 345 19.57 -12.41 -8.19
CA ASN A 345 19.31 -13.79 -7.90
C ASN A 345 18.88 -13.97 -6.44
N GLY A 346 18.10 -13.04 -5.92
CA GLY A 346 17.53 -13.13 -4.60
C GLY A 346 18.39 -12.68 -3.43
N LYS A 347 19.62 -12.25 -3.68
CA LYS A 347 20.50 -11.84 -2.61
C LYS A 347 20.86 -10.37 -2.82
N PRO A 348 21.03 -9.67 -1.72
CA PRO A 348 21.31 -8.21 -1.77
C PRO A 348 22.75 -7.89 -2.17
N LEU A 349 22.90 -7.13 -3.25
CA LEU A 349 24.25 -6.82 -3.73
C LEU A 349 24.97 -5.80 -2.86
N LEU A 350 26.29 -5.80 -2.95
CA LEU A 350 27.09 -4.77 -2.33
C LEU A 350 27.95 -4.30 -3.50
N ILE A 351 27.62 -3.12 -4.03
CA ILE A 351 28.27 -2.63 -5.24
C ILE A 351 29.61 -2.04 -4.96
N ARG A 352 30.68 -2.69 -5.44
CA ARG A 352 32.06 -2.22 -5.38
C ARG A 352 32.30 -1.65 -6.76
N GLY A 353 31.73 -0.45 -6.97
CA GLY A 353 31.78 0.09 -8.31
C GLY A 353 32.75 1.21 -8.62
N VAL A 354 32.84 1.50 -9.94
CA VAL A 354 33.68 2.65 -10.34
C VAL A 354 33.05 3.25 -11.61
N ASN A 355 33.14 4.58 -11.78
CA ASN A 355 32.65 5.19 -13.00
C ASN A 355 33.82 5.10 -13.99
N ARG A 356 33.58 4.75 -15.28
CA ARG A 356 34.71 4.68 -16.17
C ARG A 356 34.37 5.38 -17.48
N HIS A 357 35.16 6.40 -17.80
CA HIS A 357 35.01 7.06 -19.10
C HIS A 357 35.82 6.26 -20.13
N GLU A 358 35.58 6.49 -21.42
CA GLU A 358 36.35 5.81 -22.44
C GLU A 358 37.45 6.81 -22.80
N HIS A 359 38.65 6.55 -22.31
CA HIS A 359 39.71 7.53 -22.53
C HIS A 359 41.05 6.82 -22.70
N HIS A 360 41.86 7.29 -23.69
CA HIS A 360 43.21 6.76 -23.96
C HIS A 360 44.05 8.02 -24.13
N PRO A 361 45.23 8.07 -23.50
CA PRO A 361 46.07 9.32 -23.55
C PRO A 361 46.65 9.60 -24.94
N LEU A 362 46.75 8.54 -25.79
CA LEU A 362 47.22 8.72 -27.18
C LEU A 362 46.07 8.74 -28.18
N HIS A 363 45.06 7.86 -28.02
CA HIS A 363 43.98 7.78 -28.98
C HIS A 363 42.74 8.55 -28.64
N GLY A 364 42.74 9.23 -27.51
CA GLY A 364 41.55 10.05 -27.20
C GLY A 364 40.36 9.24 -26.71
N GLN A 365 39.28 9.32 -27.46
CA GLN A 365 38.08 8.60 -27.03
C GLN A 365 37.82 7.33 -27.82
N VAL A 366 38.82 6.93 -28.58
CA VAL A 366 38.74 5.72 -29.38
C VAL A 366 39.16 4.55 -28.46
N MET A 367 38.34 3.49 -28.39
CA MET A 367 38.61 2.34 -27.54
C MET A 367 39.10 1.12 -28.35
N ASP A 368 39.90 0.30 -27.73
CA ASP A 368 40.35 -0.87 -28.38
C ASP A 368 40.27 -1.99 -27.36
N GLU A 369 40.19 -3.16 -27.85
CA GLU A 369 40.06 -4.29 -26.99
C GLU A 369 41.14 -4.46 -25.93
N GLN A 370 42.35 -4.18 -26.34
CA GLN A 370 43.45 -4.39 -25.41
C GLN A 370 43.27 -3.52 -24.19
N THR A 371 42.92 -2.31 -24.50
CA THR A 371 42.75 -1.36 -23.39
C THR A 371 41.57 -1.73 -22.52
N MET A 372 40.46 -2.15 -23.17
CA MET A 372 39.30 -2.52 -22.37
C MET A 372 39.65 -3.69 -21.46
N VAL A 373 40.29 -4.74 -22.04
CA VAL A 373 40.68 -5.90 -21.25
C VAL A 373 41.58 -5.49 -20.09
N GLN A 374 42.52 -4.62 -20.43
CA GLN A 374 43.42 -4.13 -19.41
C GLN A 374 42.63 -3.48 -18.26
N ASP A 375 41.66 -2.64 -18.61
CA ASP A 375 40.86 -2.03 -17.58
C ASP A 375 40.08 -3.06 -16.76
N ILE A 376 39.44 -4.02 -17.45
CA ILE A 376 38.67 -5.03 -16.70
C ILE A 376 39.51 -5.86 -15.77
N LEU A 377 40.71 -6.27 -16.28
CA LEU A 377 41.57 -7.05 -15.39
C LEU A 377 41.94 -6.27 -14.14
N LEU A 378 42.40 -5.07 -14.39
CA LEU A 378 42.79 -4.30 -13.22
C LEU A 378 41.60 -4.03 -12.28
N MET A 379 40.36 -3.86 -12.84
CA MET A 379 39.27 -3.59 -11.95
C MET A 379 39.01 -4.78 -11.08
N LYS A 380 39.01 -5.93 -11.71
CA LYS A 380 38.73 -7.11 -10.91
C LYS A 380 39.84 -7.45 -9.93
N GLN A 381 41.06 -7.25 -10.39
CA GLN A 381 42.16 -7.53 -9.51
C GLN A 381 42.11 -6.59 -8.31
N ASN A 382 41.39 -5.46 -8.42
CA ASN A 382 41.33 -4.50 -7.32
C ASN A 382 39.98 -4.52 -6.59
N ASN A 383 39.33 -5.69 -6.73
CA ASN A 383 38.09 -5.95 -6.02
C ASN A 383 36.86 -5.10 -6.40
N PHE A 384 36.84 -4.61 -7.65
CA PHE A 384 35.64 -3.92 -8.12
C PHE A 384 34.78 -5.03 -8.76
N ASN A 385 33.45 -4.88 -8.64
CA ASN A 385 32.50 -5.83 -9.26
C ASN A 385 31.49 -5.09 -10.12
N ALA A 386 31.68 -3.76 -10.30
CA ALA A 386 30.67 -3.04 -11.06
C ALA A 386 31.25 -1.81 -11.69
N VAL A 387 30.62 -1.43 -12.81
CA VAL A 387 31.10 -0.25 -13.53
C VAL A 387 29.89 0.57 -14.02
N ARG A 388 29.98 1.92 -13.90
CA ARG A 388 28.91 2.70 -14.46
C ARG A 388 29.50 3.32 -15.71
N CYS A 389 28.73 3.34 -16.80
CA CYS A 389 29.14 3.91 -18.10
C CYS A 389 28.97 5.42 -18.05
N SER A 390 29.79 6.12 -17.27
CA SER A 390 29.63 7.56 -17.21
C SER A 390 30.18 8.12 -18.52
N HIS A 391 29.40 8.86 -19.28
CA HIS A 391 27.97 9.12 -19.08
C HIS A 391 27.24 8.98 -20.48
N TYR A 392 27.35 7.74 -21.01
CA TYR A 392 26.90 7.43 -22.34
C TYR A 392 27.07 5.97 -22.64
N PRO A 393 26.34 5.48 -23.63
CA PRO A 393 26.51 4.08 -23.99
C PRO A 393 27.95 3.86 -24.41
N ASN A 394 28.54 2.69 -24.10
CA ASN A 394 29.95 2.45 -24.46
C ASN A 394 30.09 1.70 -25.78
N HIS A 395 31.34 1.60 -26.23
CA HIS A 395 31.68 0.85 -27.41
C HIS A 395 31.08 -0.56 -27.16
N PRO A 396 30.52 -1.17 -28.19
CA PRO A 396 29.86 -2.47 -28.01
C PRO A 396 30.64 -3.59 -27.34
N LEU A 397 31.92 -3.69 -27.63
CA LEU A 397 32.69 -4.76 -27.03
C LEU A 397 32.77 -4.66 -25.50
N TRP A 398 32.58 -3.47 -24.93
CA TRP A 398 32.67 -3.39 -23.48
C TRP A 398 31.73 -4.34 -22.75
N TYR A 399 30.49 -4.34 -23.30
CA TYR A 399 29.41 -5.18 -22.73
C TYR A 399 29.71 -6.67 -22.82
N THR A 400 30.23 -7.03 -23.98
CA THR A 400 30.63 -8.40 -24.17
C THR A 400 31.62 -8.84 -23.11
N LEU A 401 32.61 -7.97 -22.91
CA LEU A 401 33.68 -8.20 -21.91
C LEU A 401 33.06 -8.26 -20.49
N CYS A 402 32.14 -7.34 -20.16
CA CYS A 402 31.57 -7.40 -18.81
C CYS A 402 30.73 -8.65 -18.68
N ASP A 403 30.02 -9.08 -19.75
CA ASP A 403 29.27 -10.31 -19.63
C ASP A 403 30.18 -11.53 -19.34
N ARG A 404 31.33 -11.53 -20.02
CA ARG A 404 32.23 -12.67 -19.92
C ARG A 404 33.14 -12.72 -18.73
N TYR A 405 33.67 -11.55 -18.37
CA TYR A 405 34.57 -11.50 -17.24
C TYR A 405 33.77 -11.36 -15.95
N GLY A 406 32.56 -10.76 -16.06
CA GLY A 406 31.73 -10.62 -14.87
C GLY A 406 31.86 -9.28 -14.14
N LEU A 407 31.10 -8.29 -14.59
CA LEU A 407 31.04 -6.99 -13.92
C LEU A 407 29.58 -6.57 -14.06
N TYR A 408 28.98 -6.00 -13.00
CA TYR A 408 27.60 -5.51 -13.09
C TYR A 408 27.73 -4.16 -13.76
N VAL A 409 26.82 -3.82 -14.67
CA VAL A 409 26.90 -2.58 -15.43
C VAL A 409 25.69 -1.69 -15.32
N VAL A 410 25.98 -0.37 -15.15
CA VAL A 410 24.92 0.62 -15.21
C VAL A 410 25.10 1.23 -16.63
N ASP A 411 24.15 1.00 -17.54
CA ASP A 411 24.17 1.49 -18.94
C ASP A 411 23.41 2.80 -18.90
N GLU A 412 24.09 3.85 -19.42
CA GLU A 412 23.58 5.21 -19.28
C GLU A 412 23.39 5.94 -20.58
N ALA A 413 22.18 6.51 -20.72
CA ALA A 413 21.84 7.30 -21.90
C ALA A 413 22.81 8.49 -22.06
N ASN A 414 23.10 8.81 -23.32
CA ASN A 414 24.03 9.92 -23.61
C ASN A 414 23.25 11.24 -23.58
N ILE A 415 22.89 11.62 -22.34
CA ILE A 415 22.17 12.86 -22.08
C ILE A 415 22.75 13.59 -20.86
N GLU A 416 23.43 14.70 -21.09
CA GLU A 416 23.94 15.50 -20.01
C GLU A 416 23.82 16.96 -20.44
N THR A 417 23.07 17.74 -19.67
CA THR A 417 22.85 19.14 -20.00
C THR A 417 23.29 20.06 -18.82
N HIS A 418 24.37 19.64 -18.18
CA HIS A 418 24.83 20.32 -16.97
C HIS A 418 24.91 21.85 -17.05
N GLY A 419 25.39 22.33 -18.19
CA GLY A 419 25.62 23.75 -18.32
C GLY A 419 24.41 24.63 -18.46
N MET A 420 23.25 24.04 -18.54
CA MET A 420 22.08 24.90 -18.67
C MET A 420 21.82 25.54 -17.33
N VAL A 421 21.04 26.60 -17.38
CA VAL A 421 20.61 27.27 -16.18
C VAL A 421 19.09 27.51 -16.26
N PRO A 422 18.27 26.96 -15.35
CA PRO A 422 18.66 25.98 -14.32
C PRO A 422 19.01 24.66 -15.11
N MET A 423 19.55 23.64 -14.45
CA MET A 423 20.04 22.45 -15.15
C MET A 423 18.94 21.71 -15.90
N ASN A 424 17.64 21.79 -15.49
CA ASN A 424 16.59 21.07 -16.25
C ASN A 424 15.94 21.93 -17.37
N ARG A 425 16.58 23.05 -17.79
CA ARG A 425 15.91 23.88 -18.80
C ARG A 425 15.46 23.13 -20.07
N LEU A 426 16.29 22.22 -20.57
CA LEU A 426 15.94 21.43 -21.76
C LEU A 426 15.15 20.15 -21.39
N THR A 427 15.53 19.43 -20.31
CA THR A 427 14.90 18.19 -19.94
C THR A 427 13.47 18.40 -19.48
N ASP A 428 13.12 19.62 -19.15
CA ASP A 428 11.72 19.82 -18.76
C ASP A 428 10.90 20.38 -19.95
N ASP A 429 11.57 20.55 -21.10
CA ASP A 429 10.96 21.16 -22.26
C ASP A 429 10.50 20.08 -23.23
N PRO A 430 9.20 20.03 -23.51
CA PRO A 430 8.66 18.99 -24.41
C PRO A 430 9.27 19.07 -25.80
N ARG A 431 9.81 20.20 -26.17
CA ARG A 431 10.42 20.20 -27.49
C ARG A 431 11.71 19.42 -27.55
N TRP A 432 12.30 19.10 -26.39
CA TRP A 432 13.49 18.33 -26.39
C TRP A 432 13.17 16.89 -26.09
N LEU A 433 11.90 16.55 -25.93
CA LEU A 433 11.60 15.15 -25.65
C LEU A 433 12.00 14.17 -26.73
N PRO A 434 11.75 14.52 -27.96
CA PRO A 434 12.10 13.59 -29.06
C PRO A 434 13.58 13.26 -29.14
N ALA A 435 14.40 14.31 -28.97
CA ALA A 435 15.83 14.08 -29.02
C ALA A 435 16.25 13.25 -27.84
N MET A 436 15.70 13.59 -26.65
CA MET A 436 16.05 12.79 -25.46
C MET A 436 15.55 11.37 -25.59
N SER A 437 14.33 11.25 -26.14
CA SER A 437 13.78 9.89 -26.28
C SER A 437 14.67 8.94 -27.07
N GLU A 438 15.23 9.46 -28.19
CA GLU A 438 16.10 8.63 -29.00
C GLU A 438 17.32 8.18 -28.29
N ARG A 439 17.84 9.01 -27.41
CA ARG A 439 19.04 8.63 -26.69
C ARG A 439 18.76 7.49 -25.67
N VAL A 440 17.56 7.48 -25.11
CA VAL A 440 17.18 6.43 -24.16
C VAL A 440 16.75 5.19 -24.92
N THR A 441 15.76 5.37 -25.81
CA THR A 441 15.25 4.16 -26.45
C THR A 441 16.23 3.39 -27.29
N ARG A 442 17.09 4.11 -28.02
CA ARG A 442 18.03 3.36 -28.89
C ARG A 442 19.09 2.58 -28.09
N MET A 443 19.41 3.10 -26.88
CA MET A 443 20.36 2.44 -26.02
C MET A 443 19.70 1.14 -25.57
N VAL A 444 18.45 1.22 -25.11
CA VAL A 444 17.82 0.04 -24.56
C VAL A 444 17.65 -0.98 -25.73
N GLN A 445 17.31 -0.48 -26.90
CA GLN A 445 17.16 -1.44 -27.98
C GLN A 445 18.47 -2.15 -28.34
N ARG A 446 19.59 -1.52 -28.11
CA ARG A 446 20.84 -2.16 -28.46
C ARG A 446 21.39 -3.08 -27.40
N ASP A 447 21.20 -2.70 -26.12
CA ASP A 447 21.90 -3.40 -25.05
C ASP A 447 21.06 -4.24 -24.12
N ARG A 448 19.79 -4.35 -24.43
CA ARG A 448 18.89 -5.10 -23.55
C ARG A 448 19.14 -6.59 -23.38
N ASN A 449 19.93 -7.21 -24.25
CA ASN A 449 20.16 -8.65 -24.05
C ASN A 449 21.46 -8.95 -23.30
N HIS A 450 22.21 -7.91 -22.85
CA HIS A 450 23.48 -8.22 -22.17
C HIS A 450 23.19 -8.46 -20.67
N PRO A 451 23.55 -9.64 -20.17
CA PRO A 451 23.31 -9.91 -18.77
C PRO A 451 24.11 -8.96 -17.88
N SER A 452 25.29 -8.44 -18.31
CA SER A 452 26.08 -7.58 -17.44
C SER A 452 25.31 -6.32 -17.09
N VAL A 453 24.44 -5.87 -18.05
CA VAL A 453 23.69 -4.63 -17.74
C VAL A 453 22.62 -4.96 -16.72
N ILE A 454 22.70 -4.34 -15.53
CA ILE A 454 21.71 -4.67 -14.52
C ILE A 454 20.81 -3.49 -14.21
N ILE A 455 21.23 -2.29 -14.53
CA ILE A 455 20.45 -1.08 -14.24
C ILE A 455 20.56 -0.11 -15.42
N TRP A 456 19.43 0.54 -15.78
CA TRP A 456 19.47 1.51 -16.86
C TRP A 456 19.56 2.90 -16.19
N SER A 457 20.25 3.84 -16.79
CA SER A 457 20.32 5.18 -16.20
C SER A 457 19.89 6.15 -17.28
N LEU A 458 19.13 7.18 -16.85
CA LEU A 458 18.58 8.17 -17.83
C LEU A 458 19.56 9.25 -18.32
N GLY A 459 20.86 9.11 -17.94
CA GLY A 459 21.77 10.19 -18.40
C GLY A 459 22.39 10.81 -17.12
N ASN A 460 22.91 12.03 -17.17
CA ASN A 460 23.57 12.56 -15.99
C ASN A 460 23.50 14.06 -15.96
N GLU A 461 23.46 14.63 -14.75
CA GLU A 461 23.52 16.07 -14.60
C GLU A 461 22.74 16.84 -15.63
N SER A 462 21.45 16.56 -15.60
CA SER A 462 20.51 17.27 -16.46
C SER A 462 19.28 17.73 -15.68
N GLY A 463 19.44 17.99 -14.36
CA GLY A 463 18.32 18.41 -13.53
C GLY A 463 17.24 17.30 -13.53
N HIS A 464 15.99 17.69 -13.22
CA HIS A 464 14.92 16.67 -13.27
C HIS A 464 13.80 17.35 -14.03
N GLY A 465 13.49 16.86 -15.25
CA GLY A 465 12.46 17.44 -16.08
C GLY A 465 11.40 16.37 -16.37
N ALA A 466 10.21 16.89 -16.80
CA ALA A 466 9.13 15.97 -17.14
C ALA A 466 9.57 14.92 -18.19
N ASN A 467 10.51 15.26 -19.06
CA ASN A 467 10.97 14.32 -20.05
C ASN A 467 11.57 13.12 -19.33
N HIS A 468 12.22 13.32 -18.16
CA HIS A 468 12.85 12.14 -17.47
C HIS A 468 11.76 11.21 -16.98
N ASP A 469 10.65 11.81 -16.49
CA ASP A 469 9.56 11.01 -15.96
C ASP A 469 8.92 10.19 -17.09
N ALA A 470 8.74 10.80 -18.25
CA ALA A 470 8.17 10.04 -19.37
C ALA A 470 9.08 8.87 -19.78
N LEU A 471 10.40 9.15 -19.82
CA LEU A 471 11.32 8.13 -20.27
C LEU A 471 11.54 7.04 -19.24
N TYR A 472 11.51 7.48 -17.98
CA TYR A 472 11.58 6.52 -16.90
C TYR A 472 10.49 5.45 -17.14
N ARG A 473 9.29 5.95 -17.36
CA ARG A 473 8.12 5.10 -17.55
C ARG A 473 8.24 4.27 -18.80
N TRP A 474 8.78 4.86 -19.87
CA TRP A 474 8.94 4.04 -21.10
C TRP A 474 9.79 2.81 -20.80
N ILE A 475 10.91 3.01 -20.10
CA ILE A 475 11.77 1.85 -19.88
C ILE A 475 11.06 0.86 -19.00
N LYS A 476 10.42 1.39 -17.97
CA LYS A 476 9.78 0.43 -17.06
C LYS A 476 8.76 -0.43 -17.77
N SER A 477 8.16 0.14 -18.82
CA SER A 477 7.18 -0.63 -19.59
C SER A 477 7.83 -1.60 -20.50
N VAL A 478 8.81 -1.12 -21.29
CA VAL A 478 9.47 -2.03 -22.22
C VAL A 478 10.37 -3.11 -21.59
N ASP A 479 10.96 -2.83 -20.44
CA ASP A 479 11.89 -3.80 -19.85
C ASP A 479 11.74 -3.87 -18.37
N PRO A 480 10.84 -4.64 -17.94
CA PRO A 480 10.66 -4.69 -16.53
C PRO A 480 11.76 -5.46 -15.82
N SER A 481 12.75 -6.00 -16.53
CA SER A 481 13.71 -6.80 -15.77
C SER A 481 14.82 -6.03 -15.07
N ARG A 482 14.91 -4.71 -15.27
CA ARG A 482 16.03 -3.95 -14.66
C ARG A 482 15.53 -2.66 -14.06
N PRO A 483 16.02 -2.30 -12.90
CA PRO A 483 15.61 -1.03 -12.32
C PRO A 483 16.12 0.11 -13.18
N VAL A 484 15.50 1.26 -12.96
CA VAL A 484 15.92 2.49 -13.64
C VAL A 484 16.39 3.48 -12.57
N GLN A 485 17.59 4.09 -12.81
CA GLN A 485 18.08 5.13 -11.84
C GLN A 485 18.40 6.42 -12.58
N TYR A 486 18.51 7.50 -11.82
CA TYR A 486 18.77 8.83 -12.39
C TYR A 486 18.96 9.75 -11.17
N GLU A 487 20.12 10.42 -11.16
CA GLU A 487 20.48 11.23 -9.98
C GLU A 487 20.02 12.69 -10.02
N GLY A 488 19.77 13.21 -11.22
CA GLY A 488 19.41 14.61 -11.34
C GLY A 488 18.21 15.10 -10.56
N GLY A 489 18.31 16.38 -10.23
CA GLY A 489 17.19 16.98 -9.50
C GLY A 489 17.11 16.51 -8.05
N GLY A 490 18.22 16.07 -7.45
CA GLY A 490 18.13 15.71 -6.04
C GLY A 490 18.32 14.24 -5.67
N ALA A 491 18.57 13.40 -6.69
CA ALA A 491 18.90 11.98 -6.52
C ALA A 491 17.84 11.04 -5.97
N ASP A 492 16.65 11.55 -5.65
CA ASP A 492 15.63 10.71 -5.09
C ASP A 492 14.27 11.11 -5.68
N THR A 493 14.30 11.59 -6.91
CA THR A 493 13.09 12.05 -7.58
C THR A 493 12.18 10.89 -8.01
N THR A 494 11.06 11.22 -8.66
CA THR A 494 10.15 10.18 -9.14
C THR A 494 10.72 9.50 -10.35
N ALA A 495 11.89 9.94 -10.83
CA ALA A 495 12.42 9.30 -12.01
C ALA A 495 13.51 8.25 -11.64
N THR A 496 13.55 7.80 -10.37
CA THR A 496 14.61 6.82 -10.02
C THR A 496 14.14 5.79 -9.03
N ASP A 497 14.49 4.52 -9.34
CA ASP A 497 14.14 3.41 -8.43
C ASP A 497 15.19 3.28 -7.26
N ILE A 498 16.33 3.99 -7.40
CA ILE A 498 17.40 3.89 -6.41
C ILE A 498 17.83 5.31 -6.03
N ILE A 499 18.02 5.54 -4.74
CA ILE A 499 18.50 6.87 -4.31
C ILE A 499 19.97 6.80 -4.77
N CYS A 500 20.37 7.68 -5.70
CA CYS A 500 21.71 7.52 -6.24
C CYS A 500 22.49 8.83 -6.27
N PRO A 501 22.75 9.38 -5.10
CA PRO A 501 23.45 10.62 -5.07
C PRO A 501 24.90 10.58 -5.52
N MET A 502 25.44 11.81 -5.74
CA MET A 502 26.86 11.98 -6.09
C MET A 502 27.51 12.78 -4.96
N TYR A 503 28.53 12.16 -4.41
CA TYR A 503 29.28 12.88 -3.38
C TYR A 503 28.53 13.18 -2.08
N ALA A 504 27.48 12.46 -1.78
CA ALA A 504 26.89 12.65 -0.47
C ALA A 504 27.89 12.00 0.50
N ARG A 505 28.07 12.68 1.66
CA ARG A 505 28.99 12.19 2.69
C ARG A 505 28.31 11.14 3.60
N VAL A 506 29.18 10.45 4.33
CA VAL A 506 28.66 9.41 5.16
C VAL A 506 27.79 9.87 6.34
N ASP A 507 28.31 10.84 7.12
CA ASP A 507 27.64 11.34 8.31
C ASP A 507 27.30 12.79 8.22
N GLU A 508 27.97 13.53 7.32
CA GLU A 508 27.76 14.97 7.26
C GLU A 508 26.70 15.40 6.26
N ASP A 509 25.68 16.11 6.74
CA ASP A 509 24.63 16.59 5.85
C ASP A 509 25.09 17.80 5.07
N GLN A 510 24.66 18.05 3.83
CA GLN A 510 25.02 19.29 3.08
C GLN A 510 23.66 19.72 2.54
N PRO A 511 22.99 20.49 3.35
CA PRO A 511 21.62 20.84 2.98
C PRO A 511 21.42 21.90 1.94
N PHE A 512 21.97 21.78 0.76
CA PHE A 512 21.69 22.77 -0.24
C PHE A 512 20.19 22.90 -0.46
N PRO A 513 19.77 24.10 -0.89
CA PRO A 513 18.37 24.33 -1.17
C PRO A 513 18.01 23.56 -2.43
N ALA A 514 16.80 23.01 -2.37
CA ALA A 514 16.19 22.25 -3.44
C ALA A 514 16.77 20.86 -3.63
N VAL A 515 18.12 20.77 -3.66
CA VAL A 515 18.77 19.49 -3.93
C VAL A 515 19.81 19.22 -2.84
N PRO A 516 19.33 19.02 -1.61
CA PRO A 516 20.27 18.80 -0.53
C PRO A 516 20.98 17.48 -0.71
N LYS A 517 22.20 17.42 -0.16
CA LYS A 517 22.92 16.16 -0.23
C LYS A 517 23.00 15.66 1.20
N TRP A 518 21.97 14.91 1.64
CA TRP A 518 22.00 14.38 3.02
C TRP A 518 23.10 13.32 3.26
N SER A 519 23.51 13.15 4.54
CA SER A 519 24.40 12.12 4.92
C SER A 519 23.68 10.92 4.34
N ILE A 520 24.41 9.91 3.80
CA ILE A 520 23.74 8.75 3.23
C ILE A 520 22.96 7.95 4.28
N LYS A 521 23.47 7.87 5.49
CA LYS A 521 22.75 7.14 6.50
C LYS A 521 21.42 7.78 6.84
N LYS A 522 21.41 9.13 6.90
CA LYS A 522 20.17 9.86 7.21
C LYS A 522 19.17 9.79 6.06
N TRP A 523 19.73 9.81 4.86
CA TRP A 523 18.90 9.83 3.67
C TRP A 523 17.93 8.67 3.61
N LEU A 524 18.46 7.48 3.88
CA LEU A 524 17.66 6.27 3.79
C LEU A 524 16.40 6.33 4.65
N SER A 525 16.41 7.04 5.80
CA SER A 525 15.24 7.00 6.71
C SER A 525 14.42 8.22 6.74
N LEU A 526 14.58 9.09 5.76
CA LEU A 526 13.71 10.29 5.73
C LEU A 526 12.27 9.77 5.67
N PRO A 527 11.34 10.54 6.26
CA PRO A 527 9.92 10.13 6.33
C PRO A 527 9.41 9.66 4.98
N GLY A 528 8.89 8.47 4.99
CA GLY A 528 8.31 7.84 3.80
C GLY A 528 9.30 7.19 2.86
N GLU A 529 10.62 7.37 3.08
CA GLU A 529 11.59 6.81 2.11
C GLU A 529 11.81 5.34 2.27
N THR A 530 11.86 4.59 1.18
CA THR A 530 12.12 3.17 1.35
C THR A 530 13.10 2.55 0.36
N ARG A 531 13.57 3.34 -0.61
CA ARG A 531 14.42 2.81 -1.67
C ARG A 531 15.84 2.47 -1.22
N PRO A 532 16.51 1.61 -1.99
CA PRO A 532 17.93 1.32 -1.66
C PRO A 532 18.73 2.59 -2.07
N LEU A 533 19.95 2.74 -1.52
CA LEU A 533 20.78 3.90 -1.87
C LEU A 533 22.14 3.38 -2.37
N ILE A 534 22.51 3.78 -3.59
CA ILE A 534 23.80 3.35 -4.14
C ILE A 534 24.34 4.63 -4.79
N LEU A 535 25.51 5.14 -4.31
CA LEU A 535 26.04 6.40 -4.85
C LEU A 535 26.40 6.28 -6.31
N CYS A 536 25.91 7.16 -7.20
CA CYS A 536 26.30 7.04 -8.59
C CYS A 536 27.72 7.54 -8.75
N GLN A 537 28.20 8.43 -7.82
CA GLN A 537 29.57 8.87 -7.84
C GLN A 537 29.92 9.17 -6.38
N TYR A 538 31.09 8.62 -5.88
CA TYR A 538 31.53 8.96 -4.50
C TYR A 538 33.04 8.90 -4.46
N ALA A 539 33.65 9.63 -3.50
CA ALA A 539 35.11 9.67 -3.46
C ALA A 539 35.91 10.10 -4.67
C ALA A 539 35.33 10.57 -4.71
N HIS A 540 35.98 11.40 -4.86
N HIS A 540 36.44 11.22 -4.79
CA HIS A 540 36.67 12.06 -5.95
C HIS A 540 38.22 11.94 -5.96
N ALA A 541 38.70 10.96 -6.72
CA ALA A 541 40.13 10.57 -6.74
C ALA A 541 41.07 11.49 -7.52
N MET A 542 40.91 12.78 -7.28
CA MET A 542 41.68 13.79 -7.98
C MET A 542 42.98 14.10 -7.21
N GLY A 543 44.13 13.80 -7.84
CA GLY A 543 45.39 14.03 -7.15
C GLY A 543 45.53 13.18 -5.88
N ASN A 544 46.17 13.71 -4.85
CA ASN A 544 46.36 12.93 -3.63
C ASN A 544 45.03 12.94 -2.87
N SER A 545 44.24 11.89 -3.03
CA SER A 545 42.90 11.88 -2.49
C SER A 545 42.42 10.51 -1.96
N LEU A 546 41.09 10.30 -1.80
CA LEU A 546 40.49 9.07 -1.28
C LEU A 546 40.56 9.11 0.22
N GLY A 547 40.88 10.28 0.81
CA GLY A 547 40.86 10.32 2.31
C GLY A 547 39.43 10.10 2.76
N GLY A 548 39.26 9.29 3.78
CA GLY A 548 37.89 9.03 4.25
C GLY A 548 37.22 7.83 3.52
N PHE A 549 37.94 7.19 2.64
CA PHE A 549 37.29 6.15 1.89
C PHE A 549 36.72 5.06 2.80
N ALA A 550 37.48 4.70 3.83
CA ALA A 550 37.03 3.61 4.68
C ALA A 550 35.73 3.90 5.36
N LYS A 551 35.49 5.18 5.58
CA LYS A 551 34.26 5.54 6.27
C LYS A 551 33.04 5.05 5.47
N TYR A 552 33.13 5.17 4.15
CA TYR A 552 32.02 4.72 3.31
C TYR A 552 31.79 3.21 3.43
N TRP A 553 32.89 2.44 3.36
CA TRP A 553 32.78 0.99 3.40
C TRP A 553 32.21 0.50 4.74
N GLN A 554 32.55 1.16 5.85
CA GLN A 554 32.04 0.75 7.15
C GLN A 554 30.52 0.94 7.18
N ALA A 555 30.09 2.04 6.57
CA ALA A 555 28.64 2.31 6.52
C ALA A 555 27.91 1.32 5.58
N PHE A 556 28.51 1.11 4.39
CA PHE A 556 27.86 0.21 3.50
C PHE A 556 27.69 -1.17 4.19
N ARG A 557 28.69 -1.65 4.96
CA ARG A 557 28.58 -2.95 5.58
C ARG A 557 27.56 -2.96 6.69
N GLN A 558 27.50 -1.87 7.42
CA GLN A 558 26.56 -1.82 8.52
C GLN A 558 25.08 -1.63 8.13
N TYR A 559 24.76 -0.91 7.05
CA TYR A 559 23.39 -0.60 6.70
C TYR A 559 22.96 -1.40 5.52
N PRO A 560 21.94 -2.26 5.66
CA PRO A 560 21.56 -3.10 4.54
C PRO A 560 21.21 -2.29 3.34
N ARG A 561 20.47 -1.22 3.52
CA ARG A 561 20.04 -0.44 2.37
C ARG A 561 21.11 0.44 1.75
N LEU A 562 22.26 0.56 2.42
CA LEU A 562 23.37 1.29 1.80
C LEU A 562 24.07 0.17 1.01
N GLN A 563 23.86 0.11 -0.31
CA GLN A 563 24.41 -1.00 -1.09
C GLN A 563 25.60 -0.63 -1.98
N GLY A 564 26.30 0.41 -1.57
CA GLY A 564 27.53 0.65 -2.29
C GLY A 564 27.52 1.87 -3.14
N GLY A 565 28.40 1.83 -4.14
CA GLY A 565 28.52 3.02 -4.95
C GLY A 565 29.59 2.89 -6.03
N PHE A 566 29.70 3.91 -6.85
CA PHE A 566 30.67 3.89 -7.94
C PHE A 566 31.62 4.99 -7.70
N VAL A 567 32.88 4.59 -7.46
CA VAL A 567 33.93 5.62 -7.25
C VAL A 567 34.10 6.59 -8.47
N TRP A 568 34.43 7.86 -8.21
CA TRP A 568 34.66 8.80 -9.30
C TRP A 568 36.18 9.10 -9.28
N ASP A 569 37.03 8.61 -10.25
CA ASP A 569 36.57 7.74 -11.30
C ASP A 569 37.69 6.81 -11.64
N TRP A 570 37.57 6.01 -12.70
CA TRP A 570 38.65 5.05 -12.95
C TRP A 570 40.01 5.57 -13.43
N VAL A 571 40.00 6.31 -14.56
CA VAL A 571 41.25 6.72 -15.16
C VAL A 571 41.35 8.20 -15.45
N ASP A 572 42.50 8.80 -15.14
CA ASP A 572 42.71 10.22 -15.41
C ASP A 572 42.52 10.52 -16.90
N GLN A 573 41.86 11.66 -17.23
CA GLN A 573 41.77 11.97 -18.66
C GLN A 573 42.91 12.92 -19.02
N SER A 574 44.13 12.46 -18.83
CA SER A 574 45.25 13.30 -19.28
C SER A 574 45.55 12.86 -20.73
N LEU A 575 46.10 13.77 -21.54
CA LEU A 575 46.49 13.47 -22.94
C LEU A 575 48.00 13.66 -23.09
N ILE A 576 48.60 12.89 -23.96
CA ILE A 576 50.05 13.09 -24.12
C ILE A 576 50.41 14.22 -25.05
N LYS A 577 51.38 15.00 -24.66
CA LYS A 577 51.96 16.04 -25.50
C LYS A 577 53.45 15.73 -25.56
N TYR A 578 54.14 16.29 -26.57
CA TYR A 578 55.56 16.05 -26.78
C TYR A 578 56.33 17.35 -26.68
N ASP A 579 57.45 17.43 -25.90
CA ASP A 579 58.22 18.67 -25.74
C ASP A 579 59.16 18.87 -26.92
N GLU A 580 60.04 19.88 -26.85
CA GLU A 580 60.99 20.15 -27.93
C GLU A 580 61.82 18.96 -28.32
N ASN A 581 62.14 18.14 -27.33
CA ASN A 581 62.95 16.97 -27.61
C ASN A 581 62.20 15.72 -27.97
N GLY A 582 60.91 15.91 -28.19
CA GLY A 582 60.07 14.80 -28.56
C GLY A 582 59.75 13.86 -27.43
N ASN A 583 59.88 14.32 -26.16
CA ASN A 583 59.55 13.50 -24.99
C ASN A 583 58.14 13.80 -24.58
N PRO A 584 57.44 12.75 -24.33
CA PRO A 584 56.05 12.82 -23.97
C PRO A 584 55.88 13.38 -22.56
N TRP A 585 54.73 14.02 -22.34
CA TRP A 585 54.34 14.59 -21.07
C TRP A 585 52.83 14.63 -21.00
N SER A 586 52.37 14.46 -19.75
CA SER A 586 50.94 14.42 -19.51
C SER A 586 50.30 15.81 -19.44
N ALA A 587 49.36 16.07 -20.34
CA ALA A 587 48.71 17.39 -20.36
C ALA A 587 47.26 17.35 -19.84
N TYR A 588 46.78 18.48 -19.35
CA TYR A 588 45.41 18.60 -18.87
C TYR A 588 44.72 19.82 -19.48
N GLY A 589 43.63 20.29 -18.87
CA GLY A 589 42.88 21.41 -19.44
C GLY A 589 43.72 22.65 -19.62
N GLY A 590 43.52 23.26 -20.78
CA GLY A 590 44.26 24.44 -21.17
C GLY A 590 45.60 24.14 -21.85
N ASP A 591 46.14 22.92 -21.76
CA ASP A 591 47.40 22.63 -22.39
C ASP A 591 47.36 22.61 -23.94
N PHE A 592 46.17 22.78 -24.56
CA PHE A 592 46.11 22.83 -25.99
C PHE A 592 45.68 24.20 -26.45
N GLY A 593 45.78 25.21 -25.58
CA GLY A 593 45.35 26.55 -25.96
C GLY A 593 43.83 26.76 -25.77
N ASP A 594 43.22 25.64 -25.32
CA ASP A 594 41.78 25.56 -25.08
C ASP A 594 41.39 26.52 -23.95
N THR A 595 40.38 27.39 -24.18
CA THR A 595 39.95 28.30 -23.15
C THR A 595 38.58 28.81 -23.48
N PRO A 596 37.72 29.00 -22.49
CA PRO A 596 37.95 28.65 -21.10
C PRO A 596 38.23 27.14 -20.97
N ASN A 597 38.83 26.75 -19.85
CA ASN A 597 39.10 25.33 -19.61
C ASN A 597 39.04 25.07 -18.11
N ASP A 598 38.95 23.82 -17.69
CA ASP A 598 38.92 23.50 -16.28
C ASP A 598 40.15 22.83 -15.73
N ARG A 599 41.31 23.21 -16.36
CA ARG A 599 42.59 22.71 -15.86
C ARG A 599 42.63 21.23 -15.45
N GLN A 600 43.11 20.95 -14.23
CA GLN A 600 43.35 19.59 -13.86
C GLN A 600 42.11 18.83 -13.43
N PHE A 601 40.95 19.47 -13.56
CA PHE A 601 39.72 18.77 -13.14
C PHE A 601 39.42 17.55 -14.00
N CYS A 602 40.17 17.36 -15.08
CA CYS A 602 39.91 16.20 -15.90
C CYS A 602 40.67 15.00 -15.38
N MET A 603 41.49 15.17 -14.34
CA MET A 603 42.23 13.94 -13.89
C MET A 603 41.64 13.51 -12.55
N ASN A 604 40.80 12.48 -12.48
CA ASN A 604 40.19 12.15 -11.14
C ASN A 604 40.26 10.66 -10.89
N GLY A 605 41.16 10.02 -11.65
CA GLY A 605 41.23 8.57 -11.68
C GLY A 605 42.00 7.85 -10.63
N LEU A 606 41.55 6.61 -10.40
CA LEU A 606 42.30 5.70 -9.52
C LEU A 606 43.63 5.29 -10.21
N VAL A 607 43.62 5.39 -11.53
CA VAL A 607 44.82 5.09 -12.23
C VAL A 607 45.14 6.25 -13.17
N PHE A 608 46.45 6.34 -13.43
CA PHE A 608 46.99 7.33 -14.41
C PHE A 608 46.46 6.97 -15.79
N ALA A 609 46.57 7.89 -16.77
CA ALA A 609 46.13 7.63 -18.16
C ALA A 609 46.77 6.37 -18.78
N ASP A 610 48.02 6.04 -18.40
CA ASP A 610 48.53 4.82 -19.01
C ASP A 610 48.27 3.57 -18.17
N ARG A 611 47.34 3.67 -17.23
CA ARG A 611 46.90 2.58 -16.41
C ARG A 611 47.79 2.24 -15.23
N THR A 612 48.83 3.04 -15.02
CA THR A 612 49.64 2.83 -13.84
C THR A 612 48.78 3.28 -12.66
N PRO A 613 48.77 2.53 -11.54
CA PRO A 613 47.96 2.92 -10.37
C PRO A 613 48.43 4.10 -9.62
N HIS A 614 47.44 4.84 -9.14
CA HIS A 614 47.74 5.87 -8.18
C HIS A 614 47.72 5.06 -6.82
N PRO A 615 48.34 5.61 -5.77
CA PRO A 615 48.35 4.90 -4.49
C PRO A 615 46.93 4.66 -3.99
N ALA A 616 45.97 5.57 -4.27
CA ALA A 616 44.62 5.34 -3.80
C ALA A 616 43.99 4.01 -4.24
N LEU A 617 44.47 3.48 -5.40
CA LEU A 617 43.89 2.19 -5.86
C LEU A 617 43.96 1.10 -4.79
N THR A 618 45.12 1.07 -4.08
CA THR A 618 45.29 0.01 -3.06
C THR A 618 44.33 0.20 -1.87
N GLU A 619 44.02 1.49 -1.58
CA GLU A 619 43.06 1.75 -0.52
C GLU A 619 41.72 1.19 -0.94
N ALA A 620 41.41 1.41 -2.23
CA ALA A 620 40.08 0.89 -2.69
C ALA A 620 40.04 -0.65 -2.69
N LYS A 621 41.14 -1.27 -3.15
CA LYS A 621 41.19 -2.74 -3.18
C LYS A 621 40.94 -3.31 -1.79
N HIS A 622 41.63 -2.70 -0.81
CA HIS A 622 41.53 -3.18 0.54
C HIS A 622 40.10 -3.01 1.15
N GLN A 623 39.53 -1.82 1.00
CA GLN A 623 38.24 -1.62 1.62
C GLN A 623 37.17 -2.47 0.93
N GLN A 624 37.40 -2.75 -0.34
CA GLN A 624 36.45 -3.57 -1.12
C GLN A 624 36.71 -5.07 -1.04
N GLN A 625 37.48 -5.52 -0.06
CA GLN A 625 37.75 -6.98 0.09
C GLN A 625 36.46 -7.75 0.27
N PHE A 626 36.49 -9.04 -0.11
CA PHE A 626 35.31 -9.89 -0.04
C PHE A 626 35.33 -10.83 1.15
N PHE A 627 36.41 -10.75 1.93
CA PHE A 627 36.56 -11.56 3.17
C PHE A 627 36.79 -10.61 4.34
N GLN A 628 36.03 -10.75 5.43
CA GLN A 628 36.14 -9.87 6.63
C GLN A 628 36.80 -10.72 7.71
N PHE A 629 37.61 -10.14 8.56
CA PHE A 629 38.24 -10.99 9.55
C PHE A 629 38.14 -10.46 10.96
N ARG A 630 38.11 -11.35 11.90
CA ARG A 630 38.11 -10.93 13.29
C ARG A 630 39.14 -11.82 13.98
N LEU A 631 39.77 -11.30 15.07
CA LEU A 631 40.77 -12.10 15.78
C LEU A 631 40.44 -12.24 17.26
N SER A 632 40.48 -13.46 17.78
CA SER A 632 40.23 -13.69 19.21
C SER A 632 41.25 -14.72 19.68
N GLY A 633 42.19 -14.21 20.45
CA GLY A 633 43.24 -15.09 20.91
C GLY A 633 44.09 -15.50 19.73
N GLN A 634 44.12 -16.80 19.47
CA GLN A 634 44.88 -17.24 18.33
C GLN A 634 43.91 -17.70 17.22
N THR A 635 42.63 -17.35 17.47
CA THR A 635 41.58 -17.66 16.52
C THR A 635 41.11 -16.51 15.66
N ILE A 636 41.28 -16.81 14.38
CA ILE A 636 40.85 -15.92 13.32
C ILE A 636 39.50 -16.39 12.78
N GLU A 637 38.59 -15.43 12.66
CA GLU A 637 37.29 -15.77 12.11
C GLU A 637 37.23 -15.07 10.76
N VAL A 638 37.05 -15.88 9.73
CA VAL A 638 36.95 -15.35 8.38
C VAL A 638 35.50 -15.33 7.93
N THR A 639 35.01 -14.21 7.45
CA THR A 639 33.62 -14.17 7.02
C THR A 639 33.61 -13.84 5.52
N SER A 640 32.87 -14.62 4.74
CA SER A 640 32.76 -14.35 3.31
C SER A 640 31.67 -13.34 2.96
N GLU A 641 31.99 -12.41 2.08
CA GLU A 641 30.95 -11.50 1.65
C GLU A 641 30.53 -11.90 0.23
N TYR A 642 30.99 -13.04 -0.29
CA TYR A 642 30.50 -13.47 -1.60
C TYR A 642 29.09 -13.93 -1.34
N LEU A 643 28.21 -13.78 -2.34
CA LEU A 643 26.79 -14.16 -2.21
C LEU A 643 26.53 -15.50 -2.83
N PHE A 644 27.38 -15.88 -3.80
CA PHE A 644 27.04 -17.08 -4.52
C PHE A 644 28.10 -18.08 -4.54
N ARG A 645 29.37 -17.73 -4.43
CA ARG A 645 30.40 -18.76 -4.52
C ARG A 645 31.05 -19.14 -3.21
N HIS A 646 31.57 -20.35 -3.21
CA HIS A 646 32.32 -20.84 -2.09
C HIS A 646 33.75 -20.33 -2.32
N SER A 647 34.65 -20.40 -1.30
CA SER A 647 36.01 -19.91 -1.46
C SER A 647 36.85 -21.00 -2.08
N ASP A 648 36.50 -21.35 -3.29
CA ASP A 648 37.16 -22.48 -3.94
C ASP A 648 38.46 -22.18 -4.66
N ASN A 649 39.05 -21.02 -4.45
CA ASN A 649 40.34 -20.73 -5.08
C ASN A 649 41.02 -19.80 -4.12
N GLU A 650 41.09 -20.27 -2.87
CA GLU A 650 41.65 -19.39 -1.88
C GLU A 650 42.31 -20.11 -0.75
N LEU A 651 43.41 -19.54 -0.32
CA LEU A 651 44.05 -20.06 0.88
C LEU A 651 44.48 -18.90 1.77
N LEU A 652 44.62 -19.15 3.08
CA LEU A 652 45.01 -18.08 3.98
C LEU A 652 46.49 -18.22 4.38
N HIS A 653 47.29 -17.15 4.14
CA HIS A 653 48.70 -17.17 4.50
C HIS A 653 48.74 -16.32 5.73
N TRP A 654 49.49 -16.78 6.72
CA TRP A 654 49.58 -15.95 7.90
C TRP A 654 51.02 -15.79 8.35
N MET A 655 51.34 -14.65 8.97
CA MET A 655 52.72 -14.51 9.41
C MET A 655 52.80 -13.57 10.56
N VAL A 656 53.70 -13.93 11.48
CA VAL A 656 53.92 -13.11 12.68
C VAL A 656 55.33 -12.54 12.69
N ALA A 657 55.48 -11.23 12.97
CA ALA A 657 56.82 -10.70 12.95
C ALA A 657 56.99 -9.72 14.09
N LEU A 658 58.20 -9.55 14.55
CA LEU A 658 58.44 -8.60 15.63
C LEU A 658 59.15 -7.46 15.03
N ASP A 659 58.51 -6.33 15.00
CA ASP A 659 59.19 -5.25 14.33
C ASP A 659 59.78 -5.65 12.99
N GLY A 660 59.01 -6.26 12.09
CA GLY A 660 59.56 -6.58 10.79
C GLY A 660 60.38 -7.84 10.74
N LYS A 661 60.68 -8.45 11.86
CA LYS A 661 61.45 -9.66 11.78
C LYS A 661 60.51 -10.83 11.90
N PRO A 662 60.43 -11.62 10.85
CA PRO A 662 59.57 -12.78 10.78
C PRO A 662 59.91 -13.83 11.81
N LEU A 663 58.91 -14.29 12.56
CA LEU A 663 59.06 -15.30 13.59
C LEU A 663 58.36 -16.57 13.26
N ALA A 664 57.27 -16.50 12.54
CA ALA A 664 56.63 -17.71 12.20
C ALA A 664 55.59 -17.45 11.11
N SER A 665 55.11 -18.46 10.46
CA SER A 665 54.14 -18.19 9.43
C SER A 665 53.64 -19.50 8.93
N GLY A 666 52.56 -19.44 8.18
CA GLY A 666 51.97 -20.65 7.66
C GLY A 666 50.82 -20.32 6.73
N GLU A 667 50.14 -21.39 6.34
CA GLU A 667 49.01 -21.26 5.43
C GLU A 667 47.97 -22.24 5.84
N VAL A 668 46.71 -21.90 5.59
CA VAL A 668 45.55 -22.73 5.89
C VAL A 668 44.60 -22.61 4.73
N PRO A 669 44.03 -23.70 4.28
CA PRO A 669 43.06 -23.55 3.21
C PRO A 669 41.80 -22.86 3.75
N LEU A 670 41.17 -22.07 2.88
CA LEU A 670 39.94 -21.39 3.18
C LEU A 670 38.84 -22.16 2.53
N ASP A 671 37.85 -22.46 3.33
CA ASP A 671 36.72 -23.16 2.83
C ASP A 671 35.51 -22.49 3.40
N VAL A 672 35.11 -21.33 2.91
CA VAL A 672 33.96 -20.70 3.55
C VAL A 672 32.85 -20.61 2.54
N ALA A 673 31.65 -20.90 2.95
CA ALA A 673 30.54 -20.81 2.05
C ALA A 673 30.13 -19.32 1.88
N PRO A 674 29.37 -19.00 0.81
CA PRO A 674 28.98 -17.62 0.62
C PRO A 674 28.25 -17.18 1.88
N GLN A 675 28.57 -15.96 2.35
CA GLN A 675 28.03 -15.39 3.59
C GLN A 675 28.37 -16.22 4.82
N GLY A 676 29.21 -17.24 4.68
CA GLY A 676 29.57 -18.13 5.76
C GLY A 676 30.77 -17.61 6.51
N LYS A 677 31.12 -18.36 7.57
CA LYS A 677 32.24 -18.04 8.45
C LYS A 677 33.07 -19.31 8.62
N GLN A 678 34.36 -19.13 8.87
CA GLN A 678 35.35 -20.16 9.12
C GLN A 678 36.22 -19.69 10.29
N LEU A 679 36.49 -20.60 11.24
CA LEU A 679 37.34 -20.27 12.37
C LEU A 679 38.61 -21.00 12.13
N ILE A 680 39.73 -20.31 12.32
CA ILE A 680 41.01 -20.88 12.12
C ILE A 680 41.78 -20.58 13.37
N GLU A 681 42.21 -21.63 14.06
CA GLU A 681 42.97 -21.40 15.28
C GLU A 681 44.43 -21.59 14.91
N LEU A 682 45.20 -20.58 15.16
CA LEU A 682 46.60 -20.66 14.84
C LEU A 682 47.39 -21.45 15.88
N PRO A 683 48.51 -22.01 15.37
CA PRO A 683 49.49 -22.76 16.16
C PRO A 683 50.06 -21.96 17.30
N GLU A 684 50.72 -22.60 18.30
CA GLU A 684 51.33 -21.86 19.42
C GLU A 684 52.23 -20.85 18.76
N LEU A 685 51.99 -19.60 19.11
CA LEU A 685 52.75 -18.53 18.51
C LEU A 685 53.91 -18.09 19.36
N PRO A 686 54.78 -17.36 18.67
CA PRO A 686 55.98 -16.80 19.28
C PRO A 686 55.62 -15.81 20.36
N GLN A 687 56.33 -15.94 21.49
CA GLN A 687 56.19 -15.08 22.65
C GLN A 687 57.54 -14.63 23.18
N PRO A 688 58.25 -13.93 22.28
CA PRO A 688 59.56 -13.36 22.53
C PRO A 688 59.43 -12.22 23.54
N GLU A 689 60.46 -12.06 24.38
CA GLU A 689 60.47 -11.02 25.42
C GLU A 689 61.41 -9.89 25.09
N SER A 690 61.95 -9.98 23.87
CA SER A 690 62.84 -9.01 23.26
C SER A 690 61.90 -7.83 22.95
N ALA A 691 62.33 -6.59 23.08
CA ALA A 691 61.43 -5.48 22.87
C ALA A 691 60.89 -5.33 21.46
N GLY A 692 59.69 -4.77 21.37
CA GLY A 692 59.12 -4.52 20.07
C GLY A 692 57.64 -4.85 20.01
N GLN A 693 57.11 -4.61 18.82
CA GLN A 693 55.72 -4.92 18.60
C GLN A 693 55.60 -6.18 17.71
N LEU A 694 54.76 -7.10 18.19
CA LEU A 694 54.46 -8.34 17.48
C LEU A 694 53.22 -8.10 16.62
N TRP A 695 53.35 -8.34 15.33
CA TRP A 695 52.22 -8.13 14.44
C TRP A 695 51.88 -9.37 13.65
N LEU A 696 50.56 -9.60 13.52
CA LEU A 696 50.11 -10.74 12.71
C LEU A 696 49.52 -10.17 11.41
N THR A 697 49.96 -10.73 10.33
CA THR A 697 49.43 -10.32 9.05
C THR A 697 48.85 -11.52 8.34
N VAL A 698 47.62 -11.40 7.81
CA VAL A 698 47.04 -12.53 7.06
C VAL A 698 46.72 -12.05 5.63
N ARG A 699 46.82 -12.91 4.64
CA ARG A 699 46.56 -12.51 3.26
C ARG A 699 45.75 -13.67 2.66
N VAL A 700 44.77 -13.36 1.79
CA VAL A 700 44.02 -14.40 1.10
C VAL A 700 44.71 -14.45 -0.26
N VAL A 701 45.15 -15.65 -0.65
CA VAL A 701 45.89 -15.85 -1.90
C VAL A 701 45.10 -16.83 -2.75
N GLN A 702 45.06 -16.54 -4.05
CA GLN A 702 44.42 -17.42 -5.05
C GLN A 702 45.54 -18.21 -5.72
N PRO A 703 45.56 -19.49 -5.34
CA PRO A 703 46.58 -20.38 -5.80
C PRO A 703 46.47 -20.60 -7.28
N ASN A 704 45.25 -20.70 -7.78
CA ASN A 704 45.09 -20.97 -9.20
C ASN A 704 44.83 -19.71 -10.03
N ALA A 705 45.37 -19.61 -11.24
CA ALA A 705 45.10 -18.42 -12.02
C ALA A 705 43.67 -18.50 -12.47
N THR A 706 43.08 -17.37 -12.91
CA THR A 706 41.72 -17.25 -13.41
C THR A 706 41.78 -16.52 -14.70
N ALA A 707 40.63 -16.23 -15.23
CA ALA A 707 40.66 -15.48 -16.48
C ALA A 707 41.11 -14.10 -16.21
N TRP A 708 41.04 -13.65 -14.98
CA TRP A 708 41.38 -12.23 -14.77
C TRP A 708 42.55 -12.04 -13.78
N SER A 709 43.19 -13.13 -13.38
CA SER A 709 44.27 -12.97 -12.42
C SER A 709 45.23 -14.14 -12.52
N GLU A 710 46.45 -13.85 -12.04
CA GLU A 710 47.54 -14.84 -12.09
C GLU A 710 47.59 -15.71 -10.86
N ALA A 711 48.18 -16.87 -11.01
CA ALA A 711 48.24 -17.68 -9.81
C ALA A 711 48.99 -16.89 -8.73
N GLY A 712 48.55 -17.04 -7.47
CA GLY A 712 49.20 -16.34 -6.39
C GLY A 712 48.67 -14.93 -6.12
N HIS A 713 47.69 -14.47 -6.90
CA HIS A 713 47.11 -13.17 -6.67
C HIS A 713 46.62 -13.01 -5.23
N ILE A 714 46.92 -11.88 -4.61
CA ILE A 714 46.45 -11.59 -3.27
C ILE A 714 45.13 -10.80 -3.37
N SER A 715 44.05 -11.33 -2.79
CA SER A 715 42.75 -10.63 -2.93
C SER A 715 42.32 -9.92 -1.68
N ALA A 716 43.00 -10.20 -0.54
CA ALA A 716 42.62 -9.59 0.72
C ALA A 716 43.79 -9.72 1.72
N TRP A 717 43.84 -8.80 2.69
CA TRP A 717 44.83 -8.86 3.79
C TRP A 717 44.30 -8.12 4.99
N GLN A 718 44.89 -8.38 6.13
CA GLN A 718 44.47 -7.63 7.33
C GLN A 718 45.61 -7.82 8.34
N GLN A 719 45.74 -6.86 9.24
CA GLN A 719 46.80 -6.98 10.27
C GLN A 719 46.25 -6.71 11.67
N TRP A 720 46.93 -7.27 12.68
CA TRP A 720 46.56 -6.96 14.08
C TRP A 720 47.86 -6.89 14.89
N ARG A 721 47.91 -5.97 15.83
CA ARG A 721 49.03 -5.87 16.75
C ARG A 721 48.79 -7.00 17.76
N LEU A 722 49.69 -7.98 17.88
CA LEU A 722 49.51 -9.02 18.93
C LEU A 722 50.15 -8.43 20.22
N ALA A 723 50.99 -9.14 20.87
CA ALA A 723 51.61 -8.52 22.02
C ALA A 723 52.67 -7.42 21.71
N GLU A 724 52.88 -6.51 22.69
CA GLU A 724 53.89 -5.48 22.56
C GLU A 724 54.79 -5.58 23.79
N ASN A 725 56.15 -5.55 23.62
CA ASN A 725 57.08 -5.56 24.76
C ASN A 725 57.75 -4.20 24.79
N LEU A 726 57.34 -3.36 25.72
CA LEU A 726 57.97 -2.04 25.74
C LEU A 726 59.44 -2.15 26.20
N SER A 727 60.32 -1.35 25.62
CA SER A 727 61.68 -1.47 26.04
C SER A 727 61.87 -0.83 27.35
N VAL A 728 62.47 -1.61 28.23
CA VAL A 728 62.85 -1.13 29.56
C VAL A 728 64.37 -1.17 29.78
N THR A 729 65.07 -1.71 28.79
CA THR A 729 66.50 -1.86 28.87
C THR A 729 67.25 -0.56 28.83
N LEU A 730 68.06 -0.38 29.87
CA LEU A 730 68.84 0.82 29.92
C LEU A 730 69.99 0.72 28.93
N PRO A 731 70.28 1.86 28.34
CA PRO A 731 71.35 1.95 27.38
C PRO A 731 72.63 1.93 28.19
N ALA A 732 73.76 1.66 27.53
CA ALA A 732 75.06 1.59 28.19
C ALA A 732 75.75 2.95 28.37
N ALA A 733 76.28 3.17 29.58
CA ALA A 733 76.97 4.40 29.90
C ALA A 733 78.05 4.61 28.86
N SER A 734 78.10 5.85 28.34
CA SER A 734 79.04 6.24 27.31
C SER A 734 80.45 6.54 27.79
N HIS A 735 81.33 6.19 26.89
CA HIS A 735 82.74 6.36 27.13
C HIS A 735 83.15 7.75 26.60
N ALA A 736 82.24 8.75 26.86
CA ALA A 736 82.45 10.11 26.40
C ALA A 736 81.42 11.12 26.84
N ILE A 737 81.83 12.38 26.70
CA ILE A 737 80.95 13.47 27.03
C ILE A 737 81.12 14.54 25.96
N PRO A 738 80.06 15.03 25.32
CA PRO A 738 80.23 16.01 24.24
C PRO A 738 80.75 17.33 24.80
N HIS A 739 81.49 18.08 23.97
CA HIS A 739 82.03 19.37 24.38
C HIS A 739 81.29 20.49 23.66
N LEU A 740 81.03 21.57 24.40
CA LEU A 740 80.36 22.72 23.89
C LEU A 740 81.31 23.85 23.74
N THR A 741 81.19 24.52 22.62
CA THR A 741 82.03 25.69 22.37
C THR A 741 81.08 26.81 21.97
N THR A 742 81.23 28.01 22.48
CA THR A 742 80.29 29.06 22.20
C THR A 742 80.91 30.30 21.61
N SER A 743 80.09 31.00 20.85
CA SER A 743 80.49 32.29 20.28
C SER A 743 79.20 33.08 20.27
N GLU A 744 79.26 34.35 19.95
CA GLU A 744 78.06 35.13 19.92
C GLU A 744 77.00 34.54 18.98
N MET A 745 77.48 34.04 17.81
CA MET A 745 76.63 33.54 16.72
C MET A 745 76.31 32.06 16.77
N ASP A 746 77.10 31.26 17.51
CA ASP A 746 76.77 29.84 17.45
C ASP A 746 77.08 29.03 18.66
N PHE A 747 76.40 27.89 18.74
CA PHE A 747 76.67 26.87 19.75
C PHE A 747 77.17 25.69 18.95
N CYS A 748 78.42 25.24 19.21
CA CYS A 748 78.98 24.08 18.53
C CYS A 748 79.24 22.96 19.52
N ILE A 749 78.80 21.79 19.10
CA ILE A 749 78.96 20.65 19.96
C ILE A 749 79.75 19.63 19.24
N GLU A 750 80.69 18.99 19.95
CA GLU A 750 81.51 17.95 19.33
C GLU A 750 81.58 16.71 20.18
N LEU A 751 81.53 15.60 19.46
CA LEU A 751 81.63 14.29 20.07
C LEU A 751 82.27 13.29 19.10
N GLY A 752 83.48 12.85 19.41
CA GLY A 752 84.11 11.93 18.52
C GLY A 752 84.18 12.60 17.16
N ASN A 753 83.80 11.86 16.16
CA ASN A 753 83.82 12.38 14.82
C ASN A 753 82.58 13.16 14.48
N LYS A 754 81.78 13.48 15.46
CA LYS A 754 80.59 14.19 15.11
C LYS A 754 80.61 15.59 15.69
N ARG A 755 79.99 16.50 14.91
CA ARG A 755 79.82 17.91 15.32
C ARG A 755 78.44 18.45 14.97
N TRP A 756 77.91 19.35 15.80
CA TRP A 756 76.57 19.95 15.56
C TRP A 756 76.76 21.45 15.74
N GLN A 757 76.12 22.24 14.91
CA GLN A 757 76.23 23.68 15.00
C GLN A 757 74.85 24.31 15.04
N PHE A 758 74.58 25.09 16.10
CA PHE A 758 73.27 25.71 16.22
C PHE A 758 73.47 27.18 16.08
N ASN A 759 72.74 27.76 15.17
CA ASN A 759 72.82 29.21 14.97
C ASN A 759 72.07 29.96 16.06
N ARG A 760 72.76 30.87 16.75
CA ARG A 760 72.14 31.66 17.81
C ARG A 760 71.31 32.79 17.30
N GLN A 761 71.43 33.15 16.05
CA GLN A 761 70.57 34.21 15.63
C GLN A 761 69.25 33.60 15.12
N SER A 762 69.36 32.46 14.46
CA SER A 762 68.15 31.86 13.93
C SER A 762 67.54 30.91 14.94
N GLY A 763 68.36 30.29 15.73
CA GLY A 763 67.80 29.36 16.66
C GLY A 763 67.60 27.95 16.10
N PHE A 764 68.16 27.66 14.93
CA PHE A 764 68.04 26.31 14.37
C PHE A 764 69.38 25.62 14.21
N LEU A 765 69.34 24.30 14.14
CA LEU A 765 70.49 23.49 13.87
C LEU A 765 70.80 23.81 12.39
N SER A 766 71.96 24.44 12.17
CA SER A 766 72.37 24.86 10.84
C SER A 766 73.29 23.91 10.15
N GLN A 767 74.03 23.09 10.89
CA GLN A 767 74.92 22.17 10.20
C GLN A 767 75.27 21.02 11.10
N MET A 768 75.61 19.86 10.48
CA MET A 768 76.05 18.70 11.23
C MET A 768 77.10 18.05 10.37
N TRP A 769 78.17 17.56 11.01
CA TRP A 769 79.21 16.87 10.29
C TRP A 769 79.39 15.45 10.81
N ILE A 770 79.61 14.53 9.89
CA ILE A 770 79.95 13.18 10.25
C ILE A 770 81.31 13.11 9.61
N GLY A 771 82.27 13.18 10.51
CA GLY A 771 83.59 13.21 9.98
C GLY A 771 83.82 14.62 9.50
N ASP A 772 84.26 14.69 8.29
CA ASP A 772 84.53 16.00 7.85
C ASP A 772 83.40 16.41 6.93
N LYS A 773 82.41 15.49 6.81
CA LYS A 773 81.35 15.76 5.85
C LYS A 773 80.10 16.46 6.37
N LYS A 774 79.76 17.61 5.76
CA LYS A 774 78.57 18.37 6.14
C LYS A 774 77.36 17.52 5.80
N GLN A 775 76.34 17.53 6.61
CA GLN A 775 75.18 16.71 6.31
C GLN A 775 73.97 17.47 5.81
N LEU A 776 73.90 18.78 6.02
CA LEU A 776 72.73 19.58 5.67
C LEU A 776 73.02 20.68 4.67
N LEU A 777 72.01 20.93 3.81
CA LEU A 777 72.05 21.97 2.76
C LEU A 777 71.22 23.12 3.21
N THR A 778 70.21 22.82 4.05
CA THR A 778 69.38 23.88 4.63
C THR A 778 69.22 23.49 6.10
N PRO A 779 69.06 24.41 7.00
CA PRO A 779 68.93 24.07 8.40
C PRO A 779 67.66 23.33 8.70
N LEU A 780 67.65 22.75 9.89
CA LEU A 780 66.48 22.00 10.34
C LEU A 780 65.50 22.97 10.93
N ARG A 781 64.28 23.14 10.33
CA ARG A 781 63.35 24.10 10.85
C ARG A 781 61.93 23.55 10.94
N ASP A 782 61.12 24.16 11.78
CA ASP A 782 59.75 23.73 11.87
C ASP A 782 59.08 24.03 10.54
N GLN A 783 58.05 23.23 10.24
CA GLN A 783 57.23 23.39 9.01
C GLN A 783 55.74 23.13 9.39
N PHE A 784 54.85 24.06 9.07
CA PHE A 784 53.43 23.93 9.43
C PHE A 784 52.55 23.92 8.18
N THR A 785 53.20 23.89 6.99
CA THR A 785 52.48 23.97 5.73
C THR A 785 52.81 22.82 4.78
N ARG A 786 51.93 22.62 3.79
CA ARG A 786 52.24 21.64 2.79
C ARG A 786 52.00 22.20 1.41
N ALA A 787 52.70 21.70 0.38
CA ALA A 787 52.43 22.10 -1.00
C ALA A 787 50.99 21.59 -1.21
N PRO A 788 50.01 22.43 -1.45
CA PRO A 788 48.58 22.07 -1.43
C PRO A 788 48.17 21.04 -2.39
N LEU A 789 47.34 20.16 -1.87
CA LEU A 789 46.81 19.06 -2.70
C LEU A 789 45.66 19.59 -3.54
N ASP A 790 45.25 18.83 -4.52
CA ASP A 790 44.07 19.30 -5.28
C ASP A 790 42.88 19.51 -4.31
N ASN A 791 42.72 18.67 -3.29
CA ASN A 791 41.58 18.89 -2.42
C ASN A 791 41.80 20.09 -1.52
N ASP A 792 43.03 20.57 -1.37
CA ASP A 792 43.23 21.74 -0.55
C ASP A 792 42.84 22.98 -1.32
N ILE A 793 43.03 22.93 -2.64
CA ILE A 793 42.75 24.06 -3.51
C ILE A 793 41.25 24.15 -3.94
N GLY A 794 40.68 22.97 -4.19
CA GLY A 794 39.31 22.88 -4.67
C GLY A 794 39.22 23.70 -5.94
N VAL A 795 38.17 24.51 -6.03
CA VAL A 795 37.99 25.35 -7.22
C VAL A 795 38.72 26.70 -7.20
N SER A 796 39.44 26.97 -6.13
CA SER A 796 40.09 28.29 -6.02
C SER A 796 41.07 28.52 -7.19
N GLU A 797 41.02 29.77 -7.67
CA GLU A 797 41.87 30.26 -8.74
C GLU A 797 42.26 31.69 -8.45
N ALA A 798 43.35 32.04 -9.08
CA ALA A 798 43.85 33.38 -8.88
C ALA A 798 42.85 34.43 -9.27
N THR A 799 42.20 34.12 -10.36
CA THR A 799 41.21 35.00 -10.96
C THR A 799 39.87 34.95 -10.24
N ARG A 800 39.72 34.00 -9.32
CA ARG A 800 38.47 33.77 -8.64
C ARG A 800 38.73 32.92 -7.44
N ILE A 801 39.14 33.61 -6.42
CA ILE A 801 39.50 32.94 -5.21
C ILE A 801 38.34 32.35 -4.45
N ASP A 802 38.51 31.15 -3.88
CA ASP A 802 37.45 30.59 -3.04
C ASP A 802 37.95 30.65 -1.61
N PRO A 803 37.50 31.65 -0.92
CA PRO A 803 38.01 31.87 0.41
C PRO A 803 37.75 30.71 1.34
N ASN A 804 36.86 29.83 1.00
CA ASN A 804 36.60 28.78 1.94
C ASN A 804 37.54 27.56 1.80
N ALA A 805 38.26 27.53 0.68
CA ALA A 805 39.16 26.38 0.50
C ALA A 805 40.34 26.45 1.49
N TRP A 806 40.80 25.28 1.91
CA TRP A 806 41.89 25.21 2.90
C TRP A 806 43.08 26.03 2.46
N VAL A 807 43.51 25.89 1.19
CA VAL A 807 44.69 26.64 0.73
C VAL A 807 44.57 28.15 0.97
N GLU A 808 43.35 28.67 0.71
CA GLU A 808 43.07 30.10 0.84
C GLU A 808 43.02 30.51 2.31
N ARG A 809 42.51 29.62 3.15
CA ARG A 809 42.44 29.96 4.52
C ARG A 809 43.88 30.05 5.04
N TRP A 810 44.71 29.09 4.66
CA TRP A 810 46.10 29.09 5.13
C TRP A 810 46.80 30.34 4.61
N LYS A 811 46.62 30.59 3.32
CA LYS A 811 47.26 31.77 2.75
C LYS A 811 46.90 33.06 3.48
N ALA A 812 45.60 33.28 3.60
CA ALA A 812 45.11 34.48 4.22
C ALA A 812 45.54 34.66 5.65
N ALA A 813 45.72 33.53 6.36
CA ALA A 813 46.16 33.60 7.77
C ALA A 813 47.67 33.87 7.86
N GLY A 814 48.32 33.74 6.70
CA GLY A 814 49.75 33.97 6.66
C GLY A 814 50.61 32.75 6.91
N HIS A 815 50.01 31.56 6.89
CA HIS A 815 50.84 30.40 7.15
C HIS A 815 52.03 30.25 6.20
N TYR A 816 51.81 30.56 4.94
CA TYR A 816 52.92 30.34 4.05
C TYR A 816 53.95 31.44 4.16
N GLN A 817 53.57 32.57 4.71
CA GLN A 817 54.52 33.65 4.78
C GLN A 817 55.09 33.93 6.14
N ALA A 818 54.61 33.26 7.16
CA ALA A 818 55.10 33.51 8.51
C ALA A 818 56.60 33.33 8.68
N GLU A 819 57.18 34.21 9.52
CA GLU A 819 58.57 34.20 9.85
C GLU A 819 58.73 33.86 11.34
N ALA A 820 59.69 32.96 11.52
CA ALA A 820 60.05 32.50 12.83
C ALA A 820 60.77 33.58 13.60
N ALA A 821 60.28 34.02 14.74
CA ALA A 821 60.98 35.01 15.53
C ALA A 821 61.57 34.21 16.68
N LEU A 822 62.85 34.40 16.96
CA LEU A 822 63.45 33.64 18.05
C LEU A 822 63.10 34.24 19.38
N LEU A 823 62.62 33.43 20.30
CA LEU A 823 62.32 33.95 21.58
C LEU A 823 63.38 33.51 22.58
N GLN A 824 64.01 32.34 22.34
CA GLN A 824 65.01 31.84 23.26
C GLN A 824 65.95 30.86 22.66
N CYS A 825 67.21 30.83 23.12
CA CYS A 825 68.14 29.84 22.62
C CYS A 825 69.23 29.74 23.65
N THR A 826 69.28 28.63 24.31
CA THR A 826 70.31 28.44 25.33
C THR A 826 70.96 27.11 25.20
N ALA A 827 72.16 27.05 25.80
CA ALA A 827 72.92 25.83 25.77
C ALA A 827 73.37 25.56 27.20
N ASP A 828 73.27 24.34 27.63
CA ASP A 828 73.70 23.96 28.97
C ASP A 828 74.42 22.64 28.88
N THR A 829 75.40 22.53 29.79
CA THR A 829 76.21 21.32 29.93
C THR A 829 75.68 20.46 31.07
N LEU A 830 75.29 19.23 30.73
CA LEU A 830 74.79 18.32 31.72
C LEU A 830 75.93 17.41 32.12
N ALA A 831 75.63 16.45 32.97
CA ALA A 831 76.59 15.47 33.44
C ALA A 831 77.19 14.69 32.30
N ASP A 832 76.35 14.24 31.38
CA ASP A 832 76.87 13.44 30.27
C ASP A 832 76.38 13.88 28.88
N ALA A 833 76.03 15.18 28.74
CA ALA A 833 75.47 15.69 27.48
C ALA A 833 75.39 17.20 27.42
N VAL A 834 75.09 17.67 26.21
CA VAL A 834 74.90 19.10 26.05
C VAL A 834 73.41 19.28 25.72
N LEU A 835 72.78 20.28 26.30
CA LEU A 835 71.40 20.52 26.00
C LEU A 835 71.21 21.88 25.41
N ILE A 836 70.52 21.92 24.26
CA ILE A 836 70.20 23.17 23.62
C ILE A 836 68.72 23.35 23.77
N THR A 837 68.27 24.54 24.15
CA THR A 837 66.84 24.75 24.32
C THR A 837 66.42 25.90 23.48
N THR A 838 65.34 25.74 22.70
CA THR A 838 64.91 26.91 21.94
C THR A 838 63.42 27.15 21.96
N ALA A 839 63.02 28.34 21.62
CA ALA A 839 61.60 28.64 21.49
C ALA A 839 61.50 29.67 20.38
N HIS A 840 60.53 29.49 19.47
CA HIS A 840 60.31 30.45 18.38
C HIS A 840 58.84 30.76 18.27
N ALA A 841 58.52 31.95 17.79
CA ALA A 841 57.12 32.32 17.54
C ALA A 841 56.94 32.60 16.03
N TRP A 842 55.87 32.11 15.38
CA TRP A 842 55.63 32.39 13.97
C TRP A 842 54.54 33.40 13.94
N GLN A 843 54.77 34.57 13.31
CA GLN A 843 53.73 35.55 13.33
C GLN A 843 53.49 36.04 11.93
N HIS A 844 52.36 36.69 11.84
CA HIS A 844 51.95 37.22 10.62
C HIS A 844 51.17 38.49 10.94
N GLN A 845 51.78 39.57 10.46
CA GLN A 845 51.10 40.81 10.65
C GLN A 845 50.62 41.05 12.09
N GLY A 846 51.44 40.76 13.08
CA GLY A 846 50.91 41.04 14.43
C GLY A 846 50.30 39.85 15.17
N LYS A 847 49.98 38.80 14.40
CA LYS A 847 49.41 37.60 14.94
C LYS A 847 50.42 36.48 15.16
N THR A 848 50.45 35.96 16.39
CA THR A 848 51.33 34.84 16.64
C THR A 848 50.47 33.64 16.28
N LEU A 849 50.92 32.94 15.30
CA LEU A 849 50.20 31.74 14.80
C LEU A 849 50.53 30.45 15.55
N PHE A 850 51.85 30.22 15.72
CA PHE A 850 52.33 29.01 16.37
C PHE A 850 53.57 29.35 17.19
N ILE A 851 53.81 28.57 18.25
CA ILE A 851 54.99 28.74 19.10
C ILE A 851 55.58 27.37 19.13
N SER A 852 56.91 27.24 18.86
CA SER A 852 57.64 25.95 18.85
C SER A 852 58.70 26.01 19.96
N ARG A 853 58.59 25.08 20.86
CA ARG A 853 59.56 24.98 21.94
C ARG A 853 60.27 23.65 21.82
N LYS A 854 61.60 23.66 21.81
CA LYS A 854 62.23 22.38 21.68
C LYS A 854 63.44 22.22 22.60
N THR A 855 63.92 20.99 22.70
CA THR A 855 65.16 20.69 23.38
C THR A 855 65.87 19.74 22.45
N TYR A 856 67.21 19.88 22.43
CA TYR A 856 68.02 18.97 21.67
C TYR A 856 69.03 18.51 22.69
N ARG A 857 69.10 17.25 22.90
CA ARG A 857 70.05 16.70 23.89
C ARG A 857 71.00 15.77 23.21
N ILE A 858 72.27 16.18 23.21
CA ILE A 858 73.26 15.34 22.56
C ILE A 858 74.08 14.66 23.64
N ASP A 859 74.04 13.35 23.64
CA ASP A 859 74.77 12.65 24.69
C ASP A 859 76.08 12.00 24.26
N GLY A 860 76.70 11.31 25.21
CA GLY A 860 77.98 10.67 24.95
C GLY A 860 77.93 9.55 23.90
N SER A 861 76.72 9.10 23.55
CA SER A 861 76.65 8.07 22.52
C SER A 861 76.64 8.72 21.14
N GLY A 862 76.47 10.03 21.05
CA GLY A 862 76.41 10.60 19.73
C GLY A 862 74.98 10.73 19.21
N GLN A 863 74.01 10.39 20.01
CA GLN A 863 72.66 10.55 19.51
C GLN A 863 72.17 11.88 19.90
N MET A 864 71.20 12.33 19.14
CA MET A 864 70.61 13.63 19.43
C MET A 864 69.08 13.47 19.60
N ALA A 865 68.59 13.69 20.81
CA ALA A 865 67.18 13.57 21.07
C ALA A 865 66.54 14.90 20.95
N ILE A 866 65.53 14.98 20.13
CA ILE A 866 64.88 16.27 19.97
C ILE A 866 63.44 16.18 20.44
N THR A 867 63.08 17.08 21.35
CA THR A 867 61.70 17.08 21.85
C THR A 867 61.04 18.34 21.35
N VAL A 868 59.84 18.24 20.74
CA VAL A 868 59.18 19.44 20.22
C VAL A 868 57.79 19.58 20.79
N ASP A 869 57.45 20.79 21.29
CA ASP A 869 56.11 21.14 21.83
C ASP A 869 55.62 22.35 21.13
N VAL A 870 54.50 22.19 20.40
CA VAL A 870 53.99 23.32 19.66
C VAL A 870 52.60 23.76 20.13
N GLU A 871 52.41 25.07 20.16
CA GLU A 871 51.12 25.66 20.48
C GLU A 871 50.63 26.31 19.19
N VAL A 872 49.33 26.10 18.91
CA VAL A 872 48.76 26.67 17.71
C VAL A 872 47.55 27.50 18.13
N ALA A 873 47.57 28.76 17.69
CA ALA A 873 46.47 29.64 18.04
C ALA A 873 45.14 28.99 17.65
N SER A 874 44.19 28.95 18.61
CA SER A 874 42.89 28.31 18.38
C SER A 874 42.05 29.01 17.31
N ASP A 875 42.39 30.25 17.03
CA ASP A 875 41.66 31.01 16.05
C ASP A 875 42.39 31.12 14.73
N THR A 876 43.43 30.35 14.51
CA THR A 876 44.03 30.38 13.18
C THR A 876 43.53 29.09 12.51
N PRO A 877 43.45 29.03 11.18
CA PRO A 877 43.00 27.76 10.57
C PRO A 877 43.91 26.59 10.92
N HIS A 878 43.36 25.40 11.16
CA HIS A 878 44.17 24.22 11.53
C HIS A 878 45.24 24.06 10.46
N PRO A 879 46.48 23.86 10.87
CA PRO A 879 47.57 23.76 9.91
C PRO A 879 47.66 22.42 9.24
N ALA A 880 48.29 22.45 8.07
CA ALA A 880 48.46 21.23 7.29
C ALA A 880 49.34 20.19 7.98
N ARG A 881 50.38 20.57 8.72
CA ARG A 881 51.23 19.58 9.35
C ARG A 881 51.92 20.28 10.53
N ILE A 882 52.57 19.49 11.37
CA ILE A 882 53.33 20.03 12.51
C ILE A 882 54.60 19.21 12.43
N GLY A 883 55.70 19.76 11.90
CA GLY A 883 56.85 18.81 11.75
C GLY A 883 58.11 19.64 11.53
N LEU A 884 59.14 18.96 11.13
CA LEU A 884 60.42 19.59 10.85
C LEU A 884 60.79 19.25 9.42
N ASN A 885 61.64 20.10 8.89
CA ASN A 885 62.11 19.81 7.58
C ASN A 885 63.57 20.25 7.37
N CYS A 886 64.28 19.61 6.43
CA CYS A 886 65.66 20.03 6.15
C CYS A 886 66.05 19.46 4.80
N GLN A 887 67.05 20.05 4.15
CA GLN A 887 67.50 19.50 2.91
C GLN A 887 68.83 18.80 3.27
N LEU A 888 68.85 17.49 3.22
CA LEU A 888 70.05 16.76 3.52
C LEU A 888 71.06 16.85 2.39
N ALA A 889 72.35 16.78 2.73
CA ALA A 889 73.34 16.86 1.66
C ALA A 889 73.42 15.57 0.84
N GLN A 890 73.12 14.45 1.44
CA GLN A 890 73.20 13.16 0.81
C GLN A 890 72.04 12.81 -0.13
N VAL A 891 72.40 12.07 -1.18
CA VAL A 891 71.45 11.48 -2.10
C VAL A 891 71.74 9.99 -1.97
N ALA A 892 70.83 9.16 -1.48
CA ALA A 892 71.15 7.74 -1.32
C ALA A 892 70.19 6.96 -2.21
N GLU A 893 70.62 5.76 -2.53
CA GLU A 893 69.78 5.01 -3.42
C GLU A 893 68.48 4.49 -2.82
N ARG A 894 68.49 4.14 -1.55
CA ARG A 894 67.33 3.54 -0.95
C ARG A 894 66.89 4.25 0.30
N VAL A 895 65.64 3.90 0.63
CA VAL A 895 64.97 4.34 1.84
C VAL A 895 64.37 3.10 2.57
N ASN A 896 64.72 2.93 3.84
CA ASN A 896 64.28 1.79 4.63
C ASN A 896 63.58 2.29 5.87
N TRP A 897 62.37 1.80 6.10
CA TRP A 897 61.67 2.22 7.26
C TRP A 897 60.84 1.15 7.92
N LEU A 898 60.64 1.36 9.20
CA LEU A 898 59.81 0.46 9.97
C LEU A 898 58.54 1.28 10.20
N GLY A 899 57.48 0.97 9.52
CA GLY A 899 56.29 1.75 9.65
C GLY A 899 55.28 1.30 8.60
N LEU A 900 54.27 2.13 8.32
CA LEU A 900 53.26 1.73 7.34
C LEU A 900 53.69 1.83 5.92
N GLY A 901 53.35 0.81 5.11
CA GLY A 901 53.75 0.90 3.72
C GLY A 901 53.32 -0.36 3.01
N PRO A 902 53.93 -0.60 1.84
CA PRO A 902 55.03 0.21 1.28
C PRO A 902 54.67 1.50 0.54
N GLN A 903 53.38 1.62 0.11
CA GLN A 903 52.91 2.78 -0.64
C GLN A 903 52.59 4.01 0.20
N GLU A 904 52.51 5.17 -0.50
CA GLU A 904 52.17 6.42 0.11
C GLU A 904 50.89 6.23 0.91
N ASN A 905 50.83 6.80 2.11
CA ASN A 905 49.63 6.66 2.93
C ASN A 905 49.50 7.88 3.83
N TYR A 906 48.28 8.40 4.03
CA TYR A 906 48.00 9.60 4.81
C TYR A 906 47.05 9.23 5.93
N PRO A 907 46.90 10.09 6.95
CA PRO A 907 46.12 9.66 8.11
C PRO A 907 44.70 9.16 7.81
N ASP A 908 44.08 9.77 6.80
CA ASP A 908 42.68 9.38 6.44
C ASP A 908 42.66 8.39 5.26
N ARG A 909 43.87 7.98 4.86
CA ARG A 909 43.97 7.03 3.78
C ARG A 909 45.15 6.14 4.09
N LEU A 910 45.03 5.36 5.15
CA LEU A 910 46.12 4.42 5.51
C LEU A 910 45.66 3.00 5.89
N THR A 911 44.34 2.70 5.68
CA THR A 911 43.96 1.40 6.12
C THR A 911 44.63 0.30 5.34
N ALA A 912 44.94 0.59 4.07
CA ALA A 912 45.52 -0.53 3.28
C ALA A 912 47.01 -0.81 3.57
N ALA A 913 47.66 0.20 4.17
CA ALA A 913 49.10 0.13 4.48
C ALA A 913 49.31 -0.89 5.56
N CYS A 914 50.46 -1.52 5.55
CA CYS A 914 50.70 -2.51 6.57
C CYS A 914 51.96 -2.10 7.29
N PHE A 915 52.05 -2.47 8.57
CA PHE A 915 53.25 -2.16 9.34
C PHE A 915 54.27 -3.27 9.13
N ASP A 916 55.42 -2.87 8.65
CA ASP A 916 56.46 -3.84 8.45
C ASP A 916 57.79 -3.07 8.25
N ARG A 917 58.84 -3.81 7.89
CA ARG A 917 60.08 -3.14 7.54
C ARG A 917 60.08 -3.00 6.03
N TRP A 918 60.06 -1.81 5.46
CA TRP A 918 60.02 -1.73 4.02
C TRP A 918 61.32 -1.13 3.51
N ASP A 919 61.63 -1.36 2.23
CA ASP A 919 62.87 -0.85 1.66
C ASP A 919 62.67 -0.65 0.18
N LEU A 920 62.73 0.60 -0.24
CA LEU A 920 62.50 0.94 -1.64
C LEU A 920 63.54 1.92 -2.19
N PRO A 921 63.59 2.00 -3.51
CA PRO A 921 64.44 2.98 -4.17
C PRO A 921 63.89 4.33 -3.84
N LEU A 922 64.78 5.30 -3.71
CA LEU A 922 64.33 6.63 -3.36
C LEU A 922 63.15 7.11 -4.24
N SER A 923 63.25 6.89 -5.53
CA SER A 923 62.23 7.43 -6.43
C SER A 923 60.84 6.86 -6.16
N ASP A 924 60.74 5.73 -5.51
CA ASP A 924 59.37 5.24 -5.25
C ASP A 924 58.78 5.96 -4.05
N MET A 925 59.58 6.79 -3.41
CA MET A 925 59.07 7.50 -2.24
C MET A 925 58.45 8.80 -2.73
N TYR A 926 58.37 8.97 -4.03
CA TYR A 926 57.73 10.18 -4.57
C TYR A 926 56.55 9.67 -5.43
N THR A 927 55.38 10.32 -5.38
CA THR A 927 54.27 9.88 -6.24
C THR A 927 54.12 10.94 -7.30
N PRO A 928 54.24 10.54 -8.55
CA PRO A 928 54.20 11.52 -9.61
C PRO A 928 52.80 11.92 -10.07
N TYR A 929 52.04 12.49 -9.17
CA TYR A 929 50.74 13.03 -9.56
C TYR A 929 51.00 14.07 -10.64
N VAL A 930 50.17 14.11 -11.68
CA VAL A 930 50.33 15.04 -12.79
C VAL A 930 50.39 16.49 -12.32
N PHE A 931 49.50 16.86 -11.41
CA PHE A 931 49.53 18.21 -10.84
C PHE A 931 50.28 18.00 -9.50
N PRO A 932 51.52 18.49 -9.37
CA PRO A 932 52.35 18.23 -8.19
C PRO A 932 51.81 18.83 -6.91
N SER A 933 51.92 18.05 -5.84
CA SER A 933 51.50 18.58 -4.52
C SER A 933 52.30 17.82 -3.45
N GLU A 934 52.05 18.07 -2.14
CA GLU A 934 52.61 17.23 -1.12
C GLU A 934 52.25 15.80 -1.54
N ASN A 935 53.18 14.91 -1.38
CA ASN A 935 52.95 13.52 -1.79
C ASN A 935 54.00 12.62 -1.15
N GLY A 936 53.75 11.33 -1.16
CA GLY A 936 54.71 10.32 -0.67
C GLY A 936 54.80 10.08 0.84
N LEU A 937 53.93 10.77 1.63
CA LEU A 937 54.01 10.51 3.07
C LEU A 937 53.79 9.04 3.34
N ARG A 938 54.38 8.64 4.44
CA ARG A 938 54.20 7.34 5.02
C ARG A 938 53.98 7.67 6.49
N CYS A 939 52.97 7.07 7.06
CA CYS A 939 52.61 7.30 8.46
C CYS A 939 53.00 6.17 9.38
N GLY A 940 52.76 6.33 10.69
CA GLY A 940 53.02 5.31 11.70
C GLY A 940 54.43 4.77 11.72
N THR A 941 55.38 5.62 11.43
CA THR A 941 56.77 5.14 11.34
C THR A 941 57.54 5.26 12.64
N ARG A 942 58.23 4.19 12.94
CA ARG A 942 59.01 4.14 14.18
C ARG A 942 60.48 4.32 13.92
N GLU A 943 60.92 4.02 12.71
CA GLU A 943 62.36 4.16 12.42
C GLU A 943 62.52 4.38 10.94
N LEU A 944 63.40 5.30 10.64
CA LEU A 944 63.67 5.65 9.23
C LEU A 944 65.20 5.66 9.00
N ASN A 945 65.64 5.00 7.93
CA ASN A 945 67.09 4.95 7.61
C ASN A 945 67.32 5.53 6.23
N TYR A 946 68.30 6.41 6.12
CA TYR A 946 68.59 7.05 4.82
C TYR A 946 70.08 7.38 4.83
N GLY A 947 70.85 6.69 4.00
CA GLY A 947 72.28 6.91 3.99
C GLY A 947 72.78 6.57 5.40
N PRO A 948 73.56 7.46 5.98
CA PRO A 948 74.09 7.16 7.29
C PRO A 948 73.15 7.52 8.38
N HIS A 949 72.02 8.11 8.07
CA HIS A 949 71.21 8.51 9.19
C HIS A 949 70.08 7.51 9.55
N GLN A 950 69.69 7.65 10.83
CA GLN A 950 68.55 6.92 11.33
C GLN A 950 67.79 7.87 12.24
N TRP A 951 66.47 7.93 12.04
CA TRP A 951 65.59 8.75 12.89
C TRP A 951 64.57 7.80 13.55
N ARG A 952 64.38 7.90 14.86
CA ARG A 952 63.45 7.02 15.55
C ARG A 952 62.50 7.84 16.32
N GLY A 953 61.28 7.31 16.37
CA GLY A 953 60.22 8.04 17.12
C GLY A 953 58.84 7.47 16.77
N ASP A 954 57.86 8.32 16.58
CA ASP A 954 56.51 7.90 16.19
C ASP A 954 56.04 9.02 15.28
N PHE A 955 56.32 8.94 13.98
CA PHE A 955 56.02 10.09 13.12
C PHE A 955 55.58 9.68 11.71
N GLN A 956 55.32 10.65 10.88
CA GLN A 956 55.00 10.43 9.51
C GLN A 956 56.12 11.10 8.71
N PHE A 957 56.42 10.68 7.50
CA PHE A 957 57.49 11.44 6.83
C PHE A 957 57.33 11.34 5.31
N ASN A 958 58.02 12.23 4.59
CA ASN A 958 58.18 12.11 3.13
C ASN A 958 59.65 12.45 2.80
N ILE A 959 60.20 11.90 1.70
CA ILE A 959 61.61 12.17 1.43
C ILE A 959 61.75 12.08 -0.05
N SER A 960 62.34 13.10 -0.59
CA SER A 960 62.47 13.16 -2.05
C SER A 960 63.41 14.28 -2.48
N ARG A 961 63.59 14.35 -3.77
CA ARG A 961 64.45 15.36 -4.37
C ARG A 961 63.74 16.67 -4.64
N TYR A 962 62.47 16.85 -4.20
CA TYR A 962 61.71 18.04 -4.48
C TYR A 962 61.26 18.78 -3.22
N SER A 963 61.54 20.09 -3.09
CA SER A 963 61.11 20.82 -1.88
C SER A 963 59.60 21.04 -1.99
N GLN A 964 58.94 21.24 -0.83
CA GLN A 964 57.53 21.58 -0.77
C GLN A 964 57.32 22.85 -1.62
N GLN A 965 58.27 23.78 -1.53
CA GLN A 965 58.20 25.01 -2.30
C GLN A 965 58.16 24.72 -3.79
N GLN A 966 59.08 23.90 -4.24
CA GLN A 966 59.01 23.62 -5.68
C GLN A 966 57.69 22.95 -6.06
N LEU A 967 57.27 21.98 -5.25
CA LEU A 967 56.02 21.31 -5.62
C LEU A 967 54.85 22.27 -5.64
N MET A 968 54.83 23.22 -4.75
CA MET A 968 53.74 24.09 -4.77
C MET A 968 53.88 25.11 -5.85
N GLU A 969 55.07 25.30 -6.36
CA GLU A 969 55.13 26.29 -7.39
C GLU A 969 55.10 25.69 -8.79
N THR A 970 55.01 24.38 -8.93
CA THR A 970 55.07 23.80 -10.28
C THR A 970 53.73 23.16 -10.63
N SER A 971 53.19 23.43 -11.81
CA SER A 971 51.84 22.91 -12.16
C SER A 971 51.83 21.57 -12.89
N HIS A 972 52.99 21.11 -13.37
CA HIS A 972 53.01 19.88 -14.13
C HIS A 972 54.21 19.05 -13.75
N ARG A 973 53.99 17.75 -13.54
CA ARG A 973 55.09 16.94 -13.09
C ARG A 973 56.31 16.95 -14.00
N HIS A 974 56.08 17.08 -15.29
CA HIS A 974 57.27 17.01 -16.15
C HIS A 974 58.19 18.22 -15.99
N LEU A 975 57.76 19.29 -15.33
CA LEU A 975 58.59 20.48 -15.15
C LEU A 975 59.35 20.45 -13.86
N LEU A 976 59.16 19.42 -13.06
CA LEU A 976 59.88 19.41 -11.79
C LEU A 976 61.33 19.07 -12.06
N HIS A 977 62.24 19.57 -11.21
CA HIS A 977 63.65 19.24 -11.34
C HIS A 977 64.18 18.81 -9.99
N ALA A 978 64.99 17.73 -10.04
CA ALA A 978 65.57 17.22 -8.83
C ALA A 978 66.50 18.30 -8.20
N GLU A 979 66.39 18.59 -6.91
CA GLU A 979 67.21 19.57 -6.25
C GLU A 979 68.47 18.87 -5.74
N GLU A 980 69.40 19.72 -5.28
CA GLU A 980 70.61 19.13 -4.77
C GLU A 980 70.24 18.38 -3.47
N GLY A 981 70.86 17.27 -3.19
CA GLY A 981 70.44 16.70 -1.93
C GLY A 981 69.03 16.12 -1.90
N THR A 982 68.59 15.80 -0.70
CA THR A 982 67.29 15.15 -0.50
C THR A 982 66.47 15.93 0.51
N TRP A 983 65.23 16.30 0.19
CA TRP A 983 64.39 17.01 1.11
C TRP A 983 63.63 15.99 1.95
N LEU A 984 63.79 16.20 3.24
CA LEU A 984 63.17 15.34 4.24
C LEU A 984 62.18 16.14 5.04
N ASN A 985 60.97 15.60 5.13
CA ASN A 985 59.89 16.20 5.93
C ASN A 985 59.47 15.12 6.94
N ILE A 986 59.66 15.45 8.22
CA ILE A 986 59.32 14.49 9.29
C ILE A 986 58.37 15.22 10.18
N ASP A 987 57.17 14.66 10.14
CA ASP A 987 56.05 15.25 10.85
C ASP A 987 55.65 14.48 12.06
N GLY A 988 55.36 15.25 13.11
CA GLY A 988 54.76 14.62 14.31
C GLY A 988 53.26 14.36 13.98
N PHE A 989 52.66 15.30 13.24
CA PHE A 989 51.25 15.29 12.90
C PHE A 989 51.06 15.84 11.49
N HIS A 990 50.08 15.25 10.79
CA HIS A 990 49.79 15.67 9.40
C HIS A 990 48.29 15.60 9.21
N MET A 991 47.75 16.62 8.59
CA MET A 991 46.31 16.72 8.34
C MET A 991 45.84 15.71 7.31
N GLY A 992 44.54 15.30 7.43
CA GLY A 992 44.02 14.34 6.47
C GLY A 992 44.05 14.99 5.11
N ILE A 993 43.86 14.19 4.08
CA ILE A 993 43.89 14.70 2.73
C ILE A 993 42.46 14.93 2.16
N GLY A 994 41.45 14.32 2.77
CA GLY A 994 40.12 14.53 2.24
C GLY A 994 39.89 13.84 0.87
N GLY A 995 38.74 14.25 0.24
CA GLY A 995 38.43 13.68 -1.06
C GLY A 995 36.96 13.25 -1.25
N ASP A 996 36.07 13.46 -0.26
CA ASP A 996 34.67 13.12 -0.47
C ASP A 996 34.28 13.93 -1.67
N ASP A 997 34.92 15.07 -1.88
CA ASP A 997 34.75 15.81 -3.12
C ASP A 997 35.99 16.67 -3.31
N SER A 998 36.16 17.34 -4.44
CA SER A 998 37.38 18.16 -4.60
C SER A 998 37.01 19.65 -4.81
N TRP A 999 35.89 20.08 -4.19
CA TRP A 999 35.52 21.49 -4.38
C TRP A 999 34.96 22.11 -3.14
N SER A 1000 34.89 21.37 -2.03
CA SER A 1000 34.45 21.87 -0.72
C SER A 1000 35.30 21.21 0.36
N PRO A 1001 35.83 21.92 1.37
CA PRO A 1001 36.63 21.27 2.41
C PRO A 1001 36.01 19.95 2.80
N SER A 1002 36.80 18.88 2.72
CA SER A 1002 36.28 17.52 2.96
C SER A 1002 37.04 16.72 3.99
N VAL A 1003 38.04 17.36 4.63
CA VAL A 1003 38.80 16.65 5.70
C VAL A 1003 37.91 16.62 6.95
N SER A 1004 37.66 15.38 7.36
CA SER A 1004 36.81 15.13 8.51
C SER A 1004 37.42 15.75 9.78
N ALA A 1005 36.60 16.18 10.71
CA ALA A 1005 37.09 16.87 11.90
C ALA A 1005 38.15 16.09 12.65
N GLU A 1006 37.98 14.79 12.69
CA GLU A 1006 38.90 13.98 13.45
C GLU A 1006 40.31 13.88 12.83
N PHE A 1007 40.41 14.35 11.60
CA PHE A 1007 41.72 14.35 10.90
C PHE A 1007 42.28 15.77 10.75
N GLN A 1008 41.67 16.73 11.41
CA GLN A 1008 42.17 18.11 11.37
C GLN A 1008 43.03 18.31 12.61
N LEU A 1009 44.09 19.13 12.52
CA LEU A 1009 45.00 19.30 13.61
C LEU A 1009 44.43 20.40 14.45
N SER A 1010 43.42 20.09 15.24
CA SER A 1010 42.82 21.17 16.00
C SER A 1010 43.09 21.06 17.52
N ALA A 1011 44.05 20.21 17.93
CA ALA A 1011 44.27 20.03 19.37
C ALA A 1011 44.79 21.26 20.09
N GLY A 1012 45.42 22.20 19.37
CA GLY A 1012 45.89 23.37 20.14
C GLY A 1012 47.36 23.28 20.64
N ARG A 1013 47.69 22.13 21.23
CA ARG A 1013 49.03 21.82 21.73
C ARG A 1013 49.46 20.46 21.15
N TYR A 1014 50.67 20.31 20.62
CA TYR A 1014 51.14 19.06 20.05
C TYR A 1014 52.56 18.80 20.49
N HIS A 1015 52.81 17.55 20.75
CA HIS A 1015 54.09 17.09 21.20
C HIS A 1015 54.58 15.94 20.37
N TYR A 1016 55.87 16.03 20.01
CA TYR A 1016 56.53 14.93 19.34
C TYR A 1016 58.01 14.87 19.70
N GLN A 1017 58.59 13.68 19.52
CA GLN A 1017 59.99 13.51 19.86
C GLN A 1017 60.66 12.56 18.88
N LEU A 1018 61.91 12.85 18.51
CA LEU A 1018 62.73 12.07 17.59
C LEU A 1018 64.14 11.95 18.14
N VAL A 1019 64.75 10.82 17.83
CA VAL A 1019 66.15 10.63 18.13
C VAL A 1019 66.84 10.49 16.78
N TRP A 1020 67.88 11.28 16.53
CA TRP A 1020 68.56 11.15 15.27
C TRP A 1020 69.91 10.64 15.65
N CYS A 1021 70.29 9.56 15.01
CA CYS A 1021 71.60 9.04 15.29
C CYS A 1021 72.22 8.56 14.00
N GLN A 1022 73.45 8.14 14.05
CA GLN A 1022 74.09 7.67 12.85
C GLN A 1022 74.39 6.19 12.96
N LYS A 1023 74.49 5.56 11.81
CA LYS A 1023 74.82 4.15 11.75
C LYS A 1023 75.65 3.90 10.49
N ARG B 13 -11.22 -21.23 49.03
CA ARG B 13 -10.97 -20.81 47.67
C ARG B 13 -9.58 -20.44 47.14
N ARG B 14 -8.63 -19.93 47.91
CA ARG B 14 -7.28 -19.57 47.37
C ARG B 14 -7.33 -18.76 46.09
N ASP B 15 -8.15 -17.72 46.13
CA ASP B 15 -8.31 -16.93 44.92
C ASP B 15 -7.03 -16.25 44.45
N TRP B 16 -6.07 -16.13 45.37
CA TRP B 16 -4.78 -15.51 45.07
C TRP B 16 -3.74 -16.44 44.45
N GLU B 17 -4.16 -17.61 44.00
CA GLU B 17 -3.31 -18.55 43.26
C GLU B 17 -4.20 -19.02 42.07
N ASN B 18 -4.89 -18.09 41.40
CA ASN B 18 -5.77 -18.39 40.27
C ASN B 18 -5.93 -17.16 39.42
N PRO B 19 -5.20 -17.19 38.32
CA PRO B 19 -5.20 -16.06 37.40
C PRO B 19 -6.56 -15.88 36.78
N GLY B 20 -7.45 -16.89 36.95
CA GLY B 20 -8.81 -16.87 36.41
C GLY B 20 -9.71 -16.01 37.29
N VAL B 21 -9.22 -15.71 38.49
CA VAL B 21 -9.99 -14.87 39.43
C VAL B 21 -9.16 -13.67 39.77
N THR B 22 -9.47 -12.54 39.13
CA THR B 22 -8.72 -11.36 39.40
C THR B 22 -9.47 -10.41 40.31
N GLN B 23 -10.70 -10.80 40.57
CA GLN B 23 -11.50 -9.96 41.42
C GLN B 23 -12.81 -10.67 41.65
N LEU B 24 -13.56 -10.19 42.67
CA LEU B 24 -14.88 -10.73 42.94
C LEU B 24 -15.68 -9.55 43.40
N ASN B 25 -16.87 -9.33 42.82
CA ASN B 25 -17.77 -8.23 43.22
C ASN B 25 -17.19 -6.81 42.98
N ARG B 26 -16.10 -6.67 42.20
CA ARG B 26 -15.50 -5.38 41.95
C ARG B 26 -16.37 -4.59 40.93
N LEU B 27 -16.58 -3.29 41.10
CA LEU B 27 -17.40 -2.48 40.18
C LEU B 27 -16.59 -2.13 38.91
N ALA B 28 -17.26 -1.79 37.86
CA ALA B 28 -16.54 -1.42 36.66
C ALA B 28 -15.63 -0.21 36.87
N ALA B 29 -14.56 -0.16 36.09
CA ALA B 29 -13.64 0.96 36.08
C ALA B 29 -14.24 2.13 35.23
N HIS B 30 -13.78 3.36 35.51
CA HIS B 30 -14.32 4.59 34.89
C HIS B 30 -13.38 5.73 35.25
N PRO B 31 -13.61 6.90 34.64
CA PRO B 31 -12.72 8.01 34.86
C PRO B 31 -13.01 8.57 36.25
N PRO B 32 -12.08 9.42 36.70
CA PRO B 32 -12.24 10.03 38.04
C PRO B 32 -13.61 10.67 38.22
N PHE B 33 -14.30 10.24 39.30
CA PHE B 33 -15.60 10.78 39.67
C PHE B 33 -15.50 11.45 41.02
N ALA B 34 -16.45 12.33 41.26
CA ALA B 34 -16.60 13.04 42.52
C ALA B 34 -18.08 13.20 42.90
N SER B 35 -19.03 12.87 41.99
CA SER B 35 -20.50 13.08 42.21
C SER B 35 -20.84 14.47 42.84
N TRP B 36 -20.39 15.57 42.20
CA TRP B 36 -20.79 16.86 42.73
C TRP B 36 -22.32 16.95 42.56
N ARG B 37 -22.92 17.73 43.43
CA ARG B 37 -24.36 17.94 43.33
C ARG B 37 -24.58 19.44 43.11
N ASN B 38 -23.55 20.11 42.62
CA ASN B 38 -23.57 21.53 42.27
C ASN B 38 -22.63 21.65 41.06
N SER B 39 -23.16 22.17 39.97
CA SER B 39 -22.38 22.25 38.72
C SER B 39 -21.17 23.13 38.80
N GLU B 40 -21.34 24.26 39.50
CA GLU B 40 -20.23 25.21 39.61
C GLU B 40 -19.02 24.63 40.38
N GLU B 41 -19.33 23.78 41.37
CA GLU B 41 -18.25 23.15 42.14
C GLU B 41 -17.49 22.21 41.21
N ALA B 42 -18.30 21.60 40.31
CA ALA B 42 -17.72 20.66 39.34
C ALA B 42 -16.85 21.44 38.37
N ARG B 43 -17.39 22.60 37.98
CA ARG B 43 -16.61 23.40 37.03
C ARG B 43 -15.31 23.81 37.62
N THR B 44 -15.33 24.18 38.90
CA THR B 44 -14.13 24.71 39.57
C THR B 44 -13.20 23.65 40.18
N ASP B 45 -13.63 22.37 40.08
CA ASP B 45 -12.83 21.29 40.58
C ASP B 45 -12.68 21.36 42.09
N ARG B 46 -13.67 21.92 42.78
CA ARG B 46 -13.54 21.98 44.21
C ARG B 46 -13.92 20.73 44.88
N PRO B 47 -13.55 20.67 46.14
CA PRO B 47 -13.79 19.46 46.94
C PRO B 47 -15.27 19.10 46.96
N SER B 48 -15.51 17.78 46.90
CA SER B 48 -16.89 17.33 46.82
C SER B 48 -17.30 16.70 48.11
N GLN B 49 -18.47 17.12 48.55
CA GLN B 49 -19.02 16.57 49.76
C GLN B 49 -19.37 15.11 49.63
N GLN B 50 -19.47 14.62 48.42
CA GLN B 50 -19.81 13.22 48.22
C GLN B 50 -18.56 12.34 48.04
N LEU B 51 -17.42 12.92 48.23
CA LEU B 51 -16.24 12.09 48.06
C LEU B 51 -15.41 12.27 49.32
N ARG B 52 -15.40 11.29 50.19
CA ARG B 52 -14.68 11.38 51.48
C ARG B 52 -13.39 10.59 51.53
N SER B 53 -12.33 11.15 52.13
CA SER B 53 -11.10 10.40 52.29
C SER B 53 -11.18 9.52 53.52
N LEU B 54 -10.75 8.27 53.45
CA LEU B 54 -10.70 7.43 54.64
C LEU B 54 -9.21 7.28 55.03
N ASN B 55 -8.37 8.15 54.48
CA ASN B 55 -6.94 8.11 54.79
C ASN B 55 -6.77 8.59 56.24
N GLY B 56 -5.75 8.09 56.91
CA GLY B 56 -5.44 8.53 58.26
C GLY B 56 -5.05 7.36 59.12
N GLU B 57 -5.51 7.38 60.35
CA GLU B 57 -5.15 6.30 61.25
C GLU B 57 -6.00 5.05 61.17
N TRP B 58 -5.37 3.91 60.87
CA TRP B 58 -6.06 2.63 60.79
C TRP B 58 -5.44 1.72 61.87
N ARG B 59 -5.95 0.51 62.00
CA ARG B 59 -5.40 -0.55 62.87
C ARG B 59 -4.71 -1.56 61.91
N PHE B 60 -3.60 -2.13 62.33
CA PHE B 60 -2.90 -3.06 61.46
C PHE B 60 -2.21 -4.15 62.27
N ALA B 61 -2.22 -5.34 61.69
CA ALA B 61 -1.52 -6.44 62.32
C ALA B 61 -0.91 -7.24 61.19
N TRP B 62 0.35 -7.67 61.41
CA TRP B 62 1.04 -8.51 60.43
C TRP B 62 0.95 -10.02 60.79
N PHE B 63 0.71 -10.87 59.80
CA PHE B 63 0.67 -12.35 59.94
C PHE B 63 1.56 -13.00 58.88
N PRO B 64 2.10 -14.14 59.21
CA PRO B 64 3.02 -14.78 58.26
C PRO B 64 2.36 -15.49 57.07
N ALA B 65 1.04 -15.66 57.14
CA ALA B 65 0.26 -16.34 56.12
C ALA B 65 -1.20 -16.07 56.41
N PRO B 66 -2.04 -16.11 55.39
CA PRO B 66 -3.45 -15.84 55.62
C PRO B 66 -4.07 -16.87 56.58
N GLU B 67 -3.50 -18.08 56.57
CA GLU B 67 -4.05 -19.10 57.48
C GLU B 67 -3.93 -18.79 58.98
N ALA B 68 -3.10 -17.84 59.30
CA ALA B 68 -2.82 -17.54 60.66
C ALA B 68 -3.72 -16.46 61.13
N VAL B 69 -4.56 -15.98 60.26
CA VAL B 69 -5.41 -14.88 60.65
C VAL B 69 -6.58 -15.35 61.48
N PRO B 70 -6.74 -14.80 62.68
CA PRO B 70 -7.87 -15.21 63.52
C PRO B 70 -9.20 -14.77 62.98
N GLU B 71 -10.19 -15.67 63.08
CA GLU B 71 -11.53 -15.33 62.60
C GLU B 71 -12.21 -14.19 63.37
N SER B 72 -11.79 -14.06 64.65
CA SER B 72 -12.30 -12.97 65.50
C SER B 72 -12.06 -11.57 64.88
N TRP B 73 -10.92 -11.46 64.15
CA TRP B 73 -10.52 -10.24 63.48
C TRP B 73 -11.61 -9.70 62.56
N LEU B 74 -12.43 -10.62 62.04
CA LEU B 74 -13.48 -10.09 61.20
C LEU B 74 -14.51 -9.27 61.95
N GLU B 75 -14.75 -9.65 63.19
CA GLU B 75 -15.75 -8.99 64.02
C GLU B 75 -15.15 -7.90 64.87
N CYS B 76 -13.92 -8.13 65.32
CA CYS B 76 -13.41 -7.02 66.11
C CYS B 76 -11.91 -6.90 66.16
N ASP B 77 -11.52 -5.69 66.52
CA ASP B 77 -10.16 -5.32 66.56
C ASP B 77 -9.31 -6.29 67.35
N LEU B 78 -8.13 -6.54 66.85
CA LEU B 78 -7.23 -7.38 67.58
C LEU B 78 -6.46 -6.43 68.48
N PRO B 79 -6.40 -6.84 69.74
CA PRO B 79 -5.73 -6.09 70.80
C PRO B 79 -4.23 -5.88 70.52
N GLU B 80 -3.65 -6.90 69.89
CA GLU B 80 -2.26 -6.82 69.51
C GLU B 80 -2.12 -5.92 68.31
N ALA B 81 -3.18 -5.56 67.60
CA ALA B 81 -2.84 -4.69 66.47
C ALA B 81 -2.21 -3.35 66.87
N ASP B 82 -1.56 -2.66 65.95
CA ASP B 82 -1.06 -1.32 66.19
C ASP B 82 -1.91 -0.33 65.37
N THR B 83 -1.74 0.92 65.67
CA THR B 83 -2.38 2.01 64.97
C THR B 83 -1.35 2.65 64.04
N VAL B 84 -1.58 2.65 62.74
CA VAL B 84 -0.60 3.18 61.81
C VAL B 84 -1.25 4.08 60.79
N VAL B 85 -0.44 4.83 60.09
CA VAL B 85 -1.05 5.65 59.03
C VAL B 85 -1.19 4.83 57.71
N VAL B 86 -2.31 5.08 57.03
CA VAL B 86 -2.73 4.58 55.70
C VAL B 86 -3.00 5.84 54.81
N PRO B 87 -2.50 5.90 53.56
CA PRO B 87 -1.75 4.83 52.89
C PRO B 87 -0.31 4.71 53.42
N SER B 88 0.21 3.48 53.29
CA SER B 88 1.56 3.14 53.64
C SER B 88 1.87 1.75 53.05
N ASN B 89 3.19 1.44 53.04
CA ASN B 89 3.68 0.09 52.64
C ASN B 89 4.15 -0.43 54.00
N TRP B 90 3.71 -1.65 54.34
CA TRP B 90 4.05 -2.07 55.68
C TRP B 90 5.53 -2.27 55.96
N GLN B 91 6.33 -2.42 54.89
CA GLN B 91 7.76 -2.56 55.04
C GLN B 91 8.31 -1.25 55.62
N MET B 92 7.66 -0.14 55.32
CA MET B 92 8.18 1.13 55.74
C MET B 92 7.90 1.35 57.22
N HIS B 93 7.05 0.50 57.84
CA HIS B 93 6.72 0.57 59.27
C HIS B 93 7.57 -0.45 60.07
N GLY B 94 8.41 -1.18 59.32
CA GLY B 94 9.34 -2.14 59.82
C GLY B 94 8.70 -3.50 60.06
N TYR B 95 7.49 -3.76 59.51
CA TYR B 95 6.91 -5.09 59.80
C TYR B 95 7.55 -6.29 59.15
N ASP B 96 8.14 -6.07 57.99
CA ASP B 96 8.87 -7.07 57.28
C ASP B 96 9.81 -6.31 56.36
N ALA B 97 10.74 -6.97 55.69
CA ALA B 97 11.72 -6.23 54.87
C ALA B 97 11.28 -6.05 53.44
N PRO B 98 11.55 -4.89 52.92
CA PRO B 98 11.25 -4.66 51.51
C PRO B 98 12.36 -5.44 50.74
N ILE B 99 12.11 -5.95 49.51
CA ILE B 99 13.15 -6.69 48.84
C ILE B 99 13.56 -5.99 47.52
N TYR B 100 14.87 -5.87 47.24
CA TYR B 100 15.29 -5.27 45.96
C TYR B 100 15.87 -6.37 45.05
N THR B 101 15.04 -6.79 44.11
CA THR B 101 15.52 -7.80 43.16
C THR B 101 15.15 -7.14 41.81
N ASN B 102 16.01 -7.25 40.80
CA ASN B 102 15.71 -6.65 39.50
C ASN B 102 14.80 -7.57 38.63
N VAL B 103 15.40 -8.62 38.05
CA VAL B 103 14.68 -9.54 37.13
C VAL B 103 14.14 -10.82 37.82
N THR B 104 15.06 -11.50 38.54
CA THR B 104 14.66 -12.74 39.24
C THR B 104 13.47 -12.44 40.18
N TYR B 105 12.36 -13.23 40.02
CA TYR B 105 11.18 -13.01 40.87
C TYR B 105 11.60 -13.24 42.30
N PRO B 106 10.93 -12.54 43.18
CA PRO B 106 11.20 -12.62 44.63
C PRO B 106 10.60 -13.85 45.24
N ILE B 107 9.86 -14.61 44.42
CA ILE B 107 9.33 -15.85 44.90
C ILE B 107 9.68 -16.94 43.93
N THR B 108 9.60 -18.18 44.39
CA THR B 108 9.87 -19.27 43.45
C THR B 108 8.95 -19.20 42.23
N VAL B 109 9.46 -19.42 41.02
CA VAL B 109 8.66 -19.36 39.82
C VAL B 109 7.92 -20.68 39.64
N ASN B 110 6.65 -20.70 40.02
CA ASN B 110 5.84 -21.88 39.84
C ASN B 110 4.38 -21.40 39.70
N PRO B 111 4.11 -20.72 38.60
CA PRO B 111 2.79 -20.13 38.38
C PRO B 111 1.71 -21.18 38.36
N PRO B 112 0.58 -20.88 38.96
CA PRO B 112 0.28 -19.58 39.55
C PRO B 112 0.37 -19.58 41.05
N PHE B 113 1.13 -20.49 41.63
CA PHE B 113 1.20 -20.57 43.07
C PHE B 113 2.22 -19.62 43.64
N VAL B 114 1.93 -19.30 44.89
CA VAL B 114 2.78 -18.40 45.71
C VAL B 114 3.23 -19.11 46.97
N PRO B 115 4.23 -18.56 47.63
CA PRO B 115 4.77 -19.24 48.81
C PRO B 115 3.69 -19.44 49.86
N THR B 116 3.78 -20.53 50.66
CA THR B 116 2.76 -20.73 51.71
C THR B 116 3.01 -19.69 52.79
N GLU B 117 4.29 -19.38 53.03
CA GLU B 117 4.54 -18.30 53.96
C GLU B 117 4.40 -17.03 53.12
N ASN B 118 3.25 -16.38 53.30
CA ASN B 118 2.90 -15.23 52.52
C ASN B 118 2.42 -14.13 53.42
N PRO B 119 3.32 -13.20 53.67
CA PRO B 119 3.03 -12.10 54.56
C PRO B 119 1.70 -11.50 54.31
N THR B 120 0.92 -11.38 55.36
CA THR B 120 -0.45 -10.87 55.26
C THR B 120 -0.68 -9.71 56.16
N GLY B 121 -1.13 -8.63 55.58
CA GLY B 121 -1.33 -7.44 56.43
C GLY B 121 -2.81 -7.29 56.67
N CYS B 122 -3.21 -7.28 57.95
CA CYS B 122 -4.62 -7.15 58.31
C CYS B 122 -4.92 -5.74 58.73
N TYR B 123 -5.53 -5.00 57.85
CA TYR B 123 -5.86 -3.64 58.23
C TYR B 123 -7.34 -3.54 58.58
N SER B 124 -7.67 -2.56 59.44
CA SER B 124 -9.08 -2.39 59.82
C SER B 124 -9.33 -0.96 60.19
N LEU B 125 -10.57 -0.56 60.05
CA LEU B 125 -10.87 0.80 60.36
C LEU B 125 -12.28 0.94 60.92
N THR B 126 -12.42 1.67 62.02
CA THR B 126 -13.75 1.87 62.57
C THR B 126 -14.11 3.28 62.25
N PHE B 127 -15.26 3.46 61.62
CA PHE B 127 -15.57 4.83 61.24
C PHE B 127 -17.07 4.99 61.15
N ASN B 128 -17.47 6.23 61.03
CA ASN B 128 -18.86 6.61 60.97
C ASN B 128 -19.37 6.89 59.60
N VAL B 129 -20.64 6.54 59.44
CA VAL B 129 -21.31 6.80 58.20
C VAL B 129 -22.64 7.44 58.53
N ASP B 130 -22.95 8.55 57.87
CA ASP B 130 -24.25 9.27 58.04
C ASP B 130 -25.43 8.57 57.36
N GLU B 131 -26.60 8.53 57.95
CA GLU B 131 -27.72 7.89 57.30
C GLU B 131 -28.04 8.52 55.97
N SER B 132 -27.77 9.82 55.90
CA SER B 132 -28.17 10.45 54.64
C SER B 132 -27.61 9.71 53.45
N TRP B 133 -26.39 9.14 53.62
CA TRP B 133 -25.66 8.39 52.56
C TRP B 133 -26.29 7.01 52.28
N LEU B 134 -26.99 6.53 53.30
CA LEU B 134 -27.57 5.24 53.20
C LEU B 134 -29.02 5.31 52.87
N GLN B 135 -29.65 6.41 53.19
CA GLN B 135 -31.07 6.45 52.95
C GLN B 135 -31.43 6.42 51.47
N GLU B 136 -30.49 6.85 50.62
CA GLU B 136 -30.74 6.89 49.18
C GLU B 136 -29.39 6.78 48.47
N GLY B 137 -29.40 6.40 47.19
CA GLY B 137 -28.14 6.34 46.46
C GLY B 137 -27.25 5.17 46.84
N GLN B 138 -26.03 5.25 46.29
CA GLN B 138 -25.05 4.16 46.40
C GLN B 138 -23.78 4.63 47.06
N THR B 139 -23.33 3.90 48.05
CA THR B 139 -22.09 4.32 48.67
C THR B 139 -21.05 3.27 48.32
N ARG B 140 -19.97 3.68 47.68
CA ARG B 140 -18.95 2.69 47.36
C ARG B 140 -17.64 3.05 48.04
N ILE B 141 -16.79 2.03 48.18
CA ILE B 141 -15.46 2.31 48.72
C ILE B 141 -14.48 2.12 47.58
N ILE B 142 -13.46 2.97 47.60
CA ILE B 142 -12.47 2.90 46.55
C ILE B 142 -11.07 2.80 47.16
N PHE B 143 -10.35 1.75 46.74
CA PHE B 143 -8.96 1.50 47.15
C PHE B 143 -8.11 1.84 45.97
N ASP B 144 -7.45 3.00 45.97
CA ASP B 144 -6.68 3.36 44.76
C ASP B 144 -5.51 2.45 44.52
N GLY B 145 -5.05 1.75 45.56
CA GLY B 145 -3.87 0.93 45.36
C GLY B 145 -3.64 0.03 46.56
N VAL B 146 -3.71 -1.28 46.26
CA VAL B 146 -3.52 -2.36 47.23
C VAL B 146 -2.55 -3.37 46.64
N ASN B 147 -1.40 -3.54 47.31
CA ASN B 147 -0.33 -4.41 46.78
C ASN B 147 -0.16 -5.66 47.66
N SER B 148 -0.45 -6.88 47.13
CA SER B 148 -0.78 -7.13 45.71
C SER B 148 -2.20 -7.66 45.49
N ALA B 149 -2.88 -8.11 46.54
CA ALA B 149 -4.20 -8.62 46.37
C ALA B 149 -4.89 -8.52 47.74
N PHE B 150 -6.22 -8.50 47.71
CA PHE B 150 -6.91 -8.41 49.00
C PHE B 150 -8.38 -8.87 49.00
N HIS B 151 -8.84 -9.27 50.21
CA HIS B 151 -10.22 -9.58 50.56
C HIS B 151 -10.69 -8.45 51.45
N LEU B 152 -11.95 -8.09 51.27
CA LEU B 152 -12.63 -7.02 52.01
C LEU B 152 -13.92 -7.51 52.68
N TRP B 153 -14.01 -7.18 53.96
CA TRP B 153 -15.20 -7.45 54.74
C TRP B 153 -15.66 -6.10 55.27
N CYS B 154 -16.98 -5.93 55.45
CA CYS B 154 -17.57 -4.71 56.00
C CYS B 154 -18.59 -5.17 57.06
N ASN B 155 -18.40 -4.71 58.32
CA ASN B 155 -19.25 -5.16 59.43
C ASN B 155 -19.28 -6.71 59.57
N GLY B 156 -18.12 -7.33 59.34
CA GLY B 156 -17.99 -8.80 59.46
C GLY B 156 -18.51 -9.63 58.30
N ARG B 157 -19.13 -8.97 57.33
CA ARG B 157 -19.64 -9.69 56.17
C ARG B 157 -18.67 -9.45 54.94
N TRP B 158 -18.43 -10.56 54.20
CA TRP B 158 -17.51 -10.55 53.09
C TRP B 158 -18.08 -9.78 51.93
N VAL B 159 -17.27 -8.87 51.37
CA VAL B 159 -17.69 -8.00 50.28
C VAL B 159 -17.11 -8.42 48.94
N GLY B 160 -15.77 -8.59 48.91
CA GLY B 160 -15.20 -8.90 47.59
C GLY B 160 -13.69 -9.04 47.66
N TYR B 161 -13.07 -9.10 46.49
CA TYR B 161 -11.63 -9.37 46.37
C TYR B 161 -11.11 -8.59 45.13
N GLY B 162 -9.81 -8.24 45.16
CA GLY B 162 -9.24 -7.51 44.02
C GLY B 162 -7.76 -7.75 43.83
N GLN B 163 -7.31 -7.65 42.62
CA GLN B 163 -5.93 -7.74 42.20
C GLN B 163 -5.59 -6.53 41.27
N ASP B 164 -4.31 -6.44 40.89
CA ASP B 164 -3.70 -5.33 40.16
C ASP B 164 -3.39 -4.26 41.19
N SER B 165 -2.14 -4.22 41.64
CA SER B 165 -1.74 -3.27 42.68
C SER B 165 -1.77 -1.82 42.28
N ARG B 166 -1.94 -1.55 40.97
CA ARG B 166 -1.78 -0.18 40.43
C ARG B 166 -2.99 0.56 39.87
N LEU B 167 -4.19 -0.01 40.06
CA LEU B 167 -5.41 0.57 39.59
C LEU B 167 -6.38 0.46 40.75
N PRO B 168 -7.34 1.36 40.77
CA PRO B 168 -8.31 1.34 41.86
C PRO B 168 -9.25 0.18 41.79
N SER B 169 -9.64 -0.38 42.96
CA SER B 169 -10.64 -1.44 43.05
C SER B 169 -11.78 -0.80 43.86
N GLU B 170 -13.01 -0.88 43.39
CA GLU B 170 -14.15 -0.29 44.05
C GLU B 170 -15.22 -1.32 44.25
N PHE B 171 -15.94 -1.19 45.35
CA PHE B 171 -16.99 -2.15 45.74
C PHE B 171 -18.19 -1.39 46.35
N ASP B 172 -19.36 -1.84 45.95
CA ASP B 172 -20.58 -1.25 46.45
C ASP B 172 -20.82 -1.68 47.91
N LEU B 173 -20.78 -0.75 48.87
CA LEU B 173 -21.01 -1.12 50.30
C LEU B 173 -22.42 -0.76 50.81
N SER B 174 -23.24 -0.28 49.89
CA SER B 174 -24.56 0.19 50.23
C SER B 174 -25.32 -0.76 51.14
N ALA B 175 -25.32 -2.03 50.80
CA ALA B 175 -26.10 -2.93 51.62
C ALA B 175 -25.36 -3.41 52.86
N PHE B 176 -24.08 -3.08 53.01
CA PHE B 176 -23.31 -3.54 54.16
C PHE B 176 -23.16 -2.51 55.27
N LEU B 177 -23.39 -1.24 54.95
CA LEU B 177 -23.16 -0.26 56.01
C LEU B 177 -24.41 -0.01 56.85
N ARG B 178 -24.25 0.59 58.02
CA ARG B 178 -25.40 0.96 58.86
C ARG B 178 -25.09 2.36 59.37
N ALA B 179 -26.14 3.10 59.70
CA ALA B 179 -25.85 4.43 60.21
C ALA B 179 -25.03 4.34 61.52
N GLY B 180 -24.07 5.26 61.73
CA GLY B 180 -23.25 5.18 62.93
C GLY B 180 -21.88 4.58 62.63
N GLU B 181 -21.39 3.85 63.63
CA GLU B 181 -20.07 3.26 63.51
C GLU B 181 -20.05 1.99 62.67
N ASN B 182 -19.03 1.85 61.86
CA ASN B 182 -18.90 0.67 61.02
C ASN B 182 -17.41 0.32 61.07
N ARG B 183 -17.21 -0.95 60.75
CA ARG B 183 -15.87 -1.48 60.73
C ARG B 183 -15.52 -2.14 59.38
N LEU B 184 -14.39 -1.68 58.78
CA LEU B 184 -13.89 -2.32 57.57
C LEU B 184 -12.77 -3.28 57.98
N ALA B 185 -12.65 -4.46 57.33
CA ALA B 185 -11.49 -5.38 57.56
C ALA B 185 -10.88 -5.69 56.17
N VAL B 186 -9.57 -5.51 55.98
CA VAL B 186 -8.99 -5.77 54.67
C VAL B 186 -7.79 -6.67 54.87
N MET B 187 -7.81 -7.81 54.23
CA MET B 187 -6.64 -8.70 54.41
C MET B 187 -5.85 -8.56 53.11
N VAL B 188 -4.64 -8.04 53.25
CA VAL B 188 -3.79 -7.83 52.08
C VAL B 188 -2.72 -8.89 51.97
N LEU B 189 -2.67 -9.59 50.83
CA LEU B 189 -1.67 -10.63 50.59
C LEU B 189 -0.51 -10.05 49.91
N ARG B 190 0.67 -10.28 50.48
CA ARG B 190 1.85 -9.74 49.81
C ARG B 190 1.97 -10.36 48.42
N TRP B 191 1.82 -11.70 48.36
CA TRP B 191 1.99 -12.40 47.10
C TRP B 191 0.69 -12.98 46.61
N SER B 192 0.52 -13.00 45.26
CA SER B 192 -0.69 -13.55 44.64
C SER B 192 -0.35 -13.88 43.19
N ASP B 193 -1.22 -14.52 42.43
CA ASP B 193 -0.91 -14.79 41.02
C ASP B 193 -0.69 -13.42 40.32
N GLY B 194 -1.20 -12.33 40.90
CA GLY B 194 -0.95 -11.00 40.34
C GLY B 194 0.54 -10.68 40.32
N SER B 195 1.30 -11.21 41.29
CA SER B 195 2.71 -10.94 41.36
C SER B 195 3.45 -11.40 40.12
N TYR B 196 2.95 -12.41 39.43
CA TYR B 196 3.67 -12.88 38.25
C TYR B 196 3.63 -11.84 37.16
N LEU B 197 2.71 -10.90 37.28
CA LEU B 197 2.59 -9.81 36.29
C LEU B 197 3.20 -8.47 36.82
N GLU B 198 3.90 -8.56 38.01
CA GLU B 198 4.45 -7.37 38.63
C GLU B 198 5.91 -7.53 38.96
N ASP B 199 6.66 -7.92 37.95
CA ASP B 199 8.09 -8.13 38.19
C ASP B 199 8.96 -6.94 37.81
N GLN B 200 8.44 -5.73 38.05
CA GLN B 200 9.22 -4.57 37.76
C GLN B 200 10.48 -4.47 38.63
N ASP B 201 11.58 -3.92 38.00
CA ASP B 201 12.87 -3.71 38.68
C ASP B 201 12.72 -2.58 39.69
N MET B 202 12.27 -2.89 40.92
CA MET B 202 12.02 -1.84 41.93
C MET B 202 11.88 -2.59 43.26
N TRP B 203 11.82 -1.86 44.35
CA TRP B 203 11.61 -2.54 45.64
C TRP B 203 10.30 -3.28 45.60
N ARG B 204 10.31 -4.47 46.18
CA ARG B 204 9.11 -5.28 46.31
C ARG B 204 8.58 -5.05 47.72
N MET B 205 7.42 -4.38 47.76
CA MET B 205 6.75 -3.97 48.98
C MET B 205 5.32 -4.39 48.95
N SER B 206 4.53 -4.02 50.00
CA SER B 206 3.11 -4.41 49.93
C SER B 206 2.30 -3.52 50.85
N GLY B 207 0.96 -3.64 50.72
CA GLY B 207 0.10 -2.86 51.63
C GLY B 207 -0.94 -1.98 50.92
N ILE B 208 -1.67 -1.17 51.70
CA ILE B 208 -2.67 -0.23 51.20
C ILE B 208 -1.88 1.07 51.07
N PHE B 209 -1.32 1.26 49.87
CA PHE B 209 -0.35 2.35 49.58
C PHE B 209 -0.76 3.58 48.83
N ARG B 210 -2.01 3.55 48.40
CA ARG B 210 -2.61 4.69 47.75
C ARG B 210 -3.92 4.93 48.50
N ASP B 211 -4.55 6.03 48.20
CA ASP B 211 -5.73 6.44 48.90
C ASP B 211 -6.88 5.48 48.99
N VAL B 212 -7.61 5.67 50.12
CA VAL B 212 -8.88 4.94 50.38
C VAL B 212 -9.97 6.01 50.50
N SER B 213 -11.09 5.83 49.81
CA SER B 213 -12.15 6.84 49.87
C SER B 213 -13.51 6.20 49.76
N LEU B 214 -14.53 7.00 50.12
CA LEU B 214 -15.93 6.62 50.00
C LEU B 214 -16.54 7.60 49.01
N LEU B 215 -17.30 7.04 48.08
CA LEU B 215 -17.97 7.86 47.07
C LEU B 215 -19.44 7.58 47.06
N HIS B 216 -20.22 8.67 47.22
CA HIS B 216 -21.64 8.53 47.18
C HIS B 216 -22.16 8.97 45.81
N LYS B 217 -22.92 8.14 45.14
CA LYS B 217 -23.52 8.47 43.87
C LYS B 217 -25.01 8.20 43.96
N PRO B 218 -25.82 8.91 43.16
CA PRO B 218 -27.27 8.69 43.18
C PRO B 218 -27.54 7.41 42.45
N THR B 219 -28.69 6.82 42.71
CA THR B 219 -29.10 5.58 42.10
C THR B 219 -29.12 5.78 40.61
N THR B 220 -29.60 6.95 40.16
CA THR B 220 -29.59 7.24 38.72
C THR B 220 -28.36 8.13 38.55
N GLN B 221 -27.36 7.59 37.86
CA GLN B 221 -26.08 8.30 37.81
C GLN B 221 -25.34 8.14 36.47
N ILE B 222 -24.35 9.01 36.38
CA ILE B 222 -23.41 9.00 35.25
C ILE B 222 -22.45 7.84 35.59
N SER B 223 -22.40 6.82 34.74
CA SER B 223 -21.51 5.69 35.08
C SER B 223 -20.23 5.68 34.27
N ASP B 224 -20.21 6.51 33.22
CA ASP B 224 -18.97 6.60 32.44
C ASP B 224 -19.13 7.77 31.50
N PHE B 225 -18.02 8.33 31.04
CA PHE B 225 -18.07 9.41 30.02
C PHE B 225 -16.71 9.45 29.33
N HIS B 226 -16.73 9.72 28.04
CA HIS B 226 -15.48 9.77 27.24
C HIS B 226 -15.48 11.07 26.46
N VAL B 227 -14.37 11.79 26.45
CA VAL B 227 -14.30 13.05 25.72
C VAL B 227 -13.26 12.92 24.58
N ALA B 228 -13.66 13.34 23.41
CA ALA B 228 -12.81 13.32 22.21
C ALA B 228 -12.77 14.71 21.57
N THR B 229 -11.63 15.09 20.98
CA THR B 229 -11.58 16.39 20.31
C THR B 229 -10.98 16.12 18.94
N ARG B 230 -11.72 16.42 17.86
CA ARG B 230 -11.26 16.21 16.48
C ARG B 230 -11.16 17.58 15.82
N PHE B 231 -10.24 17.67 14.86
CA PHE B 231 -9.97 18.92 14.21
C PHE B 231 -10.03 18.93 12.70
N ASN B 232 -10.12 20.16 12.20
CA ASN B 232 -10.01 20.39 10.78
C ASN B 232 -8.50 20.42 10.45
N ASP B 233 -8.26 20.57 9.17
CA ASP B 233 -6.93 20.56 8.68
C ASP B 233 -6.00 21.57 9.28
N ASP B 234 -6.40 22.75 9.72
CA ASP B 234 -5.30 23.52 10.24
C ASP B 234 -5.54 23.77 11.70
N PHE B 235 -6.36 22.93 12.28
CA PHE B 235 -6.60 23.09 13.71
C PHE B 235 -7.27 24.39 14.11
N SER B 236 -7.98 25.05 13.20
CA SER B 236 -8.66 26.31 13.56
C SER B 236 -10.12 26.06 13.97
N ARG B 237 -10.55 24.80 13.77
CA ARG B 237 -11.87 24.40 14.21
C ARG B 237 -11.81 23.02 14.85
N ALA B 238 -12.61 22.81 15.87
CA ALA B 238 -12.69 21.49 16.48
C ALA B 238 -14.13 21.11 16.85
N VAL B 239 -14.34 19.83 16.99
CA VAL B 239 -15.56 19.32 17.52
C VAL B 239 -15.21 18.56 18.78
N LEU B 240 -15.83 18.94 19.90
CA LEU B 240 -15.71 18.18 21.14
C LEU B 240 -16.87 17.19 21.17
N GLU B 241 -16.57 15.90 21.29
CA GLU B 241 -17.68 14.92 21.31
C GLU B 241 -17.65 14.21 22.67
N ALA B 242 -18.71 14.23 23.41
CA ALA B 242 -18.68 13.58 24.70
C ALA B 242 -19.73 12.51 24.78
N GLU B 243 -19.32 11.25 24.94
CA GLU B 243 -20.26 10.19 25.06
C GLU B 243 -20.47 9.96 26.56
N VAL B 244 -21.77 9.85 26.94
CA VAL B 244 -22.11 9.69 28.38
C VAL B 244 -23.03 8.52 28.56
N GLN B 245 -22.74 7.75 29.61
CA GLN B 245 -23.54 6.55 29.87
C GLN B 245 -24.10 6.69 31.29
N MET B 246 -25.31 6.09 31.47
CA MET B 246 -25.91 6.14 32.79
C MET B 246 -26.22 4.76 33.29
N CYS B 247 -26.40 4.69 34.61
CA CYS B 247 -26.86 3.52 35.30
C CYS B 247 -28.10 3.99 36.11
N GLY B 248 -29.07 3.12 36.31
CA GLY B 248 -30.26 3.58 37.00
C GLY B 248 -31.47 3.41 36.08
N GLU B 249 -32.61 3.91 36.48
CA GLU B 249 -33.80 3.71 35.67
C GLU B 249 -33.93 4.76 34.60
N LEU B 250 -34.06 4.35 33.35
CA LEU B 250 -34.20 5.37 32.33
C LEU B 250 -35.57 5.98 32.43
N ARG B 251 -35.71 7.27 32.20
CA ARG B 251 -37.01 7.94 32.24
C ARG B 251 -36.90 8.98 31.17
N ASP B 252 -38.01 9.25 30.55
CA ASP B 252 -37.94 10.15 29.45
C ASP B 252 -37.60 11.56 29.84
N TYR B 253 -37.86 11.86 31.12
CA TYR B 253 -37.55 13.23 31.52
C TYR B 253 -36.04 13.45 31.79
N LEU B 254 -35.27 12.35 31.71
CA LEU B 254 -33.83 12.53 31.98
C LEU B 254 -33.09 13.26 30.86
N ARG B 255 -32.04 13.99 31.25
CA ARG B 255 -31.26 14.75 30.28
C ARG B 255 -29.79 14.73 30.67
N VAL B 256 -28.96 15.01 29.66
CA VAL B 256 -27.55 15.24 29.94
C VAL B 256 -27.19 16.59 29.27
N THR B 257 -26.54 17.49 30.02
CA THR B 257 -26.04 18.71 29.41
C THR B 257 -24.53 18.60 29.50
N VAL B 258 -23.84 18.87 28.40
CA VAL B 258 -22.39 18.90 28.54
C VAL B 258 -22.02 20.32 28.13
N SER B 259 -21.29 20.99 29.04
CA SER B 259 -20.84 22.35 28.81
C SER B 259 -19.34 22.45 28.83
N LEU B 260 -18.82 23.41 28.03
CA LEU B 260 -17.36 23.61 27.88
C LEU B 260 -16.99 25.05 28.25
N TRP B 261 -15.97 25.17 29.12
CA TRP B 261 -15.63 26.45 29.68
C TRP B 261 -14.17 26.76 29.50
N GLN B 262 -13.90 28.04 29.30
CA GLN B 262 -12.50 28.45 29.16
C GLN B 262 -12.46 29.48 30.24
N GLY B 263 -11.91 29.04 31.36
CA GLY B 263 -11.94 29.88 32.52
C GLY B 263 -13.39 30.05 32.89
N GLU B 264 -13.82 31.30 33.12
CA GLU B 264 -15.18 31.66 33.51
C GLU B 264 -16.15 31.79 32.33
N THR B 265 -15.61 31.79 31.14
CA THR B 265 -16.40 31.92 29.96
C THR B 265 -16.91 30.60 29.47
N GLN B 266 -18.19 30.58 29.20
CA GLN B 266 -18.76 29.36 28.67
C GLN B 266 -18.55 29.35 27.20
N VAL B 267 -17.87 28.33 26.76
CA VAL B 267 -17.63 28.30 25.33
C VAL B 267 -18.77 27.64 24.54
N ALA B 268 -19.35 26.57 25.10
CA ALA B 268 -20.35 25.86 24.35
C ALA B 268 -21.16 25.00 25.29
N SER B 269 -22.36 24.58 24.90
CA SER B 269 -23.21 23.78 25.77
C SER B 269 -24.20 23.04 24.90
N GLY B 270 -24.55 21.82 25.21
CA GLY B 270 -25.51 21.06 24.40
C GLY B 270 -26.25 20.17 25.40
N THR B 271 -27.53 19.93 25.11
CA THR B 271 -28.34 19.10 26.01
C THR B 271 -29.05 18.09 25.12
N ALA B 272 -29.25 16.89 25.70
CA ALA B 272 -29.97 15.82 25.03
C ALA B 272 -30.50 14.81 26.03
N PRO B 273 -31.61 14.16 25.63
CA PRO B 273 -32.19 13.08 26.43
C PRO B 273 -31.36 11.84 26.03
N PHE B 274 -31.47 10.76 26.80
CA PHE B 274 -30.73 9.52 26.54
C PHE B 274 -31.24 8.85 25.30
N GLY B 275 -30.38 8.13 24.59
CA GLY B 275 -30.80 7.36 23.44
C GLY B 275 -29.84 7.59 22.34
N GLY B 276 -28.92 6.61 22.18
CA GLY B 276 -27.92 6.80 21.13
C GLY B 276 -28.40 6.37 19.74
N GLU B 277 -27.58 6.60 18.70
CA GLU B 277 -27.96 6.22 17.34
C GLU B 277 -27.99 4.69 17.21
N ILE B 278 -28.61 4.22 16.12
CA ILE B 278 -28.65 2.78 15.85
C ILE B 278 -27.22 2.28 15.63
N ILE B 279 -26.86 1.17 16.28
CA ILE B 279 -25.54 0.55 16.21
C ILE B 279 -25.64 -0.68 15.32
N ASP B 280 -26.68 -1.48 15.53
CA ASP B 280 -26.82 -2.71 14.76
C ASP B 280 -28.26 -3.13 14.64
N GLU B 281 -28.46 -4.34 14.13
CA GLU B 281 -29.84 -4.82 13.88
C GLU B 281 -30.72 -4.79 15.12
N ARG B 282 -30.13 -4.74 16.33
CA ARG B 282 -30.95 -4.78 17.55
C ARG B 282 -31.22 -3.36 18.06
N GLY B 283 -30.62 -2.35 17.39
CA GLY B 283 -30.88 -0.96 17.80
C GLY B 283 -29.64 -0.27 18.29
N GLY B 284 -29.83 0.59 19.29
CA GLY B 284 -28.71 1.36 19.85
C GLY B 284 -28.74 1.31 21.38
N TYR B 285 -27.87 2.13 22.00
CA TYR B 285 -27.78 2.13 23.48
C TYR B 285 -28.78 3.14 24.05
N ALA B 286 -29.87 2.64 24.65
CA ALA B 286 -30.88 3.55 25.19
C ALA B 286 -30.32 4.31 26.41
N ASP B 287 -29.22 3.79 27.00
CA ASP B 287 -28.60 4.30 28.22
C ASP B 287 -27.38 5.16 28.00
N ARG B 288 -27.27 5.63 26.74
CA ARG B 288 -26.10 6.49 26.43
C ARG B 288 -26.56 7.62 25.56
N VAL B 289 -25.71 8.64 25.53
CA VAL B 289 -25.99 9.76 24.62
C VAL B 289 -24.63 10.42 24.31
N THR B 290 -24.51 10.98 23.12
CA THR B 290 -23.33 11.67 22.73
C THR B 290 -23.69 13.11 22.42
N LEU B 291 -22.98 14.05 23.05
CA LEU B 291 -23.18 15.48 22.76
C LEU B 291 -22.00 15.89 21.92
N ARG B 292 -22.26 16.74 20.91
CA ARG B 292 -21.20 17.25 20.02
C ARG B 292 -21.20 18.77 20.07
N LEU B 293 -20.07 19.40 20.40
CA LEU B 293 -20.00 20.86 20.54
C LEU B 293 -18.92 21.40 19.60
N ASN B 294 -19.29 22.43 18.84
CA ASN B 294 -18.28 23.01 17.96
C ASN B 294 -17.49 24.06 18.69
N VAL B 295 -16.22 24.11 18.39
CA VAL B 295 -15.37 25.07 18.97
C VAL B 295 -14.52 25.68 17.93
N GLU B 296 -14.61 27.01 17.77
CA GLU B 296 -13.81 27.74 16.78
C GLU B 296 -12.56 28.23 17.41
N ASN B 297 -11.45 28.14 16.68
CA ASN B 297 -10.14 28.63 17.14
C ASN B 297 -9.82 28.18 18.55
N PRO B 298 -9.91 26.88 18.78
CA PRO B 298 -9.61 26.39 20.10
C PRO B 298 -8.18 26.72 20.54
N LYS B 299 -7.98 26.95 21.83
CA LYS B 299 -6.63 27.13 22.38
C LYS B 299 -6.11 25.68 22.54
N LEU B 300 -5.04 25.39 21.79
CA LEU B 300 -4.51 24.02 21.72
C LEU B 300 -3.65 23.64 22.91
N TRP B 301 -3.71 22.36 23.31
CA TRP B 301 -2.87 21.95 24.47
C TRP B 301 -1.59 21.32 23.94
N SER B 302 -0.48 21.59 24.65
CA SER B 302 0.80 20.96 24.39
C SER B 302 1.58 21.09 25.67
N ALA B 303 2.75 20.50 25.69
CA ALA B 303 3.63 20.65 26.87
C ALA B 303 4.20 22.07 26.86
N GLU B 304 4.25 22.72 25.70
CA GLU B 304 4.73 24.09 25.60
C GLU B 304 3.75 25.10 26.23
N ILE B 305 2.48 24.92 25.90
CA ILE B 305 1.43 25.76 26.45
C ILE B 305 0.26 24.83 26.77
N PRO B 306 0.12 24.50 28.05
CA PRO B 306 -0.92 23.53 28.40
C PRO B 306 -2.28 24.15 28.57
N ASN B 307 -2.79 24.77 27.48
CA ASN B 307 -4.11 25.38 27.46
C ASN B 307 -5.14 24.34 27.83
N LEU B 308 -5.96 24.65 28.81
CA LEU B 308 -7.04 23.67 29.14
C LEU B 308 -8.41 24.33 29.22
N TYR B 309 -9.44 23.53 28.94
CA TYR B 309 -10.83 23.92 29.07
C TYR B 309 -11.35 22.97 30.15
N ARG B 310 -12.58 23.23 30.58
CA ARG B 310 -13.21 22.39 31.58
C ARG B 310 -14.51 21.90 30.96
N ALA B 311 -14.68 20.56 30.99
CA ALA B 311 -15.92 19.94 30.52
C ALA B 311 -16.73 19.53 31.75
N VAL B 312 -17.96 19.96 31.78
CA VAL B 312 -18.85 19.59 32.88
C VAL B 312 -20.01 18.80 32.28
N VAL B 313 -20.22 17.64 32.88
CA VAL B 313 -21.30 16.75 32.44
C VAL B 313 -22.40 16.70 33.52
N GLU B 314 -23.60 17.21 33.23
CA GLU B 314 -24.64 17.22 34.23
C GLU B 314 -25.72 16.28 33.85
N LEU B 315 -26.14 15.48 34.83
CA LEU B 315 -27.25 14.54 34.59
C LEU B 315 -28.39 15.25 35.30
N HIS B 316 -29.53 15.51 34.60
CA HIS B 316 -30.55 16.26 35.32
C HIS B 316 -31.87 15.95 34.76
N THR B 317 -32.91 16.62 35.30
CA THR B 317 -34.21 16.34 34.73
C THR B 317 -34.62 17.49 33.81
N ALA B 318 -35.59 17.19 32.94
CA ALA B 318 -36.12 18.16 32.00
C ALA B 318 -36.57 19.44 32.66
N ASP B 319 -37.11 19.40 33.87
CA ASP B 319 -37.50 20.66 34.49
C ASP B 319 -36.31 21.43 35.03
N GLY B 320 -35.13 20.82 34.94
CA GLY B 320 -33.98 21.55 35.42
C GLY B 320 -33.34 21.07 36.73
N THR B 321 -33.89 20.05 37.38
CA THR B 321 -33.27 19.63 38.62
C THR B 321 -32.00 18.82 38.39
N LEU B 322 -30.93 19.26 38.99
CA LEU B 322 -29.68 18.56 38.81
C LEU B 322 -29.73 17.26 39.57
N ILE B 323 -29.28 16.14 38.99
CA ILE B 323 -29.14 14.87 39.70
C ILE B 323 -27.67 14.74 40.20
N GLU B 324 -26.74 14.98 39.27
CA GLU B 324 -25.33 15.01 39.67
C GLU B 324 -24.54 15.56 38.52
N ALA B 325 -23.28 15.91 38.86
CA ALA B 325 -22.36 16.39 37.84
C ALA B 325 -21.01 15.73 38.01
N GLU B 326 -20.35 15.44 36.88
CA GLU B 326 -18.99 14.91 36.83
C GLU B 326 -18.29 15.91 35.88
N ALA B 327 -16.95 15.90 35.83
CA ALA B 327 -16.22 16.85 34.99
C ALA B 327 -14.78 16.43 34.75
N CYS B 328 -14.13 17.14 33.82
CA CYS B 328 -12.71 16.90 33.62
C CYS B 328 -12.06 18.07 32.91
N ASP B 329 -10.74 18.14 32.99
CA ASP B 329 -10.03 19.15 32.25
C ASP B 329 -9.89 18.63 30.81
N VAL B 330 -10.01 19.48 29.82
CA VAL B 330 -9.93 19.00 28.49
C VAL B 330 -8.84 19.73 27.79
N GLY B 331 -7.97 19.01 27.08
CA GLY B 331 -6.91 19.67 26.30
C GLY B 331 -7.14 19.34 24.83
N PHE B 332 -7.27 20.38 24.00
CA PHE B 332 -7.54 20.23 22.56
C PHE B 332 -6.23 19.91 21.91
N ARG B 333 -6.02 18.62 21.54
CA ARG B 333 -4.78 18.26 20.86
C ARG B 333 -5.07 16.95 20.11
N GLU B 334 -4.41 16.79 18.97
CA GLU B 334 -4.53 15.59 18.16
C GLU B 334 -3.15 14.91 18.20
N VAL B 335 -3.11 13.59 18.31
CA VAL B 335 -1.87 12.86 18.30
C VAL B 335 -2.03 11.87 17.17
N ARG B 336 -1.03 11.93 16.28
CA ARG B 336 -1.12 10.98 15.18
C ARG B 336 0.23 10.61 14.61
N ILE B 337 0.32 9.45 13.99
CA ILE B 337 1.58 9.09 13.34
C ILE B 337 1.30 9.18 11.85
N GLU B 338 2.14 9.90 11.12
CA GLU B 338 1.94 10.05 9.69
C GLU B 338 3.26 10.12 8.98
N ASN B 339 3.36 9.33 7.90
CA ASN B 339 4.54 9.29 7.08
C ASN B 339 5.74 8.95 7.93
N GLY B 340 5.49 8.20 9.00
CA GLY B 340 6.66 7.82 9.84
C GLY B 340 7.04 8.74 10.99
N LEU B 341 6.24 9.80 11.21
CA LEU B 341 6.50 10.75 12.29
C LEU B 341 5.30 10.90 13.22
N LEU B 342 5.65 10.97 14.50
CA LEU B 342 4.68 11.19 15.59
C LEU B 342 4.39 12.67 15.62
N LEU B 343 3.12 13.07 15.33
CA LEU B 343 2.81 14.51 15.30
C LEU B 343 1.85 14.84 16.42
N LEU B 344 2.08 16.03 16.96
CA LEU B 344 1.14 16.49 17.97
C LEU B 344 0.58 17.81 17.35
N ASN B 345 -0.75 17.95 17.17
CA ASN B 345 -1.29 19.16 16.52
C ASN B 345 -0.57 19.40 15.18
N GLY B 346 -0.26 18.30 14.50
CA GLY B 346 0.33 18.35 13.21
C GLY B 346 1.82 18.64 13.11
N LYS B 347 2.54 18.76 14.23
CA LYS B 347 3.96 19.05 14.20
C LYS B 347 4.67 17.88 14.83
N PRO B 348 5.82 17.53 14.28
CA PRO B 348 6.56 16.40 14.83
C PRO B 348 7.23 16.67 16.18
N LEU B 349 6.88 15.80 17.13
CA LEU B 349 7.45 15.97 18.45
C LEU B 349 8.93 15.58 18.53
N LEU B 350 9.60 16.11 19.56
CA LEU B 350 10.97 15.75 19.94
C LEU B 350 10.81 15.51 21.43
N ILE B 351 10.73 14.23 21.83
CA ILE B 351 10.48 13.87 23.20
C ILE B 351 11.71 13.99 24.05
N ARG B 352 11.64 14.91 24.99
CA ARG B 352 12.73 15.10 25.97
C ARG B 352 12.18 14.46 27.25
N GLY B 353 12.26 13.12 27.27
CA GLY B 353 11.56 12.41 28.35
C GLY B 353 12.41 11.75 29.38
N VAL B 354 11.69 11.28 30.40
CA VAL B 354 12.36 10.53 31.47
C VAL B 354 11.34 9.53 32.03
N ASN B 355 11.83 8.36 32.41
CA ASN B 355 11.00 7.33 33.05
C ASN B 355 11.02 7.73 34.55
N ARG B 356 9.88 7.61 35.18
CA ARG B 356 9.83 7.99 36.56
C ARG B 356 9.02 6.96 37.34
N HIS B 357 9.68 6.31 38.28
CA HIS B 357 8.97 5.44 39.23
C HIS B 357 8.33 6.25 40.36
N GLU B 358 7.36 5.66 41.03
CA GLU B 358 6.75 6.29 42.21
C GLU B 358 7.55 5.83 43.43
N HIS B 359 8.49 6.70 43.87
CA HIS B 359 9.39 6.32 44.96
C HIS B 359 9.68 7.45 45.92
N HIS B 360 9.56 7.18 47.25
CA HIS B 360 9.87 8.19 48.31
C HIS B 360 10.84 7.48 49.30
N PRO B 361 11.93 8.13 49.68
CA PRO B 361 12.91 7.41 50.47
C PRO B 361 12.43 7.03 51.86
N LEU B 362 11.40 7.77 52.30
CA LEU B 362 10.88 7.44 53.62
C LEU B 362 9.53 6.77 53.48
N HIS B 363 8.70 7.20 52.51
CA HIS B 363 7.38 6.60 52.45
C HIS B 363 7.21 5.44 51.52
N GLY B 364 8.33 5.07 50.86
CA GLY B 364 8.30 3.88 49.98
C GLY B 364 7.58 4.18 48.67
N GLN B 365 6.45 3.52 48.40
CA GLN B 365 5.74 3.73 47.16
C GLN B 365 4.46 4.54 47.26
N VAL B 366 4.32 5.21 48.39
CA VAL B 366 3.22 6.09 48.70
C VAL B 366 3.62 7.45 48.13
N MET B 367 2.73 7.97 47.29
CA MET B 367 2.95 9.26 46.66
C MET B 367 2.15 10.35 47.29
N ASP B 368 2.73 11.53 47.25
CA ASP B 368 2.01 12.69 47.83
C ASP B 368 2.16 13.85 46.83
N GLU B 369 1.21 14.77 46.92
CA GLU B 369 1.21 15.85 45.99
C GLU B 369 2.44 16.71 46.01
N GLN B 370 2.98 16.96 47.20
CA GLN B 370 4.17 17.81 47.26
C GLN B 370 5.35 17.22 46.47
N THR B 371 5.54 15.92 46.61
CA THR B 371 6.60 15.26 45.92
C THR B 371 6.37 15.27 44.42
N MET B 372 5.09 15.00 44.12
CA MET B 372 4.80 14.99 42.70
C MET B 372 5.11 16.35 42.05
N VAL B 373 4.63 17.42 42.71
CA VAL B 373 4.89 18.78 42.18
C VAL B 373 6.41 19.08 42.17
N GLN B 374 7.12 18.63 43.21
CA GLN B 374 8.57 18.84 43.20
C GLN B 374 9.20 18.18 41.97
N ASP B 375 8.75 16.92 41.66
CA ASP B 375 9.29 16.23 40.49
C ASP B 375 9.03 16.99 39.20
N ILE B 376 7.76 17.34 39.00
CA ILE B 376 7.34 18.07 37.81
C ILE B 376 8.09 19.37 37.66
N LEU B 377 8.18 20.11 38.76
CA LEU B 377 8.93 21.35 38.60
C LEU B 377 10.39 21.08 38.19
N LEU B 378 11.05 20.15 38.88
CA LEU B 378 12.43 19.90 38.51
C LEU B 378 12.57 19.46 37.03
N MET B 379 11.58 18.66 36.60
CA MET B 379 11.60 18.16 35.23
C MET B 379 11.54 19.31 34.21
N LYS B 380 10.51 20.13 34.35
CA LYS B 380 10.32 21.27 33.44
C LYS B 380 11.52 22.23 33.53
N GLN B 381 12.04 22.46 34.76
CA GLN B 381 13.23 23.30 34.91
C GLN B 381 14.44 22.76 34.20
N ASN B 382 14.45 21.43 34.00
CA ASN B 382 15.57 20.82 33.34
C ASN B 382 15.29 20.38 31.90
N ASN B 383 14.28 21.08 31.33
CA ASN B 383 13.94 20.92 29.91
C ASN B 383 13.40 19.56 29.46
N PHE B 384 12.72 18.89 30.38
CA PHE B 384 12.07 17.63 30.03
C PHE B 384 10.68 18.08 29.62
N ASN B 385 10.08 17.39 28.63
CA ASN B 385 8.69 17.70 28.25
C ASN B 385 7.85 16.41 28.29
N ALA B 386 8.40 15.30 28.83
CA ALA B 386 7.58 14.08 28.77
C ALA B 386 8.02 13.11 29.83
N VAL B 387 7.09 12.26 30.21
CA VAL B 387 7.43 11.28 31.23
C VAL B 387 6.78 9.93 30.89
N ARG B 388 7.48 8.81 31.16
CA ARG B 388 6.85 7.53 30.92
C ARG B 388 6.59 6.99 32.35
N CYS B 389 5.36 6.49 32.55
CA CYS B 389 4.97 5.85 33.83
C CYS B 389 5.60 4.43 33.94
N SER B 390 6.95 4.33 34.11
CA SER B 390 7.58 3.04 34.23
C SER B 390 7.16 2.47 35.59
N HIS B 391 6.46 1.35 35.67
CA HIS B 391 5.93 0.56 34.55
C HIS B 391 4.53 0.12 35.04
N TYR B 392 3.64 1.09 35.22
CA TYR B 392 2.30 0.83 35.76
C TYR B 392 1.58 2.15 35.81
N PRO B 393 0.26 2.09 35.93
CA PRO B 393 -0.51 3.31 36.01
C PRO B 393 -0.15 3.97 37.34
N ASN B 394 -0.04 5.28 37.28
CA ASN B 394 0.34 6.08 38.45
C ASN B 394 -0.86 6.50 39.31
N HIS B 395 -0.52 7.02 40.51
CA HIS B 395 -1.53 7.63 41.39
C HIS B 395 -2.28 8.67 40.51
N PRO B 396 -3.59 8.73 40.66
CA PRO B 396 -4.42 9.59 39.81
C PRO B 396 -4.05 11.07 39.75
N LEU B 397 -3.49 11.60 40.84
CA LEU B 397 -3.20 13.03 40.76
C LEU B 397 -2.08 13.31 39.74
N TRP B 398 -1.20 12.32 39.50
CA TRP B 398 -0.11 12.57 38.62
C TRP B 398 -0.61 13.08 37.29
N TYR B 399 -1.66 12.45 36.75
CA TYR B 399 -2.20 12.85 35.42
C TYR B 399 -2.78 14.29 35.42
N THR B 400 -3.46 14.61 36.51
CA THR B 400 -3.99 15.97 36.67
C THR B 400 -2.85 17.00 36.59
N LEU B 401 -1.73 16.68 37.27
CA LEU B 401 -0.60 17.60 37.28
C LEU B 401 0.08 17.70 35.90
N CYS B 402 0.18 16.55 35.20
CA CYS B 402 0.79 16.58 33.88
C CYS B 402 -0.11 17.39 32.98
N ASP B 403 -1.39 17.25 33.17
CA ASP B 403 -2.31 17.96 32.30
C ASP B 403 -2.16 19.46 32.44
N ARG B 404 -2.03 19.85 33.70
CA ARG B 404 -1.97 21.30 33.98
C ARG B 404 -0.63 21.93 33.86
N TYR B 405 0.47 21.22 34.27
CA TYR B 405 1.79 21.81 34.13
C TYR B 405 2.27 21.64 32.70
N GLY B 406 1.75 20.61 32.05
CA GLY B 406 2.11 20.36 30.68
C GLY B 406 3.33 19.42 30.53
N LEU B 407 3.07 18.11 30.50
CA LEU B 407 4.07 17.07 30.21
C LEU B 407 3.36 16.00 29.38
N TYR B 408 4.01 15.49 28.36
CA TYR B 408 3.43 14.38 27.53
C TYR B 408 3.70 13.11 28.34
N VAL B 409 2.68 12.28 28.41
CA VAL B 409 2.78 11.07 29.19
C VAL B 409 2.52 9.82 28.37
N VAL B 410 3.36 8.79 28.75
CA VAL B 410 3.16 7.43 28.25
C VAL B 410 2.52 6.71 29.47
N ASP B 411 1.23 6.30 29.35
CA ASP B 411 0.55 5.58 30.43
C ASP B 411 0.72 4.08 30.09
N GLU B 412 1.26 3.33 31.08
CA GLU B 412 1.64 1.93 30.87
C GLU B 412 0.93 0.95 31.80
N ALA B 413 0.41 -0.14 31.24
CA ALA B 413 -0.30 -1.17 31.99
C ALA B 413 0.65 -1.84 32.94
N ASN B 414 0.10 -2.22 34.09
CA ASN B 414 0.94 -2.84 35.14
C ASN B 414 1.12 -4.30 34.73
N ILE B 415 1.95 -4.58 33.68
CA ILE B 415 2.23 -5.95 33.23
C ILE B 415 3.74 -6.04 32.97
N GLU B 416 4.45 -6.78 33.83
CA GLU B 416 5.90 -7.01 33.59
C GLU B 416 6.19 -8.47 34.05
N THR B 417 6.73 -9.36 33.17
CA THR B 417 7.01 -10.71 33.60
C THR B 417 8.43 -11.03 33.26
N HIS B 418 9.26 -10.06 33.51
CA HIS B 418 10.65 -10.19 33.09
C HIS B 418 11.34 -11.50 33.49
N GLY B 419 11.04 -12.00 34.70
CA GLY B 419 11.71 -13.15 35.31
C GLY B 419 11.27 -14.47 34.71
N MET B 420 10.27 -14.47 33.81
CA MET B 420 9.90 -15.77 33.17
C MET B 420 10.98 -16.23 32.19
N VAL B 421 10.98 -17.51 31.83
CA VAL B 421 11.98 -17.99 30.88
C VAL B 421 11.19 -18.88 29.93
N PRO B 422 11.04 -18.51 28.65
CA PRO B 422 11.53 -17.27 28.09
C PRO B 422 10.59 -16.15 28.62
N MET B 423 10.98 -14.92 28.27
CA MET B 423 10.25 -13.79 28.79
C MET B 423 8.76 -13.75 28.44
N ASN B 424 8.38 -14.29 27.29
CA ASN B 424 6.94 -14.29 26.94
C ASN B 424 6.16 -15.55 27.41
N ARG B 425 6.69 -16.36 28.37
CA ARG B 425 6.03 -17.61 28.75
C ARG B 425 4.55 -17.40 29.10
N LEU B 426 4.26 -16.33 29.84
CA LEU B 426 2.86 -16.09 30.25
C LEU B 426 2.07 -15.25 29.20
N THR B 427 2.79 -14.27 28.58
CA THR B 427 2.12 -13.38 27.63
C THR B 427 1.72 -14.03 26.36
N ASP B 428 2.27 -15.21 26.12
CA ASP B 428 1.90 -15.97 24.91
C ASP B 428 0.87 -17.03 25.30
N ASP B 429 0.53 -17.06 26.59
CA ASP B 429 -0.37 -18.15 27.01
C ASP B 429 -1.80 -17.63 27.12
N PRO B 430 -2.77 -18.19 26.42
CA PRO B 430 -4.12 -17.64 26.49
C PRO B 430 -4.75 -17.70 27.85
N ARG B 431 -4.31 -18.62 28.67
CA ARG B 431 -4.91 -18.64 29.97
C ARG B 431 -4.56 -17.40 30.79
N TRP B 432 -3.59 -16.59 30.35
CA TRP B 432 -3.20 -15.39 31.08
C TRP B 432 -3.74 -14.17 30.37
N LEU B 433 -4.47 -14.43 29.30
CA LEU B 433 -5.02 -13.32 28.56
C LEU B 433 -6.03 -12.50 29.39
N PRO B 434 -6.89 -13.17 30.15
CA PRO B 434 -7.87 -12.41 30.92
C PRO B 434 -7.22 -11.49 31.93
N ALA B 435 -6.32 -12.01 32.79
CA ALA B 435 -5.65 -11.19 33.78
C ALA B 435 -4.90 -10.03 33.08
N MET B 436 -4.26 -10.34 31.98
CA MET B 436 -3.55 -9.23 31.36
C MET B 436 -4.54 -8.25 30.78
N SER B 437 -5.60 -8.78 30.20
CA SER B 437 -6.47 -7.81 29.59
C SER B 437 -7.00 -6.81 30.61
N GLU B 438 -7.31 -7.26 31.82
CA GLU B 438 -7.81 -6.31 32.85
C GLU B 438 -6.82 -5.18 33.19
N ARG B 439 -5.52 -5.55 33.13
CA ARG B 439 -4.47 -4.55 33.41
C ARG B 439 -4.44 -3.45 32.34
N VAL B 440 -4.79 -3.81 31.09
CA VAL B 440 -4.81 -2.79 30.03
C VAL B 440 -6.15 -2.12 29.99
N THR B 441 -7.19 -2.92 29.93
CA THR B 441 -8.48 -2.28 29.75
C THR B 441 -8.89 -1.34 30.86
N ARG B 442 -8.60 -1.73 32.11
CA ARG B 442 -8.99 -0.87 33.23
C ARG B 442 -8.14 0.44 33.28
N MET B 443 -6.94 0.42 32.70
CA MET B 443 -6.15 1.63 32.74
C MET B 443 -6.76 2.62 31.73
N VAL B 444 -7.12 2.07 30.55
CA VAL B 444 -7.67 2.90 29.48
C VAL B 444 -8.99 3.49 29.93
N GLN B 445 -9.74 2.63 30.63
CA GLN B 445 -11.01 3.16 31.13
C GLN B 445 -10.85 4.29 32.11
N ARG B 446 -9.78 4.24 32.90
CA ARG B 446 -9.64 5.27 33.91
C ARG B 446 -9.01 6.54 33.39
N ASP B 447 -8.05 6.41 32.47
CA ASP B 447 -7.24 7.57 32.10
C ASP B 447 -7.45 8.18 30.70
N ARG B 448 -8.40 7.61 29.94
CA ARG B 448 -8.55 8.06 28.58
C ARG B 448 -8.98 9.51 28.42
N ASN B 449 -9.45 10.21 29.46
CA ASN B 449 -9.86 11.60 29.22
C ASN B 449 -8.73 12.57 29.52
N HIS B 450 -7.57 12.05 29.93
CA HIS B 450 -6.50 13.03 30.24
C HIS B 450 -5.72 13.45 29.00
N PRO B 451 -5.66 14.73 28.68
CA PRO B 451 -4.94 15.14 27.49
C PRO B 451 -3.44 14.89 27.59
N SER B 452 -2.85 14.89 28.84
CA SER B 452 -1.40 14.67 28.98
C SER B 452 -1.05 13.24 28.47
N VAL B 453 -1.97 12.25 28.56
CA VAL B 453 -1.61 10.92 28.03
C VAL B 453 -1.65 11.00 26.52
N ILE B 454 -0.51 10.78 25.87
CA ILE B 454 -0.48 10.82 24.44
C ILE B 454 -0.22 9.45 23.82
N ILE B 455 0.26 8.49 24.61
CA ILE B 455 0.60 7.17 24.06
C ILE B 455 0.26 6.15 25.12
N TRP B 456 -0.28 5.01 24.70
CA TRP B 456 -0.58 3.88 25.61
C TRP B 456 0.57 2.88 25.47
N SER B 457 0.91 2.25 26.59
CA SER B 457 2.00 1.21 26.52
C SER B 457 1.42 -0.06 27.14
N LEU B 458 1.68 -1.19 26.48
CA LEU B 458 1.14 -2.50 26.96
C LEU B 458 1.85 -3.13 28.14
N GLY B 459 2.82 -2.41 28.68
CA GLY B 459 3.56 -2.91 29.86
C GLY B 459 5.04 -2.87 29.59
N ASN B 460 5.78 -3.77 30.23
CA ASN B 460 7.23 -3.70 30.07
C ASN B 460 7.86 -5.11 30.28
N GLU B 461 8.94 -5.34 29.50
CA GLU B 461 9.75 -6.56 29.62
C GLU B 461 8.94 -7.81 29.90
N SER B 462 8.07 -8.16 28.98
CA SER B 462 7.27 -9.38 29.13
C SER B 462 7.32 -10.17 27.81
N GLY B 463 8.44 -9.99 27.08
CA GLY B 463 8.60 -10.68 25.78
C GLY B 463 7.52 -10.15 24.81
N HIS B 464 7.22 -10.93 23.79
CA HIS B 464 6.16 -10.58 22.93
C HIS B 464 5.32 -11.82 22.81
N GLY B 465 4.07 -11.75 23.24
CA GLY B 465 3.22 -12.93 23.09
C GLY B 465 1.93 -12.57 22.37
N ALA B 466 1.14 -13.55 21.98
CA ALA B 466 -0.12 -13.25 21.27
C ALA B 466 -1.05 -12.38 22.08
N ASN B 467 -0.95 -12.45 23.41
CA ASN B 467 -1.85 -11.66 24.26
C ASN B 467 -1.59 -10.17 24.02
N HIS B 468 -0.33 -9.79 23.79
CA HIS B 468 -0.01 -8.41 23.51
C HIS B 468 -0.65 -8.02 22.20
N ASP B 469 -0.67 -8.91 21.21
CA ASP B 469 -1.25 -8.55 19.93
C ASP B 469 -2.74 -8.32 20.04
N ALA B 470 -3.39 -9.17 20.81
CA ALA B 470 -4.84 -9.03 21.05
C ALA B 470 -5.14 -7.67 21.73
N LEU B 471 -4.35 -7.35 22.75
CA LEU B 471 -4.57 -6.08 23.52
C LEU B 471 -4.18 -4.82 22.78
N TYR B 472 -3.15 -4.96 21.93
CA TYR B 472 -2.78 -3.86 21.10
C TYR B 472 -4.00 -3.54 20.25
N ARG B 473 -4.61 -4.55 19.62
CA ARG B 473 -5.74 -4.21 18.76
C ARG B 473 -6.96 -3.73 19.57
N TRP B 474 -7.14 -4.24 20.79
CA TRP B 474 -8.25 -3.79 21.56
C TRP B 474 -8.12 -2.25 21.72
N ILE B 475 -6.92 -1.83 22.07
CA ILE B 475 -6.76 -0.39 22.25
C ILE B 475 -6.98 0.40 21.00
N LYS B 476 -6.37 -0.06 19.96
CA LYS B 476 -6.49 0.66 18.72
C LYS B 476 -7.95 0.79 18.37
N SER B 477 -8.71 -0.23 18.74
CA SER B 477 -10.12 -0.22 18.46
C SER B 477 -10.92 0.72 19.32
N VAL B 478 -10.67 0.72 20.59
CA VAL B 478 -11.42 1.58 21.46
C VAL B 478 -10.97 3.03 21.47
N ASP B 479 -9.71 3.30 21.24
CA ASP B 479 -9.24 4.65 21.33
C ASP B 479 -8.23 4.92 20.24
N PRO B 480 -8.75 5.32 19.11
CA PRO B 480 -7.90 5.60 17.98
C PRO B 480 -7.11 6.88 18.09
N SER B 481 -7.42 7.65 19.13
CA SER B 481 -6.77 8.94 19.30
C SER B 481 -5.30 8.88 19.76
N ARG B 482 -4.81 7.71 20.22
CA ARG B 482 -3.45 7.71 20.74
C ARG B 482 -2.74 6.47 20.22
N PRO B 483 -1.49 6.62 19.83
CA PRO B 483 -0.71 5.45 19.37
C PRO B 483 -0.49 4.46 20.54
N VAL B 484 -0.17 3.22 20.15
CA VAL B 484 0.09 2.23 21.16
C VAL B 484 1.54 1.77 20.99
N GLN B 485 2.31 1.68 22.08
CA GLN B 485 3.70 1.17 21.97
C GLN B 485 3.92 0.04 22.93
N TYR B 486 4.99 -0.71 22.64
CA TYR B 486 5.37 -1.83 23.54
C TYR B 486 6.76 -2.27 23.08
N GLU B 487 7.73 -2.36 23.98
CA GLU B 487 9.11 -2.69 23.58
C GLU B 487 9.45 -4.16 23.55
N GLY B 488 8.67 -4.98 24.22
CA GLY B 488 9.01 -6.40 24.35
C GLY B 488 9.13 -7.15 23.08
N GLY B 489 9.99 -8.21 23.11
CA GLY B 489 10.13 -9.05 21.91
C GLY B 489 10.94 -8.37 20.81
N GLY B 490 11.82 -7.37 21.16
CA GLY B 490 12.65 -6.81 20.09
C GLY B 490 12.35 -5.39 19.65
N ALA B 491 11.38 -4.75 20.33
CA ALA B 491 11.08 -3.29 20.14
C ALA B 491 10.37 -2.82 18.88
N ASP B 492 10.21 -3.71 17.91
CA ASP B 492 9.62 -3.33 16.62
C ASP B 492 8.64 -4.41 16.17
N THR B 493 8.01 -5.06 17.15
CA THR B 493 7.03 -6.14 16.82
C THR B 493 5.72 -5.57 16.22
N THR B 494 4.81 -6.49 15.97
CA THR B 494 3.50 -6.13 15.46
C THR B 494 2.62 -5.57 16.55
N ALA B 495 3.15 -5.43 17.75
CA ALA B 495 2.33 -4.88 18.86
C ALA B 495 2.74 -3.46 19.19
N THR B 496 3.49 -2.80 18.27
CA THR B 496 3.91 -1.43 18.55
C THR B 496 3.84 -0.51 17.37
N ASP B 497 3.32 0.70 17.62
CA ASP B 497 3.24 1.67 16.54
C ASP B 497 4.54 2.46 16.44
N ILE B 498 5.34 2.31 17.51
CA ILE B 498 6.59 3.07 17.57
C ILE B 498 7.75 2.13 17.85
N ILE B 499 8.88 2.28 17.10
CA ILE B 499 10.07 1.43 17.42
C ILE B 499 10.55 2.02 18.75
N CYS B 500 10.48 1.26 19.83
CA CYS B 500 10.77 1.89 21.14
C CYS B 500 11.79 1.10 22.00
N PRO B 501 13.00 0.93 21.47
CA PRO B 501 13.99 0.12 22.16
C PRO B 501 14.42 0.73 23.47
N MET B 502 15.05 -0.15 24.27
CA MET B 502 15.68 0.28 25.50
C MET B 502 17.17 0.06 25.36
N TYR B 503 17.88 1.15 25.56
CA TYR B 503 19.34 1.15 25.54
C TYR B 503 19.96 0.79 24.22
N ALA B 504 19.25 1.03 23.13
CA ALA B 504 19.92 0.84 21.85
C ALA B 504 20.92 2.04 21.75
N ARG B 505 22.17 1.78 21.30
CA ARG B 505 23.18 2.82 21.17
C ARG B 505 22.95 3.67 19.87
N VAL B 506 23.66 4.78 19.78
CA VAL B 506 23.48 5.68 18.64
C VAL B 506 24.05 5.11 17.38
N ASP B 507 25.33 4.73 17.43
CA ASP B 507 25.97 4.21 16.27
C ASP B 507 26.29 2.74 16.32
N GLU B 508 26.39 2.20 17.50
CA GLU B 508 26.83 0.83 17.66
C GLU B 508 25.75 -0.23 17.72
N ASP B 509 25.82 -1.21 16.78
CA ASP B 509 24.83 -2.30 16.83
C ASP B 509 25.21 -3.33 17.90
N GLN B 510 24.24 -3.97 18.51
CA GLN B 510 24.41 -5.06 19.47
C GLN B 510 23.51 -6.16 18.94
N PRO B 511 24.03 -6.93 18.02
CA PRO B 511 23.15 -7.85 17.33
C PRO B 511 22.81 -9.14 18.05
N PHE B 512 22.19 -9.03 19.21
CA PHE B 512 21.78 -10.23 19.95
C PHE B 512 20.80 -11.09 19.15
N PRO B 513 20.90 -12.38 19.30
CA PRO B 513 20.03 -13.19 18.55
C PRO B 513 18.59 -12.97 18.97
N ALA B 514 17.76 -13.04 17.95
CA ALA B 514 16.33 -12.93 18.09
C ALA B 514 15.85 -11.54 18.43
N VAL B 515 16.52 -10.85 19.36
CA VAL B 515 16.05 -9.54 19.73
C VAL B 515 17.23 -8.61 19.65
N PRO B 516 17.80 -8.41 18.46
CA PRO B 516 18.96 -7.51 18.34
C PRO B 516 18.62 -6.09 18.76
N LYS B 517 19.59 -5.35 19.28
CA LYS B 517 19.39 -3.96 19.64
C LYS B 517 20.27 -3.20 18.62
N TRP B 518 19.70 -2.79 17.50
CA TRP B 518 20.48 -2.09 16.46
C TRP B 518 20.81 -0.67 16.90
N SER B 519 21.78 -0.05 16.27
CA SER B 519 22.12 1.38 16.41
C SER B 519 20.78 2.01 16.00
N ILE B 520 20.35 3.08 16.67
CA ILE B 520 19.07 3.66 16.32
C ILE B 520 19.03 4.22 14.93
N LYS B 521 20.15 4.76 14.50
CA LYS B 521 20.19 5.32 13.14
C LYS B 521 20.00 4.22 12.08
N LYS B 522 20.63 3.08 12.33
CA LYS B 522 20.45 1.98 11.35
C LYS B 522 19.05 1.34 11.50
N TRP B 523 18.50 1.27 12.70
CA TRP B 523 17.25 0.62 12.90
C TRP B 523 16.18 1.24 12.01
N LEU B 524 16.15 2.57 12.01
CA LEU B 524 15.16 3.27 11.25
C LEU B 524 15.00 2.78 9.79
N SER B 525 16.14 2.49 9.18
CA SER B 525 16.17 2.18 7.78
C SER B 525 16.25 0.71 7.45
N LEU B 526 16.00 -0.17 8.43
CA LEU B 526 16.00 -1.57 8.03
C LEU B 526 14.95 -1.78 6.92
N PRO B 527 15.25 -2.77 6.10
CA PRO B 527 14.33 -3.06 4.99
C PRO B 527 12.87 -3.12 5.43
N GLY B 528 12.06 -2.34 4.74
CA GLY B 528 10.64 -2.30 4.95
C GLY B 528 10.26 -1.45 6.14
N GLU B 529 11.15 -0.98 6.99
CA GLU B 529 10.74 -0.23 8.21
C GLU B 529 10.32 1.21 7.96
N THR B 530 9.22 1.71 8.54
CA THR B 530 8.86 3.09 8.29
C THR B 530 8.46 3.81 9.56
N ARG B 531 8.39 3.14 10.71
CA ARG B 531 7.86 3.81 11.91
C ARG B 531 8.81 4.80 12.57
N PRO B 532 8.26 5.65 13.43
CA PRO B 532 9.17 6.58 14.16
C PRO B 532 9.89 5.77 15.26
N LEU B 533 11.03 6.29 15.75
CA LEU B 533 11.75 5.56 16.80
C LEU B 533 11.93 6.53 18.00
N ILE B 534 11.39 6.13 19.17
CA ILE B 534 11.50 6.93 20.40
C ILE B 534 11.97 5.92 21.44
N LEU B 535 13.15 6.10 22.01
CA LEU B 535 13.58 5.07 22.95
C LEU B 535 12.73 5.00 24.23
N CYS B 536 12.26 3.82 24.63
CA CYS B 536 11.44 3.84 25.83
C CYS B 536 12.36 4.04 27.04
N GLN B 537 13.63 3.68 26.94
CA GLN B 537 14.58 3.89 28.04
C GLN B 537 15.92 4.07 27.43
N TYR B 538 16.66 5.07 27.84
CA TYR B 538 18.01 5.26 27.29
C TYR B 538 18.84 6.06 28.32
N ALA B 539 20.15 5.88 28.14
CA ALA B 539 21.14 6.42 29.03
C ALA B 539 20.93 6.19 30.52
C ALA B 539 20.83 5.51 30.24
N HIS B 540 21.35 5.02 30.97
N HIS B 540 21.64 5.42 31.23
CA HIS B 540 21.25 4.56 32.36
C HIS B 540 22.03 5.34 33.44
N ALA B 541 21.32 6.24 34.16
CA ALA B 541 22.00 7.21 35.05
C ALA B 541 22.38 6.67 36.40
N MET B 542 23.06 5.51 36.37
CA MET B 542 23.47 4.86 37.63
C MET B 542 24.84 5.33 38.03
N GLY B 543 24.93 6.01 39.16
CA GLY B 543 26.25 6.46 39.59
C GLY B 543 26.75 7.53 38.70
N ASN B 544 28.06 7.57 38.49
CA ASN B 544 28.70 8.63 37.68
C ASN B 544 28.52 8.20 36.26
N SER B 545 27.49 8.77 35.65
CA SER B 545 27.08 8.24 34.33
C SER B 545 26.55 9.30 33.37
N LEU B 546 25.89 8.94 32.28
CA LEU B 546 25.44 9.93 31.31
C LEU B 546 26.54 10.27 30.33
N GLY B 547 27.61 9.46 30.36
CA GLY B 547 28.70 9.64 29.40
C GLY B 547 28.10 9.30 28.01
N GLY B 548 28.28 10.21 27.04
CA GLY B 548 27.77 9.98 25.68
C GLY B 548 26.35 10.47 25.50
N PHE B 549 25.88 11.18 26.54
CA PHE B 549 24.48 11.69 26.37
C PHE B 549 24.33 12.60 25.13
N ALA B 550 25.33 13.44 24.86
CA ALA B 550 25.24 14.35 23.73
C ALA B 550 25.10 13.68 22.37
N LYS B 551 25.67 12.48 22.31
CA LYS B 551 25.62 11.75 21.08
C LYS B 551 24.18 11.44 20.69
N TYR B 552 23.33 11.10 21.67
CA TYR B 552 21.90 10.83 21.38
C TYR B 552 21.24 12.06 20.80
N TRP B 553 21.48 13.19 21.52
CA TRP B 553 20.85 14.47 21.12
C TRP B 553 21.26 14.95 19.75
N GLN B 554 22.53 14.79 19.37
CA GLN B 554 22.94 15.18 18.04
C GLN B 554 22.19 14.29 17.02
N ALA B 555 22.00 12.99 17.32
CA ALA B 555 21.32 12.12 16.36
C ALA B 555 19.83 12.43 16.26
N PHE B 556 19.19 12.65 17.44
CA PHE B 556 17.74 12.99 17.43
C PHE B 556 17.53 14.26 16.60
N ARG B 557 18.44 15.21 16.68
CA ARG B 557 18.24 16.46 15.92
C ARG B 557 18.49 16.28 14.44
N GLN B 558 19.42 15.41 14.10
CA GLN B 558 19.74 15.19 12.69
C GLN B 558 18.75 14.32 11.94
N TYR B 559 18.10 13.40 12.65
CA TYR B 559 17.23 12.46 11.99
C TYR B 559 15.79 12.71 12.33
N PRO B 560 14.97 13.09 11.31
CA PRO B 560 13.59 13.37 11.58
C PRO B 560 12.88 12.26 12.40
N ARG B 561 13.02 10.99 11.94
CA ARG B 561 12.39 9.83 12.55
C ARG B 561 12.90 9.41 13.91
N LEU B 562 14.06 10.01 14.30
CA LEU B 562 14.58 9.77 15.67
C LEU B 562 13.90 10.84 16.48
N GLN B 563 12.82 10.49 17.14
CA GLN B 563 12.05 11.50 17.87
C GLN B 563 12.29 11.61 19.36
N GLY B 564 13.47 11.15 19.80
CA GLY B 564 13.74 11.35 21.24
C GLY B 564 13.68 10.07 22.06
N GLY B 565 13.40 10.22 23.36
CA GLY B 565 13.45 9.07 24.24
C GLY B 565 13.18 9.43 25.67
N PHE B 566 13.08 8.42 26.50
CA PHE B 566 12.89 8.54 27.95
C PHE B 566 14.15 8.10 28.67
N VAL B 567 14.86 9.02 29.28
CA VAL B 567 16.07 8.66 30.03
C VAL B 567 15.68 7.69 31.15
N TRP B 568 16.65 6.81 31.43
CA TRP B 568 16.46 5.85 32.54
C TRP B 568 17.44 6.23 33.69
N ASP B 569 16.97 6.80 34.84
CA ASP B 569 15.58 7.17 35.12
C ASP B 569 15.56 8.44 36.01
N TRP B 570 14.37 8.82 36.49
CA TRP B 570 14.28 10.07 37.21
C TRP B 570 14.99 10.13 38.53
N VAL B 571 14.53 9.25 39.45
CA VAL B 571 15.06 9.28 40.81
C VAL B 571 15.57 8.00 41.37
N ASP B 572 16.72 8.07 42.04
CA ASP B 572 17.25 6.84 42.69
C ASP B 572 16.25 6.17 43.68
N GLN B 573 16.13 4.82 43.61
CA GLN B 573 15.23 4.15 44.57
C GLN B 573 16.05 3.74 45.80
N SER B 574 16.64 4.73 46.48
CA SER B 574 17.36 4.38 47.72
C SER B 574 16.32 4.57 48.87
N LEU B 575 16.51 3.84 49.97
CA LEU B 575 15.57 3.99 51.10
C LEU B 575 16.35 4.50 52.33
N ILE B 576 15.73 5.22 53.24
CA ILE B 576 16.49 5.69 54.41
C ILE B 576 16.58 4.68 55.53
N LYS B 577 17.77 4.44 56.07
CA LYS B 577 17.98 3.55 57.23
C LYS B 577 18.65 4.45 58.26
N TYR B 578 18.63 4.02 59.54
CA TYR B 578 19.19 4.86 60.61
C TYR B 578 20.27 4.15 61.32
N ASP B 579 21.35 4.86 61.59
CA ASP B 579 22.41 4.17 62.31
C ASP B 579 22.14 4.13 63.83
N GLU B 580 23.25 3.81 64.47
CA GLU B 580 23.28 3.64 65.91
C GLU B 580 23.01 4.94 66.63
N ASN B 581 23.48 6.04 66.08
CA ASN B 581 23.15 7.28 66.77
C ASN B 581 21.90 7.86 66.14
N GLY B 582 21.17 7.02 65.39
CA GLY B 582 19.95 7.54 64.83
C GLY B 582 20.16 8.46 63.65
N ASN B 583 21.33 8.41 63.05
CA ASN B 583 21.49 9.23 61.86
C ASN B 583 21.06 8.38 60.62
N PRO B 584 20.40 9.08 59.70
CA PRO B 584 19.89 8.45 58.51
C PRO B 584 21.00 8.29 57.46
N TRP B 585 20.82 7.22 56.68
CA TRP B 585 21.74 6.96 55.61
C TRP B 585 20.94 6.25 54.50
N SER B 586 21.50 6.34 53.30
CA SER B 586 20.84 5.82 52.10
C SER B 586 21.27 4.40 51.85
N ALA B 587 20.22 3.54 51.82
CA ALA B 587 20.38 2.08 51.62
C ALA B 587 19.83 1.62 50.24
N TYR B 588 20.42 0.49 49.83
CA TYR B 588 20.05 -0.15 48.59
C TYR B 588 19.84 -1.64 48.79
N GLY B 589 19.76 -2.39 47.68
CA GLY B 589 19.47 -3.82 47.68
C GLY B 589 20.39 -4.56 48.67
N GLY B 590 19.82 -5.43 49.48
CA GLY B 590 20.56 -6.24 50.45
C GLY B 590 20.61 -5.56 51.81
N ASP B 591 20.38 -4.25 51.85
CA ASP B 591 20.52 -3.54 53.10
C ASP B 591 19.44 -3.83 54.12
N PHE B 592 18.48 -4.66 53.77
CA PHE B 592 17.42 -4.98 54.73
C PHE B 592 17.47 -6.48 55.02
N GLY B 593 18.60 -7.14 54.67
CA GLY B 593 18.63 -8.57 54.90
C GLY B 593 17.90 -9.28 53.74
N ASP B 594 17.53 -8.52 52.72
CA ASP B 594 16.85 -9.13 51.55
C ASP B 594 17.83 -9.86 50.66
N THR B 595 17.51 -11.11 50.33
CA THR B 595 18.39 -11.82 49.48
C THR B 595 17.61 -12.97 48.81
N PRO B 596 17.90 -13.26 47.54
CA PRO B 596 18.91 -12.54 46.78
C PRO B 596 18.46 -11.09 46.57
N ASN B 597 19.42 -10.24 46.17
CA ASN B 597 19.10 -8.84 45.90
C ASN B 597 19.98 -8.35 44.76
N ASP B 598 19.64 -7.21 44.19
CA ASP B 598 20.45 -6.66 43.12
C ASP B 598 21.24 -5.39 43.50
N ARG B 599 21.64 -5.40 44.76
CA ARG B 599 22.47 -4.33 45.27
C ARG B 599 22.12 -2.91 44.77
N GLN B 600 23.12 -2.17 44.27
CA GLN B 600 22.93 -0.78 43.87
C GLN B 600 22.15 -0.55 42.57
N PHE B 601 21.74 -1.63 41.88
CA PHE B 601 21.01 -1.44 40.63
C PHE B 601 19.68 -0.72 40.75
N CYS B 602 19.24 -0.45 41.97
CA CYS B 602 17.97 0.27 42.20
C CYS B 602 18.19 1.79 42.16
N MET B 603 19.48 2.19 42.09
CA MET B 603 19.79 3.65 42.01
C MET B 603 20.26 4.02 40.63
N ASN B 604 19.32 4.53 39.81
CA ASN B 604 19.68 4.85 38.38
C ASN B 604 19.16 6.25 38.01
N GLY B 605 18.92 7.07 39.03
CA GLY B 605 18.31 8.36 38.76
C GLY B 605 19.19 9.57 38.49
N LEU B 606 18.51 10.54 37.83
CA LEU B 606 19.14 11.80 37.55
C LEU B 606 19.14 12.59 38.85
N VAL B 607 18.24 12.27 39.77
CA VAL B 607 18.27 12.96 41.07
C VAL B 607 18.40 11.88 42.15
N PHE B 608 18.96 12.24 43.32
CA PHE B 608 19.05 11.32 44.47
C PHE B 608 17.60 11.21 44.98
N ALA B 609 17.41 10.26 45.91
CA ALA B 609 16.09 10.02 46.47
C ALA B 609 15.41 11.22 47.07
N ASP B 610 16.22 12.13 47.63
CA ASP B 610 15.60 13.30 48.23
C ASP B 610 15.47 14.45 47.23
N ARG B 611 15.61 14.17 45.95
CA ARG B 611 15.40 15.21 44.93
C ARG B 611 16.59 16.11 44.67
N THR B 612 17.72 15.97 45.42
CA THR B 612 18.90 16.76 45.06
C THR B 612 19.39 16.23 43.71
N PRO B 613 19.85 17.12 42.82
CA PRO B 613 20.31 16.59 41.55
C PRO B 613 21.66 15.90 41.59
N HIS B 614 21.83 14.93 40.72
CA HIS B 614 23.11 14.38 40.48
C HIS B 614 23.70 15.38 39.42
N PRO B 615 25.03 15.44 39.23
CA PRO B 615 25.59 16.35 38.22
C PRO B 615 25.06 16.05 36.79
N ALA B 616 24.75 14.76 36.49
CA ALA B 616 24.26 14.43 35.17
C ALA B 616 22.99 15.22 34.78
N LEU B 617 22.18 15.62 35.75
CA LEU B 617 20.96 16.32 35.37
C LEU B 617 21.32 17.58 34.55
N THR B 618 22.44 18.21 34.88
CA THR B 618 22.72 19.39 34.12
C THR B 618 23.11 19.08 32.71
N GLU B 619 23.70 17.93 32.55
CA GLU B 619 24.04 17.60 31.19
C GLU B 619 22.76 17.38 30.41
N ALA B 620 21.79 16.76 31.04
CA ALA B 620 20.50 16.52 30.36
C ALA B 620 19.86 17.86 30.01
N LYS B 621 19.83 18.77 31.00
CA LYS B 621 19.20 20.06 30.78
C LYS B 621 19.75 20.76 29.55
N HIS B 622 21.08 20.76 29.46
CA HIS B 622 21.76 21.43 28.35
C HIS B 622 21.44 20.78 26.99
N GLN B 623 21.57 19.47 26.92
CA GLN B 623 21.34 18.80 25.62
C GLN B 623 19.88 18.94 25.19
N GLN B 624 18.99 19.02 26.20
CA GLN B 624 17.57 19.16 25.88
C GLN B 624 17.09 20.59 25.70
N GLN B 625 18.03 21.54 25.51
CA GLN B 625 17.70 22.96 25.31
C GLN B 625 16.76 23.09 24.17
N PHE B 626 15.94 24.13 24.21
CA PHE B 626 14.95 24.39 23.16
C PHE B 626 15.36 25.45 22.17
N PHE B 627 16.54 26.01 22.42
CA PHE B 627 17.08 27.02 21.54
C PHE B 627 18.45 26.52 21.15
N GLN B 628 18.77 26.62 19.87
CA GLN B 628 20.03 26.19 19.27
C GLN B 628 20.76 27.48 18.81
N PHE B 629 22.10 27.45 18.82
CA PHE B 629 22.81 28.68 18.43
C PHE B 629 23.95 28.41 17.51
N ARG B 630 24.21 29.39 16.65
CA ARG B 630 25.41 29.23 15.82
C ARG B 630 26.07 30.59 15.86
N LEU B 631 27.38 30.61 15.68
CA LEU B 631 27.97 31.94 15.69
C LEU B 631 28.70 32.26 14.40
N SER B 632 28.54 33.46 13.93
CA SER B 632 29.32 33.75 12.74
C SER B 632 29.78 35.17 12.82
N GLY B 633 31.06 35.26 13.03
CA GLY B 633 31.56 36.60 13.17
C GLY B 633 31.02 37.16 14.45
N GLN B 634 30.34 38.30 14.39
CA GLN B 634 29.82 38.88 15.60
C GLN B 634 28.39 38.53 15.63
N THR B 635 28.05 37.62 14.73
CA THR B 635 26.66 37.22 14.62
C THR B 635 26.29 35.87 15.20
N ILE B 636 25.24 35.99 16.03
CA ILE B 636 24.56 34.85 16.68
C ILE B 636 23.20 34.59 16.05
N GLU B 637 23.04 33.33 15.66
CA GLU B 637 21.79 32.88 15.09
C GLU B 637 21.19 31.93 16.11
N VAL B 638 20.03 32.33 16.59
CA VAL B 638 19.26 31.54 17.55
C VAL B 638 18.16 30.88 16.80
N THR B 639 17.99 29.59 16.95
CA THR B 639 16.90 28.92 16.26
C THR B 639 16.02 28.30 17.38
N SER B 640 14.72 28.40 17.28
CA SER B 640 13.84 27.88 18.28
C SER B 640 13.39 26.51 17.90
N GLU B 641 13.39 25.65 18.92
CA GLU B 641 12.92 24.30 18.74
C GLU B 641 11.52 24.14 19.26
N TYR B 642 10.88 25.22 19.77
CA TYR B 642 9.46 25.15 20.18
C TYR B 642 8.61 24.97 18.90
N LEU B 643 7.51 24.20 19.01
CA LEU B 643 6.69 23.91 17.83
C LEU B 643 5.50 24.87 17.84
N PHE B 644 5.11 25.35 19.03
CA PHE B 644 3.93 26.13 19.17
C PHE B 644 4.10 27.53 19.74
N ARG B 645 4.95 27.75 20.69
CA ARG B 645 5.03 29.12 21.19
C ARG B 645 6.17 29.98 20.62
N HIS B 646 5.99 31.31 20.70
CA HIS B 646 7.04 32.31 20.37
C HIS B 646 7.84 32.48 21.68
N SER B 647 9.08 32.94 21.58
CA SER B 647 9.91 33.09 22.76
C SER B 647 9.45 34.34 23.50
N ASP B 648 8.29 34.26 24.05
CA ASP B 648 7.79 35.44 24.71
C ASP B 648 8.03 35.63 26.16
N ASN B 649 9.00 34.94 26.71
CA ASN B 649 9.34 35.12 28.08
C ASN B 649 10.82 34.77 28.07
N GLU B 650 11.50 35.43 27.10
CA GLU B 650 12.93 35.12 27.00
C GLU B 650 13.76 36.27 26.56
N LEU B 651 14.93 36.42 27.18
CA LEU B 651 15.93 37.41 26.78
C LEU B 651 17.30 36.72 26.73
N LEU B 652 18.11 37.21 25.79
CA LEU B 652 19.44 36.66 25.66
C LEU B 652 20.50 37.55 26.29
N HIS B 653 21.27 36.92 27.22
CA HIS B 653 22.38 37.59 27.90
C HIS B 653 23.67 37.03 27.30
N TRP B 654 24.61 37.95 27.11
CA TRP B 654 25.87 37.54 26.56
C TRP B 654 26.99 38.24 27.31
N MET B 655 28.09 37.51 27.36
CA MET B 655 29.25 38.05 28.02
C MET B 655 30.51 37.55 27.38
N VAL B 656 31.45 38.48 27.29
CA VAL B 656 32.76 38.15 26.71
C VAL B 656 33.82 38.25 27.82
N ALA B 657 34.68 37.20 27.99
CA ALA B 657 35.65 37.21 29.08
C ALA B 657 36.99 36.68 28.65
N LEU B 658 38.06 37.20 29.25
CA LEU B 658 39.37 36.73 28.85
C LEU B 658 39.85 35.92 30.02
N ASP B 659 40.13 34.64 29.80
CA ASP B 659 40.57 33.92 30.95
C ASP B 659 39.75 34.16 32.19
N GLY B 660 38.45 34.11 32.03
CA GLY B 660 37.65 34.34 33.21
C GLY B 660 37.39 35.81 33.60
N LYS B 661 38.12 36.78 32.98
CA LYS B 661 37.97 38.18 33.30
C LYS B 661 37.06 38.81 32.28
N PRO B 662 35.93 39.23 32.76
CA PRO B 662 34.87 39.82 31.95
C PRO B 662 35.32 41.13 31.36
N LEU B 663 35.08 41.21 30.06
CA LEU B 663 35.42 42.35 29.26
C LEU B 663 34.18 43.10 28.83
N ALA B 664 33.10 42.35 28.62
CA ALA B 664 31.90 43.02 28.15
C ALA B 664 30.73 42.09 28.14
N SER B 665 29.54 42.66 28.13
CA SER B 665 28.35 41.86 28.12
C SER B 665 27.16 42.73 27.86
N GLY B 666 26.01 42.13 27.64
CA GLY B 666 24.81 42.90 27.39
C GLY B 666 23.61 41.96 27.28
N GLU B 667 22.48 42.49 26.84
CA GLU B 667 21.32 41.64 26.69
C GLU B 667 20.51 42.11 25.52
N VAL B 668 19.82 41.19 24.91
CA VAL B 668 19.01 41.43 23.73
C VAL B 668 17.72 40.64 23.89
N PRO B 669 16.61 41.28 23.61
CA PRO B 669 15.34 40.59 23.76
C PRO B 669 15.30 39.55 22.65
N LEU B 670 14.68 38.38 22.94
CA LEU B 670 14.58 37.28 22.00
C LEU B 670 13.20 37.31 21.42
N ASP B 671 13.10 37.22 20.12
CA ASP B 671 11.73 37.21 19.63
C ASP B 671 11.73 36.25 18.48
N VAL B 672 11.65 34.97 18.78
CA VAL B 672 11.74 33.99 17.70
C VAL B 672 10.44 33.14 17.68
N ALA B 673 9.91 32.98 16.48
CA ALA B 673 8.71 32.21 16.25
C ALA B 673 9.09 30.72 16.42
N PRO B 674 8.12 29.84 16.71
CA PRO B 674 8.41 28.42 16.82
C PRO B 674 9.06 27.98 15.56
N GLN B 675 10.15 27.24 15.66
CA GLN B 675 10.87 26.77 14.50
C GLN B 675 11.59 27.88 13.75
N GLY B 676 11.50 29.14 14.12
CA GLY B 676 12.15 30.21 13.37
C GLY B 676 13.56 30.52 13.84
N LYS B 677 14.12 31.58 13.31
CA LYS B 677 15.45 31.98 13.70
C LYS B 677 15.48 33.46 13.96
N GLN B 678 16.48 33.94 14.70
CA GLN B 678 16.67 35.34 14.96
C GLN B 678 18.14 35.63 14.85
N LEU B 679 18.55 36.72 14.18
CA LEU B 679 19.98 37.07 14.13
C LEU B 679 20.23 38.18 15.09
N ILE B 680 21.36 38.09 15.76
CA ILE B 680 21.70 39.09 16.71
C ILE B 680 23.13 39.52 16.48
N GLU B 681 23.29 40.78 16.11
CA GLU B 681 24.63 41.30 15.91
C GLU B 681 25.21 41.81 17.21
N LEU B 682 26.33 41.29 17.58
CA LEU B 682 26.89 41.77 18.81
C LEU B 682 27.63 43.04 18.46
N PRO B 683 27.69 43.98 19.40
CA PRO B 683 28.40 45.24 19.18
C PRO B 683 29.89 44.98 19.03
N GLU B 684 30.61 45.88 18.36
CA GLU B 684 32.04 45.71 18.16
C GLU B 684 32.66 45.30 19.47
N LEU B 685 33.30 44.15 19.52
CA LEU B 685 33.88 43.82 20.80
C LEU B 685 35.32 44.24 20.73
N PRO B 686 35.68 45.19 21.58
CA PRO B 686 37.04 45.64 21.54
C PRO B 686 38.05 44.51 21.65
N GLN B 687 39.29 44.93 21.43
CA GLN B 687 40.42 44.05 21.47
C GLN B 687 41.02 43.99 22.86
N PRO B 688 41.95 43.06 23.02
CA PRO B 688 42.55 42.93 24.31
C PRO B 688 44.06 42.81 24.34
N GLU B 689 44.47 43.62 25.31
CA GLU B 689 45.85 43.82 25.71
C GLU B 689 46.22 42.78 26.78
N SER B 690 46.35 41.51 26.33
CA SER B 690 46.72 40.37 27.18
C SER B 690 46.60 38.98 26.54
N ALA B 691 47.62 38.19 26.81
CA ALA B 691 47.58 36.83 26.34
C ALA B 691 46.33 36.21 26.97
N GLY B 692 45.88 35.10 26.38
CA GLY B 692 44.77 34.39 26.93
C GLY B 692 43.76 34.17 25.81
N GLN B 693 42.74 33.46 26.27
CA GLN B 693 41.61 33.05 25.45
C GLN B 693 40.35 33.82 25.73
N LEU B 694 39.78 34.43 24.68
CA LEU B 694 38.53 35.15 24.87
C LEU B 694 37.41 34.14 24.63
N TRP B 695 36.48 34.14 25.55
CA TRP B 695 35.35 33.25 25.36
C TRP B 695 34.04 34.00 25.40
N LEU B 696 33.11 33.59 24.49
CA LEU B 696 31.79 34.18 24.50
C LEU B 696 30.81 33.17 25.09
N THR B 697 30.03 33.63 26.05
CA THR B 697 29.00 32.81 26.67
C THR B 697 27.66 33.51 26.51
N VAL B 698 26.63 32.76 26.13
CA VAL B 698 25.27 33.29 26.02
C VAL B 698 24.35 32.44 26.87
N ARG B 699 23.35 33.06 27.44
CA ARG B 699 22.40 32.35 28.26
C ARG B 699 21.00 32.86 27.88
N VAL B 700 20.02 31.97 27.92
CA VAL B 700 18.62 32.40 27.69
C VAL B 700 18.01 32.44 29.06
N VAL B 701 17.54 33.64 29.44
CA VAL B 701 16.93 33.93 30.72
C VAL B 701 15.43 34.30 30.58
N GLN B 702 14.60 33.75 31.48
CA GLN B 702 13.16 33.98 31.46
C GLN B 702 12.89 35.06 32.50
N PRO B 703 12.63 36.27 32.02
CA PRO B 703 12.50 37.37 32.97
C PRO B 703 11.34 37.22 33.94
N ASN B 704 10.27 36.57 33.49
CA ASN B 704 9.08 36.39 34.32
C ASN B 704 8.97 35.02 34.92
N ALA B 705 8.36 34.92 36.11
CA ALA B 705 8.19 33.60 36.70
C ALA B 705 7.07 32.88 35.99
N THR B 706 6.96 31.57 36.04
CA THR B 706 5.86 30.86 35.34
C THR B 706 5.28 29.94 36.36
N ALA B 707 4.32 29.10 35.96
CA ALA B 707 3.83 28.16 36.95
C ALA B 707 4.92 27.20 37.38
N TRP B 708 6.01 27.03 36.63
CA TRP B 708 7.01 26.04 37.02
C TRP B 708 8.45 26.57 37.21
N SER B 709 8.58 27.89 37.12
CA SER B 709 9.92 28.49 37.24
C SER B 709 9.86 29.93 37.83
N GLU B 710 10.96 30.32 38.41
CA GLU B 710 11.03 31.66 39.00
C GLU B 710 11.60 32.63 37.99
N ALA B 711 11.36 33.90 38.28
CA ALA B 711 11.88 34.93 37.44
C ALA B 711 13.35 34.77 37.43
N GLY B 712 13.94 34.95 36.24
CA GLY B 712 15.39 34.84 36.13
C GLY B 712 15.90 33.41 35.79
N HIS B 713 14.97 32.46 35.63
CA HIS B 713 15.35 31.09 35.29
C HIS B 713 16.15 31.04 33.97
N ILE B 714 17.26 30.31 33.99
CA ILE B 714 18.07 30.16 32.78
C ILE B 714 17.67 28.85 32.11
N SER B 715 17.22 28.95 30.88
CA SER B 715 16.73 27.76 30.18
C SER B 715 17.70 27.19 29.14
N ALA B 716 18.75 27.94 28.79
CA ALA B 716 19.66 27.47 27.81
C ALA B 716 20.94 28.32 27.84
N TRP B 717 22.04 27.69 27.36
CA TRP B 717 23.32 28.40 27.29
C TRP B 717 24.22 27.78 26.25
N GLN B 718 25.28 28.49 25.90
CA GLN B 718 26.25 28.03 24.94
C GLN B 718 27.54 28.90 24.99
N GLN B 719 28.68 28.31 24.63
CA GLN B 719 29.88 29.10 24.59
C GLN B 719 30.59 28.84 23.32
N TRP B 720 31.46 29.81 23.00
CA TRP B 720 32.40 29.74 21.88
C TRP B 720 33.72 30.43 22.27
N ARG B 721 34.83 29.90 21.74
CA ARG B 721 36.13 30.51 21.97
C ARG B 721 36.22 31.55 20.87
N LEU B 722 36.52 32.81 21.16
CA LEU B 722 36.68 33.85 20.14
C LEU B 722 38.20 33.96 19.96
N ALA B 723 38.76 35.07 19.66
CA ALA B 723 40.20 35.01 19.57
C ALA B 723 40.98 34.42 20.74
N GLU B 724 42.21 34.02 20.42
CA GLU B 724 43.21 33.58 21.41
C GLU B 724 44.48 34.33 21.12
N ASN B 725 45.12 34.78 22.19
CA ASN B 725 46.40 35.46 22.00
C ASN B 725 47.41 34.62 22.72
N LEU B 726 48.28 33.94 21.98
CA LEU B 726 49.27 33.10 22.70
C LEU B 726 50.34 33.98 23.41
N SER B 727 50.85 33.60 24.56
CA SER B 727 51.87 34.46 25.17
C SER B 727 53.22 34.27 24.50
N VAL B 728 53.85 35.41 24.10
CA VAL B 728 55.17 35.38 23.48
C VAL B 728 56.19 36.15 24.32
N THR B 729 55.71 36.54 25.46
CA THR B 729 56.46 37.31 26.43
C THR B 729 57.23 36.48 27.45
N LEU B 730 58.53 36.72 27.30
CA LEU B 730 59.62 36.14 28.07
C LEU B 730 59.45 36.51 29.54
N PRO B 731 59.40 35.46 30.35
CA PRO B 731 59.23 35.64 31.76
C PRO B 731 59.88 36.94 32.30
N ALA B 732 61.20 36.84 32.59
CA ALA B 732 62.08 37.87 33.13
C ALA B 732 63.17 37.28 34.02
N ALA B 733 64.40 37.83 33.94
CA ALA B 733 65.60 37.42 34.70
C ALA B 733 65.39 37.09 36.20
N SER B 734 65.49 35.80 36.53
CA SER B 734 65.27 35.32 37.89
C SER B 734 66.09 35.99 38.93
N HIS B 735 65.36 36.42 39.95
CA HIS B 735 65.98 37.08 41.06
C HIS B 735 67.06 36.20 41.71
N ALA B 736 66.90 34.87 41.61
CA ALA B 736 67.86 33.98 42.21
C ALA B 736 68.04 32.65 41.48
N ILE B 737 68.93 31.80 42.01
CA ILE B 737 69.13 30.49 41.39
C ILE B 737 69.05 29.38 42.43
N PRO B 738 68.30 28.35 42.09
CA PRO B 738 68.07 27.27 43.03
C PRO B 738 69.32 26.45 43.18
N HIS B 739 69.49 25.94 44.40
CA HIS B 739 70.63 25.12 44.70
C HIS B 739 70.29 23.61 44.90
N LEU B 740 71.10 22.79 44.25
CA LEU B 740 70.92 21.38 44.35
C LEU B 740 71.89 20.78 45.35
N THR B 741 71.34 20.00 46.27
CA THR B 741 72.13 19.28 47.23
C THR B 741 72.00 17.81 46.94
N THR B 742 73.07 17.10 46.69
CA THR B 742 72.90 15.67 46.39
C THR B 742 73.40 14.77 47.51
N SER B 743 72.66 13.73 47.85
CA SER B 743 73.09 12.81 48.89
C SER B 743 72.91 11.43 48.33
N GLU B 744 73.29 10.41 49.09
CA GLU B 744 73.16 9.09 48.49
C GLU B 744 71.71 8.75 48.24
N MET B 745 70.87 9.13 49.17
CA MET B 745 69.51 8.75 48.92
C MET B 745 68.56 9.83 48.34
N ASP B 746 68.96 11.12 48.32
CA ASP B 746 68.07 12.18 47.83
C ASP B 746 68.75 13.25 47.02
N PHE B 747 67.90 13.90 46.21
CA PHE B 747 68.25 15.11 45.48
C PHE B 747 67.35 16.17 46.12
N CYS B 748 67.94 17.24 46.71
CA CYS B 748 67.20 18.34 47.35
C CYS B 748 67.47 19.61 46.63
N ILE B 749 66.44 20.37 46.53
CA ILE B 749 66.60 21.60 45.83
C ILE B 749 66.12 22.65 46.80
N GLU B 750 66.92 23.71 46.95
CA GLU B 750 66.52 24.82 47.82
C GLU B 750 66.38 26.13 47.04
N LEU B 751 65.31 26.86 47.34
CA LEU B 751 65.03 28.16 46.70
C LEU B 751 64.24 29.03 47.64
N GLY B 752 64.96 30.01 48.30
CA GLY B 752 64.25 30.92 49.23
C GLY B 752 63.73 30.15 50.40
N ASN B 753 62.46 30.27 50.72
CA ASN B 753 61.95 29.47 51.82
C ASN B 753 61.28 28.16 51.36
N LYS B 754 61.61 27.72 50.15
CA LYS B 754 61.05 26.49 49.62
C LYS B 754 62.13 25.46 49.45
N ARG B 755 61.77 24.12 49.60
CA ARG B 755 62.72 22.99 49.44
C ARG B 755 61.96 21.82 48.77
N TRP B 756 62.57 21.06 47.88
CA TRP B 756 61.92 19.96 47.22
C TRP B 756 62.84 18.83 47.50
N GLN B 757 62.29 17.64 47.74
CA GLN B 757 63.12 16.50 47.97
C GLN B 757 62.72 15.36 47.09
N PHE B 758 63.65 14.86 46.35
CA PHE B 758 63.40 13.73 45.49
C PHE B 758 64.22 12.57 46.01
N ASN B 759 63.50 11.52 46.29
CA ASN B 759 64.12 10.30 46.75
C ASN B 759 64.74 9.55 45.61
N ARG B 760 66.06 9.28 45.66
CA ARG B 760 66.81 8.60 44.58
C ARG B 760 66.52 7.12 44.33
N GLN B 761 65.89 6.44 45.29
CA GLN B 761 65.58 5.03 45.09
C GLN B 761 64.15 4.86 44.61
N SER B 762 63.26 5.75 45.04
CA SER B 762 61.87 5.69 44.54
C SER B 762 61.74 6.49 43.24
N GLY B 763 62.47 7.60 43.08
CA GLY B 763 62.35 8.35 41.85
C GLY B 763 61.19 9.31 41.90
N PHE B 764 60.61 9.53 43.05
CA PHE B 764 59.53 10.53 43.12
C PHE B 764 59.86 11.71 44.00
N LEU B 765 59.07 12.71 43.82
CA LEU B 765 59.12 13.89 44.69
C LEU B 765 58.48 13.40 45.99
N SER B 766 59.29 13.20 47.03
CA SER B 766 58.66 12.71 48.26
C SER B 766 58.25 13.74 49.28
N GLN B 767 58.81 14.96 49.19
CA GLN B 767 58.51 16.00 50.15
C GLN B 767 58.79 17.40 49.57
N MET B 768 58.01 18.35 50.02
CA MET B 768 58.11 19.70 49.61
C MET B 768 57.77 20.49 50.86
N TRP B 769 58.61 21.53 51.16
CA TRP B 769 58.37 22.41 52.30
C TRP B 769 58.23 23.87 51.91
N ILE B 770 57.38 24.55 52.61
CA ILE B 770 57.29 25.97 52.48
C ILE B 770 57.72 26.42 53.85
N GLY B 771 58.93 26.92 53.96
CA GLY B 771 59.43 27.29 55.26
C GLY B 771 59.74 25.98 55.96
N ASP B 772 59.25 25.83 57.16
CA ASP B 772 59.51 24.54 57.79
C ASP B 772 58.30 23.62 57.65
N LYS B 773 57.32 24.02 56.80
CA LYS B 773 56.13 23.19 56.69
C LYS B 773 56.10 22.20 55.53
N LYS B 774 55.97 20.91 55.91
CA LYS B 774 55.86 19.83 54.96
C LYS B 774 54.54 20.00 54.19
N GLN B 775 54.53 19.77 52.89
CA GLN B 775 53.32 20.00 52.11
C GLN B 775 52.68 18.70 51.62
N LEU B 776 53.41 17.61 51.74
CA LEU B 776 52.91 16.32 51.28
C LEU B 776 52.75 15.28 52.40
N LEU B 777 51.73 14.42 52.29
CA LEU B 777 51.49 13.31 53.23
C LEU B 777 51.92 12.08 52.50
N THR B 778 51.83 12.12 51.18
CA THR B 778 52.36 10.95 50.47
C THR B 778 53.08 11.47 49.25
N PRO B 779 54.04 10.82 48.71
CA PRO B 779 54.73 11.39 47.58
C PRO B 779 53.87 11.56 46.33
N LEU B 780 54.41 12.37 45.42
CA LEU B 780 53.76 12.66 44.16
C LEU B 780 54.07 11.51 43.19
N ARG B 781 53.05 10.69 42.85
CA ARG B 781 53.28 9.53 41.98
C ARG B 781 52.30 9.41 40.76
N ASP B 782 52.72 8.73 39.70
CA ASP B 782 51.80 8.58 38.61
C ASP B 782 50.62 7.73 39.06
N GLN B 783 49.47 7.89 38.41
CA GLN B 783 48.32 7.06 38.77
C GLN B 783 47.62 6.67 37.48
N PHE B 784 47.34 5.39 37.26
CA PHE B 784 46.73 4.94 36.01
C PHE B 784 45.38 4.32 36.26
N THR B 785 44.91 4.39 37.48
CA THR B 785 43.64 3.74 37.76
C THR B 785 42.68 4.67 38.44
N ARG B 786 41.40 4.20 38.49
CA ARG B 786 40.40 5.00 39.20
C ARG B 786 39.54 4.09 40.07
N ALA B 787 38.95 4.58 41.18
CA ALA B 787 38.05 3.74 41.99
C ALA B 787 36.87 3.51 41.05
N PRO B 788 36.58 2.29 40.73
CA PRO B 788 35.61 1.99 39.70
C PRO B 788 34.21 2.52 39.80
N LEU B 789 33.76 3.09 38.69
CA LEU B 789 32.40 3.58 38.65
C LEU B 789 31.46 2.39 38.50
N ASP B 790 30.13 2.64 38.70
CA ASP B 790 29.13 1.62 38.47
C ASP B 790 29.22 1.15 37.04
N ASN B 791 29.49 2.07 36.12
CA ASN B 791 29.61 1.61 34.71
C ASN B 791 30.88 0.78 34.48
N ASP B 792 31.91 0.97 35.31
CA ASP B 792 33.10 0.17 35.11
C ASP B 792 32.90 -1.22 35.63
N ILE B 793 32.04 -1.29 36.67
CA ILE B 793 31.79 -2.59 37.27
C ILE B 793 30.75 -3.41 36.53
N GLY B 794 29.69 -2.72 36.13
CA GLY B 794 28.60 -3.42 35.48
C GLY B 794 28.00 -4.48 36.43
N VAL B 795 27.77 -5.70 35.90
CA VAL B 795 27.20 -6.74 36.72
C VAL B 795 28.23 -7.56 37.46
N SER B 796 29.51 -7.27 37.22
CA SER B 796 30.51 -8.13 37.86
C SER B 796 30.34 -8.14 39.36
N GLU B 797 30.45 -9.34 39.97
CA GLU B 797 30.34 -9.58 41.44
C GLU B 797 31.43 -10.59 41.86
N ALA B 798 31.85 -10.53 43.11
CA ALA B 798 32.87 -11.51 43.55
C ALA B 798 32.41 -12.95 43.32
N THR B 799 31.14 -13.24 43.51
CA THR B 799 30.64 -14.59 43.23
C THR B 799 30.38 -14.83 41.77
N ARG B 800 30.56 -13.85 40.91
CA ARG B 800 30.34 -14.13 39.53
C ARG B 800 30.88 -12.95 38.79
N ILE B 801 32.16 -13.11 38.63
CA ILE B 801 32.92 -12.08 37.92
C ILE B 801 32.50 -11.96 36.41
N ASP B 802 32.36 -10.76 35.87
CA ASP B 802 32.07 -10.57 34.45
C ASP B 802 33.42 -10.18 33.89
N PRO B 803 34.16 -11.08 33.32
CA PRO B 803 35.49 -10.75 32.84
C PRO B 803 35.50 -9.72 31.76
N ASN B 804 34.33 -9.41 31.15
CA ASN B 804 34.37 -8.41 30.14
C ASN B 804 34.23 -7.00 30.73
N ALA B 805 33.83 -6.81 31.99
CA ALA B 805 33.63 -5.48 32.54
C ALA B 805 34.99 -4.76 32.62
N TRP B 806 35.02 -3.42 32.46
CA TRP B 806 36.30 -2.68 32.53
C TRP B 806 37.08 -2.96 33.81
N VAL B 807 36.32 -2.96 34.90
CA VAL B 807 37.04 -3.18 36.15
C VAL B 807 37.81 -4.51 36.17
N GLU B 808 37.22 -5.56 35.62
CA GLU B 808 37.85 -6.88 35.61
C GLU B 808 38.95 -6.94 34.58
N ARG B 809 38.84 -6.21 33.52
CA ARG B 809 39.94 -6.19 32.56
C ARG B 809 41.15 -5.50 33.22
N TRP B 810 40.84 -4.38 33.92
CA TRP B 810 41.92 -3.67 34.62
C TRP B 810 42.60 -4.56 35.70
N LYS B 811 41.79 -5.20 36.55
CA LYS B 811 42.30 -6.05 37.63
C LYS B 811 43.19 -7.16 37.09
N ALA B 812 42.61 -7.86 36.11
CA ALA B 812 43.25 -8.99 35.49
C ALA B 812 44.55 -8.58 34.88
N ALA B 813 44.64 -7.37 34.36
CA ALA B 813 45.87 -6.93 33.70
C ALA B 813 46.95 -6.53 34.74
N GLY B 814 46.50 -6.45 36.00
CA GLY B 814 47.40 -5.99 37.05
C GLY B 814 47.42 -4.46 37.23
N HIS B 815 46.49 -3.72 36.60
CA HIS B 815 46.51 -2.30 36.75
C HIS B 815 46.46 -1.85 38.22
N TYR B 816 45.68 -2.51 39.01
CA TYR B 816 45.58 -2.04 40.36
C TYR B 816 46.70 -2.65 41.18
N GLN B 817 47.43 -3.60 40.71
CA GLN B 817 48.46 -4.10 41.60
C GLN B 817 49.88 -3.70 41.21
N ALA B 818 50.09 -3.24 39.96
CA ALA B 818 51.40 -2.91 39.37
C ALA B 818 52.20 -1.95 40.22
N GLU B 819 53.49 -2.28 40.39
CA GLU B 819 54.35 -1.45 41.20
C GLU B 819 55.36 -0.71 40.32
N ALA B 820 55.61 0.52 40.69
CA ALA B 820 56.58 1.29 39.95
C ALA B 820 58.02 0.77 40.11
N ALA B 821 58.75 0.52 39.03
CA ALA B 821 60.13 0.13 39.07
C ALA B 821 61.05 1.29 38.59
N LEU B 822 62.08 1.75 39.34
CA LEU B 822 62.87 2.82 38.79
C LEU B 822 63.76 2.43 37.67
N LEU B 823 63.85 3.26 36.62
CA LEU B 823 64.73 2.91 35.53
C LEU B 823 65.79 3.96 35.56
N GLN B 824 65.41 5.16 36.07
CA GLN B 824 66.40 6.21 36.11
C GLN B 824 66.03 7.40 36.91
N CYS B 825 67.00 7.98 37.58
CA CYS B 825 66.78 9.19 38.38
C CYS B 825 68.03 10.08 38.36
N THR B 826 68.01 11.20 37.66
CA THR B 826 69.24 11.99 37.60
C THR B 826 68.93 13.41 37.91
N ALA B 827 69.96 14.16 38.27
CA ALA B 827 69.87 15.60 38.62
C ALA B 827 70.96 16.39 37.89
N ASP B 828 70.58 17.48 37.30
CA ASP B 828 71.55 18.29 36.62
C ASP B 828 71.31 19.71 36.98
N THR B 829 72.34 20.51 36.97
CA THR B 829 72.11 21.91 37.20
C THR B 829 72.25 22.62 35.84
N LEU B 830 71.33 23.54 35.53
CA LEU B 830 71.40 24.31 34.31
C LEU B 830 71.81 25.72 34.73
N ALA B 831 71.98 26.60 33.77
CA ALA B 831 72.39 27.96 34.12
C ALA B 831 71.50 28.63 35.19
N ASP B 832 70.20 28.48 35.06
CA ASP B 832 69.24 29.12 35.94
C ASP B 832 68.30 28.14 36.62
N ALA B 833 68.63 26.87 36.59
CA ALA B 833 67.66 25.97 37.17
C ALA B 833 68.30 24.61 37.47
N VAL B 834 67.48 23.80 38.12
CA VAL B 834 67.90 22.46 38.41
C VAL B 834 66.89 21.60 37.69
N LEU B 835 67.44 20.57 37.04
CA LEU B 835 66.65 19.60 36.30
C LEU B 835 66.76 18.19 36.82
N ILE B 836 65.61 17.60 37.23
CA ILE B 836 65.62 16.20 37.68
C ILE B 836 64.95 15.40 36.57
N THR B 837 65.50 14.28 36.27
CA THR B 837 64.98 13.43 35.24
C THR B 837 64.68 12.07 35.83
N THR B 838 63.50 11.51 35.57
CA THR B 838 63.21 10.17 36.09
C THR B 838 62.51 9.30 35.08
N ALA B 839 62.62 7.99 35.24
CA ALA B 839 61.93 7.09 34.34
C ALA B 839 61.50 5.91 35.18
N HIS B 840 60.27 5.45 35.03
CA HIS B 840 59.81 4.28 35.80
C HIS B 840 59.03 3.32 34.90
N ALA B 841 59.04 2.07 35.24
CA ALA B 841 58.26 1.11 34.48
C ALA B 841 57.26 0.55 35.45
N TRP B 842 56.01 0.31 35.01
CA TRP B 842 55.03 -0.35 35.86
C TRP B 842 54.84 -1.71 35.30
N GLN B 843 55.04 -2.76 36.09
CA GLN B 843 54.92 -4.06 35.50
C GLN B 843 54.11 -4.98 36.34
N HIS B 844 53.70 -6.01 35.58
CA HIS B 844 52.83 -7.00 36.21
C HIS B 844 53.05 -8.30 35.57
N GLN B 845 53.32 -9.31 36.45
CA GLN B 845 53.59 -10.71 36.13
C GLN B 845 54.51 -10.72 34.97
N GLY B 846 55.52 -9.89 35.25
CA GLY B 846 56.62 -9.62 34.36
C GLY B 846 56.26 -8.88 33.06
N LYS B 847 55.10 -8.24 32.97
CA LYS B 847 54.85 -7.54 31.74
C LYS B 847 55.01 -6.07 32.05
N THR B 848 55.53 -5.32 31.04
CA THR B 848 55.60 -3.90 31.28
C THR B 848 54.27 -3.33 30.81
N LEU B 849 53.51 -2.70 31.72
CA LEU B 849 52.23 -2.12 31.37
C LEU B 849 52.36 -0.69 30.95
N PHE B 850 53.07 0.07 31.78
CA PHE B 850 53.27 1.49 31.49
C PHE B 850 54.72 1.93 31.77
N ILE B 851 55.17 2.95 31.04
CA ILE B 851 56.48 3.53 31.27
C ILE B 851 56.24 5.04 31.38
N SER B 852 56.74 5.69 32.44
CA SER B 852 56.54 7.11 32.63
C SER B 852 57.90 7.77 32.67
N ARG B 853 58.11 8.76 31.81
CA ARG B 853 59.32 9.52 31.76
C ARG B 853 58.93 10.93 32.09
N LYS B 854 59.69 11.50 33.04
CA LYS B 854 59.46 12.87 33.44
C LYS B 854 60.70 13.71 33.64
N THR B 855 60.45 15.02 33.63
CA THR B 855 61.44 16.01 34.00
C THR B 855 60.76 16.97 34.91
N TYR B 856 61.56 17.45 35.88
CA TYR B 856 61.10 18.46 36.81
C TYR B 856 62.11 19.56 36.63
N ARG B 857 61.64 20.76 36.38
CA ARG B 857 62.61 21.81 36.21
C ARG B 857 62.24 22.91 37.14
N ILE B 858 63.12 23.15 38.13
CA ILE B 858 62.84 24.18 39.14
C ILE B 858 63.71 25.42 38.89
N ASP B 859 63.09 26.59 38.66
CA ASP B 859 63.93 27.73 38.35
C ASP B 859 63.96 28.78 39.45
N GLY B 860 64.69 29.85 39.09
CA GLY B 860 64.88 30.98 39.97
C GLY B 860 63.58 31.58 40.45
N SER B 861 62.51 31.33 39.72
CA SER B 861 61.24 31.85 40.12
C SER B 861 60.61 30.93 41.14
N GLY B 862 61.20 29.78 41.37
CA GLY B 862 60.50 28.95 42.34
C GLY B 862 59.35 28.11 41.75
N GLN B 863 59.17 28.19 40.44
CA GLN B 863 58.16 27.37 39.82
C GLN B 863 58.71 26.02 39.47
N MET B 864 57.87 24.99 39.60
CA MET B 864 58.33 23.68 39.27
C MET B 864 57.55 23.21 38.04
N ALA B 865 58.25 23.06 36.92
CA ALA B 865 57.68 22.60 35.63
C ALA B 865 57.92 21.12 35.47
N ILE B 866 56.81 20.40 35.32
CA ILE B 866 56.82 18.92 35.22
C ILE B 866 56.38 18.49 33.85
N THR B 867 57.21 17.73 33.23
CA THR B 867 56.81 17.23 31.94
C THR B 867 56.64 15.71 32.10
N VAL B 868 55.56 15.11 31.56
CA VAL B 868 55.36 13.66 31.69
C VAL B 868 55.09 13.04 30.32
N ASP B 869 55.83 12.01 29.99
CA ASP B 869 55.64 11.31 28.73
C ASP B 869 55.38 9.86 29.09
N VAL B 870 54.22 9.32 28.70
CA VAL B 870 53.95 7.98 29.13
C VAL B 870 53.77 7.06 27.93
N GLU B 871 54.29 5.83 28.06
CA GLU B 871 54.06 4.77 27.11
C GLU B 871 53.06 3.78 27.74
N VAL B 872 52.06 3.28 26.95
CA VAL B 872 51.10 2.27 27.45
C VAL B 872 51.15 1.08 26.50
N ALA B 873 51.53 -0.11 26.97
CA ALA B 873 51.62 -1.28 26.10
C ALA B 873 50.33 -1.41 25.33
N SER B 874 50.44 -1.68 24.05
CA SER B 874 49.22 -1.76 23.19
C SER B 874 48.34 -2.92 23.56
N ASP B 875 48.95 -3.92 24.14
CA ASP B 875 48.20 -5.09 24.53
C ASP B 875 47.69 -5.02 25.96
N THR B 876 47.77 -3.91 26.65
CA THR B 876 47.13 -4.01 27.96
C THR B 876 45.78 -3.27 27.81
N PRO B 877 44.76 -3.55 28.63
CA PRO B 877 43.50 -2.77 28.47
C PRO B 877 43.78 -1.27 28.63
N HIS B 878 43.08 -0.45 27.85
CA HIS B 878 43.25 1.01 27.94
C HIS B 878 42.97 1.47 29.38
N PRO B 879 43.91 2.25 29.97
CA PRO B 879 43.77 2.63 31.42
C PRO B 879 42.69 3.66 31.72
N ALA B 880 42.21 3.67 32.94
CA ALA B 880 41.18 4.62 33.38
C ALA B 880 41.65 6.06 33.32
N ARG B 881 42.94 6.29 33.50
CA ARG B 881 43.51 7.65 33.47
C ARG B 881 45.03 7.60 33.36
N ILE B 882 45.61 8.77 33.08
CA ILE B 882 47.08 8.90 32.98
C ILE B 882 47.34 10.23 33.70
N GLY B 883 47.74 10.18 34.98
CA GLY B 883 47.90 11.42 35.75
C GLY B 883 48.86 11.18 36.92
N LEU B 884 48.80 12.13 37.82
CA LEU B 884 49.67 11.98 39.00
C LEU B 884 48.78 12.19 40.17
N ASN B 885 49.27 11.75 41.32
CA ASN B 885 48.44 12.01 42.48
C ASN B 885 49.27 12.14 43.72
N CYS B 886 48.66 12.79 44.72
CA CYS B 886 49.40 12.97 45.97
C CYS B 886 48.42 13.36 47.06
N GLN B 887 48.85 13.19 48.34
CA GLN B 887 48.01 13.59 49.44
C GLN B 887 48.72 14.82 49.98
N LEU B 888 48.10 15.97 49.84
CA LEU B 888 48.63 17.22 50.33
C LEU B 888 48.42 17.26 51.82
N ALA B 889 49.33 17.85 52.54
CA ALA B 889 49.14 17.93 53.99
C ALA B 889 48.07 18.96 54.39
N GLN B 890 47.92 19.93 53.56
CA GLN B 890 46.97 20.97 53.86
C GLN B 890 45.49 20.69 53.60
N VAL B 891 44.62 21.26 54.39
CA VAL B 891 43.22 21.23 54.13
C VAL B 891 42.85 22.72 53.99
N ALA B 892 42.31 23.18 52.85
CA ALA B 892 41.89 24.55 52.59
C ALA B 892 40.37 24.64 52.44
N GLU B 893 39.82 25.82 52.70
CA GLU B 893 38.37 25.98 52.57
C GLU B 893 37.77 25.96 51.16
N ARG B 894 38.46 26.57 50.23
CA ARG B 894 37.95 26.69 48.86
C ARG B 894 38.81 26.11 47.80
N VAL B 895 38.16 25.92 46.66
CA VAL B 895 38.85 25.45 45.46
C VAL B 895 38.54 26.45 44.35
N ASN B 896 39.60 26.95 43.68
CA ASN B 896 39.41 27.94 42.65
C ASN B 896 40.14 27.50 41.40
N TRP B 897 39.42 27.45 40.29
CA TRP B 897 40.06 27.00 39.05
C TRP B 897 39.46 27.73 37.85
N LEU B 898 40.32 27.72 36.85
CA LEU B 898 40.03 28.31 35.56
C LEU B 898 39.89 27.09 34.65
N GLY B 899 38.63 26.72 34.39
CA GLY B 899 38.49 25.50 33.60
C GLY B 899 36.99 25.28 33.42
N LEU B 900 36.66 24.00 33.10
CA LEU B 900 35.25 23.72 32.92
C LEU B 900 34.53 23.49 34.24
N GLY B 901 33.32 24.05 34.36
CA GLY B 901 32.50 23.86 35.54
C GLY B 901 31.20 24.65 35.46
N PRO B 902 30.58 24.84 36.66
CA PRO B 902 31.18 24.50 37.95
C PRO B 902 31.06 23.09 38.46
N GLN B 903 30.11 22.33 37.95
CA GLN B 903 29.91 20.98 38.46
C GLN B 903 30.82 19.96 37.84
N GLU B 904 30.82 18.80 38.48
CA GLU B 904 31.57 17.63 38.02
C GLU B 904 31.37 17.38 36.52
N ASN B 905 32.48 17.17 35.82
CA ASN B 905 32.35 16.90 34.39
C ASN B 905 33.45 15.95 33.97
N TYR B 906 33.12 15.06 32.99
CA TYR B 906 34.07 14.07 32.50
C TYR B 906 34.15 14.21 30.95
N PRO B 907 35.13 13.58 30.34
CA PRO B 907 35.33 13.71 28.91
C PRO B 907 34.10 13.54 28.03
N ASP B 908 33.35 12.49 28.29
CA ASP B 908 32.14 12.18 27.54
C ASP B 908 30.88 12.75 28.19
N ARG B 909 31.08 13.63 29.19
CA ARG B 909 29.97 14.27 29.86
C ARG B 909 30.43 15.63 30.33
N LEU B 910 30.78 16.47 29.35
CA LEU B 910 31.20 17.79 29.76
C LEU B 910 30.59 18.86 28.87
N THR B 911 29.56 18.55 28.07
CA THR B 911 29.04 19.63 27.22
C THR B 911 28.34 20.77 27.97
N ALA B 912 27.72 20.39 29.07
CA ALA B 912 26.98 21.40 29.84
C ALA B 912 27.89 22.32 30.64
N ALA B 913 29.13 21.91 30.92
CA ALA B 913 30.05 22.73 31.74
C ALA B 913 30.53 23.93 30.95
N CYS B 914 30.83 25.03 31.66
CA CYS B 914 31.33 26.19 30.93
C CYS B 914 32.76 26.52 31.39
N PHE B 915 33.52 27.11 30.47
CA PHE B 915 34.89 27.48 30.74
C PHE B 915 34.82 28.82 31.40
N ASP B 916 35.28 28.93 32.62
CA ASP B 916 35.28 30.22 33.33
C ASP B 916 36.17 30.10 34.56
N ARG B 917 36.06 31.10 35.47
CA ARG B 917 36.80 30.97 36.71
C ARG B 917 35.77 30.64 37.79
N TRP B 918 35.96 29.52 38.40
CA TRP B 918 34.97 29.05 39.37
C TRP B 918 35.67 28.99 40.75
N ASP B 919 34.88 29.08 41.80
CA ASP B 919 35.39 29.04 43.15
C ASP B 919 34.37 28.33 44.02
N LEU B 920 34.72 27.18 44.64
CA LEU B 920 33.70 26.53 45.42
C LEU B 920 34.33 26.05 46.70
N PRO B 921 33.47 25.80 47.72
CA PRO B 921 33.95 25.18 48.96
C PRO B 921 34.50 23.78 48.59
N LEU B 922 35.52 23.28 49.26
CA LEU B 922 36.08 21.99 48.91
C LEU B 922 35.03 20.88 48.86
N SER B 923 34.08 20.88 49.77
CA SER B 923 33.15 19.74 49.71
C SER B 923 32.31 19.62 48.45
N ASP B 924 32.09 20.76 47.76
CA ASP B 924 31.32 20.76 46.49
C ASP B 924 32.16 20.11 45.41
N MET B 925 33.42 19.81 45.71
CA MET B 925 34.33 19.17 44.76
C MET B 925 34.22 17.66 44.90
N TYR B 926 33.30 17.22 45.74
CA TYR B 926 33.15 15.77 45.91
C TYR B 926 31.65 15.54 45.61
N THR B 927 31.30 14.46 44.87
CA THR B 927 29.90 14.14 44.53
C THR B 927 29.56 12.93 45.37
N PRO B 928 28.56 13.09 46.22
CA PRO B 928 28.20 12.02 47.15
C PRO B 928 27.35 10.88 46.58
N TYR B 929 27.93 10.23 45.56
CA TYR B 929 27.19 9.11 44.93
C TYR B 929 27.01 8.09 46.05
N VAL B 930 25.82 7.50 46.18
CA VAL B 930 25.55 6.54 47.26
C VAL B 930 26.55 5.41 47.30
N PHE B 931 26.85 4.86 46.10
CA PHE B 931 27.88 3.83 45.97
C PHE B 931 29.10 4.63 45.53
N PRO B 932 30.08 4.72 46.39
CA PRO B 932 31.21 5.60 46.06
C PRO B 932 32.10 5.12 44.93
N SER B 933 32.70 6.09 44.22
CA SER B 933 33.66 5.76 43.15
C SER B 933 34.43 7.05 42.81
N GLU B 934 35.27 6.94 41.77
CA GLU B 934 35.88 8.13 41.20
C GLU B 934 34.77 9.13 40.98
N ASN B 935 35.02 10.37 41.39
CA ASN B 935 34.01 11.39 41.25
C ASN B 935 34.63 12.79 41.34
N GLY B 936 33.84 13.82 40.95
CA GLY B 936 34.19 15.22 41.07
C GLY B 936 35.23 15.70 40.12
N LEU B 937 35.55 14.92 39.08
CA LEU B 937 36.55 15.48 38.15
C LEU B 937 35.98 16.78 37.49
N ARG B 938 36.88 17.67 37.05
CA ARG B 938 36.56 18.82 36.24
C ARG B 938 37.59 18.77 35.11
N CYS B 939 37.15 18.94 33.90
CA CYS B 939 38.12 18.86 32.82
C CYS B 939 38.46 20.24 32.24
N GLY B 940 39.30 20.23 31.21
CA GLY B 940 39.60 21.49 30.54
C GLY B 940 40.16 22.60 31.45
N THR B 941 40.96 22.20 32.44
CA THR B 941 41.49 23.14 33.44
C THR B 941 42.87 23.62 33.12
N ARG B 942 42.95 24.95 33.17
CA ARG B 942 44.23 25.58 32.84
C ARG B 942 44.94 26.05 34.11
N GLU B 943 44.18 26.29 35.13
CA GLU B 943 44.78 26.76 36.38
C GLU B 943 43.94 26.28 37.54
N LEU B 944 44.65 25.75 38.55
CA LEU B 944 43.95 25.25 39.75
C LEU B 944 44.62 25.83 41.01
N ASN B 945 43.80 26.38 41.92
CA ASN B 945 44.30 27.02 43.13
C ASN B 945 43.75 26.34 44.37
N TYR B 946 44.61 26.01 45.33
CA TYR B 946 44.21 25.38 46.59
C TYR B 946 45.24 25.72 47.68
N GLY B 947 44.81 26.48 48.68
CA GLY B 947 45.78 26.87 49.72
C GLY B 947 46.84 27.77 49.08
N PRO B 948 48.08 27.62 49.38
CA PRO B 948 49.07 28.48 48.75
C PRO B 948 49.56 27.85 47.47
N HIS B 949 48.95 26.75 47.01
CA HIS B 949 49.49 26.14 45.79
C HIS B 949 48.75 26.49 44.52
N GLN B 950 49.48 26.48 43.39
CA GLN B 950 48.81 26.75 42.11
C GLN B 950 49.33 25.80 41.04
N TRP B 951 48.39 25.16 40.28
CA TRP B 951 48.86 24.30 39.25
C TRP B 951 48.37 24.84 37.93
N ARG B 952 49.27 24.98 36.95
CA ARG B 952 48.89 25.47 35.63
C ARG B 952 49.23 24.46 34.52
N GLY B 953 48.38 24.35 33.51
CA GLY B 953 48.67 23.38 32.44
C GLY B 953 47.40 23.14 31.60
N ASP B 954 47.05 21.92 31.25
CA ASP B 954 45.82 21.72 30.51
C ASP B 954 45.48 20.32 30.96
N PHE B 955 44.77 20.29 32.08
CA PHE B 955 44.50 18.98 32.65
C PHE B 955 43.06 18.85 33.17
N GLN B 956 42.80 17.68 33.75
CA GLN B 956 41.53 17.39 34.39
C GLN B 956 41.96 17.14 35.85
N PHE B 957 41.06 17.41 36.80
CA PHE B 957 41.47 17.11 38.19
C PHE B 957 40.29 16.79 39.08
N ASN B 958 40.54 16.18 40.25
CA ASN B 958 39.52 16.05 41.27
C ASN B 958 40.33 16.28 42.58
N ILE B 959 39.67 16.72 43.62
CA ILE B 959 40.38 17.07 44.88
C ILE B 959 39.36 16.84 46.01
N SER B 960 39.75 16.11 47.05
CA SER B 960 38.78 15.81 48.12
C SER B 960 39.54 15.17 49.30
N ARG B 961 38.77 14.87 50.35
CA ARG B 961 39.36 14.23 51.51
C ARG B 961 39.39 12.73 51.41
N TYR B 962 39.05 12.18 50.22
CA TYR B 962 39.00 10.73 50.14
C TYR B 962 39.94 10.17 49.15
N SER B 963 40.73 9.20 49.53
CA SER B 963 41.64 8.62 48.54
C SER B 963 40.89 7.70 47.54
N GLN B 964 41.45 7.46 46.35
CA GLN B 964 40.81 6.52 45.40
C GLN B 964 40.63 5.17 46.09
N GLN B 965 41.66 4.82 46.85
CA GLN B 965 41.66 3.53 47.56
C GLN B 965 40.46 3.42 48.47
N GLN B 966 40.24 4.44 49.23
CA GLN B 966 39.10 4.42 50.12
C GLN B 966 37.80 4.30 49.35
N LEU B 967 37.69 5.11 48.30
CA LEU B 967 36.43 5.07 47.53
C LEU B 967 36.22 3.67 46.90
N MET B 968 37.33 3.08 46.46
CA MET B 968 37.12 1.81 45.86
C MET B 968 36.90 0.74 46.88
N GLU B 969 37.21 1.00 48.16
CA GLU B 969 37.00 -0.01 49.18
C GLU B 969 35.71 0.21 49.90
N THR B 970 35.01 1.26 49.56
CA THR B 970 33.80 1.58 50.34
C THR B 970 32.51 1.46 49.52
N SER B 971 31.50 0.79 50.09
CA SER B 971 30.28 0.58 49.29
C SER B 971 29.12 1.50 49.53
N HIS B 972 29.21 2.32 50.58
CA HIS B 972 28.12 3.24 50.92
C HIS B 972 28.76 4.55 51.37
N ARG B 973 28.27 5.63 50.84
CA ARG B 973 28.87 6.89 51.13
C ARG B 973 28.87 7.17 52.62
N HIS B 974 27.89 6.65 53.35
CA HIS B 974 27.87 7.00 54.78
C HIS B 974 29.06 6.44 55.61
N LEU B 975 29.77 5.52 55.03
CA LEU B 975 30.91 4.95 55.68
C LEU B 975 32.21 5.58 55.33
N LEU B 976 32.22 6.54 54.43
CA LEU B 976 33.50 7.18 54.10
C LEU B 976 33.98 8.09 55.28
N HIS B 977 35.26 8.27 55.47
CA HIS B 977 35.74 9.23 56.48
C HIS B 977 36.83 10.09 55.89
N ALA B 978 36.79 11.39 56.19
CA ALA B 978 37.82 12.30 55.68
C ALA B 978 39.21 11.86 56.09
N GLU B 979 40.14 11.75 55.14
CA GLU B 979 41.46 11.35 55.51
C GLU B 979 42.25 12.60 55.96
N GLU B 980 43.45 12.43 56.50
CA GLU B 980 44.18 13.61 56.90
C GLU B 980 44.51 14.34 55.61
N GLY B 981 44.46 15.66 55.61
CA GLY B 981 44.86 16.33 54.35
C GLY B 981 43.86 16.21 53.21
N THR B 982 44.38 16.50 52.02
CA THR B 982 43.60 16.52 50.80
C THR B 982 44.20 15.65 49.68
N TRP B 983 43.39 14.73 49.07
CA TRP B 983 43.90 13.92 47.96
C TRP B 983 43.71 14.67 46.64
N LEU B 984 44.78 14.80 45.89
CA LEU B 984 44.69 15.54 44.67
C LEU B 984 45.08 14.66 43.55
N ASN B 985 44.10 14.57 42.61
CA ASN B 985 44.34 13.80 41.41
C ASN B 985 44.38 14.72 40.22
N ILE B 986 45.52 14.82 39.58
CA ILE B 986 45.66 15.67 38.40
C ILE B 986 46.03 14.82 37.19
N ASP B 987 45.09 14.84 36.25
CA ASP B 987 45.21 13.98 35.10
C ASP B 987 45.55 14.68 33.81
N GLY B 988 46.55 14.10 33.06
CA GLY B 988 46.76 14.63 31.71
C GLY B 988 45.53 14.16 30.85
N PHE B 989 45.09 12.92 31.07
CA PHE B 989 44.00 12.27 30.32
C PHE B 989 43.16 11.41 31.24
N HIS B 990 41.85 11.33 30.96
CA HIS B 990 40.95 10.53 31.78
C HIS B 990 39.98 9.82 30.86
N MET B 991 39.72 8.56 31.14
CA MET B 991 38.82 7.81 30.28
C MET B 991 37.39 8.28 30.41
N GLY B 992 36.58 8.16 29.37
CA GLY B 992 35.15 8.52 29.52
C GLY B 992 34.48 7.58 30.54
N ILE B 993 33.29 7.97 30.99
CA ILE B 993 32.53 7.26 32.00
C ILE B 993 31.44 6.35 31.46
N GLY B 994 31.02 6.62 30.19
CA GLY B 994 30.02 5.77 29.55
C GLY B 994 28.66 5.88 30.27
N GLY B 995 27.73 4.93 30.03
CA GLY B 995 26.40 5.00 30.64
C GLY B 995 25.27 4.60 29.64
N ASP B 996 25.57 4.30 28.34
CA ASP B 996 24.53 3.85 27.39
C ASP B 996 23.75 2.76 28.10
N ASP B 997 24.47 1.97 28.87
CA ASP B 997 23.88 1.01 29.78
C ASP B 997 24.90 0.82 30.91
N SER B 998 24.55 0.08 31.96
CA SER B 998 25.50 -0.18 33.06
C SER B 998 25.71 -1.68 33.21
N TRP B 999 25.82 -2.43 32.12
CA TRP B 999 26.03 -3.87 32.25
C TRP B 999 26.89 -4.39 31.16
N SER B 1000 27.28 -3.51 30.27
CA SER B 1000 28.16 -3.87 29.17
C SER B 1000 29.12 -2.70 28.91
N PRO B 1001 30.40 -2.93 28.61
CA PRO B 1001 31.26 -1.74 28.39
C PRO B 1001 30.57 -0.77 27.42
N SER B 1002 30.50 0.50 27.86
CA SER B 1002 29.80 1.49 27.03
C SER B 1002 30.61 2.76 26.79
N VAL B 1003 31.92 2.76 27.11
CA VAL B 1003 32.66 3.95 26.82
C VAL B 1003 33.06 3.87 25.34
N SER B 1004 32.62 4.90 24.61
CA SER B 1004 32.90 5.02 23.16
C SER B 1004 34.41 5.04 22.83
N ALA B 1005 34.82 4.46 21.70
CA ALA B 1005 36.24 4.36 21.32
C ALA B 1005 36.96 5.67 21.39
N GLU B 1006 36.23 6.70 21.01
CA GLU B 1006 36.89 7.98 21.01
C GLU B 1006 37.18 8.52 22.40
N PHE B 1007 36.63 7.86 23.40
CA PHE B 1007 36.86 8.26 24.77
C PHE B 1007 37.73 7.25 25.57
N GLN B 1008 38.27 6.24 24.91
CA GLN B 1008 39.19 5.28 25.59
C GLN B 1008 40.64 5.79 25.39
N LEU B 1009 41.52 5.54 26.36
CA LEU B 1009 42.90 6.04 26.24
C LEU B 1009 43.73 5.01 25.50
N SER B 1010 43.58 5.01 24.16
CA SER B 1010 44.24 4.00 23.39
C SER B 1010 45.36 4.52 22.51
N ALA B 1011 45.79 5.79 22.66
CA ALA B 1011 46.84 6.37 21.82
C ALA B 1011 48.20 5.69 21.97
N GLY B 1012 48.49 5.01 23.06
CA GLY B 1012 49.78 4.35 23.15
C GLY B 1012 50.89 5.19 23.77
N ARG B 1013 50.89 6.46 23.42
CA ARG B 1013 51.87 7.43 23.96
C ARG B 1013 51.11 8.70 24.34
N TYR B 1014 51.34 9.27 25.53
CA TYR B 1014 50.64 10.42 26.03
C TYR B 1014 51.68 11.38 26.61
N HIS B 1015 51.39 12.68 26.42
CA HIS B 1015 52.24 13.72 26.93
C HIS B 1015 51.38 14.73 27.65
N TYR B 1016 51.88 15.20 28.81
CA TYR B 1016 51.25 16.29 29.53
C TYR B 1016 52.29 17.04 30.34
N GLN B 1017 51.98 18.28 30.68
CA GLN B 1017 52.93 19.07 31.41
C GLN B 1017 52.19 20.01 32.28
N LEU B 1018 52.76 20.24 33.45
CA LEU B 1018 52.14 21.12 34.47
C LEU B 1018 53.22 21.98 35.12
N VAL B 1019 52.80 23.10 35.63
CA VAL B 1019 53.67 23.94 36.40
C VAL B 1019 53.07 24.03 37.81
N TRP B 1020 53.88 23.67 38.83
CA TRP B 1020 53.40 23.81 40.20
C TRP B 1020 54.15 24.99 40.74
N CYS B 1021 53.40 25.88 41.31
CA CYS B 1021 54.07 27.01 41.92
C CYS B 1021 53.34 27.49 43.19
N GLN B 1022 53.97 28.40 43.95
CA GLN B 1022 53.32 28.88 45.16
C GLN B 1022 52.62 30.17 44.92
N LYS B 1023 51.43 30.26 45.48
CA LYS B 1023 50.63 31.46 45.35
C LYS B 1023 50.31 32.03 46.73
N ARG C 13 -20.99 -19.32 46.68
CA ARG C 13 -20.36 -18.94 45.35
C ARG C 13 -21.19 -18.57 44.13
N ARG C 14 -22.07 -19.42 43.71
CA ARG C 14 -22.78 -18.96 42.51
C ARG C 14 -21.83 -18.60 41.38
N ASP C 15 -20.92 -19.53 41.13
CA ASP C 15 -20.02 -19.27 40.04
C ASP C 15 -20.78 -19.13 38.71
N TRP C 16 -21.97 -19.67 38.66
CA TRP C 16 -22.75 -19.59 37.43
C TRP C 16 -23.49 -18.27 37.23
N GLU C 17 -23.21 -17.29 38.06
CA GLU C 17 -23.75 -15.96 37.83
C GLU C 17 -22.59 -14.98 37.85
N ASN C 18 -21.51 -15.29 37.16
CA ASN C 18 -20.31 -14.48 37.15
C ASN C 18 -19.41 -14.88 35.97
N PRO C 19 -19.42 -14.01 34.98
CA PRO C 19 -18.63 -14.19 33.77
C PRO C 19 -17.11 -14.13 34.01
N GLY C 20 -16.72 -13.72 35.20
CA GLY C 20 -15.34 -13.67 35.66
C GLY C 20 -14.85 -15.10 35.99
N VAL C 21 -15.81 -16.01 36.25
CA VAL C 21 -15.46 -17.42 36.56
C VAL C 21 -16.11 -18.36 35.52
N THR C 22 -15.31 -18.82 34.57
CA THR C 22 -15.89 -19.68 33.53
C THR C 22 -15.44 -21.10 33.74
N GLN C 23 -14.60 -21.30 34.78
CA GLN C 23 -14.06 -22.60 35.10
C GLN C 23 -13.24 -22.52 36.35
N LEU C 24 -13.12 -23.69 36.99
CA LEU C 24 -12.25 -23.80 38.16
C LEU C 24 -11.48 -25.10 38.02
N ASN C 25 -10.16 -25.06 38.17
CA ASN C 25 -9.38 -26.31 38.12
C ASN C 25 -9.43 -27.10 36.80
N ARG C 26 -9.83 -26.39 35.75
CA ARG C 26 -9.89 -27.05 34.47
C ARG C 26 -8.51 -27.10 33.80
N LEU C 27 -8.21 -28.18 33.08
CA LEU C 27 -6.91 -28.24 32.44
C LEU C 27 -6.88 -27.51 31.11
N ALA C 28 -5.68 -27.14 30.66
CA ALA C 28 -5.57 -26.46 29.39
C ALA C 28 -6.15 -27.27 28.24
N ALA C 29 -6.60 -26.54 27.17
CA ALA C 29 -7.14 -27.14 25.95
C ALA C 29 -5.99 -27.61 25.09
N HIS C 30 -6.23 -28.60 24.20
CA HIS C 30 -5.19 -29.22 23.39
C HIS C 30 -5.88 -30.10 22.33
N PRO C 31 -5.12 -30.46 21.28
CA PRO C 31 -5.68 -31.23 20.24
C PRO C 31 -6.05 -32.61 20.80
N PRO C 32 -6.85 -33.39 20.05
CA PRO C 32 -7.27 -34.74 20.52
C PRO C 32 -6.06 -35.65 20.90
N PHE C 33 -6.06 -36.18 22.12
CA PHE C 33 -5.02 -37.06 22.64
C PHE C 33 -5.64 -38.43 22.87
N ALA C 34 -4.73 -39.40 22.89
CA ALA C 34 -5.11 -40.79 23.17
C ALA C 34 -4.03 -41.49 24.02
N SER C 35 -2.86 -40.87 24.16
CA SER C 35 -1.74 -41.46 24.90
C SER C 35 -1.54 -42.94 24.52
N TRP C 36 -1.30 -43.19 23.23
CA TRP C 36 -1.00 -44.56 22.84
C TRP C 36 0.35 -44.92 23.46
N ARG C 37 0.49 -46.19 23.83
CA ARG C 37 1.74 -46.72 24.38
C ARG C 37 2.30 -47.73 23.38
N ASN C 38 1.77 -47.70 22.17
CA ASN C 38 2.33 -48.54 21.11
C ASN C 38 2.30 -47.63 19.87
N SER C 39 3.40 -47.38 19.19
CA SER C 39 3.43 -46.48 18.05
C SER C 39 2.63 -46.87 16.82
N GLU C 40 2.61 -48.17 16.55
CA GLU C 40 1.88 -48.67 15.38
C GLU C 40 0.39 -48.43 15.58
N GLU C 41 -0.10 -48.55 16.82
CA GLU C 41 -1.51 -48.25 17.01
C GLU C 41 -1.85 -46.77 16.77
N ALA C 42 -0.92 -45.90 17.17
CA ALA C 42 -1.12 -44.47 16.97
C ALA C 42 -1.07 -44.24 15.46
N ARG C 43 -0.22 -45.00 14.76
CA ARG C 43 -0.11 -44.81 13.29
C ARG C 43 -1.43 -45.09 12.60
N THR C 44 -2.05 -46.16 13.07
CA THR C 44 -3.24 -46.59 12.42
C THR C 44 -4.50 -46.03 13.00
N ASP C 45 -4.39 -45.16 13.98
CA ASP C 45 -5.55 -44.58 14.60
C ASP C 45 -6.43 -45.66 15.26
N ARG C 46 -5.81 -46.73 15.84
CA ARG C 46 -6.61 -47.79 16.49
C ARG C 46 -6.95 -47.37 17.90
N PRO C 47 -7.92 -48.00 18.48
CA PRO C 47 -8.24 -47.65 19.86
C PRO C 47 -7.02 -47.70 20.79
N SER C 48 -6.96 -46.84 21.82
CA SER C 48 -5.83 -46.83 22.78
C SER C 48 -6.30 -47.38 24.10
N GLN C 49 -5.54 -48.19 24.76
CA GLN C 49 -5.99 -48.69 26.04
C GLN C 49 -6.01 -47.59 27.05
N GLN C 50 -5.34 -46.48 26.76
CA GLN C 50 -5.27 -45.37 27.75
C GLN C 50 -6.41 -44.34 27.58
N LEU C 51 -7.36 -44.59 26.66
CA LEU C 51 -8.43 -43.66 26.47
C LEU C 51 -9.71 -44.47 26.53
N ARG C 52 -10.40 -44.36 27.65
CA ARG C 52 -11.59 -45.16 27.90
C ARG C 52 -12.88 -44.35 27.87
N SER C 53 -13.91 -45.01 27.43
CA SER C 53 -15.17 -44.32 27.38
C SER C 53 -15.98 -44.58 28.64
N LEU C 54 -16.59 -43.49 29.12
CA LEU C 54 -17.46 -43.54 30.30
C LEU C 54 -18.93 -43.45 29.89
N ASN C 55 -19.14 -43.50 28.58
CA ASN C 55 -20.53 -43.41 28.08
C ASN C 55 -21.36 -44.63 28.50
N GLY C 56 -22.68 -44.56 28.60
CA GLY C 56 -23.50 -45.74 28.93
C GLY C 56 -24.46 -45.40 30.00
N GLU C 57 -24.71 -46.33 30.94
CA GLU C 57 -25.71 -45.99 31.92
C GLU C 57 -25.15 -45.31 33.15
N TRP C 58 -25.82 -44.17 33.44
CA TRP C 58 -25.52 -43.29 34.58
C TRP C 58 -26.82 -43.16 35.43
N ARG C 59 -26.70 -42.59 36.63
CA ARG C 59 -27.81 -42.28 37.54
C ARG C 59 -28.07 -40.78 37.38
N PHE C 60 -29.35 -40.44 37.36
CA PHE C 60 -29.77 -39.06 37.12
C PHE C 60 -31.03 -38.72 37.90
N ALA C 61 -30.98 -37.50 38.44
CA ALA C 61 -32.11 -36.93 39.16
C ALA C 61 -32.23 -35.47 38.78
N TRP C 62 -33.44 -34.99 38.62
CA TRP C 62 -33.73 -33.62 38.20
C TRP C 62 -34.18 -32.77 39.35
N PHE C 63 -33.71 -31.55 39.52
CA PHE C 63 -34.16 -30.70 40.60
C PHE C 63 -34.51 -29.34 39.99
N PRO C 64 -35.41 -28.59 40.60
CA PRO C 64 -35.81 -27.29 40.06
C PRO C 64 -34.83 -26.14 40.24
N ALA C 65 -33.84 -26.36 41.13
CA ALA C 65 -32.76 -25.41 41.45
C ALA C 65 -31.67 -26.09 42.20
N PRO C 66 -30.48 -25.54 42.08
CA PRO C 66 -29.33 -26.10 42.75
C PRO C 66 -29.52 -26.14 44.26
N GLU C 67 -30.27 -25.16 44.77
CA GLU C 67 -30.56 -25.09 46.21
C GLU C 67 -31.34 -26.31 46.67
N ALA C 68 -31.98 -27.02 45.77
CA ALA C 68 -32.77 -28.15 46.21
C ALA C 68 -32.00 -29.44 46.19
N VAL C 69 -30.75 -29.42 45.76
CA VAL C 69 -30.09 -30.72 45.70
C VAL C 69 -29.60 -31.12 47.10
N PRO C 70 -29.86 -32.37 47.48
CA PRO C 70 -29.43 -32.81 48.79
C PRO C 70 -27.95 -33.11 48.85
N GLU C 71 -27.34 -32.70 49.96
CA GLU C 71 -25.93 -32.95 50.25
C GLU C 71 -25.62 -34.47 50.25
N SER C 72 -26.63 -35.26 50.58
CA SER C 72 -26.48 -36.70 50.57
C SER C 72 -25.98 -37.26 49.24
N TRP C 73 -26.41 -36.57 48.20
CA TRP C 73 -26.09 -37.01 46.86
C TRP C 73 -24.61 -36.94 46.55
N LEU C 74 -23.85 -36.09 47.25
CA LEU C 74 -22.42 -36.09 46.91
C LEU C 74 -21.71 -37.39 47.25
N GLU C 75 -22.20 -38.00 48.31
CA GLU C 75 -21.53 -39.22 48.72
C GLU C 75 -22.31 -40.51 48.46
N CYS C 76 -23.62 -40.35 48.28
CA CYS C 76 -24.45 -41.49 48.07
C CYS C 76 -25.47 -41.39 46.96
N ASP C 77 -25.61 -42.49 46.24
CA ASP C 77 -26.61 -42.46 45.17
C ASP C 77 -27.94 -42.06 45.75
N LEU C 78 -28.79 -41.30 45.03
CA LEU C 78 -30.13 -40.93 45.55
C LEU C 78 -31.04 -42.08 45.17
N PRO C 79 -31.78 -42.65 46.11
CA PRO C 79 -32.59 -43.78 45.72
C PRO C 79 -33.64 -43.46 44.66
N GLU C 80 -34.18 -42.25 44.68
CA GLU C 80 -35.15 -41.83 43.68
C GLU C 80 -34.52 -41.57 42.31
N ALA C 81 -33.19 -41.57 42.18
CA ALA C 81 -32.66 -41.31 40.87
C ALA C 81 -33.11 -42.38 39.87
N ASP C 82 -33.04 -42.08 38.58
CA ASP C 82 -33.37 -43.10 37.55
C ASP C 82 -32.07 -43.50 36.87
N THR C 83 -32.05 -44.63 36.14
CA THR C 83 -30.83 -44.98 35.38
C THR C 83 -31.07 -44.48 33.95
N VAL C 84 -30.20 -43.72 33.32
CA VAL C 84 -30.51 -43.22 31.96
C VAL C 84 -29.24 -43.29 31.15
N VAL C 85 -29.34 -43.23 29.82
CA VAL C 85 -28.10 -43.26 29.00
C VAL C 85 -27.49 -41.82 28.93
N VAL C 86 -26.14 -41.84 28.95
CA VAL C 86 -25.26 -40.68 28.78
C VAL C 86 -24.30 -41.03 27.66
N PRO C 87 -24.13 -40.12 26.68
CA PRO C 87 -24.68 -38.76 26.65
C PRO C 87 -26.14 -38.66 26.30
N SER C 88 -26.74 -37.57 26.72
CA SER C 88 -28.14 -37.26 26.44
C SER C 88 -28.45 -35.82 26.88
N ASN C 89 -29.58 -35.33 26.38
CA ASN C 89 -30.16 -34.07 26.79
C ASN C 89 -31.37 -34.47 27.65
N TRP C 90 -31.45 -33.93 28.86
CA TRP C 90 -32.54 -34.36 29.74
C TRP C 90 -33.96 -34.08 29.31
N GLN C 91 -34.09 -33.06 28.43
CA GLN C 91 -35.42 -32.76 27.85
C GLN C 91 -35.89 -34.01 27.02
N MET C 92 -34.93 -34.63 26.36
CA MET C 92 -35.22 -35.75 25.51
C MET C 92 -35.71 -36.96 26.33
N HIS C 93 -35.43 -36.98 27.64
CA HIS C 93 -35.88 -38.10 28.45
C HIS C 93 -37.16 -37.68 29.13
N GLY C 94 -37.66 -36.48 28.83
CA GLY C 94 -38.91 -35.99 29.37
C GLY C 94 -38.86 -35.33 30.75
N TYR C 95 -37.70 -34.97 31.31
CA TYR C 95 -37.69 -34.43 32.66
C TYR C 95 -38.15 -32.97 32.70
N ASP C 96 -37.98 -32.26 31.59
CA ASP C 96 -38.44 -30.87 31.49
C ASP C 96 -38.62 -30.57 30.00
N ALA C 97 -39.18 -29.41 29.65
CA ALA C 97 -39.37 -29.13 28.21
C ALA C 97 -38.20 -28.44 27.52
N PRO C 98 -37.95 -28.87 26.30
CA PRO C 98 -36.96 -28.18 25.48
C PRO C 98 -37.68 -26.89 25.04
N ILE C 99 -36.96 -25.81 24.75
CA ILE C 99 -37.62 -24.56 24.39
C ILE C 99 -37.14 -24.07 23.04
N TYR C 100 -38.07 -23.69 22.17
CA TYR C 100 -37.62 -23.17 20.88
C TYR C 100 -37.93 -21.68 20.78
N THR C 101 -36.87 -20.88 20.97
CA THR C 101 -36.92 -19.42 20.81
C THR C 101 -35.78 -19.05 19.86
N ASN C 102 -36.02 -18.14 18.93
CA ASN C 102 -34.96 -17.78 18.00
C ASN C 102 -33.98 -16.73 18.59
N VAL C 103 -34.47 -15.49 18.68
CA VAL C 103 -33.65 -14.36 19.16
C VAL C 103 -33.81 -14.03 20.64
N THR C 104 -35.07 -13.86 21.04
CA THR C 104 -35.34 -13.52 22.44
C THR C 104 -34.75 -14.54 23.38
N TYR C 105 -33.97 -14.06 24.36
CA TYR C 105 -33.40 -15.06 25.25
C TYR C 105 -34.51 -15.80 25.97
N PRO C 106 -34.20 -17.06 26.30
CA PRO C 106 -35.17 -17.89 27.01
C PRO C 106 -35.27 -17.52 28.49
N ILE C 107 -34.44 -16.61 28.91
CA ILE C 107 -34.46 -16.20 30.30
C ILE C 107 -34.55 -14.69 30.38
N THR C 108 -35.02 -14.15 31.46
CA THR C 108 -35.04 -12.68 31.51
C THR C 108 -33.64 -12.09 31.28
N VAL C 109 -33.56 -10.98 30.53
CA VAL C 109 -32.25 -10.37 30.25
C VAL C 109 -31.80 -9.53 31.43
N ASN C 110 -30.80 -10.04 32.20
CA ASN C 110 -30.28 -9.32 33.36
C ASN C 110 -28.92 -9.91 33.83
N PRO C 111 -28.03 -9.74 32.89
CA PRO C 111 -26.74 -10.33 33.03
C PRO C 111 -26.11 -9.73 34.22
N PRO C 112 -25.30 -10.53 34.87
CA PRO C 112 -25.05 -11.92 34.43
C PRO C 112 -25.91 -12.89 35.19
N PHE C 113 -27.05 -12.43 35.72
CA PHE C 113 -27.88 -13.32 36.49
C PHE C 113 -28.78 -14.24 35.72
N VAL C 114 -29.17 -15.31 36.39
CA VAL C 114 -30.08 -16.24 35.76
C VAL C 114 -31.27 -16.52 36.69
N PRO C 115 -32.35 -17.14 36.22
CA PRO C 115 -33.48 -17.36 37.08
C PRO C 115 -33.17 -18.18 38.30
N THR C 116 -33.92 -17.91 39.36
CA THR C 116 -33.68 -18.69 40.56
C THR C 116 -34.25 -20.09 40.37
N GLU C 117 -35.29 -20.25 39.56
CA GLU C 117 -35.72 -21.62 39.24
C GLU C 117 -34.84 -22.00 38.08
N ASN C 118 -33.83 -22.80 38.32
CA ASN C 118 -32.84 -23.13 37.30
C ASN C 118 -32.67 -24.65 37.30
N PRO C 119 -33.36 -25.31 36.40
CA PRO C 119 -33.35 -26.77 36.27
C PRO C 119 -31.94 -27.30 36.39
N THR C 120 -31.78 -28.23 37.33
CA THR C 120 -30.47 -28.79 37.64
C THR C 120 -30.47 -30.31 37.46
N GLY C 121 -29.54 -30.84 36.67
CA GLY C 121 -29.53 -32.28 36.48
C GLY C 121 -28.35 -32.84 37.25
N CYS C 122 -28.66 -33.81 38.12
CA CYS C 122 -27.64 -34.41 38.99
C CYS C 122 -27.30 -35.77 38.46
N TYR C 123 -26.13 -35.85 37.89
CA TYR C 123 -25.82 -37.14 37.30
C TYR C 123 -24.71 -37.78 38.06
N SER C 124 -24.68 -39.08 38.08
CA SER C 124 -23.57 -39.66 38.78
C SER C 124 -23.27 -41.06 38.16
N LEU C 125 -22.06 -41.54 38.46
CA LEU C 125 -21.61 -42.81 37.92
C LEU C 125 -20.63 -43.49 38.88
N THR C 126 -20.80 -44.81 39.06
CA THR C 126 -19.83 -45.54 39.86
C THR C 126 -19.05 -46.34 38.83
N PHE C 127 -17.76 -46.22 38.80
CA PHE C 127 -17.00 -46.89 37.79
C PHE C 127 -15.69 -47.37 38.40
N ASN C 128 -15.05 -48.31 37.71
CA ASN C 128 -13.83 -48.88 38.20
C ASN C 128 -12.58 -48.21 37.64
N VAL C 129 -11.50 -48.14 38.43
CA VAL C 129 -10.25 -47.66 37.88
C VAL C 129 -9.17 -48.66 38.28
N ASP C 130 -8.42 -49.16 37.31
CA ASP C 130 -7.36 -50.14 37.64
C ASP C 130 -6.21 -49.47 38.36
N GLU C 131 -5.58 -50.18 39.29
CA GLU C 131 -4.46 -49.59 40.02
C GLU C 131 -3.35 -49.14 39.08
N SER C 132 -3.22 -49.86 37.98
CA SER C 132 -2.17 -49.53 37.07
C SER C 132 -2.29 -48.08 36.62
N TRP C 133 -3.49 -47.55 36.57
CA TRP C 133 -3.65 -46.15 36.14
C TRP C 133 -3.19 -45.17 37.24
N LEU C 134 -3.23 -45.68 38.47
CA LEU C 134 -2.91 -44.85 39.64
C LEU C 134 -1.49 -44.95 40.22
N GLN C 135 -0.83 -46.04 39.93
CA GLN C 135 0.48 -46.23 40.50
C GLN C 135 1.40 -45.20 39.92
N GLU C 136 1.17 -44.81 38.67
CA GLU C 136 2.01 -43.87 37.94
C GLU C 136 1.17 -42.95 37.04
N GLY C 137 1.71 -41.78 36.70
CA GLY C 137 0.94 -41.04 35.72
C GLY C 137 -0.23 -40.27 36.20
N GLN C 138 -0.92 -39.70 35.20
CA GLN C 138 -2.08 -38.85 35.46
C GLN C 138 -3.33 -39.38 34.77
N THR C 139 -4.40 -39.38 35.58
CA THR C 139 -5.74 -39.79 35.14
C THR C 139 -6.63 -38.57 35.08
N ARG C 140 -7.13 -38.22 33.87
CA ARG C 140 -8.00 -37.06 33.81
C ARG C 140 -9.33 -37.48 33.26
N ILE C 141 -10.38 -36.74 33.59
CA ILE C 141 -11.71 -37.01 33.06
C ILE C 141 -11.96 -35.97 31.96
N ILE C 142 -12.70 -36.35 30.93
CA ILE C 142 -12.92 -35.38 29.88
C ILE C 142 -14.40 -35.41 29.57
N PHE C 143 -15.02 -34.22 29.70
CA PHE C 143 -16.45 -34.05 29.34
C PHE C 143 -16.49 -33.27 28.03
N ASP C 144 -16.82 -33.95 26.93
CA ASP C 144 -16.78 -33.25 25.66
C ASP C 144 -17.86 -32.19 25.50
N GLY C 145 -18.93 -32.33 26.25
CA GLY C 145 -20.00 -31.35 26.06
C GLY C 145 -20.99 -31.43 27.22
N VAL C 146 -21.06 -30.32 28.02
CA VAL C 146 -22.02 -30.23 29.15
C VAL C 146 -22.72 -28.86 29.04
N ASN C 147 -24.05 -28.87 28.97
CA ASN C 147 -24.82 -27.65 28.72
C ASN C 147 -25.71 -27.31 29.92
N SER C 148 -25.50 -26.18 30.61
CA SER C 148 -24.55 -25.15 30.20
C SER C 148 -23.36 -24.90 31.09
N ALA C 149 -23.39 -25.43 32.31
CA ALA C 149 -22.29 -25.22 33.25
C ALA C 149 -22.37 -26.33 34.28
N PHE C 150 -21.28 -26.66 34.95
CA PHE C 150 -21.42 -27.72 35.94
C PHE C 150 -20.29 -27.72 36.94
N HIS C 151 -20.63 -28.34 38.10
CA HIS C 151 -19.71 -28.65 39.18
C HIS C 151 -19.45 -30.17 39.19
N LEU C 152 -18.21 -30.55 39.49
CA LEU C 152 -17.86 -31.96 39.51
C LEU C 152 -17.24 -32.36 40.85
N TRP C 153 -17.70 -33.48 41.36
CA TRP C 153 -17.15 -34.03 42.61
C TRP C 153 -16.69 -35.47 42.27
N CYS C 154 -15.68 -36.00 42.97
CA CYS C 154 -15.27 -37.39 42.68
C CYS C 154 -15.07 -37.98 44.07
N ASN C 155 -15.74 -39.07 44.35
CA ASN C 155 -15.73 -39.70 45.68
C ASN C 155 -16.09 -38.73 46.81
N GLY C 156 -17.08 -37.87 46.52
CA GLY C 156 -17.58 -36.84 47.44
C GLY C 156 -16.74 -35.56 47.62
N ARG C 157 -15.55 -35.47 47.01
CA ARG C 157 -14.72 -34.27 47.14
C ARG C 157 -14.83 -33.41 45.87
N TRP C 158 -14.97 -32.09 46.02
CA TRP C 158 -15.15 -31.25 44.86
C TRP C 158 -13.86 -31.12 44.06
N VAL C 159 -13.99 -31.21 42.75
CA VAL C 159 -12.88 -31.19 41.81
C VAL C 159 -12.77 -29.89 41.05
N GLY C 160 -13.89 -29.41 40.47
CA GLY C 160 -13.80 -28.20 39.71
C GLY C 160 -15.15 -27.86 39.05
N TYR C 161 -15.08 -26.86 38.11
CA TYR C 161 -16.28 -26.31 37.48
C TYR C 161 -15.99 -25.90 36.04
N GLY C 162 -17.00 -25.90 35.22
CA GLY C 162 -16.76 -25.49 33.84
C GLY C 162 -17.99 -24.90 33.12
N GLN C 163 -17.75 -24.06 32.09
CA GLN C 163 -18.74 -23.47 31.23
C GLN C 163 -18.26 -23.65 29.78
N ASP C 164 -19.09 -23.17 28.84
CA ASP C 164 -18.94 -23.29 27.40
C ASP C 164 -19.41 -24.68 27.06
N SER C 165 -20.68 -24.75 26.71
CA SER C 165 -21.35 -26.03 26.42
C SER C 165 -20.80 -26.80 25.20
N ARG C 166 -19.91 -26.25 24.36
CA ARG C 166 -19.51 -26.88 23.10
C ARG C 166 -18.04 -27.22 22.98
N LEU C 167 -17.31 -27.16 24.10
CA LEU C 167 -15.91 -27.52 24.10
C LEU C 167 -15.66 -28.48 25.27
N PRO C 168 -14.65 -29.30 25.15
CA PRO C 168 -14.35 -30.27 26.23
C PRO C 168 -13.81 -29.58 27.48
N SER C 169 -14.26 -30.04 28.68
CA SER C 169 -13.77 -29.57 30.02
C SER C 169 -13.03 -30.77 30.62
N GLU C 170 -11.77 -30.56 30.97
CA GLU C 170 -10.99 -31.67 31.45
C GLU C 170 -10.47 -31.39 32.86
N PHE C 171 -10.50 -32.40 33.73
CA PHE C 171 -10.00 -32.26 35.10
C PHE C 171 -9.06 -33.39 35.51
N ASP C 172 -8.01 -33.04 36.25
CA ASP C 172 -7.06 -34.08 36.70
C ASP C 172 -7.67 -34.85 37.89
N LEU C 173 -7.91 -36.14 37.74
CA LEU C 173 -8.56 -36.80 38.87
C LEU C 173 -7.58 -37.65 39.67
N SER C 174 -6.31 -37.54 39.26
CA SER C 174 -5.24 -38.32 39.85
C SER C 174 -5.30 -38.40 41.36
N ALA C 175 -5.51 -37.26 42.03
CA ALA C 175 -5.54 -37.25 43.50
C ALA C 175 -6.83 -37.61 44.14
N PHE C 176 -7.80 -37.87 43.32
CA PHE C 176 -9.13 -38.15 43.85
C PHE C 176 -9.56 -39.60 43.68
N LEU C 177 -8.86 -40.41 42.87
CA LEU C 177 -9.40 -41.73 42.71
C LEU C 177 -8.68 -42.75 43.55
N ARG C 178 -9.28 -43.92 43.58
CA ARG C 178 -8.65 -45.03 44.28
C ARG C 178 -8.91 -46.27 43.46
N ALA C 179 -8.07 -47.29 43.63
CA ALA C 179 -8.22 -48.46 42.82
C ALA C 179 -9.57 -49.07 43.09
N GLY C 180 -10.16 -49.58 42.03
CA GLY C 180 -11.45 -50.13 42.30
C GLY C 180 -12.56 -49.15 41.99
N GLU C 181 -13.67 -49.31 42.74
CA GLU C 181 -14.84 -48.49 42.47
C GLU C 181 -14.66 -47.06 42.93
N ASN C 182 -15.17 -46.16 42.09
CA ASN C 182 -15.17 -44.75 42.36
C ASN C 182 -16.56 -44.24 41.90
N ARG C 183 -16.90 -43.07 42.49
CA ARG C 183 -18.16 -42.40 42.16
C ARG C 183 -18.01 -40.93 41.75
N LEU C 184 -18.51 -40.56 40.57
CA LEU C 184 -18.49 -39.15 40.15
C LEU C 184 -19.86 -38.55 40.43
N ALA C 185 -19.87 -37.26 40.67
CA ALA C 185 -21.15 -36.61 40.83
C ALA C 185 -20.99 -35.27 40.05
N VAL C 186 -21.96 -35.04 39.13
CA VAL C 186 -21.95 -33.87 38.26
C VAL C 186 -23.27 -33.13 38.40
N MET C 187 -23.15 -31.88 38.82
CA MET C 187 -24.37 -31.08 38.99
C MET C 187 -24.42 -30.14 37.80
N VAL C 188 -25.34 -30.40 36.88
CA VAL C 188 -25.40 -29.61 35.67
C VAL C 188 -26.48 -28.54 35.73
N LEU C 189 -26.10 -27.26 35.52
CA LEU C 189 -27.07 -26.16 35.54
C LEU C 189 -27.54 -25.86 34.13
N ARG C 190 -28.88 -25.71 34.02
CA ARG C 190 -29.46 -25.43 32.73
C ARG C 190 -29.02 -24.01 32.34
N TRP C 191 -29.09 -23.05 33.29
CA TRP C 191 -28.75 -21.66 32.92
C TRP C 191 -27.59 -21.17 33.72
N SER C 192 -26.77 -20.37 33.08
CA SER C 192 -25.58 -19.79 33.74
C SER C 192 -25.20 -18.52 32.99
N ASP C 193 -24.17 -17.78 33.47
CA ASP C 193 -23.81 -16.59 32.72
C ASP C 193 -23.30 -16.96 31.32
N GLY C 194 -22.89 -18.24 31.16
CA GLY C 194 -22.47 -18.75 29.85
C GLY C 194 -23.65 -18.71 28.87
N SER C 195 -24.86 -18.78 29.43
CA SER C 195 -26.06 -18.74 28.59
C SER C 195 -26.20 -17.42 27.82
N TYR C 196 -25.64 -16.36 28.39
CA TYR C 196 -25.75 -15.11 27.69
C TYR C 196 -24.98 -15.13 26.36
N LEU C 197 -24.02 -16.05 26.27
CA LEU C 197 -23.20 -16.20 25.06
C LEU C 197 -23.70 -17.39 24.22
N GLU C 198 -24.84 -17.99 24.58
CA GLU C 198 -25.31 -19.17 23.82
C GLU C 198 -26.73 -18.97 23.30
N ASP C 199 -26.95 -17.83 22.68
CA ASP C 199 -28.27 -17.46 22.18
C ASP C 199 -28.57 -17.89 20.74
N GLN C 200 -27.98 -19.05 20.37
CA GLN C 200 -28.25 -19.51 19.01
C GLN C 200 -29.74 -19.85 18.77
N ASP C 201 -30.14 -19.60 17.48
CA ASP C 201 -31.50 -19.93 16.99
C ASP C 201 -31.66 -21.47 16.86
N MET C 202 -32.06 -22.08 18.00
CA MET C 202 -32.21 -23.55 18.03
C MET C 202 -32.92 -23.92 19.32
N TRP C 203 -33.23 -25.23 19.48
CA TRP C 203 -33.83 -25.64 20.74
C TRP C 203 -32.84 -25.41 21.88
N ARG C 204 -33.42 -24.99 23.00
CA ARG C 204 -32.65 -24.72 24.23
C ARG C 204 -32.80 -25.95 25.10
N MET C 205 -31.75 -26.75 25.17
CA MET C 205 -31.74 -27.97 25.95
C MET C 205 -30.57 -27.96 26.99
N SER C 206 -30.35 -29.07 27.67
CA SER C 206 -29.23 -29.07 28.61
C SER C 206 -28.87 -30.52 28.95
N GLY C 207 -27.74 -30.74 29.63
CA GLY C 207 -27.32 -32.09 29.99
C GLY C 207 -25.89 -32.42 29.61
N ILE C 208 -25.47 -33.67 29.86
CA ILE C 208 -24.12 -34.13 29.48
C ILE C 208 -24.39 -34.76 28.16
N PHE C 209 -24.23 -33.90 27.12
CA PHE C 209 -24.70 -34.33 25.80
C PHE C 209 -23.69 -34.73 24.79
N ARG C 210 -22.38 -34.70 25.17
CA ARG C 210 -21.27 -35.23 24.39
C ARG C 210 -20.54 -36.28 25.24
N ASP C 211 -19.66 -37.02 24.64
CA ASP C 211 -18.98 -38.11 25.32
C ASP C 211 -18.21 -37.72 26.58
N VAL C 212 -18.10 -38.70 27.48
CA VAL C 212 -17.32 -38.55 28.71
C VAL C 212 -16.26 -39.60 28.62
N SER C 213 -15.03 -39.20 28.97
CA SER C 213 -14.02 -40.23 28.83
C SER C 213 -12.97 -40.09 29.91
N LEU C 214 -12.10 -41.11 30.03
CA LEU C 214 -11.04 -41.05 30.99
C LEU C 214 -9.74 -41.25 30.20
N LEU C 215 -8.74 -40.42 30.44
CA LEU C 215 -7.48 -40.53 29.69
C LEU C 215 -6.31 -40.59 30.66
N HIS C 216 -5.46 -41.56 30.43
CA HIS C 216 -4.28 -41.71 31.26
C HIS C 216 -3.09 -41.17 30.47
N LYS C 217 -2.32 -40.28 31.06
CA LYS C 217 -1.11 -39.78 30.46
C LYS C 217 0.05 -40.02 31.43
N PRO C 218 1.24 -40.22 30.90
CA PRO C 218 2.39 -40.41 31.79
C PRO C 218 2.69 -39.04 32.42
N THR C 219 3.47 -39.05 33.48
CA THR C 219 3.82 -37.82 34.15
C THR C 219 4.64 -36.90 33.24
N THR C 220 5.51 -37.54 32.49
CA THR C 220 6.29 -36.82 31.48
C THR C 220 5.54 -37.09 30.20
N GLN C 221 5.00 -36.01 29.63
CA GLN C 221 4.08 -36.20 28.52
C GLN C 221 4.06 -35.09 27.49
N ILE C 222 3.44 -35.50 26.38
CA ILE C 222 3.18 -34.56 25.29
C ILE C 222 1.96 -33.69 25.75
N SER C 223 2.09 -32.39 25.94
CA SER C 223 0.96 -31.62 26.42
C SER C 223 0.30 -30.81 25.32
N ASP C 224 1.02 -30.71 24.18
CA ASP C 224 0.45 -30.00 23.01
C ASP C 224 1.37 -30.26 21.82
N PHE C 225 0.77 -30.18 20.61
CA PHE C 225 1.55 -30.28 19.40
C PHE C 225 0.76 -29.57 18.29
N HIS C 226 1.47 -28.83 17.42
CA HIS C 226 0.79 -28.16 16.31
C HIS C 226 1.53 -28.55 15.05
N VAL C 227 0.73 -28.80 14.01
CA VAL C 227 1.31 -29.21 12.72
C VAL C 227 1.05 -28.15 11.67
N ALA C 228 2.08 -27.79 10.89
CA ALA C 228 1.89 -26.82 9.83
C ALA C 228 2.47 -27.41 8.59
N THR C 229 1.96 -27.02 7.43
CA THR C 229 2.59 -27.50 6.20
C THR C 229 2.81 -26.30 5.32
N ARG C 230 4.03 -26.02 4.88
CA ARG C 230 4.28 -24.87 4.03
C ARG C 230 4.84 -25.31 2.72
N PHE C 231 4.60 -24.54 1.67
CA PHE C 231 4.94 -25.00 0.34
C PHE C 231 5.77 -24.01 -0.47
N ASN C 232 6.32 -24.53 -1.57
CA ASN C 232 7.06 -23.76 -2.59
C ASN C 232 6.02 -23.21 -3.54
N ASP C 233 6.50 -22.42 -4.45
CA ASP C 233 5.62 -21.71 -5.29
C ASP C 233 4.67 -22.54 -6.09
N ASP C 234 5.06 -23.75 -6.45
CA ASP C 234 4.12 -24.53 -7.24
C ASP C 234 3.57 -25.73 -6.51
N PHE C 235 3.79 -25.81 -5.18
CA PHE C 235 3.22 -26.90 -4.41
C PHE C 235 3.86 -28.23 -4.73
N SER C 236 5.05 -28.23 -5.32
CA SER C 236 5.72 -29.52 -5.59
C SER C 236 6.64 -29.96 -4.44
N ARG C 237 6.86 -29.05 -3.47
CA ARG C 237 7.68 -29.29 -2.28
C ARG C 237 6.99 -28.67 -1.07
N ALA C 238 7.06 -29.39 0.03
CA ALA C 238 6.49 -28.88 1.26
C ALA C 238 7.41 -29.15 2.40
N VAL C 239 7.21 -28.44 3.48
CA VAL C 239 7.92 -28.72 4.71
C VAL C 239 6.78 -28.87 5.72
N LEU C 240 6.85 -29.96 6.43
CA LEU C 240 5.96 -30.25 7.55
C LEU C 240 6.72 -29.79 8.83
N GLU C 241 6.10 -28.89 9.60
CA GLU C 241 6.72 -28.41 10.81
C GLU C 241 5.80 -28.78 11.96
N ALA C 242 6.35 -29.51 12.93
CA ALA C 242 5.57 -29.95 14.09
C ALA C 242 6.23 -29.39 15.36
N GLU C 243 5.50 -28.49 16.03
CA GLU C 243 6.02 -27.97 17.28
C GLU C 243 5.41 -28.85 18.37
N VAL C 244 6.28 -29.35 19.27
CA VAL C 244 5.80 -30.23 20.33
C VAL C 244 6.17 -29.67 21.67
N GLN C 245 5.20 -29.74 22.61
CA GLN C 245 5.48 -29.27 23.96
C GLN C 245 5.28 -30.40 24.94
N MET C 246 6.05 -30.38 26.04
CA MET C 246 5.87 -31.38 27.08
C MET C 246 5.56 -30.74 28.42
N CYS C 247 5.04 -31.57 29.27
CA CYS C 247 4.83 -31.29 30.68
C CYS C 247 5.57 -32.40 31.46
N GLY C 248 6.10 -32.12 32.66
CA GLY C 248 6.77 -33.20 33.38
C GLY C 248 8.21 -32.91 33.59
N GLU C 249 9.01 -33.92 33.94
CA GLU C 249 10.40 -33.61 34.18
C GLU C 249 11.37 -33.60 33.01
N LEU C 250 11.94 -32.45 32.74
CA LEU C 250 12.85 -32.49 31.61
C LEU C 250 14.15 -33.24 31.91
N ARG C 251 14.64 -34.02 30.98
CA ARG C 251 15.88 -34.73 31.18
C ARG C 251 16.54 -34.76 29.85
N ASP C 252 17.87 -34.69 29.91
CA ASP C 252 18.62 -34.69 28.70
C ASP C 252 18.34 -35.90 27.84
N TYR C 253 17.89 -37.00 28.45
CA TYR C 253 17.74 -38.14 27.57
C TYR C 253 16.42 -38.22 26.83
N LEU C 254 15.58 -37.24 27.09
CA LEU C 254 14.32 -37.25 26.39
C LEU C 254 14.48 -36.86 24.92
N ARG C 255 13.56 -37.36 24.08
CA ARG C 255 13.59 -37.02 22.69
C ARG C 255 12.18 -37.01 22.12
N VAL C 256 12.01 -36.37 20.96
CA VAL C 256 10.74 -36.43 20.29
C VAL C 256 11.06 -36.90 18.92
N THR C 257 10.22 -37.84 18.47
CA THR C 257 10.35 -38.26 17.10
C THR C 257 9.00 -37.96 16.40
N VAL C 258 9.06 -37.23 15.26
CA VAL C 258 7.86 -37.02 14.48
C VAL C 258 8.08 -37.76 13.17
N SER C 259 7.19 -38.67 12.80
CA SER C 259 7.32 -39.37 11.57
C SER C 259 6.04 -39.15 10.73
N LEU C 260 6.18 -39.23 9.41
CA LEU C 260 5.04 -38.98 8.52
C LEU C 260 4.87 -40.18 7.60
N TRP C 261 3.66 -40.65 7.46
CA TRP C 261 3.34 -41.82 6.66
C TRP C 261 2.23 -41.53 5.69
N GLN C 262 2.28 -42.22 4.57
CA GLN C 262 1.18 -42.03 3.61
C GLN C 262 0.80 -43.44 3.50
N GLY C 263 -0.23 -43.74 4.21
CA GLY C 263 -0.54 -45.12 4.29
C GLY C 263 0.51 -45.92 5.09
N GLU C 264 0.85 -47.06 4.51
CA GLU C 264 1.80 -47.93 5.12
C GLU C 264 3.25 -47.58 4.80
N THR C 265 3.45 -46.57 3.96
CA THR C 265 4.76 -46.06 3.60
C THR C 265 5.24 -44.88 4.44
N GLN C 266 6.44 -44.99 4.98
CA GLN C 266 6.94 -43.89 5.74
C GLN C 266 7.59 -42.92 4.81
N VAL C 267 7.13 -41.67 4.88
CA VAL C 267 7.66 -40.65 4.03
C VAL C 267 8.84 -39.93 4.58
N ALA C 268 8.81 -39.71 5.89
CA ALA C 268 9.91 -38.96 6.50
C ALA C 268 9.89 -39.17 8.03
N SER C 269 11.03 -38.91 8.68
CA SER C 269 10.94 -39.07 10.13
C SER C 269 12.03 -38.18 10.69
N GLY C 270 11.93 -37.57 11.85
CA GLY C 270 13.00 -36.70 12.41
C GLY C 270 12.87 -36.75 13.91
N THR C 271 14.03 -36.66 14.55
CA THR C 271 14.14 -36.76 16.01
C THR C 271 15.02 -35.68 16.57
N ALA C 272 14.67 -35.22 17.75
CA ALA C 272 15.43 -34.21 18.48
C ALA C 272 15.10 -34.23 19.95
N PRO C 273 16.07 -33.68 20.64
CA PRO C 273 15.93 -33.53 22.08
C PRO C 273 15.12 -32.23 22.30
N PHE C 274 14.52 -32.06 23.48
CA PHE C 274 13.80 -30.83 23.71
C PHE C 274 14.73 -29.62 23.79
N GLY C 275 14.20 -28.43 23.53
CA GLY C 275 14.96 -27.21 23.63
C GLY C 275 14.76 -26.45 22.37
N GLY C 276 13.90 -25.46 22.42
CA GLY C 276 13.63 -24.66 21.23
C GLY C 276 14.68 -23.54 21.00
N GLU C 277 14.56 -22.87 19.84
CA GLU C 277 15.47 -21.76 19.58
C GLU C 277 15.17 -20.57 20.54
N ILE C 278 16.19 -19.72 20.66
CA ILE C 278 16.08 -18.51 21.48
C ILE C 278 14.89 -17.67 20.96
N ILE C 279 14.04 -17.28 21.89
CA ILE C 279 12.82 -16.47 21.62
C ILE C 279 13.05 -15.00 22.00
N ASP C 280 13.77 -14.79 23.11
CA ASP C 280 13.91 -13.41 23.56
C ASP C 280 15.08 -13.33 24.51
N GLU C 281 15.17 -12.19 25.21
CA GLU C 281 16.28 -11.97 26.12
C GLU C 281 16.40 -13.02 27.21
N ARG C 282 15.33 -13.74 27.56
CA ARG C 282 15.48 -14.73 28.61
C ARG C 282 15.76 -16.13 28.08
N GLY C 283 15.87 -16.25 26.76
CA GLY C 283 16.12 -17.57 26.18
C GLY C 283 15.01 -18.07 25.31
N GLY C 284 14.86 -19.41 25.36
CA GLY C 284 13.88 -20.08 24.58
C GLY C 284 13.06 -21.03 25.47
N TYR C 285 12.23 -21.87 24.81
CA TYR C 285 11.41 -22.86 25.54
C TYR C 285 12.17 -24.17 25.70
N ALA C 286 12.58 -24.46 26.93
CA ALA C 286 13.34 -25.68 27.18
C ALA C 286 12.44 -26.91 27.05
N ASP C 287 11.14 -26.61 27.21
CA ASP C 287 10.10 -27.63 27.16
C ASP C 287 9.40 -27.83 25.82
N ARG C 288 10.02 -27.34 24.78
CA ARG C 288 9.46 -27.51 23.44
C ARG C 288 10.54 -27.84 22.43
N VAL C 289 10.09 -28.43 21.32
CA VAL C 289 11.00 -28.71 20.22
C VAL C 289 10.17 -28.62 18.94
N THR C 290 10.76 -28.20 17.85
CA THR C 290 10.11 -28.16 16.56
C THR C 290 10.87 -29.09 15.58
N LEU C 291 10.19 -30.05 14.96
CA LEU C 291 10.76 -31.01 13.99
C LEU C 291 10.33 -30.50 12.63
N ARG C 292 11.19 -30.50 11.63
CA ARG C 292 10.87 -30.05 10.27
C ARG C 292 11.20 -31.20 9.31
N LEU C 293 10.22 -31.64 8.55
CA LEU C 293 10.44 -32.75 7.63
C LEU C 293 10.14 -32.29 6.21
N ASN C 294 11.03 -32.55 5.28
CA ASN C 294 10.83 -32.18 3.88
C ASN C 294 10.01 -33.22 3.21
N VAL C 295 9.10 -32.73 2.39
CA VAL C 295 8.24 -33.67 1.68
C VAL C 295 8.23 -33.31 0.22
N GLU C 296 8.66 -34.24 -0.66
CA GLU C 296 8.71 -33.88 -2.08
C GLU C 296 7.47 -34.36 -2.73
N ASN C 297 6.94 -33.57 -3.68
CA ASN C 297 5.69 -33.97 -4.38
C ASN C 297 4.61 -34.42 -3.45
N PRO C 298 4.31 -33.70 -2.39
CA PRO C 298 3.24 -34.14 -1.53
C PRO C 298 1.92 -34.31 -2.29
N LYS C 299 1.12 -35.31 -1.89
CA LYS C 299 -0.22 -35.43 -2.46
C LYS C 299 -1.06 -34.42 -1.68
N LEU C 300 -1.64 -33.47 -2.40
CA LEU C 300 -2.37 -32.35 -1.74
C LEU C 300 -3.77 -32.67 -1.28
N TRP C 301 -4.17 -32.05 -0.17
CA TRP C 301 -5.50 -32.32 0.29
C TRP C 301 -6.46 -31.26 -0.25
N SER C 302 -7.70 -31.70 -0.55
CA SER C 302 -8.78 -30.79 -1.00
C SER C 302 -10.08 -31.55 -0.76
N ALA C 303 -11.20 -30.86 -0.92
CA ALA C 303 -12.46 -31.55 -0.80
C ALA C 303 -12.65 -32.43 -2.06
N GLU C 304 -11.90 -32.16 -3.11
CA GLU C 304 -12.02 -32.93 -4.34
C GLU C 304 -11.25 -34.22 -4.14
N ILE C 305 -10.06 -34.18 -3.57
CA ILE C 305 -9.33 -35.39 -3.31
C ILE C 305 -8.68 -35.17 -1.95
N PRO C 306 -9.27 -35.75 -0.92
CA PRO C 306 -8.84 -35.58 0.46
C PRO C 306 -7.69 -36.52 0.85
N ASN C 307 -6.58 -36.34 0.16
CA ASN C 307 -5.36 -37.09 0.41
C ASN C 307 -4.88 -36.74 1.80
N LEU C 308 -4.60 -37.79 2.57
CA LEU C 308 -4.13 -37.51 3.91
C LEU C 308 -2.91 -38.32 4.22
N TYR C 309 -2.11 -37.74 5.10
CA TYR C 309 -0.95 -38.44 5.65
C TYR C 309 -1.24 -38.59 7.13
N ARG C 310 -0.40 -39.36 7.82
CA ARG C 310 -0.54 -39.55 9.25
C ARG C 310 0.75 -39.07 9.90
N ALA C 311 0.65 -38.11 10.86
CA ALA C 311 1.84 -37.66 11.61
C ALA C 311 1.78 -38.37 12.99
N VAL C 312 2.87 -39.01 13.38
CA VAL C 312 2.93 -39.70 14.65
C VAL C 312 4.00 -39.00 15.46
N VAL C 313 3.60 -38.65 16.68
CA VAL C 313 4.51 -37.89 17.53
C VAL C 313 4.91 -38.77 18.72
N GLU C 314 6.17 -39.17 18.79
CA GLU C 314 6.57 -40.04 19.92
C GLU C 314 7.45 -39.32 20.87
N LEU C 315 7.15 -39.51 22.16
CA LEU C 315 7.95 -38.94 23.23
C LEU C 315 8.70 -40.15 23.72
N HIS C 316 10.02 -40.11 23.79
CA HIS C 316 10.68 -41.33 24.23
C HIS C 316 12.09 -41.06 24.73
N THR C 317 12.84 -42.10 25.14
CA THR C 317 14.21 -41.81 25.63
C THR C 317 15.22 -42.07 24.53
N ALA C 318 16.39 -41.57 24.75
CA ALA C 318 17.41 -41.76 23.75
C ALA C 318 17.65 -43.25 23.59
N ASP C 319 17.52 -44.01 24.69
CA ASP C 319 17.76 -45.44 24.62
C ASP C 319 16.73 -46.13 23.76
N GLY C 320 15.69 -45.42 23.39
CA GLY C 320 14.73 -46.16 22.61
C GLY C 320 13.53 -46.66 23.41
N THR C 321 13.26 -46.15 24.60
CA THR C 321 12.03 -46.67 25.20
C THR C 321 10.88 -45.65 24.93
N LEU C 322 9.74 -46.13 24.43
CA LEU C 322 8.69 -45.18 24.21
C LEU C 322 8.01 -44.84 25.53
N ILE C 323 7.73 -43.54 25.72
CA ILE C 323 6.99 -42.99 26.83
C ILE C 323 5.53 -42.88 26.42
N GLU C 324 5.25 -42.22 25.29
CA GLU C 324 3.89 -42.26 24.76
C GLU C 324 3.95 -41.68 23.37
N ALA C 325 2.83 -41.89 22.70
CA ALA C 325 2.64 -41.39 21.34
C ALA C 325 1.27 -40.73 21.15
N GLU C 326 1.28 -39.66 20.37
CA GLU C 326 0.07 -39.00 19.97
C GLU C 326 0.14 -38.95 18.43
N ALA C 327 -0.95 -38.56 17.77
CA ALA C 327 -0.91 -38.52 16.28
C ALA C 327 -2.13 -37.77 15.70
N CYS C 328 -2.04 -37.44 14.40
CA CYS C 328 -3.16 -36.81 13.71
C CYS C 328 -3.04 -37.06 12.22
N ASP C 329 -4.16 -36.85 11.57
CA ASP C 329 -4.23 -36.97 10.13
C ASP C 329 -3.72 -35.65 9.60
N VAL C 330 -2.93 -35.62 8.55
CA VAL C 330 -2.42 -34.36 8.06
C VAL C 330 -2.82 -34.22 6.60
N GLY C 331 -3.34 -33.03 6.25
CA GLY C 331 -3.73 -32.71 4.88
C GLY C 331 -2.85 -31.59 4.42
N PHE C 332 -2.06 -31.85 3.37
CA PHE C 332 -1.12 -30.84 2.89
C PHE C 332 -1.94 -29.86 2.04
N ARG C 333 -2.17 -28.69 2.54
CA ARG C 333 -2.94 -27.72 1.75
C ARG C 333 -2.61 -26.36 2.39
N GLU C 334 -2.61 -25.35 1.52
CA GLU C 334 -2.39 -23.97 1.97
C GLU C 334 -3.70 -23.24 1.75
N VAL C 335 -4.06 -22.33 2.64
CA VAL C 335 -5.26 -21.49 2.49
C VAL C 335 -4.75 -20.07 2.58
N ARG C 336 -5.09 -19.25 1.61
CA ARG C 336 -4.63 -17.88 1.70
C ARG C 336 -5.56 -16.96 0.88
N ILE C 337 -5.61 -15.67 1.24
CA ILE C 337 -6.39 -14.69 0.51
C ILE C 337 -5.36 -13.86 -0.18
N GLU C 338 -5.52 -13.73 -1.48
CA GLU C 338 -4.58 -12.92 -2.21
C GLU C 338 -5.29 -12.21 -3.33
N ASN C 339 -4.99 -10.90 -3.42
CA ASN C 339 -5.60 -10.12 -4.50
C ASN C 339 -7.11 -10.24 -4.50
N GLY C 340 -7.62 -10.44 -3.30
CA GLY C 340 -9.07 -10.41 -3.17
C GLY C 340 -9.76 -11.72 -3.33
N LEU C 341 -8.95 -12.77 -3.50
CA LEU C 341 -9.52 -14.10 -3.67
C LEU C 341 -9.04 -15.11 -2.61
N LEU C 342 -9.97 -15.97 -2.16
CA LEU C 342 -9.60 -17.04 -1.25
C LEU C 342 -9.11 -18.18 -2.11
N LEU C 343 -7.84 -18.55 -1.88
CA LEU C 343 -7.16 -19.59 -2.62
C LEU C 343 -6.87 -20.80 -1.75
N LEU C 344 -7.06 -21.99 -2.38
CA LEU C 344 -6.75 -23.25 -1.68
C LEU C 344 -5.71 -23.90 -2.57
N ASN C 345 -4.46 -24.16 -2.08
CA ASN C 345 -3.43 -24.68 -2.97
C ASN C 345 -3.23 -23.79 -4.20
N GLY C 346 -3.40 -22.50 -4.02
CA GLY C 346 -3.18 -21.54 -5.08
C GLY C 346 -4.35 -21.35 -6.01
N LYS C 347 -5.46 -22.06 -5.89
CA LYS C 347 -6.57 -21.90 -6.82
C LYS C 347 -7.76 -21.35 -6.09
N PRO C 348 -8.58 -20.53 -6.80
CA PRO C 348 -9.73 -19.89 -6.17
C PRO C 348 -10.87 -20.84 -5.88
N LEU C 349 -11.29 -20.90 -4.63
CA LEU C 349 -12.39 -21.76 -4.29
C LEU C 349 -13.73 -21.20 -4.76
N LEU C 350 -14.68 -22.12 -4.88
CA LEU C 350 -16.08 -21.86 -5.18
C LEU C 350 -16.82 -22.70 -4.13
N ILE C 351 -17.20 -22.03 -3.04
CA ILE C 351 -17.75 -22.72 -1.90
C ILE C 351 -19.18 -23.13 -2.15
N ARG C 352 -19.42 -24.44 -2.18
CA ARG C 352 -20.75 -24.95 -2.33
C ARG C 352 -21.07 -25.46 -0.91
N GLY C 353 -21.46 -24.49 -0.06
CA GLY C 353 -21.61 -24.81 1.34
C GLY C 353 -23.00 -24.91 1.92
N VAL C 354 -23.03 -25.42 3.17
CA VAL C 354 -24.28 -25.46 3.92
C VAL C 354 -23.92 -25.26 5.39
N ASN C 355 -24.81 -24.57 6.10
CA ASN C 355 -24.71 -24.44 7.56
C ASN C 355 -25.35 -25.74 8.12
N ARG C 356 -24.74 -26.32 9.14
CA ARG C 356 -25.36 -27.54 9.70
C ARG C 356 -25.28 -27.53 11.23
N HIS C 357 -26.48 -27.60 11.82
CA HIS C 357 -26.55 -27.67 13.27
C HIS C 357 -26.40 -29.14 13.69
N GLU C 358 -26.10 -29.43 14.96
CA GLU C 358 -26.03 -30.81 15.48
C GLU C 358 -27.46 -31.08 16.05
N HIS C 359 -28.27 -31.81 15.29
CA HIS C 359 -29.65 -32.04 15.70
C HIS C 359 -30.10 -33.41 15.25
N HIS C 360 -30.81 -34.08 16.14
CA HIS C 360 -31.35 -35.45 15.92
C HIS C 360 -32.78 -35.44 16.40
N PRO C 361 -33.74 -35.89 15.58
CA PRO C 361 -35.15 -35.80 15.99
C PRO C 361 -35.51 -36.55 17.26
N LEU C 362 -34.73 -37.56 17.55
CA LEU C 362 -34.96 -38.33 18.76
C LEU C 362 -33.97 -38.01 19.86
N HIS C 363 -32.68 -37.87 19.51
CA HIS C 363 -31.66 -37.65 20.51
C HIS C 363 -31.33 -36.22 20.84
N GLY C 364 -32.08 -35.30 20.19
CA GLY C 364 -31.82 -33.88 20.50
C GLY C 364 -30.46 -33.37 19.93
N GLN C 365 -29.55 -32.99 20.82
CA GLN C 365 -28.29 -32.42 20.40
C GLN C 365 -27.12 -33.36 20.53
N VAL C 366 -27.48 -34.61 20.82
CA VAL C 366 -26.50 -35.68 20.91
C VAL C 366 -26.18 -36.19 19.48
N MET C 367 -24.90 -36.20 19.11
CA MET C 367 -24.50 -36.66 17.77
C MET C 367 -23.88 -38.03 17.80
N ASP C 368 -24.11 -38.79 16.74
CA ASP C 368 -23.52 -40.11 16.69
C ASP C 368 -22.84 -40.29 15.35
N GLU C 369 -21.93 -41.27 15.27
CA GLU C 369 -21.17 -41.46 14.06
C GLU C 369 -22.02 -41.77 12.84
N GLN C 370 -23.07 -42.58 13.01
CA GLN C 370 -23.93 -42.94 11.88
C GLN C 370 -24.58 -41.71 11.26
N THR C 371 -25.16 -40.84 12.11
CA THR C 371 -25.83 -39.65 11.64
C THR C 371 -24.86 -38.72 10.97
N MET C 372 -23.70 -38.58 11.60
CA MET C 372 -22.69 -37.72 11.00
C MET C 372 -22.37 -38.20 9.58
N VAL C 373 -22.08 -39.48 9.48
CA VAL C 373 -21.71 -40.09 8.19
C VAL C 373 -22.82 -39.94 7.18
N GLN C 374 -24.04 -40.19 7.63
CA GLN C 374 -25.20 -40.02 6.79
C GLN C 374 -25.26 -38.59 6.24
N ASP C 375 -24.99 -37.58 7.11
CA ASP C 375 -25.09 -36.20 6.60
C ASP C 375 -24.04 -35.90 5.56
N ILE C 376 -22.80 -36.36 5.87
CA ILE C 376 -21.68 -36.10 4.96
C ILE C 376 -21.91 -36.75 3.63
N LEU C 377 -22.42 -38.00 3.64
CA LEU C 377 -22.61 -38.63 2.34
C LEU C 377 -23.68 -37.91 1.55
N LEU C 378 -24.75 -37.47 2.23
CA LEU C 378 -25.78 -36.79 1.49
C LEU C 378 -25.28 -35.49 0.93
N MET C 379 -24.45 -34.82 1.75
CA MET C 379 -23.91 -33.53 1.31
C MET C 379 -23.08 -33.71 0.02
N LYS C 380 -22.13 -34.66 0.05
CA LYS C 380 -21.23 -34.90 -1.10
C LYS C 380 -22.01 -35.35 -2.31
N GLN C 381 -23.01 -36.17 -2.04
CA GLN C 381 -23.87 -36.67 -3.10
C GLN C 381 -24.66 -35.56 -3.73
N ASN C 382 -24.82 -34.46 -2.98
CA ASN C 382 -25.60 -33.37 -3.55
C ASN C 382 -24.73 -32.18 -3.88
N ASN C 383 -23.47 -32.50 -4.16
CA ASN C 383 -22.54 -31.49 -4.64
C ASN C 383 -22.20 -30.37 -3.70
N PHE C 384 -22.21 -30.67 -2.41
CA PHE C 384 -21.70 -29.68 -1.44
C PHE C 384 -20.27 -30.02 -1.20
N ASN C 385 -19.43 -28.99 -0.98
CA ASN C 385 -17.99 -29.24 -0.69
C ASN C 385 -17.56 -28.55 0.59
N ALA C 386 -18.54 -27.94 1.26
CA ALA C 386 -18.16 -27.22 2.48
C ALA C 386 -19.30 -27.10 3.50
N VAL C 387 -18.86 -26.96 4.77
CA VAL C 387 -19.87 -26.85 5.86
C VAL C 387 -19.48 -25.83 6.88
N ARG C 388 -20.45 -25.09 7.39
CA ARG C 388 -20.10 -24.12 8.39
C ARG C 388 -20.66 -24.69 9.72
N CYS C 389 -19.86 -24.74 10.80
CA CYS C 389 -20.35 -25.24 12.12
C CYS C 389 -21.25 -24.17 12.81
N SER C 390 -22.46 -23.92 12.26
CA SER C 390 -23.36 -22.93 12.89
C SER C 390 -23.86 -23.50 14.20
N HIS C 391 -23.58 -22.90 15.34
CA HIS C 391 -22.72 -21.75 15.50
C HIS C 391 -21.93 -22.06 16.74
N TYR C 392 -21.09 -23.09 16.67
CA TYR C 392 -20.32 -23.49 17.82
C TYR C 392 -19.42 -24.62 17.39
N PRO C 393 -18.41 -24.93 18.18
CA PRO C 393 -17.54 -26.03 17.80
C PRO C 393 -18.34 -27.33 17.87
N ASN C 394 -18.02 -28.24 16.94
CA ASN C 394 -18.81 -29.48 16.89
C ASN C 394 -18.17 -30.60 17.67
N HIS C 395 -18.95 -31.69 17.76
CA HIS C 395 -18.43 -32.94 18.35
C HIS C 395 -17.15 -33.29 17.60
N PRO C 396 -16.16 -33.77 18.30
CA PRO C 396 -14.84 -33.96 17.70
C PRO C 396 -14.75 -34.83 16.45
N LEU C 397 -15.63 -35.83 16.40
CA LEU C 397 -15.55 -36.75 15.27
C LEU C 397 -15.90 -36.08 13.98
N TRP C 398 -16.71 -34.97 14.07
CA TRP C 398 -17.11 -34.30 12.82
C TRP C 398 -15.91 -33.92 11.96
N TYR C 399 -14.91 -33.37 12.68
CA TYR C 399 -13.70 -32.88 12.02
C TYR C 399 -12.93 -34.02 11.36
N THR C 400 -12.80 -35.12 12.09
CA THR C 400 -12.08 -36.27 11.52
C THR C 400 -12.80 -36.77 10.23
N LEU C 401 -14.15 -36.75 10.25
CA LEU C 401 -14.90 -37.20 9.06
C LEU C 401 -14.73 -36.24 7.90
N CYS C 402 -14.78 -34.92 8.22
CA CYS C 402 -14.56 -33.94 7.16
C CYS C 402 -13.18 -34.05 6.54
N ASP C 403 -12.20 -34.38 7.38
CA ASP C 403 -10.82 -34.51 6.92
C ASP C 403 -10.77 -35.63 5.91
N ARG C 404 -11.39 -36.75 6.32
CA ARG C 404 -11.28 -38.00 5.57
C ARG C 404 -12.19 -38.06 4.37
N TYR C 405 -13.40 -37.56 4.48
CA TYR C 405 -14.30 -37.58 3.33
C TYR C 405 -14.02 -36.40 2.39
N GLY C 406 -13.47 -35.35 2.95
CA GLY C 406 -13.17 -34.20 2.16
C GLY C 406 -14.30 -33.15 2.12
N LEU C 407 -14.34 -32.24 3.09
CA LEU C 407 -15.28 -31.12 3.05
C LEU C 407 -14.53 -29.95 3.70
N TYR C 408 -14.67 -28.74 3.15
CA TYR C 408 -14.02 -27.53 3.77
C TYR C 408 -14.88 -27.14 4.98
N VAL C 409 -14.25 -26.84 6.09
CA VAL C 409 -15.04 -26.44 7.25
C VAL C 409 -14.70 -25.03 7.79
N VAL C 410 -15.77 -24.35 8.22
CA VAL C 410 -15.65 -23.08 8.93
C VAL C 410 -15.94 -23.49 10.41
N ASP C 411 -14.90 -23.42 11.27
CA ASP C 411 -15.02 -23.73 12.70
C ASP C 411 -15.34 -22.43 13.43
N GLU C 412 -16.43 -22.48 14.21
CA GLU C 412 -16.97 -21.23 14.80
C GLU C 412 -17.10 -21.27 16.30
N ALA C 413 -16.58 -20.21 16.94
CA ALA C 413 -16.65 -20.11 18.38
C ALA C 413 -18.11 -20.12 18.85
N ASN C 414 -18.34 -20.69 20.05
CA ASN C 414 -19.66 -20.77 20.64
C ASN C 414 -19.96 -19.44 21.36
N ILE C 415 -20.18 -18.41 20.55
CA ILE C 415 -20.52 -17.06 21.04
C ILE C 415 -21.62 -16.47 20.16
N GLU C 416 -22.79 -16.33 20.76
CA GLU C 416 -23.93 -15.68 20.06
C GLU C 416 -24.74 -14.94 21.09
N THR C 417 -24.88 -13.63 20.93
CA THR C 417 -25.62 -12.84 21.93
C THR C 417 -26.73 -12.07 21.24
N HIS C 418 -27.37 -12.70 20.26
CA HIS C 418 -28.31 -12.03 19.40
C HIS C 418 -29.38 -11.24 20.15
N GLY C 419 -29.85 -11.81 21.27
CA GLY C 419 -30.97 -11.19 21.94
C GLY C 419 -30.60 -9.96 22.75
N MET C 420 -29.34 -9.59 22.79
CA MET C 420 -29.00 -8.35 23.57
C MET C 420 -29.49 -7.10 22.79
N VAL C 421 -29.63 -5.96 23.47
CA VAL C 421 -29.98 -4.74 22.78
C VAL C 421 -29.00 -3.66 23.26
N PRO C 422 -28.17 -3.03 22.36
CA PRO C 422 -28.05 -3.38 20.96
C PRO C 422 -27.31 -4.78 20.92
N MET C 423 -27.17 -5.37 19.75
CA MET C 423 -26.60 -6.69 19.75
C MET C 423 -25.17 -6.75 20.29
N ASN C 424 -24.31 -5.72 20.21
CA ASN C 424 -22.94 -5.85 20.74
C ASN C 424 -22.81 -5.45 22.19
N ARG C 425 -23.94 -5.40 22.95
CA ARG C 425 -23.84 -4.93 24.36
C ARG C 425 -22.77 -5.60 25.21
N LEU C 426 -22.68 -6.94 25.07
CA LEU C 426 -21.69 -7.70 25.80
C LEU C 426 -20.36 -7.73 25.05
N THR C 427 -20.46 -7.89 23.73
CA THR C 427 -19.21 -8.02 22.97
C THR C 427 -18.38 -6.77 22.91
N ASP C 428 -19.00 -5.62 23.23
CA ASP C 428 -18.19 -4.41 23.29
C ASP C 428 -17.72 -4.12 24.75
N ASP C 429 -18.09 -4.96 25.73
CA ASP C 429 -17.80 -4.74 27.14
C ASP C 429 -16.58 -5.53 27.60
N PRO C 430 -15.58 -4.80 28.07
CA PRO C 430 -14.37 -5.51 28.41
C PRO C 430 -14.62 -6.50 29.51
N ARG C 431 -15.68 -6.34 30.26
CA ARG C 431 -15.87 -7.33 31.33
C ARG C 431 -16.20 -8.72 30.82
N TRP C 432 -16.63 -8.74 29.55
CA TRP C 432 -16.97 -10.01 28.91
C TRP C 432 -15.84 -10.55 28.01
N LEU C 433 -14.72 -9.80 27.93
CA LEU C 433 -13.67 -10.27 27.09
C LEU C 433 -13.13 -11.65 27.50
N PRO C 434 -12.89 -11.84 28.80
CA PRO C 434 -12.39 -13.12 29.26
C PRO C 434 -13.22 -14.33 28.82
N ALA C 435 -14.51 -14.23 29.13
CA ALA C 435 -15.40 -15.31 28.77
C ALA C 435 -15.35 -15.60 27.27
N MET C 436 -15.37 -14.49 26.51
CA MET C 436 -15.33 -14.64 25.04
C MET C 436 -14.02 -15.23 24.60
N SER C 437 -12.98 -14.69 25.23
CA SER C 437 -11.70 -15.16 24.82
C SER C 437 -11.56 -16.70 24.91
N GLU C 438 -11.98 -17.30 26.03
CA GLU C 438 -11.85 -18.77 26.15
C GLU C 438 -12.64 -19.54 25.11
N ARG C 439 -13.76 -18.96 24.64
CA ARG C 439 -14.57 -19.63 23.62
C ARG C 439 -13.83 -19.68 22.31
N VAL C 440 -13.07 -18.61 22.06
CA VAL C 440 -12.28 -18.59 20.84
C VAL C 440 -10.94 -19.33 21.02
N THR C 441 -10.16 -19.02 22.07
CA THR C 441 -8.83 -19.63 22.15
C THR C 441 -8.86 -21.17 22.29
N ARG C 442 -9.83 -21.65 23.10
CA ARG C 442 -9.96 -23.08 23.36
C ARG C 442 -10.42 -23.82 22.13
N MET C 443 -11.12 -23.15 21.21
CA MET C 443 -11.49 -23.84 19.97
C MET C 443 -10.26 -24.02 19.08
N VAL C 444 -9.43 -22.95 18.97
CA VAL C 444 -8.29 -23.01 18.09
C VAL C 444 -7.31 -24.04 18.66
N GLN C 445 -7.18 -24.04 20.00
CA GLN C 445 -6.24 -24.98 20.59
C GLN C 445 -6.66 -26.43 20.34
N ARG C 446 -7.96 -26.65 20.27
CA ARG C 446 -8.43 -28.00 20.04
C ARG C 446 -8.40 -28.42 18.58
N ASP C 447 -8.78 -27.50 17.66
CA ASP C 447 -8.99 -27.90 16.26
C ASP C 447 -7.96 -27.51 15.19
N ARG C 448 -6.91 -26.81 15.61
CA ARG C 448 -5.94 -26.30 14.69
C ARG C 448 -5.16 -27.30 13.85
N ASN C 449 -5.16 -28.55 14.19
CA ASN C 449 -4.45 -29.51 13.35
C ASN C 449 -5.34 -30.19 12.31
N HIS C 450 -6.61 -29.85 12.16
CA HIS C 450 -7.46 -30.54 11.19
C HIS C 450 -7.33 -29.86 9.84
N PRO C 451 -6.94 -30.54 8.78
CA PRO C 451 -6.84 -29.87 7.54
C PRO C 451 -8.23 -29.47 7.04
N SER C 452 -9.35 -30.13 7.45
CA SER C 452 -10.65 -29.72 6.87
C SER C 452 -10.99 -28.28 7.32
N VAL C 453 -10.50 -27.87 8.52
CA VAL C 453 -10.81 -26.49 8.95
C VAL C 453 -10.02 -25.56 8.09
N ILE C 454 -10.71 -24.73 7.30
CA ILE C 454 -9.93 -23.80 6.50
C ILE C 454 -10.12 -22.31 6.90
N ILE C 455 -11.14 -22.04 7.67
CA ILE C 455 -11.49 -20.70 8.12
C ILE C 455 -12.00 -20.75 9.55
N TRP C 456 -11.56 -19.76 10.39
CA TRP C 456 -12.04 -19.64 11.74
C TRP C 456 -13.15 -18.57 11.77
N SER C 457 -14.18 -18.74 12.58
CA SER C 457 -15.21 -17.72 12.73
C SER C 457 -15.30 -17.33 14.20
N LEU C 458 -15.50 -16.02 14.47
CA LEU C 458 -15.57 -15.54 15.83
C LEU C 458 -16.89 -15.72 16.56
N GLY C 459 -17.83 -16.43 15.89
CA GLY C 459 -19.13 -16.68 16.47
C GLY C 459 -20.18 -16.16 15.52
N ASN C 460 -21.36 -15.81 16.09
CA ASN C 460 -22.54 -15.45 15.26
C ASN C 460 -23.47 -14.43 15.99
N GLU C 461 -24.03 -13.46 15.19
CA GLU C 461 -25.02 -12.48 15.62
C GLU C 461 -24.78 -12.02 17.04
N SER C 462 -23.64 -11.32 17.20
CA SER C 462 -23.23 -10.73 18.49
C SER C 462 -22.79 -9.30 18.25
N GLY C 463 -23.31 -8.71 17.16
CA GLY C 463 -22.97 -7.32 16.81
C GLY C 463 -21.46 -7.26 16.46
N HIS C 464 -20.87 -6.05 16.59
CA HIS C 464 -19.43 -5.95 16.41
C HIS C 464 -18.94 -5.19 17.63
N GLY C 465 -18.15 -5.85 18.47
CA GLY C 465 -17.62 -5.17 19.68
C GLY C 465 -16.08 -5.23 19.68
N ALA C 466 -15.47 -4.40 20.52
CA ALA C 466 -14.03 -4.41 20.52
C ALA C 466 -13.51 -5.76 20.90
N ASN C 467 -14.29 -6.55 21.66
CA ASN C 467 -13.81 -7.91 22.03
C ASN C 467 -13.53 -8.73 20.79
N HIS C 468 -14.35 -8.50 19.74
CA HIS C 468 -14.17 -9.23 18.47
C HIS C 468 -12.86 -8.81 17.82
N ASP C 469 -12.60 -7.51 17.81
CA ASP C 469 -11.35 -7.07 17.18
C ASP C 469 -10.14 -7.67 17.88
N ALA C 470 -10.17 -7.71 19.22
CA ALA C 470 -9.06 -8.27 19.98
C ALA C 470 -8.87 -9.73 19.64
N LEU C 471 -10.00 -10.47 19.53
CA LEU C 471 -9.92 -11.92 19.27
C LEU C 471 -9.55 -12.20 17.83
N TYR C 472 -10.05 -11.34 16.94
CA TYR C 472 -9.65 -11.52 15.57
C TYR C 472 -8.11 -11.52 15.53
N ARG C 473 -7.50 -10.54 16.17
CA ARG C 473 -6.05 -10.39 16.14
C ARG C 473 -5.32 -11.54 16.78
N TRP C 474 -5.86 -11.98 17.89
CA TRP C 474 -5.22 -13.11 18.56
C TRP C 474 -5.08 -14.30 17.62
N ILE C 475 -6.20 -14.62 16.92
CA ILE C 475 -6.13 -15.74 16.00
C ILE C 475 -5.17 -15.42 14.89
N LYS C 476 -5.26 -14.27 14.28
CA LYS C 476 -4.34 -13.96 13.18
C LYS C 476 -2.92 -14.15 13.68
N SER C 477 -2.68 -13.90 14.95
CA SER C 477 -1.35 -14.02 15.45
C SER C 477 -0.94 -15.47 15.70
N VAL C 478 -1.83 -16.23 16.32
CA VAL C 478 -1.46 -17.58 16.63
C VAL C 478 -1.48 -18.52 15.46
N ASP C 479 -2.34 -18.31 14.52
CA ASP C 479 -2.44 -19.23 13.38
C ASP C 479 -2.67 -18.46 12.11
N PRO C 480 -1.61 -18.11 11.50
CA PRO C 480 -1.73 -17.34 10.29
C PRO C 480 -2.17 -18.19 9.09
N SER C 481 -2.25 -19.49 9.27
CA SER C 481 -2.61 -20.37 8.15
C SER C 481 -4.03 -20.31 7.65
N ARG C 482 -4.93 -19.70 8.41
CA ARG C 482 -6.32 -19.74 7.95
C ARG C 482 -6.95 -18.37 8.17
N PRO C 483 -7.76 -17.90 7.24
CA PRO C 483 -8.47 -16.63 7.39
C PRO C 483 -9.47 -16.69 8.55
N VAL C 484 -9.75 -15.50 9.05
CA VAL C 484 -10.73 -15.30 10.12
C VAL C 484 -11.97 -14.53 9.54
N GLN C 485 -13.21 -15.03 9.79
CA GLN C 485 -14.33 -14.25 9.32
C GLN C 485 -15.28 -14.07 10.46
N TYR C 486 -16.16 -13.11 10.29
CA TYR C 486 -17.16 -12.87 11.34
C TYR C 486 -18.19 -11.91 10.68
N GLU C 487 -19.45 -12.21 10.74
CA GLU C 487 -20.48 -11.42 10.05
C GLU C 487 -21.11 -10.25 10.86
N GLY C 488 -20.93 -10.27 12.19
CA GLY C 488 -21.60 -9.25 12.95
C GLY C 488 -21.19 -7.83 12.67
N GLY C 489 -22.15 -6.92 12.97
CA GLY C 489 -21.87 -5.52 12.80
C GLY C 489 -21.88 -5.10 11.35
N GLY C 490 -22.52 -5.87 10.41
CA GLY C 490 -22.53 -5.36 9.03
C GLY C 490 -21.78 -6.19 8.00
N ALA C 491 -21.19 -7.35 8.44
CA ALA C 491 -20.53 -8.35 7.58
C ALA C 491 -19.22 -7.96 6.88
N ASP C 492 -18.78 -6.71 7.06
CA ASP C 492 -17.56 -6.25 6.43
C ASP C 492 -16.75 -5.38 7.38
N THR C 493 -16.83 -5.69 8.68
CA THR C 493 -16.08 -4.90 9.66
C THR C 493 -14.59 -5.18 9.64
N THR C 494 -13.88 -4.54 10.56
CA THR C 494 -12.44 -4.79 10.69
C THR C 494 -12.15 -6.13 11.38
N ALA C 495 -13.17 -6.92 11.73
CA ALA C 495 -12.91 -8.20 12.40
C ALA C 495 -13.13 -9.35 11.41
N THR C 496 -13.10 -9.08 10.10
CA THR C 496 -13.32 -10.19 9.15
C THR C 496 -12.46 -10.07 7.88
N ASP C 497 -11.85 -11.18 7.47
CA ASP C 497 -11.03 -11.17 6.24
C ASP C 497 -11.86 -11.37 5.00
N ILE C 498 -13.11 -11.79 5.23
CA ILE C 498 -14.04 -12.15 4.16
C ILE C 498 -15.34 -11.40 4.35
N ILE C 499 -15.87 -10.80 3.28
CA ILE C 499 -17.22 -10.13 3.41
C ILE C 499 -18.20 -11.30 3.52
N CYS C 500 -18.89 -11.46 4.68
CA CYS C 500 -19.66 -12.71 4.84
C CYS C 500 -21.11 -12.51 5.30
N PRO C 501 -21.86 -11.78 4.49
CA PRO C 501 -23.22 -11.46 4.87
C PRO C 501 -24.13 -12.67 4.98
N MET C 502 -25.25 -12.37 5.65
CA MET C 502 -26.29 -13.36 5.78
C MET C 502 -27.54 -12.81 5.05
N TYR C 503 -28.01 -13.61 4.08
CA TYR C 503 -29.19 -13.29 3.31
C TYR C 503 -29.09 -12.08 2.43
N ALA C 504 -27.88 -11.66 2.04
CA ALA C 504 -27.81 -10.54 1.12
C ALA C 504 -28.30 -11.10 -0.22
N ARG C 505 -29.10 -10.32 -0.92
CA ARG C 505 -29.67 -10.71 -2.19
C ARG C 505 -28.68 -10.46 -3.32
N VAL C 506 -28.96 -11.10 -4.45
CA VAL C 506 -28.08 -11.03 -5.59
C VAL C 506 -28.02 -9.63 -6.21
N ASP C 507 -29.16 -9.09 -6.58
CA ASP C 507 -29.19 -7.81 -7.23
C ASP C 507 -29.85 -6.73 -6.38
N GLU C 508 -30.67 -7.14 -5.41
CA GLU C 508 -31.41 -6.19 -4.64
C GLU C 508 -30.76 -5.70 -3.37
N ASP C 509 -30.57 -4.37 -3.25
CA ASP C 509 -29.97 -3.84 -2.01
C ASP C 509 -31.07 -3.75 -0.93
N GLN C 510 -30.73 -3.89 0.34
CA GLN C 510 -31.59 -3.69 1.49
C GLN C 510 -30.77 -2.79 2.43
N PRO C 511 -30.89 -1.53 2.18
CA PRO C 511 -30.07 -0.57 2.89
C PRO C 511 -30.46 -0.20 4.29
N PHE C 512 -30.50 -1.17 5.18
CA PHE C 512 -30.82 -0.84 6.55
C PHE C 512 -29.71 0.06 7.11
N PRO C 513 -30.16 0.91 7.96
CA PRO C 513 -29.28 1.82 8.63
C PRO C 513 -28.27 1.01 9.45
N ALA C 514 -27.04 1.55 9.45
CA ALA C 514 -25.88 1.06 10.19
C ALA C 514 -25.37 -0.24 9.68
N VAL C 515 -26.27 -1.16 9.34
CA VAL C 515 -25.81 -2.45 8.92
C VAL C 515 -26.52 -2.82 7.64
N PRO C 516 -26.31 -2.01 6.58
CA PRO C 516 -27.01 -2.36 5.32
C PRO C 516 -26.63 -3.75 4.81
N LYS C 517 -27.54 -4.37 4.08
CA LYS C 517 -27.29 -5.65 3.41
C LYS C 517 -27.34 -5.36 1.89
N TRP C 518 -26.20 -5.02 1.29
CA TRP C 518 -26.15 -4.71 -0.14
C TRP C 518 -26.31 -5.95 -0.98
N SER C 519 -26.74 -5.72 -2.23
CA SER C 519 -26.75 -6.78 -3.25
C SER C 519 -25.29 -7.27 -3.21
N ILE C 520 -25.04 -8.59 -3.32
CA ILE C 520 -23.67 -9.08 -3.28
C ILE C 520 -22.78 -8.57 -4.41
N LYS C 521 -23.35 -8.37 -5.60
CA LYS C 521 -22.58 -7.83 -6.72
C LYS C 521 -22.12 -6.44 -6.43
N LYS C 522 -23.02 -5.65 -5.89
CA LYS C 522 -22.65 -4.25 -5.59
C LYS C 522 -21.69 -4.19 -4.40
N TRP C 523 -21.86 -5.06 -3.41
CA TRP C 523 -21.01 -5.01 -2.21
C TRP C 523 -19.55 -5.13 -2.55
N LEU C 524 -19.22 -6.03 -3.46
CA LEU C 524 -17.82 -6.24 -3.81
C LEU C 524 -17.07 -4.97 -4.23
N SER C 525 -17.79 -4.12 -4.95
CA SER C 525 -17.14 -3.00 -5.49
C SER C 525 -17.37 -1.71 -4.77
N LEU C 526 -17.87 -1.75 -3.53
CA LEU C 526 -18.02 -0.43 -2.83
C LEU C 526 -16.62 0.23 -2.76
N PRO C 527 -16.60 1.53 -2.66
CA PRO C 527 -15.34 2.28 -2.63
C PRO C 527 -14.39 1.71 -1.61
N GLY C 528 -13.19 1.42 -2.06
CA GLY C 528 -12.18 0.91 -1.17
C GLY C 528 -12.24 -0.58 -0.88
N GLU C 529 -13.35 -1.25 -1.18
CA GLU C 529 -13.46 -2.68 -0.85
C GLU C 529 -12.65 -3.63 -1.74
N THR C 530 -11.96 -4.60 -1.18
CA THR C 530 -11.21 -5.49 -2.05
C THR C 530 -11.33 -6.93 -1.58
N ARG C 531 -12.05 -7.22 -0.50
CA ARG C 531 -12.04 -8.62 -0.03
C ARG C 531 -12.94 -9.59 -0.82
N PRO C 532 -12.75 -10.92 -0.59
CA PRO C 532 -13.64 -11.92 -1.21
C PRO C 532 -14.97 -11.86 -0.45
N LEU C 533 -16.06 -12.29 -1.10
CA LEU C 533 -17.35 -12.31 -0.49
C LEU C 533 -17.87 -13.76 -0.58
N ILE C 534 -18.20 -14.33 0.61
CA ILE C 534 -18.77 -15.69 0.71
C ILE C 534 -19.87 -15.56 1.74
N LEU C 535 -21.15 -15.73 1.33
CA LEU C 535 -22.27 -15.56 2.29
C LEU C 535 -22.15 -16.58 3.42
N CYS C 536 -22.21 -16.09 4.67
CA CYS C 536 -22.17 -17.05 5.77
C CYS C 536 -23.49 -17.85 5.84
N GLN C 537 -24.60 -17.24 5.33
CA GLN C 537 -25.88 -17.87 5.30
C GLN C 537 -26.61 -17.27 4.11
N TYR C 538 -27.23 -18.14 3.26
CA TYR C 538 -28.01 -17.59 2.15
C TYR C 538 -29.02 -18.64 1.79
N ALA C 539 -30.11 -18.16 1.16
CA ALA C 539 -31.28 -19.05 0.82
C ALA C 539 -31.84 -19.95 1.90
C ALA C 539 -31.80 -19.27 2.24
N HIS C 540 -32.78 -19.31 2.59
N HIS C 540 -33.04 -19.58 2.38
CA HIS C 540 -33.54 -19.80 3.72
C HIS C 540 -34.53 -20.97 3.41
N ALA C 541 -34.06 -22.20 3.60
CA ALA C 541 -34.82 -23.38 3.17
C ALA C 541 -36.02 -23.84 4.02
N MET C 542 -36.75 -22.83 4.41
CA MET C 542 -37.87 -23.05 5.28
C MET C 542 -39.14 -23.35 4.50
N GLY C 543 -39.67 -24.56 4.73
CA GLY C 543 -40.89 -24.92 4.03
C GLY C 543 -40.61 -25.00 2.55
N ASN C 544 -41.61 -24.59 1.74
CA ASN C 544 -41.44 -24.68 0.27
C ASN C 544 -40.61 -23.48 -0.18
N SER C 545 -39.32 -23.70 -0.41
CA SER C 545 -38.48 -22.52 -0.59
C SER C 545 -37.36 -22.75 -1.55
N LEU C 546 -36.25 -21.94 -1.45
CA LEU C 546 -35.18 -22.04 -2.41
C LEU C 546 -35.55 -21.40 -3.78
N GLY C 547 -36.64 -20.60 -3.81
CA GLY C 547 -37.02 -19.86 -5.01
C GLY C 547 -35.93 -18.83 -5.25
N GLY C 548 -35.41 -18.74 -6.47
CA GLY C 548 -34.35 -17.80 -6.79
C GLY C 548 -32.96 -18.41 -6.52
N PHE C 549 -32.86 -19.72 -6.13
CA PHE C 549 -31.53 -20.28 -5.86
C PHE C 549 -30.56 -20.11 -7.03
N ALA C 550 -31.03 -20.37 -8.23
CA ALA C 550 -30.14 -20.27 -9.39
C ALA C 550 -29.50 -18.92 -9.64
N LYS C 551 -30.20 -17.86 -9.22
CA LYS C 551 -29.69 -16.51 -9.39
C LYS C 551 -28.38 -16.32 -8.59
N TYR C 552 -28.24 -17.01 -7.45
CA TYR C 552 -26.95 -16.90 -6.73
C TYR C 552 -25.88 -17.58 -7.50
N TRP C 553 -26.15 -18.83 -8.00
CA TRP C 553 -25.13 -19.58 -8.68
C TRP C 553 -24.68 -18.84 -9.93
N GLN C 554 -25.64 -18.22 -10.64
CA GLN C 554 -25.22 -17.55 -11.86
C GLN C 554 -24.22 -16.44 -11.47
N ALA C 555 -24.52 -15.73 -10.36
CA ALA C 555 -23.62 -14.65 -9.90
C ALA C 555 -22.25 -15.19 -9.43
N PHE C 556 -22.28 -16.26 -8.62
CA PHE C 556 -21.05 -16.84 -8.14
C PHE C 556 -20.14 -17.21 -9.32
N ARG C 557 -20.73 -17.74 -10.38
CA ARG C 557 -19.90 -18.15 -11.51
C ARG C 557 -19.40 -16.96 -12.32
N GLN C 558 -20.18 -15.92 -12.43
CA GLN C 558 -19.68 -14.81 -13.26
C GLN C 558 -18.66 -13.90 -12.57
N TYR C 559 -18.75 -13.76 -11.24
CA TYR C 559 -17.89 -12.83 -10.53
C TYR C 559 -16.84 -13.57 -9.73
N PRO C 560 -15.59 -13.38 -10.07
CA PRO C 560 -14.53 -14.11 -9.40
C PRO C 560 -14.59 -13.97 -7.89
N ARG C 561 -14.74 -12.74 -7.39
CA ARG C 561 -14.75 -12.47 -5.94
C ARG C 561 -16.01 -12.91 -5.22
N LEU C 562 -17.08 -13.35 -5.94
CA LEU C 562 -18.25 -13.95 -5.27
C LEU C 562 -17.86 -15.42 -5.18
N GLN C 563 -17.37 -15.91 -4.00
CA GLN C 563 -16.85 -17.25 -3.95
C GLN C 563 -17.77 -18.25 -3.31
N GLY C 564 -19.05 -17.89 -3.38
CA GLY C 564 -20.11 -18.84 -2.92
C GLY C 564 -20.70 -18.52 -1.60
N GLY C 565 -21.07 -19.57 -0.87
CA GLY C 565 -21.78 -19.34 0.38
C GLY C 565 -22.23 -20.63 1.05
N PHE C 566 -22.83 -20.46 2.24
CA PHE C 566 -23.32 -21.62 3.02
C PHE C 566 -24.84 -21.49 3.13
N VAL C 567 -25.51 -22.43 2.47
CA VAL C 567 -26.98 -22.42 2.43
C VAL C 567 -27.51 -22.47 3.86
N TRP C 568 -28.64 -21.80 4.16
CA TRP C 568 -29.23 -21.87 5.49
C TRP C 568 -30.51 -22.75 5.39
N ASP C 569 -30.56 -23.98 5.90
CA ASP C 569 -29.47 -24.70 6.48
C ASP C 569 -29.69 -26.17 6.11
N TRP C 570 -28.90 -27.06 6.71
CA TRP C 570 -28.95 -28.46 6.36
C TRP C 570 -30.20 -29.25 6.73
N VAL C 571 -30.53 -29.28 8.03
CA VAL C 571 -31.61 -30.13 8.48
C VAL C 571 -32.62 -29.45 9.40
N ASP C 572 -33.88 -29.77 9.21
CA ASP C 572 -34.89 -29.20 10.06
C ASP C 572 -34.66 -29.60 11.52
N GLN C 573 -34.83 -28.67 12.46
CA GLN C 573 -34.72 -29.02 13.88
C GLN C 573 -36.13 -29.36 14.37
N SER C 574 -36.79 -30.37 13.77
CA SER C 574 -38.12 -30.76 14.28
C SER C 574 -37.78 -31.89 15.30
N LEU C 575 -38.67 -32.08 16.28
CA LEU C 575 -38.45 -33.14 17.28
C LEU C 575 -39.62 -34.15 17.25
N ILE C 576 -39.34 -35.40 17.54
CA ILE C 576 -40.43 -36.35 17.53
C ILE C 576 -41.24 -36.39 18.82
N LYS C 577 -42.57 -36.36 18.70
CA LYS C 577 -43.53 -36.52 19.78
C LYS C 577 -44.40 -37.72 19.38
N TYR C 578 -45.09 -38.29 20.38
CA TYR C 578 -45.97 -39.45 20.12
C TYR C 578 -47.37 -39.07 20.48
N ASP C 579 -48.35 -39.47 19.66
CA ASP C 579 -49.72 -39.11 19.99
C ASP C 579 -50.38 -40.12 20.94
N GLU C 580 -51.65 -39.90 21.02
CA GLU C 580 -52.43 -40.75 21.87
C GLU C 580 -52.25 -42.22 21.48
N ASN C 581 -52.15 -42.46 20.21
CA ASN C 581 -52.02 -43.85 19.84
C ASN C 581 -50.61 -44.33 19.85
N GLY C 582 -49.71 -43.47 20.28
CA GLY C 582 -48.29 -43.88 20.26
C GLY C 582 -47.67 -43.61 18.90
N ASN C 583 -48.41 -42.91 18.01
CA ASN C 583 -47.80 -42.66 16.72
C ASN C 583 -46.91 -41.43 16.79
N PRO C 584 -45.76 -41.51 16.16
CA PRO C 584 -44.84 -40.38 16.19
C PRO C 584 -45.26 -39.26 15.29
N TRP C 585 -44.94 -38.04 15.73
CA TRP C 585 -45.25 -36.89 14.86
C TRP C 585 -44.17 -35.80 15.01
N SER C 586 -43.90 -35.02 13.94
CA SER C 586 -42.87 -33.97 13.95
C SER C 586 -43.37 -32.69 14.59
N ALA C 587 -42.68 -32.29 15.69
CA ALA C 587 -43.09 -31.08 16.44
C ALA C 587 -42.13 -29.90 16.24
N TYR C 588 -42.67 -28.71 16.49
CA TYR C 588 -41.84 -27.54 16.41
C TYR C 588 -42.07 -26.61 17.58
N GLY C 589 -41.57 -25.35 17.53
CA GLY C 589 -41.69 -24.42 18.64
C GLY C 589 -43.11 -24.32 19.21
N GLY C 590 -43.21 -24.37 20.55
CA GLY C 590 -44.45 -24.30 21.28
C GLY C 590 -45.12 -25.66 21.52
N ASP C 591 -44.75 -26.69 20.76
CA ASP C 591 -45.34 -28.05 20.91
C ASP C 591 -44.98 -28.77 22.19
N PHE C 592 -44.13 -28.18 23.05
CA PHE C 592 -43.71 -28.78 24.32
C PHE C 592 -44.26 -27.90 25.43
N GLY C 593 -45.13 -26.95 25.04
CA GLY C 593 -45.66 -26.04 26.08
C GLY C 593 -44.70 -24.89 26.30
N ASP C 594 -43.62 -24.88 25.49
CA ASP C 594 -42.64 -23.80 25.56
C ASP C 594 -43.19 -22.45 25.08
N THR C 595 -42.98 -21.39 25.90
CA THR C 595 -43.46 -20.12 25.48
C THR C 595 -42.77 -19.05 26.29
N PRO C 596 -42.38 -17.94 25.64
CA PRO C 596 -42.64 -17.75 24.20
C PRO C 596 -41.82 -18.70 23.33
N ASN C 597 -42.25 -18.87 22.09
CA ASN C 597 -41.50 -19.71 21.17
C ASN C 597 -41.62 -19.13 19.77
N ASP C 598 -40.77 -19.57 18.90
CA ASP C 598 -40.76 -19.09 17.54
C ASP C 598 -41.34 -20.10 16.55
N ARG C 599 -42.23 -20.95 17.02
CA ARG C 599 -42.98 -21.83 16.16
C ARG C 599 -42.18 -22.59 15.09
N GLN C 600 -42.58 -22.55 13.77
CA GLN C 600 -41.86 -23.36 12.78
C GLN C 600 -40.53 -22.77 12.28
N PHE C 601 -40.04 -21.67 12.90
CA PHE C 601 -38.81 -21.10 12.44
C PHE C 601 -37.61 -21.95 12.70
N CYS C 602 -37.86 -23.01 13.47
CA CYS C 602 -36.77 -23.98 13.75
C CYS C 602 -36.57 -25.02 12.61
N MET C 603 -37.43 -24.98 11.57
CA MET C 603 -37.30 -25.92 10.45
C MET C 603 -36.94 -25.15 9.22
N ASN C 604 -35.67 -25.19 8.87
CA ASN C 604 -35.21 -24.41 7.69
C ASN C 604 -34.30 -25.24 6.82
N GLY C 605 -34.35 -26.58 6.96
CA GLY C 605 -33.37 -27.41 6.31
C GLY C 605 -33.70 -27.92 4.92
N LEU C 606 -32.62 -28.31 4.21
CA LEU C 606 -32.75 -28.92 2.89
C LEU C 606 -33.29 -30.36 3.10
N VAL C 607 -33.13 -30.89 4.32
CA VAL C 607 -33.62 -32.24 4.54
C VAL C 607 -34.42 -32.21 5.79
N PHE C 608 -35.42 -33.11 5.86
CA PHE C 608 -36.28 -33.27 7.07
C PHE C 608 -35.37 -33.79 8.19
N ALA C 609 -35.86 -33.70 9.44
CA ALA C 609 -35.05 -34.18 10.56
C ALA C 609 -34.60 -35.63 10.42
N ASP C 610 -35.35 -36.46 9.71
CA ASP C 610 -34.87 -37.82 9.56
C ASP C 610 -33.97 -38.00 8.33
N ARG C 611 -33.51 -36.92 7.68
CA ARG C 611 -32.59 -37.06 6.54
C ARG C 611 -33.25 -37.29 5.21
N THR C 612 -34.57 -37.45 5.24
CA THR C 612 -35.30 -37.55 3.96
C THR C 612 -35.12 -36.17 3.26
N PRO C 613 -34.85 -36.13 1.97
CA PRO C 613 -34.68 -34.80 1.38
C PRO C 613 -35.94 -34.07 1.14
N HIS C 614 -35.81 -32.75 1.22
CA HIS C 614 -36.95 -31.94 0.77
C HIS C 614 -36.65 -31.75 -0.76
N PRO C 615 -37.63 -31.36 -1.58
CA PRO C 615 -37.42 -31.19 -3.03
C PRO C 615 -36.29 -30.17 -3.39
N ALA C 616 -36.15 -29.15 -2.53
CA ALA C 616 -35.16 -28.11 -2.80
C ALA C 616 -33.78 -28.69 -2.83
N LEU C 617 -33.55 -29.82 -2.14
CA LEU C 617 -32.20 -30.38 -2.18
C LEU C 617 -31.77 -30.63 -3.61
N THR C 618 -32.65 -31.13 -4.49
CA THR C 618 -32.20 -31.42 -5.84
C THR C 618 -31.84 -30.13 -6.64
N GLU C 619 -32.57 -29.04 -6.37
CA GLU C 619 -32.30 -27.72 -6.97
C GLU C 619 -30.85 -27.35 -6.56
N ALA C 620 -30.52 -27.52 -5.28
CA ALA C 620 -29.11 -27.23 -4.84
C ALA C 620 -28.08 -28.11 -5.52
N LYS C 621 -28.39 -29.43 -5.63
CA LYS C 621 -27.47 -30.33 -6.27
C LYS C 621 -27.21 -29.86 -7.71
N HIS C 622 -28.30 -29.53 -8.40
CA HIS C 622 -28.11 -29.13 -9.81
C HIS C 622 -27.32 -27.86 -9.98
N GLN C 623 -27.63 -26.87 -9.17
CA GLN C 623 -26.93 -25.59 -9.34
C GLN C 623 -25.45 -25.67 -8.91
N GLN C 624 -25.20 -26.60 -8.00
CA GLN C 624 -23.84 -26.79 -7.49
C GLN C 624 -23.03 -27.83 -8.32
N GLN C 625 -23.54 -28.22 -9.51
CA GLN C 625 -22.79 -29.17 -10.34
C GLN C 625 -21.34 -28.68 -10.61
N PHE C 626 -20.40 -29.65 -10.83
CA PHE C 626 -19.01 -29.35 -11.10
C PHE C 626 -18.63 -29.34 -12.60
N PHE C 627 -19.65 -29.64 -13.43
CA PHE C 627 -19.51 -29.65 -14.89
C PHE C 627 -20.52 -28.69 -15.48
N GLN C 628 -20.08 -27.79 -16.36
CA GLN C 628 -20.93 -26.85 -17.07
C GLN C 628 -20.99 -27.26 -18.52
N PHE C 629 -22.12 -27.05 -19.18
CA PHE C 629 -22.27 -27.49 -20.56
C PHE C 629 -22.77 -26.46 -21.50
N ARG C 630 -22.30 -26.54 -22.73
CA ARG C 630 -22.89 -25.66 -23.73
C ARG C 630 -23.11 -26.57 -24.91
N LEU C 631 -24.07 -26.14 -25.68
CA LEU C 631 -24.38 -26.88 -26.89
C LEU C 631 -24.33 -25.98 -28.11
N SER C 632 -23.65 -26.45 -29.17
CA SER C 632 -23.61 -25.74 -30.42
C SER C 632 -23.80 -26.76 -31.52
N GLY C 633 -24.94 -26.67 -32.17
CA GLY C 633 -25.18 -27.67 -33.19
C GLY C 633 -25.57 -28.93 -32.41
N GLN C 634 -24.77 -29.98 -32.64
CA GLN C 634 -24.79 -31.29 -32.00
C GLN C 634 -23.39 -31.56 -31.39
N THR C 635 -22.87 -30.44 -30.90
CA THR C 635 -21.59 -30.52 -30.26
C THR C 635 -21.74 -29.96 -28.87
N ILE C 636 -21.47 -30.86 -27.93
CA ILE C 636 -21.52 -30.50 -26.53
C ILE C 636 -20.17 -30.07 -25.95
N GLU C 637 -20.12 -28.93 -25.31
CA GLU C 637 -18.88 -28.49 -24.71
C GLU C 637 -19.04 -28.61 -23.17
N VAL C 638 -18.19 -29.47 -22.61
CA VAL C 638 -18.13 -29.75 -21.18
C VAL C 638 -16.92 -29.05 -20.61
N THR C 639 -17.22 -28.27 -19.58
CA THR C 639 -16.17 -27.56 -18.86
C THR C 639 -16.12 -28.07 -17.41
N SER C 640 -14.93 -28.32 -16.91
CA SER C 640 -14.85 -28.79 -15.53
C SER C 640 -14.62 -27.60 -14.60
N GLU C 641 -15.36 -27.69 -13.47
CA GLU C 641 -15.20 -26.72 -12.40
C GLU C 641 -14.35 -27.30 -11.30
N TYR C 642 -13.75 -28.49 -11.49
CA TYR C 642 -12.82 -28.99 -10.52
C TYR C 642 -11.53 -28.16 -10.62
N LEU C 643 -10.85 -27.97 -9.47
CA LEU C 643 -9.65 -27.20 -9.50
C LEU C 643 -8.47 -28.12 -9.51
N PHE C 644 -8.70 -29.32 -8.98
CA PHE C 644 -7.58 -30.25 -8.80
C PHE C 644 -7.65 -31.58 -9.56
N ARG C 645 -8.79 -32.18 -9.63
CA ARG C 645 -8.76 -33.46 -10.33
C ARG C 645 -9.22 -33.47 -11.78
N HIS C 646 -8.76 -34.48 -12.56
CA HIS C 646 -9.25 -34.74 -13.90
C HIS C 646 -10.55 -35.54 -13.68
N SER C 647 -11.41 -35.61 -14.67
CA SER C 647 -12.65 -36.33 -14.50
C SER C 647 -12.40 -37.82 -14.69
N ASP C 648 -11.72 -38.43 -13.75
CA ASP C 648 -11.34 -39.81 -13.87
C ASP C 648 -12.27 -40.85 -13.32
N ASN C 649 -13.51 -40.47 -13.16
CA ASN C 649 -14.54 -41.38 -12.70
C ASN C 649 -15.84 -40.80 -13.19
N GLU C 650 -15.83 -40.51 -14.49
CA GLU C 650 -16.99 -39.89 -15.08
C GLU C 650 -17.11 -40.26 -16.54
N LEU C 651 -18.38 -40.52 -16.93
CA LEU C 651 -18.70 -40.78 -18.32
C LEU C 651 -19.98 -39.97 -18.56
N LEU C 652 -20.15 -39.55 -19.80
CA LEU C 652 -21.35 -38.78 -20.20
C LEU C 652 -22.38 -39.64 -20.95
N HIS C 653 -23.62 -39.69 -20.44
CA HIS C 653 -24.75 -40.40 -21.03
C HIS C 653 -25.61 -39.36 -21.63
N TRP C 654 -25.96 -39.58 -22.90
CA TRP C 654 -26.82 -38.67 -23.59
C TRP C 654 -27.96 -39.42 -24.21
N MET C 655 -29.06 -38.67 -24.28
CA MET C 655 -30.33 -39.14 -24.80
C MET C 655 -31.17 -38.05 -25.44
N VAL C 656 -31.77 -38.41 -26.55
CA VAL C 656 -32.65 -37.53 -27.33
C VAL C 656 -34.02 -38.19 -27.35
N ALA C 657 -35.06 -37.44 -26.97
CA ALA C 657 -36.39 -38.00 -26.93
C ALA C 657 -37.36 -37.01 -27.54
N LEU C 658 -38.40 -37.54 -28.16
CA LEU C 658 -39.45 -36.77 -28.78
C LEU C 658 -40.65 -36.87 -27.88
N ASP C 659 -41.03 -35.73 -27.35
CA ASP C 659 -42.15 -35.77 -26.42
C ASP C 659 -42.10 -36.93 -25.41
N GLY C 660 -40.91 -37.18 -24.82
CA GLY C 660 -40.67 -38.26 -23.86
C GLY C 660 -40.38 -39.64 -24.52
N LYS C 661 -40.49 -39.74 -25.86
CA LYS C 661 -40.27 -40.98 -26.64
C LYS C 661 -38.83 -40.98 -27.09
N PRO C 662 -38.09 -41.93 -26.57
CA PRO C 662 -36.65 -42.05 -26.84
C PRO C 662 -36.35 -42.37 -28.28
N LEU C 663 -35.50 -41.57 -28.88
CA LEU C 663 -35.16 -41.78 -30.22
C LEU C 663 -33.78 -42.32 -30.29
N ALA C 664 -32.96 -41.97 -29.28
CA ALA C 664 -31.58 -42.43 -29.28
C ALA C 664 -30.81 -41.99 -28.06
N SER C 665 -29.75 -42.69 -27.80
CA SER C 665 -28.92 -42.31 -26.68
C SER C 665 -27.53 -42.89 -26.83
N GLY C 666 -26.65 -42.45 -25.99
CA GLY C 666 -25.28 -42.96 -26.09
C GLY C 666 -24.45 -42.61 -24.87
N GLU C 667 -23.21 -42.96 -24.94
CA GLU C 667 -22.31 -42.73 -23.85
C GLU C 667 -20.96 -42.35 -24.40
N VAL C 668 -20.25 -41.43 -23.74
CA VAL C 668 -18.95 -40.97 -24.13
C VAL C 668 -18.10 -40.77 -22.87
N PRO C 669 -16.89 -41.30 -22.82
CA PRO C 669 -16.03 -41.11 -21.65
C PRO C 669 -15.74 -39.64 -21.52
N LEU C 670 -15.54 -39.15 -20.31
CA LEU C 670 -15.19 -37.75 -20.10
C LEU C 670 -13.78 -37.75 -19.67
N ASP C 671 -13.05 -36.87 -20.30
CA ASP C 671 -11.66 -36.78 -19.96
C ASP C 671 -11.34 -35.32 -19.91
N VAL C 672 -11.74 -34.70 -18.79
CA VAL C 672 -11.57 -33.26 -18.67
C VAL C 672 -10.58 -32.85 -17.56
N ALA C 673 -9.58 -32.11 -17.94
CA ALA C 673 -8.69 -31.72 -16.89
C ALA C 673 -9.39 -30.63 -16.03
N PRO C 674 -8.91 -30.36 -14.77
CA PRO C 674 -9.49 -29.31 -13.94
C PRO C 674 -9.46 -28.00 -14.70
N GLN C 675 -10.58 -27.33 -14.69
CA GLN C 675 -10.69 -26.11 -15.38
C GLN C 675 -10.66 -26.21 -16.90
N GLY C 676 -10.55 -27.39 -17.46
CA GLY C 676 -10.50 -27.50 -18.91
C GLY C 676 -11.85 -27.77 -19.56
N LYS C 677 -11.78 -27.95 -20.87
CA LYS C 677 -12.99 -28.29 -21.66
C LYS C 677 -12.83 -29.58 -22.44
N GLN C 678 -13.96 -30.12 -22.87
CA GLN C 678 -13.93 -31.32 -23.66
C GLN C 678 -15.00 -31.13 -24.71
N LEU C 679 -14.77 -31.45 -25.97
CA LEU C 679 -15.82 -31.30 -26.99
C LEU C 679 -16.35 -32.66 -27.41
N ILE C 680 -17.64 -32.78 -27.48
CA ILE C 680 -18.16 -34.06 -27.84
C ILE C 680 -19.10 -33.88 -28.97
N GLU C 681 -18.84 -34.60 -30.04
CA GLU C 681 -19.76 -34.36 -31.13
C GLU C 681 -20.85 -35.40 -31.17
N LEU C 682 -22.12 -35.02 -31.15
CA LEU C 682 -23.00 -36.16 -31.21
C LEU C 682 -23.08 -36.59 -32.64
N PRO C 683 -23.49 -37.83 -32.72
CA PRO C 683 -23.69 -38.60 -33.92
C PRO C 683 -24.92 -38.07 -34.67
N GLU C 684 -24.98 -38.40 -35.97
CA GLU C 684 -26.02 -38.00 -36.89
C GLU C 684 -27.34 -38.28 -36.24
N LEU C 685 -28.20 -37.25 -36.07
CA LEU C 685 -29.49 -37.56 -35.48
C LEU C 685 -30.59 -37.92 -36.45
N PRO C 686 -30.97 -39.18 -36.48
CA PRO C 686 -32.01 -39.60 -37.40
C PRO C 686 -33.18 -38.62 -37.43
N GLN C 687 -33.99 -38.66 -38.49
CA GLN C 687 -35.12 -37.73 -38.52
C GLN C 687 -36.33 -38.28 -37.79
N PRO C 688 -36.92 -37.43 -36.97
CA PRO C 688 -38.08 -37.77 -36.14
C PRO C 688 -39.38 -38.21 -36.85
N GLU C 689 -40.00 -39.25 -36.25
CA GLU C 689 -41.25 -39.94 -36.61
C GLU C 689 -42.56 -39.11 -36.67
N SER C 690 -42.54 -37.83 -36.22
CA SER C 690 -43.71 -36.97 -36.24
C SER C 690 -43.53 -35.62 -35.52
N ALA C 691 -44.62 -34.91 -35.38
CA ALA C 691 -44.66 -33.64 -34.70
C ALA C 691 -44.17 -33.69 -33.24
N GLY C 692 -43.64 -32.52 -32.83
CA GLY C 692 -43.22 -32.40 -31.44
C GLY C 692 -41.85 -31.77 -31.20
N GLN C 693 -41.52 -31.77 -29.91
CA GLN C 693 -40.28 -31.19 -29.40
C GLN C 693 -39.24 -32.24 -29.05
N LEU C 694 -38.10 -32.10 -29.72
CA LEU C 694 -37.04 -33.04 -29.46
C LEU C 694 -36.25 -32.43 -28.33
N TRP C 695 -35.87 -33.28 -27.38
CA TRP C 695 -35.09 -32.82 -26.26
C TRP C 695 -33.84 -33.63 -26.04
N LEU C 696 -32.74 -32.91 -25.75
CA LEU C 696 -31.50 -33.60 -25.44
C LEU C 696 -31.28 -33.49 -23.96
N THR C 697 -30.94 -34.61 -23.32
CA THR C 697 -30.60 -34.62 -21.88
C THR C 697 -29.26 -35.29 -21.71
N VAL C 698 -28.36 -34.67 -20.96
CA VAL C 698 -27.08 -35.33 -20.76
C VAL C 698 -26.92 -35.52 -19.26
N ARG C 699 -26.14 -36.51 -18.90
CA ARG C 699 -25.92 -36.76 -17.49
C ARG C 699 -24.51 -37.20 -17.26
N VAL C 700 -23.87 -36.70 -16.17
CA VAL C 700 -22.54 -37.20 -15.83
C VAL C 700 -22.75 -38.34 -14.83
N VAL C 701 -22.20 -39.51 -15.14
CA VAL C 701 -22.36 -40.65 -14.28
C VAL C 701 -21.04 -41.15 -13.84
N GLN C 702 -20.96 -41.48 -12.54
CA GLN C 702 -19.70 -41.99 -12.06
C GLN C 702 -19.81 -43.54 -12.06
N PRO C 703 -19.03 -44.20 -12.90
CA PRO C 703 -19.18 -45.64 -13.05
C PRO C 703 -18.66 -46.38 -11.88
N ASN C 704 -17.60 -45.83 -11.23
CA ASN C 704 -17.06 -46.53 -10.04
C ASN C 704 -17.52 -45.99 -8.71
N ALA C 705 -17.70 -46.85 -7.72
CA ALA C 705 -18.13 -46.38 -6.40
C ALA C 705 -17.01 -45.61 -5.76
N THR C 706 -17.36 -44.67 -4.82
CA THR C 706 -16.33 -43.88 -4.12
C THR C 706 -16.52 -44.09 -2.64
N ALA C 707 -15.76 -43.42 -1.82
CA ALA C 707 -16.08 -43.58 -0.43
C ALA C 707 -17.44 -42.92 -0.12
N TRP C 708 -17.94 -42.03 -0.96
CA TRP C 708 -19.20 -41.31 -0.64
C TRP C 708 -20.37 -41.50 -1.61
N SER C 709 -20.13 -42.39 -2.61
CA SER C 709 -21.19 -42.64 -3.57
C SER C 709 -21.11 -44.07 -4.18
N GLU C 710 -22.25 -44.56 -4.64
CA GLU C 710 -22.32 -45.88 -5.27
C GLU C 710 -21.94 -45.83 -6.73
N ALA C 711 -21.64 -46.98 -7.33
CA ALA C 711 -21.34 -46.95 -8.74
C ALA C 711 -22.63 -46.48 -9.42
N GLY C 712 -22.56 -45.72 -10.52
CA GLY C 712 -23.80 -45.29 -11.20
C GLY C 712 -24.32 -43.90 -10.74
N HIS C 713 -23.70 -43.34 -9.70
CA HIS C 713 -24.13 -42.04 -9.18
C HIS C 713 -24.06 -40.99 -10.31
N ILE C 714 -25.14 -40.19 -10.39
CA ILE C 714 -25.25 -39.11 -11.36
C ILE C 714 -24.88 -37.81 -10.60
N SER C 715 -23.87 -37.16 -11.11
CA SER C 715 -23.40 -35.99 -10.45
C SER C 715 -23.81 -34.72 -11.12
N ALA C 716 -24.30 -34.83 -12.35
CA ALA C 716 -24.66 -33.60 -13.04
C ALA C 716 -25.57 -33.89 -14.21
N TRP C 717 -26.39 -32.90 -14.65
CA TRP C 717 -27.24 -33.09 -15.83
C TRP C 717 -27.58 -31.75 -16.47
N GLN C 718 -28.09 -31.80 -17.69
CA GLN C 718 -28.52 -30.59 -18.38
C GLN C 718 -29.34 -31.05 -19.57
N GLN C 719 -30.28 -30.20 -19.99
CA GLN C 719 -31.13 -30.52 -21.14
C GLN C 719 -31.21 -29.34 -22.08
N TRP C 720 -31.51 -29.65 -23.33
CA TRP C 720 -31.73 -28.60 -24.28
C TRP C 720 -32.86 -29.00 -25.20
N ARG C 721 -33.53 -28.02 -25.70
CA ARG C 721 -34.52 -28.30 -26.69
C ARG C 721 -33.76 -28.39 -27.99
N LEU C 722 -33.99 -29.44 -28.80
CA LEU C 722 -33.36 -29.61 -30.10
C LEU C 722 -34.34 -29.15 -31.21
N ALA C 723 -34.50 -29.80 -32.33
CA ALA C 723 -35.49 -29.25 -33.26
C ALA C 723 -36.90 -29.40 -32.77
N GLU C 724 -37.80 -28.55 -33.29
CA GLU C 724 -39.23 -28.65 -32.99
C GLU C 724 -40.01 -28.67 -34.31
N ASN C 725 -40.88 -29.66 -34.51
CA ASN C 725 -41.75 -29.75 -35.69
C ASN C 725 -43.12 -29.45 -35.22
N LEU C 726 -43.60 -28.25 -35.56
CA LEU C 726 -44.95 -27.93 -35.11
C LEU C 726 -45.99 -28.77 -35.85
N SER C 727 -47.03 -29.19 -35.16
CA SER C 727 -48.09 -29.96 -35.82
C SER C 727 -49.01 -29.07 -36.65
N VAL C 728 -49.13 -29.49 -37.90
CA VAL C 728 -49.97 -28.79 -38.88
C VAL C 728 -51.01 -29.77 -39.41
N THR C 729 -51.12 -30.92 -38.79
CA THR C 729 -52.08 -31.83 -39.34
C THR C 729 -53.37 -31.77 -38.60
N LEU C 730 -54.34 -31.64 -39.48
CA LEU C 730 -55.73 -31.54 -39.14
C LEU C 730 -56.31 -32.87 -38.74
N PRO C 731 -57.13 -32.66 -37.72
CA PRO C 731 -57.90 -33.66 -37.03
C PRO C 731 -58.98 -34.20 -37.93
N ALA C 732 -58.90 -35.53 -38.00
CA ALA C 732 -59.85 -36.30 -38.78
C ALA C 732 -61.21 -36.02 -38.17
N ALA C 733 -62.17 -35.66 -39.02
CA ALA C 733 -63.55 -35.20 -38.70
C ALA C 733 -64.48 -36.18 -37.97
N SER C 734 -64.94 -35.66 -36.81
CA SER C 734 -65.81 -36.33 -35.88
C SER C 734 -66.84 -37.19 -36.58
N HIS C 735 -67.02 -38.39 -36.05
CA HIS C 735 -68.04 -39.24 -36.67
C HIS C 735 -69.41 -38.97 -36.02
N ALA C 736 -69.44 -37.91 -35.17
CA ALA C 736 -70.60 -37.43 -34.38
C ALA C 736 -70.67 -35.94 -34.00
N ILE C 737 -71.79 -35.60 -33.41
CA ILE C 737 -71.86 -34.22 -33.01
C ILE C 737 -72.67 -34.02 -31.74
N PRO C 738 -72.01 -33.40 -30.76
CA PRO C 738 -72.56 -33.19 -29.43
C PRO C 738 -73.97 -32.60 -29.38
N HIS C 739 -74.73 -33.07 -28.42
CA HIS C 739 -76.03 -32.50 -28.37
C HIS C 739 -76.31 -31.62 -27.14
N LEU C 740 -76.80 -30.43 -27.40
CA LEU C 740 -77.06 -29.48 -26.31
C LEU C 740 -78.47 -29.45 -25.89
N THR C 741 -78.62 -29.49 -24.59
CA THR C 741 -79.94 -29.36 -24.00
C THR C 741 -79.94 -28.20 -22.99
N THR C 742 -80.83 -27.25 -23.19
CA THR C 742 -80.96 -26.06 -22.34
C THR C 742 -82.10 -26.15 -21.35
N SER C 743 -81.90 -25.61 -20.20
CA SER C 743 -82.97 -25.69 -19.27
C SER C 743 -82.81 -24.44 -18.44
N GLU C 744 -83.77 -24.14 -17.61
CA GLU C 744 -83.57 -22.89 -16.88
C GLU C 744 -82.36 -22.92 -15.97
N MET C 745 -82.15 -24.05 -15.33
CA MET C 745 -81.02 -24.12 -14.42
C MET C 745 -79.70 -24.54 -15.06
N ASP C 746 -79.79 -25.22 -16.21
CA ASP C 746 -78.56 -25.70 -16.76
C ASP C 746 -78.50 -25.82 -18.25
N PHE C 747 -77.25 -26.05 -18.70
CA PHE C 747 -76.94 -26.30 -20.11
C PHE C 747 -76.26 -27.66 -20.07
N CYS C 748 -76.80 -28.61 -20.81
CA CYS C 748 -76.19 -29.93 -20.79
C CYS C 748 -75.72 -30.29 -22.14
N ILE C 749 -74.65 -31.04 -22.11
CA ILE C 749 -74.10 -31.44 -23.36
C ILE C 749 -73.92 -32.94 -23.32
N GLU C 750 -74.39 -33.62 -24.41
CA GLU C 750 -74.26 -35.08 -24.44
C GLU C 750 -73.49 -35.57 -25.66
N LEU C 751 -72.63 -36.57 -25.45
CA LEU C 751 -71.85 -37.10 -26.58
C LEU C 751 -71.44 -38.50 -26.22
N GLY C 752 -72.27 -39.43 -26.69
CA GLY C 752 -72.02 -40.81 -26.48
C GLY C 752 -72.08 -41.16 -25.01
N ASN C 753 -70.93 -41.64 -24.49
CA ASN C 753 -70.81 -42.04 -23.11
C ASN C 753 -70.54 -40.82 -22.26
N LYS C 754 -70.45 -39.65 -22.87
CA LYS C 754 -70.13 -38.50 -22.03
C LYS C 754 -71.24 -37.50 -21.93
N ARG C 755 -71.22 -36.77 -20.82
CA ARG C 755 -72.22 -35.72 -20.58
C ARG C 755 -71.55 -34.59 -19.79
N TRP C 756 -71.82 -33.32 -20.09
CA TRP C 756 -71.26 -32.20 -19.33
C TRP C 756 -72.39 -31.35 -18.82
N GLN C 757 -72.36 -30.99 -17.54
CA GLN C 757 -73.40 -30.10 -17.05
C GLN C 757 -72.85 -28.75 -16.52
N PHE C 758 -73.35 -27.66 -17.07
CA PHE C 758 -72.97 -26.31 -16.72
C PHE C 758 -74.10 -25.62 -15.96
N ASN C 759 -73.84 -25.34 -14.68
CA ASN C 759 -74.87 -24.63 -13.87
C ASN C 759 -75.11 -23.24 -14.39
N ARG C 760 -76.33 -22.87 -14.66
CA ARG C 760 -76.49 -21.54 -15.20
C ARG C 760 -76.51 -20.48 -14.10
N GLN C 761 -76.77 -20.84 -12.87
CA GLN C 761 -76.77 -19.74 -11.92
C GLN C 761 -75.33 -19.47 -11.46
N SER C 762 -74.45 -20.47 -11.48
CA SER C 762 -73.07 -20.26 -11.07
C SER C 762 -72.14 -19.91 -12.23
N GLY C 763 -72.44 -20.41 -13.43
CA GLY C 763 -71.65 -20.22 -14.65
C GLY C 763 -70.49 -21.20 -14.69
N PHE C 764 -70.50 -22.25 -13.83
CA PHE C 764 -69.45 -23.27 -13.80
C PHE C 764 -69.88 -24.68 -14.25
N LEU C 765 -68.89 -25.46 -14.72
CA LEU C 765 -69.07 -26.87 -15.11
C LEU C 765 -69.24 -27.54 -13.77
N SER C 766 -70.48 -27.88 -13.40
CA SER C 766 -70.79 -28.47 -12.12
C SER C 766 -70.76 -30.00 -12.07
N GLN C 767 -70.89 -30.64 -13.25
CA GLN C 767 -70.82 -32.10 -13.22
C GLN C 767 -70.45 -32.61 -14.61
N MET C 768 -69.83 -33.80 -14.62
CA MET C 768 -69.44 -34.57 -15.77
C MET C 768 -69.61 -36.07 -15.51
N TRP C 769 -70.06 -36.75 -16.55
CA TRP C 769 -70.25 -38.19 -16.41
C TRP C 769 -69.55 -38.91 -17.56
N ILE C 770 -69.06 -40.10 -17.24
CA ILE C 770 -68.50 -41.08 -18.13
C ILE C 770 -69.33 -42.34 -17.83
N GLY C 771 -70.15 -42.73 -18.81
CA GLY C 771 -71.01 -43.87 -18.56
C GLY C 771 -71.95 -43.35 -17.49
N ASP C 772 -72.19 -44.10 -16.44
CA ASP C 772 -73.11 -43.48 -15.48
C ASP C 772 -72.40 -42.83 -14.30
N LYS C 773 -71.06 -42.92 -14.26
CA LYS C 773 -70.22 -42.36 -13.18
C LYS C 773 -69.98 -40.81 -13.21
N LYS C 774 -70.46 -40.10 -12.19
CA LYS C 774 -70.23 -38.68 -12.09
C LYS C 774 -68.73 -38.54 -11.80
N GLN C 775 -68.12 -37.48 -12.33
CA GLN C 775 -66.70 -37.31 -12.19
C GLN C 775 -66.23 -36.27 -11.23
N LEU C 776 -67.16 -35.40 -10.83
CA LEU C 776 -66.83 -34.31 -9.94
C LEU C 776 -67.50 -34.32 -8.59
N LEU C 777 -66.72 -33.97 -7.53
CA LEU C 777 -67.23 -33.77 -6.17
C LEU C 777 -67.47 -32.27 -5.98
N THR C 778 -66.64 -31.43 -6.64
CA THR C 778 -66.94 -29.99 -6.58
C THR C 778 -66.71 -29.49 -8.00
N PRO C 779 -67.43 -28.48 -8.35
CA PRO C 779 -67.38 -27.91 -9.67
C PRO C 779 -65.99 -27.39 -9.98
N LEU C 780 -65.76 -27.17 -11.27
CA LEU C 780 -64.52 -26.63 -11.83
C LEU C 780 -64.59 -25.13 -11.67
N ARG C 781 -63.74 -24.59 -10.78
CA ARG C 781 -63.77 -23.12 -10.62
C ARG C 781 -62.36 -22.43 -10.71
N ASP C 782 -62.36 -21.12 -11.06
CA ASP C 782 -61.09 -20.41 -11.12
C ASP C 782 -60.58 -20.33 -9.70
N GLN C 783 -59.27 -20.23 -9.56
CA GLN C 783 -58.66 -20.11 -8.27
C GLN C 783 -57.51 -19.12 -8.44
N PHE C 784 -57.45 -18.13 -7.53
CA PHE C 784 -56.40 -17.11 -7.57
C PHE C 784 -55.53 -17.10 -6.33
N THR C 785 -55.73 -18.06 -5.42
CA THR C 785 -54.99 -18.14 -4.16
C THR C 785 -54.34 -19.47 -3.94
N ARG C 786 -53.41 -19.44 -2.95
CA ARG C 786 -52.74 -20.67 -2.57
C ARG C 786 -52.70 -20.75 -1.04
N ALA C 787 -52.61 -21.97 -0.50
CA ALA C 787 -52.44 -22.11 0.94
C ALA C 787 -50.97 -21.60 1.11
N PRO C 788 -50.83 -20.62 1.94
CA PRO C 788 -49.64 -19.84 2.05
C PRO C 788 -48.42 -20.55 2.48
N LEU C 789 -47.33 -20.30 1.76
CA LEU C 789 -46.06 -20.89 2.13
C LEU C 789 -45.47 -20.19 3.37
N ASP C 790 -44.48 -20.78 4.03
CA ASP C 790 -43.82 -20.10 5.14
C ASP C 790 -43.33 -18.74 4.63
N ASN C 791 -42.86 -18.77 3.36
CA ASN C 791 -42.36 -17.53 2.77
C ASN C 791 -43.46 -16.48 2.53
N ASP C 792 -44.70 -16.94 2.30
CA ASP C 792 -45.76 -15.95 2.09
C ASP C 792 -46.16 -15.32 3.40
N ILE C 793 -45.97 -16.09 4.47
CA ILE C 793 -46.38 -15.65 5.81
C ILE C 793 -45.27 -14.88 6.51
N GLY C 794 -44.00 -15.36 6.35
CA GLY C 794 -42.89 -14.61 7.01
C GLY C 794 -43.12 -14.60 8.52
N VAL C 795 -42.97 -13.44 9.17
CA VAL C 795 -43.10 -13.37 10.62
C VAL C 795 -44.51 -13.04 11.03
N SER C 796 -45.37 -12.91 10.03
CA SER C 796 -46.73 -12.56 10.39
C SER C 796 -47.37 -13.53 11.35
N GLU C 797 -48.06 -12.94 12.32
CA GLU C 797 -48.79 -13.73 13.33
C GLU C 797 -50.07 -12.98 13.75
N ALA C 798 -51.09 -13.76 14.18
CA ALA C 798 -52.42 -13.24 14.63
C ALA C 798 -52.31 -12.07 15.63
N THR C 799 -51.35 -12.25 16.53
CA THR C 799 -51.03 -11.25 17.57
C THR C 799 -50.11 -10.11 17.13
N ARG C 800 -49.57 -10.26 15.93
CA ARG C 800 -48.70 -9.24 15.40
C ARG C 800 -48.61 -9.54 13.93
N ILE C 801 -49.62 -8.96 13.31
CA ILE C 801 -49.75 -9.09 11.90
C ILE C 801 -48.64 -8.31 11.18
N ASP C 802 -48.07 -8.89 10.13
CA ASP C 802 -47.09 -8.14 9.38
C ASP C 802 -47.78 -7.76 8.06
N PRO C 803 -48.23 -6.54 7.96
CA PRO C 803 -48.98 -6.13 6.82
C PRO C 803 -48.20 -6.15 5.53
N ASN C 804 -46.88 -6.30 5.66
CA ASN C 804 -46.07 -6.34 4.47
C ASN C 804 -45.99 -7.77 3.89
N ALA C 805 -46.25 -8.82 4.68
CA ALA C 805 -46.13 -10.18 4.18
C ALA C 805 -47.11 -10.46 3.02
N TRP C 806 -46.73 -11.27 2.05
CA TRP C 806 -47.64 -11.51 0.96
C TRP C 806 -49.00 -12.02 1.46
N VAL C 807 -49.00 -12.92 2.44
CA VAL C 807 -50.28 -13.43 2.87
C VAL C 807 -51.23 -12.35 3.39
N GLU C 808 -50.64 -11.38 4.08
CA GLU C 808 -51.40 -10.30 4.64
C GLU C 808 -51.98 -9.40 3.54
N ARG C 809 -51.13 -9.16 2.49
CA ARG C 809 -51.58 -8.34 1.39
C ARG C 809 -52.78 -9.06 0.75
N TRP C 810 -52.64 -10.33 0.50
CA TRP C 810 -53.75 -11.01 -0.13
C TRP C 810 -55.01 -11.00 0.75
N LYS C 811 -54.82 -11.28 2.04
CA LYS C 811 -55.94 -11.34 2.95
C LYS C 811 -56.62 -10.00 3.02
N ALA C 812 -55.81 -8.94 3.26
CA ALA C 812 -56.35 -7.58 3.34
C ALA C 812 -57.09 -7.14 2.06
N ALA C 813 -56.64 -7.64 0.89
CA ALA C 813 -57.26 -7.35 -0.39
C ALA C 813 -58.55 -8.15 -0.64
N GLY C 814 -58.84 -9.16 0.17
CA GLY C 814 -60.01 -10.01 0.05
C GLY C 814 -59.79 -11.15 -0.94
N HIS C 815 -58.51 -11.40 -1.30
CA HIS C 815 -58.33 -12.48 -2.24
C HIS C 815 -58.94 -13.78 -1.75
N TYR C 816 -58.79 -14.05 -0.44
CA TYR C 816 -59.27 -15.32 0.08
C TYR C 816 -60.79 -15.36 0.28
N GLN C 817 -61.39 -14.20 0.37
CA GLN C 817 -62.82 -14.15 0.60
C GLN C 817 -63.67 -13.75 -0.62
N ALA C 818 -63.05 -13.44 -1.73
CA ALA C 818 -63.82 -12.95 -2.86
C ALA C 818 -64.82 -13.93 -3.41
N GLU C 819 -66.00 -13.40 -3.72
CA GLU C 819 -67.04 -14.21 -4.29
C GLU C 819 -67.20 -14.01 -5.81
N ALA C 820 -67.41 -15.12 -6.54
CA ALA C 820 -67.60 -15.05 -7.99
C ALA C 820 -68.96 -14.50 -8.34
N ALA C 821 -69.03 -13.43 -9.14
CA ALA C 821 -70.29 -12.84 -9.59
C ALA C 821 -70.44 -13.16 -11.07
N LEU C 822 -71.57 -13.76 -11.45
CA LEU C 822 -71.80 -14.12 -12.83
C LEU C 822 -72.18 -12.95 -13.67
N LEU C 823 -71.37 -12.78 -14.71
CA LEU C 823 -71.63 -11.70 -15.57
C LEU C 823 -72.31 -12.17 -16.82
N GLN C 824 -71.98 -13.41 -17.19
CA GLN C 824 -72.54 -13.98 -18.40
C GLN C 824 -72.35 -15.46 -18.52
N CYS C 825 -73.37 -16.07 -19.09
CA CYS C 825 -73.33 -17.51 -19.29
C CYS C 825 -74.12 -17.90 -20.56
N THR C 826 -73.48 -18.27 -21.64
CA THR C 826 -74.31 -18.57 -22.79
C THR C 826 -73.90 -19.83 -23.52
N ALA C 827 -74.89 -20.32 -24.28
CA ALA C 827 -74.68 -21.52 -25.08
C ALA C 827 -74.94 -21.32 -26.56
N ASP C 828 -74.06 -21.81 -27.41
CA ASP C 828 -74.21 -21.71 -28.84
C ASP C 828 -73.88 -23.04 -29.53
N THR C 829 -74.47 -23.29 -30.70
CA THR C 829 -74.03 -24.50 -31.39
C THR C 829 -73.32 -24.13 -32.66
N LEU C 830 -72.23 -24.87 -32.88
CA LEU C 830 -71.43 -24.69 -34.09
C LEU C 830 -71.74 -25.88 -34.98
N ALA C 831 -71.10 -25.84 -36.11
CA ALA C 831 -71.26 -26.89 -37.08
C ALA C 831 -70.93 -28.24 -36.51
N ASP C 832 -69.87 -28.23 -35.75
CA ASP C 832 -69.39 -29.46 -35.20
C ASP C 832 -69.20 -29.45 -33.70
N ALA C 833 -69.68 -28.44 -32.99
CA ALA C 833 -69.46 -28.40 -31.55
C ALA C 833 -70.47 -27.53 -30.86
N VAL C 834 -70.34 -27.62 -29.54
CA VAL C 834 -71.14 -26.85 -28.64
C VAL C 834 -70.16 -25.89 -27.93
N LEU C 835 -70.59 -24.61 -27.81
CA LEU C 835 -69.83 -23.52 -27.21
C LEU C 835 -70.47 -22.82 -26.02
N ILE C 836 -69.84 -22.96 -24.84
CA ILE C 836 -70.34 -22.31 -23.65
C ILE C 836 -69.36 -21.21 -23.29
N THR C 837 -69.92 -20.03 -23.14
CA THR C 837 -69.20 -18.81 -22.85
C THR C 837 -69.64 -18.24 -21.53
N THR C 838 -68.68 -18.00 -20.64
CA THR C 838 -68.97 -17.45 -19.31
C THR C 838 -68.10 -16.24 -19.00
N ALA C 839 -68.57 -15.46 -18.09
CA ALA C 839 -67.74 -14.37 -17.64
C ALA C 839 -68.11 -14.12 -16.18
N HIS C 840 -67.10 -14.06 -15.30
CA HIS C 840 -67.36 -13.80 -13.88
C HIS C 840 -66.45 -12.71 -13.34
N ALA C 841 -66.89 -12.03 -12.31
CA ALA C 841 -66.08 -11.02 -11.66
C ALA C 841 -65.92 -11.46 -10.21
N TRP C 842 -64.72 -11.34 -9.69
CA TRP C 842 -64.50 -11.60 -8.28
C TRP C 842 -64.29 -10.27 -7.66
N GLN C 843 -65.10 -10.06 -6.65
CA GLN C 843 -65.09 -8.82 -5.95
C GLN C 843 -65.04 -8.95 -4.44
N HIS C 844 -64.61 -7.83 -3.89
CA HIS C 844 -64.44 -7.71 -2.48
C HIS C 844 -64.73 -6.30 -2.01
N GLN C 845 -65.68 -6.22 -1.06
CA GLN C 845 -66.07 -4.94 -0.53
C GLN C 845 -66.19 -3.89 -1.59
N GLY C 846 -66.90 -4.31 -2.66
CA GLY C 846 -67.14 -3.46 -3.80
C GLY C 846 -65.98 -3.28 -4.77
N LYS C 847 -64.87 -4.01 -4.64
CA LYS C 847 -63.84 -3.76 -5.62
C LYS C 847 -63.76 -4.93 -6.55
N THR C 848 -63.56 -4.67 -7.85
CA THR C 848 -63.44 -5.82 -8.74
C THR C 848 -61.96 -6.22 -8.82
N LEU C 849 -61.70 -7.39 -8.27
CA LEU C 849 -60.34 -7.90 -8.20
C LEU C 849 -59.87 -8.54 -9.48
N PHE C 850 -60.71 -9.44 -9.97
CA PHE C 850 -60.37 -10.21 -11.13
C PHE C 850 -61.65 -10.48 -11.95
N ILE C 851 -61.42 -10.55 -13.25
CA ILE C 851 -62.46 -10.89 -14.26
C ILE C 851 -61.99 -12.10 -15.07
N SER C 852 -62.80 -13.19 -15.06
CA SER C 852 -62.52 -14.43 -15.78
C SER C 852 -63.49 -14.62 -16.96
N ARG C 853 -62.94 -14.67 -18.15
CA ARG C 853 -63.72 -14.89 -19.36
C ARG C 853 -63.29 -16.20 -19.99
N LYS C 854 -64.31 -17.05 -20.23
CA LYS C 854 -63.94 -18.31 -20.83
C LYS C 854 -64.93 -18.77 -21.89
N THR C 855 -64.45 -19.75 -22.63
CA THR C 855 -65.22 -20.48 -23.59
C THR C 855 -64.84 -21.93 -23.41
N TYR C 856 -65.86 -22.72 -23.49
CA TYR C 856 -65.74 -24.16 -23.46
C TYR C 856 -66.29 -24.61 -24.79
N ARG C 857 -65.51 -25.42 -25.47
CA ARG C 857 -65.89 -25.97 -26.74
C ARG C 857 -65.80 -27.48 -26.72
N ILE C 858 -67.00 -28.11 -26.74
CA ILE C 858 -67.08 -29.56 -26.79
C ILE C 858 -67.39 -29.96 -28.24
N ASP C 859 -66.58 -30.84 -28.79
CA ASP C 859 -66.79 -31.22 -30.16
C ASP C 859 -67.06 -32.71 -30.29
N GLY C 860 -67.36 -33.12 -31.53
CA GLY C 860 -67.70 -34.48 -31.94
C GLY C 860 -66.67 -35.47 -31.48
N SER C 861 -65.43 -35.01 -31.27
CA SER C 861 -64.33 -35.83 -30.77
C SER C 861 -64.52 -35.97 -29.27
N GLY C 862 -65.38 -35.19 -28.64
CA GLY C 862 -65.53 -35.42 -27.23
C GLY C 862 -64.45 -34.78 -26.39
N GLN C 863 -63.69 -33.93 -27.03
CA GLN C 863 -62.68 -33.20 -26.29
C GLN C 863 -63.28 -31.89 -25.83
N MET C 864 -62.98 -31.45 -24.63
CA MET C 864 -63.54 -30.16 -24.24
C MET C 864 -62.37 -29.19 -24.14
N ALA C 865 -62.46 -28.20 -24.96
CA ALA C 865 -61.38 -27.22 -24.96
C ALA C 865 -61.72 -25.98 -24.13
N ILE C 866 -60.84 -25.58 -23.17
CA ILE C 866 -61.19 -24.41 -22.34
C ILE C 866 -60.21 -23.30 -22.61
N THR C 867 -60.80 -22.14 -22.89
CA THR C 867 -60.00 -20.97 -23.15
C THR C 867 -60.27 -19.99 -22.03
N VAL C 868 -59.21 -19.50 -21.39
CA VAL C 868 -59.36 -18.59 -20.27
C VAL C 868 -58.54 -17.30 -20.44
N ASP C 869 -59.22 -16.22 -20.21
CA ASP C 869 -58.61 -14.89 -20.30
C ASP C 869 -59.00 -14.17 -19.03
N VAL C 870 -57.97 -13.81 -18.26
CA VAL C 870 -58.16 -13.22 -16.96
C VAL C 870 -57.63 -11.81 -16.92
N GLU C 871 -58.39 -10.92 -16.28
CA GLU C 871 -57.92 -9.56 -16.09
C GLU C 871 -57.69 -9.44 -14.60
N VAL C 872 -56.59 -8.79 -14.19
CA VAL C 872 -56.29 -8.60 -12.80
C VAL C 872 -56.14 -7.10 -12.52
N ALA C 873 -56.89 -6.56 -11.58
CA ALA C 873 -56.81 -5.13 -11.35
C ALA C 873 -55.39 -4.77 -11.03
N SER C 874 -54.94 -3.72 -11.66
CA SER C 874 -53.57 -3.24 -11.47
C SER C 874 -53.20 -2.92 -10.02
N ASP C 875 -54.13 -2.44 -9.25
CA ASP C 875 -53.93 -2.04 -7.87
C ASP C 875 -54.26 -3.10 -6.84
N THR C 876 -54.48 -4.35 -7.22
CA THR C 876 -54.64 -5.31 -6.16
C THR C 876 -53.27 -6.01 -6.05
N PRO C 877 -52.85 -6.57 -4.91
CA PRO C 877 -51.56 -7.29 -4.90
C PRO C 877 -51.62 -8.41 -5.95
N HIS C 878 -50.46 -8.66 -6.57
CA HIS C 878 -50.36 -9.72 -7.57
C HIS C 878 -50.75 -11.04 -6.90
N PRO C 879 -51.64 -11.81 -7.58
CA PRO C 879 -52.18 -13.05 -7.01
C PRO C 879 -51.23 -14.23 -7.04
N ALA C 880 -51.44 -15.15 -6.10
CA ALA C 880 -50.57 -16.28 -6.00
C ALA C 880 -50.53 -17.17 -7.20
N ARG C 881 -51.69 -17.23 -7.88
CA ARG C 881 -51.81 -18.11 -9.05
C ARG C 881 -53.03 -17.67 -9.87
N ILE C 882 -53.03 -18.20 -11.10
CA ILE C 882 -54.17 -17.96 -12.02
C ILE C 882 -54.53 -19.28 -12.64
N GLY C 883 -55.57 -19.96 -12.12
CA GLY C 883 -55.86 -21.27 -12.69
C GLY C 883 -57.26 -21.74 -12.29
N LEU C 884 -57.45 -23.07 -12.43
CA LEU C 884 -58.71 -23.64 -12.07
C LEU C 884 -58.48 -24.73 -11.11
N ASN C 885 -59.57 -25.06 -10.44
CA ASN C 885 -59.46 -26.21 -9.58
C ASN C 885 -60.78 -26.94 -9.42
N CYS C 886 -60.68 -28.15 -8.95
CA CYS C 886 -61.87 -28.96 -8.78
C CYS C 886 -61.54 -30.20 -7.98
N GLN C 887 -62.56 -30.78 -7.35
CA GLN C 887 -62.32 -31.97 -6.61
C GLN C 887 -62.88 -33.11 -7.47
N LEU C 888 -61.99 -33.96 -7.99
CA LEU C 888 -62.39 -35.11 -8.81
C LEU C 888 -62.96 -36.19 -7.91
N ALA C 889 -63.88 -36.94 -8.47
CA ALA C 889 -64.46 -38.01 -7.70
C ALA C 889 -63.51 -39.21 -7.62
N GLN C 890 -62.72 -39.40 -8.62
CA GLN C 890 -61.83 -40.51 -8.59
C GLN C 890 -60.59 -40.37 -7.68
N VAL C 891 -60.12 -41.50 -7.17
CA VAL C 891 -58.87 -41.66 -6.46
C VAL C 891 -58.11 -42.69 -7.30
N ALA C 892 -57.01 -42.33 -7.97
CA ALA C 892 -56.28 -43.30 -8.75
C ALA C 892 -54.91 -43.56 -8.16
N GLU C 893 -54.28 -44.63 -8.62
CA GLU C 893 -52.98 -45.01 -8.12
C GLU C 893 -51.77 -44.21 -8.60
N ARG C 894 -51.73 -43.90 -9.90
CA ARG C 894 -50.60 -43.23 -10.54
C ARG C 894 -50.93 -41.87 -11.14
N VAL C 895 -49.88 -41.05 -11.26
CA VAL C 895 -50.00 -39.75 -11.91
C VAL C 895 -48.90 -39.81 -12.96
N ASN C 896 -49.36 -39.51 -14.16
CA ASN C 896 -48.45 -39.56 -15.30
C ASN C 896 -48.51 -38.26 -16.06
N TRP C 897 -47.30 -37.70 -16.30
CA TRP C 897 -47.35 -36.43 -17.02
C TRP C 897 -46.14 -36.26 -17.89
N LEU C 898 -46.35 -35.36 -18.85
CA LEU C 898 -45.34 -34.91 -19.80
C LEU C 898 -45.06 -33.43 -19.43
N GLY C 899 -43.95 -33.25 -18.72
CA GLY C 899 -43.64 -31.89 -18.24
C GLY C 899 -42.40 -32.00 -17.35
N LEU C 900 -42.18 -30.95 -16.60
CA LEU C 900 -40.96 -30.95 -15.79
C LEU C 900 -41.08 -31.81 -14.54
N GLY C 901 -40.02 -32.53 -14.22
CA GLY C 901 -40.13 -33.36 -13.03
C GLY C 901 -38.85 -34.17 -12.89
N PRO C 902 -38.90 -35.27 -12.12
CA PRO C 902 -40.09 -35.79 -11.47
C PRO C 902 -40.54 -35.06 -10.19
N GLN C 903 -39.64 -34.38 -9.49
CA GLN C 903 -40.01 -33.75 -8.22
C GLN C 903 -40.77 -32.46 -8.32
N GLU C 904 -41.30 -32.04 -7.17
CA GLU C 904 -41.96 -30.74 -7.07
C GLU C 904 -41.09 -29.63 -7.63
N ASN C 905 -41.65 -28.74 -8.41
CA ASN C 905 -40.90 -27.64 -8.99
C ASN C 905 -41.79 -26.45 -9.16
N TYR C 906 -41.26 -25.25 -8.86
CA TYR C 906 -42.04 -23.97 -8.96
C TYR C 906 -41.31 -23.04 -9.93
N PRO C 907 -41.92 -21.95 -10.37
CA PRO C 907 -41.27 -21.11 -11.37
C PRO C 907 -39.85 -20.63 -11.09
N ASP C 908 -39.62 -20.23 -9.86
CA ASP C 908 -38.32 -19.72 -9.48
C ASP C 908 -37.49 -20.86 -8.83
N ARG C 909 -37.99 -22.10 -8.94
CA ARG C 909 -37.21 -23.26 -8.45
C ARG C 909 -37.50 -24.42 -9.37
N LEU C 910 -37.06 -24.30 -10.62
CA LEU C 910 -37.37 -25.44 -11.53
C LEU C 910 -36.20 -25.78 -12.40
N THR C 911 -35.04 -25.20 -12.11
CA THR C 911 -33.92 -25.55 -13.01
C THR C 911 -33.48 -27.00 -12.97
N ALA C 912 -33.57 -27.65 -11.80
CA ALA C 912 -33.10 -29.03 -11.65
C ALA C 912 -34.10 -29.98 -12.30
N ALA C 913 -35.33 -29.48 -12.49
CA ALA C 913 -36.35 -30.38 -13.12
C ALA C 913 -36.05 -30.67 -14.60
N CYS C 914 -36.51 -31.85 -15.07
CA CYS C 914 -36.26 -32.15 -16.47
C CYS C 914 -37.59 -32.42 -17.14
N PHE C 915 -37.67 -32.00 -18.43
CA PHE C 915 -38.87 -32.22 -19.25
C PHE C 915 -38.76 -33.65 -19.78
N ASP C 916 -39.73 -34.45 -19.45
CA ASP C 916 -39.71 -35.85 -19.86
C ASP C 916 -41.10 -36.42 -19.53
N ARG C 917 -41.32 -37.75 -19.69
CA ARG C 917 -42.61 -38.33 -19.33
C ARG C 917 -42.40 -38.98 -17.96
N TRP C 918 -43.14 -38.53 -16.99
CA TRP C 918 -42.97 -39.05 -15.61
C TRP C 918 -44.27 -39.75 -15.16
N ASP C 919 -44.08 -40.74 -14.26
CA ASP C 919 -45.18 -41.52 -13.76
C ASP C 919 -44.89 -41.89 -12.32
N LEU C 920 -45.72 -41.36 -11.44
CA LEU C 920 -45.43 -41.64 -10.05
C LEU C 920 -46.69 -42.04 -9.31
N PRO C 921 -46.57 -42.70 -8.16
CA PRO C 921 -47.76 -42.97 -7.36
C PRO C 921 -48.29 -41.63 -6.94
N LEU C 922 -49.61 -41.48 -6.79
CA LEU C 922 -50.21 -40.21 -6.39
C LEU C 922 -49.58 -39.65 -5.13
N SER C 923 -49.23 -40.48 -4.18
CA SER C 923 -48.67 -39.85 -2.98
C SER C 923 -47.38 -39.06 -3.15
N ASP C 924 -46.60 -39.40 -4.18
CA ASP C 924 -45.35 -38.71 -4.48
C ASP C 924 -45.62 -37.34 -4.98
N MET C 925 -46.89 -37.13 -5.25
CA MET C 925 -47.24 -35.83 -5.76
C MET C 925 -47.61 -34.83 -4.68
N TYR C 926 -47.40 -35.26 -3.43
CA TYR C 926 -47.67 -34.39 -2.28
C TYR C 926 -46.35 -34.29 -1.52
N THR C 927 -45.92 -33.08 -1.08
CA THR C 927 -44.66 -32.94 -0.35
C THR C 927 -45.07 -32.73 1.07
N PRO C 928 -44.70 -33.64 1.98
CA PRO C 928 -45.12 -33.55 3.40
C PRO C 928 -44.38 -32.52 4.26
N TYR C 929 -44.38 -31.28 3.81
CA TYR C 929 -43.75 -30.24 4.62
C TYR C 929 -44.41 -30.31 6.01
N VAL C 930 -43.60 -30.17 7.06
CA VAL C 930 -44.15 -30.26 8.40
C VAL C 930 -45.24 -29.21 8.69
N PHE C 931 -45.01 -27.98 8.21
CA PHE C 931 -45.98 -26.93 8.39
C PHE C 931 -46.66 -27.05 7.02
N PRO C 932 -47.91 -27.45 6.85
CA PRO C 932 -48.45 -27.63 5.50
C PRO C 932 -48.74 -26.37 4.73
N SER C 933 -48.55 -26.40 3.40
CA SER C 933 -48.89 -25.23 2.56
C SER C 933 -49.10 -25.76 1.11
N GLU C 934 -49.30 -24.80 0.17
CA GLU C 934 -49.35 -25.16 -1.23
C GLU C 934 -48.10 -25.97 -1.49
N ASN C 935 -48.19 -27.12 -2.18
CA ASN C 935 -46.99 -27.93 -2.37
C ASN C 935 -47.22 -28.89 -3.55
N GLY C 936 -46.17 -29.56 -4.02
CA GLY C 936 -46.34 -30.55 -5.07
C GLY C 936 -46.52 -30.02 -6.46
N LEU C 937 -46.46 -28.72 -6.70
CA LEU C 937 -46.56 -28.25 -8.09
C LEU C 937 -45.48 -28.82 -8.98
N ARG C 938 -45.86 -29.00 -10.26
CA ARG C 938 -45.01 -29.39 -11.34
C ARG C 938 -45.33 -28.42 -12.47
N CYS C 939 -44.29 -27.78 -13.02
CA CYS C 939 -44.50 -26.77 -14.04
C CYS C 939 -44.16 -27.29 -15.43
N GLY C 940 -44.36 -26.40 -16.43
CA GLY C 940 -44.02 -26.74 -17.83
C GLY C 940 -44.72 -28.02 -18.34
N THR C 941 -45.96 -28.22 -17.84
CA THR C 941 -46.61 -29.48 -18.24
C THR C 941 -47.47 -29.35 -19.49
N ARG C 942 -47.30 -30.30 -20.40
CA ARG C 942 -48.05 -30.30 -21.69
C ARG C 942 -49.15 -31.33 -21.68
N GLU C 943 -48.96 -32.35 -20.84
CA GLU C 943 -50.02 -33.38 -20.77
C GLU C 943 -50.01 -34.01 -19.39
N LEU C 944 -51.22 -34.15 -18.82
CA LEU C 944 -51.35 -34.75 -17.51
C LEU C 944 -52.37 -35.86 -17.58
N ASN C 945 -52.09 -37.03 -17.01
CA ASN C 945 -53.03 -38.15 -17.05
C ASN C 945 -53.34 -38.62 -15.62
N TYR C 946 -54.62 -38.83 -15.32
CA TYR C 946 -55.03 -39.30 -14.00
C TYR C 946 -56.37 -40.04 -14.15
N GLY C 947 -56.34 -41.33 -13.82
CA GLY C 947 -57.57 -42.12 -14.00
C GLY C 947 -57.88 -42.10 -15.50
N PRO C 948 -59.15 -41.93 -15.82
CA PRO C 948 -59.73 -41.85 -17.17
C PRO C 948 -59.46 -40.52 -17.90
N HIS C 949 -58.99 -39.49 -17.15
CA HIS C 949 -58.76 -38.12 -17.61
C HIS C 949 -57.38 -37.81 -18.16
N GLN C 950 -57.44 -36.97 -19.15
CA GLN C 950 -56.25 -36.45 -19.74
C GLN C 950 -56.43 -34.94 -19.94
N TRP C 951 -55.45 -34.09 -19.56
CA TRP C 951 -55.58 -32.65 -19.83
C TRP C 951 -54.33 -32.25 -20.61
N ARG C 952 -54.49 -31.43 -21.62
CA ARG C 952 -53.36 -31.04 -22.42
C ARG C 952 -53.29 -29.53 -22.51
N GLY C 953 -52.09 -28.99 -22.72
CA GLY C 953 -51.99 -27.53 -22.81
C GLY C 953 -50.57 -27.09 -22.43
N ASP C 954 -50.47 -26.01 -21.67
CA ASP C 954 -49.14 -25.54 -21.26
C ASP C 954 -49.35 -24.96 -19.85
N PHE C 955 -49.25 -25.84 -18.86
CA PHE C 955 -49.62 -25.36 -17.55
C PHE C 955 -48.76 -25.95 -16.42
N GLN C 956 -49.15 -25.55 -15.20
CA GLN C 956 -48.50 -26.03 -13.96
C GLN C 956 -49.63 -26.74 -13.20
N PHE C 957 -49.35 -27.77 -12.43
CA PHE C 957 -50.49 -28.39 -11.68
C PHE C 957 -50.06 -29.02 -10.35
N ASN C 958 -50.99 -29.30 -9.48
CA ASN C 958 -50.68 -30.13 -8.35
C ASN C 958 -51.93 -31.00 -8.21
N ILE C 959 -51.79 -32.13 -7.52
CA ILE C 959 -52.86 -33.10 -7.38
C ILE C 959 -52.53 -33.93 -6.14
N SER C 960 -53.55 -34.00 -5.30
CA SER C 960 -53.40 -34.64 -4.02
C SER C 960 -54.77 -34.83 -3.37
N ARG C 961 -54.75 -35.44 -2.20
CA ARG C 961 -56.04 -35.64 -1.55
C ARG C 961 -56.33 -34.52 -0.60
N TYR C 962 -55.55 -33.42 -0.65
CA TYR C 962 -55.81 -32.34 0.32
C TYR C 962 -56.19 -31.05 -0.37
N SER C 963 -57.28 -30.43 -0.01
CA SER C 963 -57.66 -29.19 -0.64
C SER C 963 -56.77 -28.03 -0.16
N GLN C 964 -56.74 -26.94 -0.90
CA GLN C 964 -56.01 -25.74 -0.48
C GLN C 964 -56.53 -25.24 0.86
N GLN C 965 -57.83 -25.32 0.99
CA GLN C 965 -58.42 -24.86 2.25
C GLN C 965 -57.89 -25.65 3.46
N GLN C 966 -57.87 -26.94 3.31
CA GLN C 966 -57.42 -27.75 4.39
C GLN C 966 -55.95 -27.43 4.66
N LEU C 967 -55.17 -27.32 3.59
CA LEU C 967 -53.73 -27.02 3.76
C LEU C 967 -53.51 -25.70 4.49
N MET C 968 -54.32 -24.72 4.17
CA MET C 968 -54.16 -23.47 4.80
C MET C 968 -54.71 -23.44 6.20
N GLU C 969 -55.56 -24.35 6.59
CA GLU C 969 -56.08 -24.32 7.96
C GLU C 969 -55.33 -25.24 8.89
N THR C 970 -54.38 -26.02 8.40
CA THR C 970 -53.70 -27.00 9.24
C THR C 970 -52.23 -26.55 9.49
N SER C 971 -51.84 -26.66 10.75
CA SER C 971 -50.49 -26.25 11.19
C SER C 971 -49.42 -27.35 11.17
N HIS C 972 -49.81 -28.65 11.29
CA HIS C 972 -48.90 -29.77 11.34
C HIS C 972 -49.39 -30.83 10.39
N ARG C 973 -48.46 -31.32 9.61
CA ARG C 973 -48.75 -32.33 8.59
C ARG C 973 -49.48 -33.55 9.19
N HIS C 974 -49.19 -33.91 10.44
CA HIS C 974 -49.78 -35.11 11.05
C HIS C 974 -51.26 -34.99 11.26
N LEU C 975 -51.75 -33.77 11.14
CA LEU C 975 -53.17 -33.65 11.40
C LEU C 975 -53.98 -33.62 10.11
N LEU C 976 -53.30 -33.67 8.98
CA LEU C 976 -54.06 -33.63 7.74
C LEU C 976 -54.77 -34.98 7.54
N HIS C 977 -55.97 -34.91 6.93
CA HIS C 977 -56.79 -36.06 6.56
C HIS C 977 -57.13 -36.03 5.06
N ALA C 978 -56.95 -37.17 4.40
CA ALA C 978 -57.28 -37.25 2.97
C ALA C 978 -58.73 -36.95 2.77
N GLU C 979 -59.07 -36.13 1.79
CA GLU C 979 -60.45 -35.80 1.49
C GLU C 979 -60.99 -36.84 0.48
N GLU C 980 -62.30 -36.86 0.28
CA GLU C 980 -62.89 -37.82 -0.64
C GLU C 980 -62.34 -37.45 -2.01
N GLY C 981 -62.02 -38.44 -2.80
CA GLY C 981 -61.62 -37.99 -4.14
C GLY C 981 -60.29 -37.26 -4.22
N THR C 982 -60.08 -36.54 -5.32
CA THR C 982 -58.79 -35.91 -5.57
C THR C 982 -58.87 -34.46 -6.00
N TRP C 983 -58.13 -33.59 -5.28
CA TRP C 983 -58.06 -32.16 -5.56
C TRP C 983 -57.02 -31.85 -6.64
N LEU C 984 -57.52 -31.19 -7.68
CA LEU C 984 -56.69 -30.88 -8.81
C LEU C 984 -56.61 -29.40 -8.97
N ASN C 985 -55.36 -28.89 -8.99
CA ASN C 985 -55.13 -27.45 -9.21
C ASN C 985 -54.37 -27.37 -10.53
N ILE C 986 -54.98 -26.73 -11.54
CA ILE C 986 -54.32 -26.63 -12.84
C ILE C 986 -54.16 -25.18 -13.08
N ASP C 987 -52.91 -24.71 -13.15
CA ASP C 987 -52.70 -23.28 -13.27
C ASP C 987 -52.14 -22.86 -14.61
N GLY C 988 -52.66 -21.77 -15.16
CA GLY C 988 -52.01 -21.27 -16.37
C GLY C 988 -50.71 -20.56 -15.92
N PHE C 989 -50.75 -19.90 -14.73
CA PHE C 989 -49.64 -19.13 -14.10
C PHE C 989 -49.61 -19.31 -12.59
N HIS C 990 -48.37 -19.33 -12.04
CA HIS C 990 -48.23 -19.51 -10.61
C HIS C 990 -47.14 -18.59 -10.16
N MET C 991 -47.35 -17.94 -9.03
CA MET C 991 -46.26 -17.08 -8.56
C MET C 991 -45.01 -17.85 -8.03
N GLY C 992 -43.82 -17.21 -8.04
CA GLY C 992 -42.62 -17.85 -7.45
C GLY C 992 -42.85 -18.04 -5.93
N ILE C 993 -41.96 -18.85 -5.34
CA ILE C 993 -42.09 -19.15 -3.92
C ILE C 993 -41.13 -18.33 -3.06
N GLY C 994 -40.10 -17.79 -3.73
CA GLY C 994 -39.12 -16.96 -3.01
C GLY C 994 -38.32 -17.80 -2.02
N GLY C 995 -37.55 -17.10 -1.13
CA GLY C 995 -36.71 -17.80 -0.19
C GLY C 995 -35.38 -17.13 0.12
N ASP C 996 -35.10 -15.94 -0.49
CA ASP C 996 -33.86 -15.25 -0.13
C ASP C 996 -33.84 -15.16 1.38
N ASP C 997 -35.04 -14.98 1.96
CA ASP C 997 -35.14 -15.06 3.43
C ASP C 997 -36.59 -15.47 3.68
N SER C 998 -36.99 -15.73 4.95
CA SER C 998 -38.41 -16.07 5.22
C SER C 998 -39.04 -14.99 6.11
N TRP C 999 -38.64 -13.71 5.95
CA TRP C 999 -39.25 -12.69 6.82
C TRP C 999 -39.54 -11.39 6.10
N SER C 1000 -39.16 -11.32 4.84
CA SER C 1000 -39.40 -10.15 4.01
C SER C 1000 -39.76 -10.64 2.58
N PRO C 1001 -40.82 -10.11 1.91
CA PRO C 1001 -41.16 -10.60 0.58
C PRO C 1001 -39.88 -10.75 -0.20
N SER C 1002 -39.76 -11.95 -0.72
CA SER C 1002 -38.55 -12.26 -1.46
C SER C 1002 -38.80 -12.77 -2.88
N VAL C 1003 -40.04 -12.77 -3.37
CA VAL C 1003 -40.25 -13.25 -4.74
C VAL C 1003 -39.87 -12.12 -5.66
N SER C 1004 -38.97 -12.44 -6.55
CA SER C 1004 -38.44 -11.47 -7.43
C SER C 1004 -39.48 -11.00 -8.41
N ALA C 1005 -39.33 -9.76 -8.90
CA ALA C 1005 -40.35 -9.18 -9.78
C ALA C 1005 -40.70 -10.03 -11.02
N GLU C 1006 -39.67 -10.65 -11.58
CA GLU C 1006 -39.97 -11.42 -12.76
C GLU C 1006 -40.83 -12.65 -12.48
N PHE C 1007 -41.03 -12.98 -11.22
CA PHE C 1007 -41.86 -14.14 -10.90
C PHE C 1007 -43.17 -13.77 -10.24
N GLN C 1008 -43.52 -12.47 -10.24
CA GLN C 1008 -44.78 -11.97 -9.67
C GLN C 1008 -45.79 -11.92 -10.79
N LEU C 1009 -47.04 -12.19 -10.51
CA LEU C 1009 -48.01 -12.23 -11.63
C LEU C 1009 -48.57 -10.81 -11.81
N SER C 1010 -47.78 -9.92 -12.43
CA SER C 1010 -48.19 -8.55 -12.53
C SER C 1010 -48.59 -8.15 -13.95
N ALA C 1011 -48.68 -9.10 -14.87
CA ALA C 1011 -49.00 -8.77 -16.24
C ALA C 1011 -50.35 -8.08 -16.46
N GLY C 1012 -51.29 -8.13 -15.55
CA GLY C 1012 -52.55 -7.43 -15.79
C GLY C 1012 -53.55 -8.24 -16.60
N ARG C 1013 -53.05 -8.85 -17.66
CA ARG C 1013 -53.85 -9.70 -18.56
C ARG C 1013 -53.17 -11.04 -18.81
N TYR C 1014 -53.92 -12.16 -18.59
CA TYR C 1014 -53.36 -13.50 -18.74
C TYR C 1014 -54.26 -14.39 -19.57
N HIS C 1015 -53.66 -15.23 -20.37
CA HIS C 1015 -54.47 -16.11 -21.16
C HIS C 1015 -53.94 -17.50 -21.01
N TYR C 1016 -54.84 -18.47 -20.92
CA TYR C 1016 -54.40 -19.86 -20.93
C TYR C 1016 -55.48 -20.73 -21.58
N GLN C 1017 -55.07 -21.89 -22.07
CA GLN C 1017 -55.97 -22.82 -22.73
C GLN C 1017 -55.65 -24.31 -22.35
N LEU C 1018 -56.70 -25.08 -21.98
CA LEU C 1018 -56.60 -26.48 -21.58
C LEU C 1018 -57.55 -27.33 -22.44
N VAL C 1019 -57.12 -28.56 -22.78
CA VAL C 1019 -58.05 -29.46 -23.46
C VAL C 1019 -58.26 -30.59 -22.49
N TRP C 1020 -59.53 -30.84 -22.14
CA TRP C 1020 -59.78 -31.93 -21.24
C TRP C 1020 -60.34 -33.05 -22.03
N CYS C 1021 -59.85 -34.25 -21.81
CA CYS C 1021 -60.44 -35.33 -22.58
C CYS C 1021 -60.29 -36.67 -21.87
N GLN C 1022 -60.80 -37.77 -22.45
CA GLN C 1022 -60.72 -39.11 -21.84
C GLN C 1022 -59.54 -39.95 -22.36
N LYS C 1023 -58.66 -40.39 -21.47
CA LYS C 1023 -57.50 -41.22 -21.84
C LYS C 1023 -58.03 -42.49 -22.51
N ARG D 13 12.75 17.80 -49.78
CA ARG D 13 12.37 16.70 -48.90
C ARG D 13 10.87 16.49 -48.95
N ARG D 14 10.55 15.31 -48.59
CA ARG D 14 9.14 15.02 -48.58
C ARG D 14 8.87 14.98 -47.09
N ASP D 15 8.84 16.16 -46.45
CA ASP D 15 8.69 16.18 -45.00
C ASP D 15 7.40 15.53 -44.51
N TRP D 16 6.49 15.36 -45.44
CA TRP D 16 5.16 14.78 -45.24
C TRP D 16 5.16 13.28 -45.30
N GLU D 17 6.37 12.73 -45.46
CA GLU D 17 6.62 11.28 -45.47
C GLU D 17 7.71 10.92 -44.47
N ASN D 18 7.69 11.66 -43.36
CA ASN D 18 8.68 11.42 -42.34
C ASN D 18 8.13 11.87 -41.00
N PRO D 19 7.85 10.88 -40.17
CA PRO D 19 7.33 11.08 -38.82
C PRO D 19 8.32 11.74 -37.90
N GLY D 20 9.55 11.85 -38.32
CA GLY D 20 10.53 12.57 -37.51
C GLY D 20 10.46 14.10 -37.67
N VAL D 21 9.78 14.53 -38.75
CA VAL D 21 9.59 15.94 -39.01
C VAL D 21 8.11 16.20 -38.96
N THR D 22 7.71 16.77 -37.86
CA THR D 22 6.29 17.11 -37.73
C THR D 22 6.10 18.59 -37.79
N GLN D 23 7.17 19.39 -37.95
CA GLN D 23 7.02 20.84 -38.08
C GLN D 23 8.35 21.41 -38.41
N LEU D 24 8.39 22.59 -39.01
CA LEU D 24 9.69 23.22 -39.19
C LEU D 24 9.45 24.68 -38.80
N ASN D 25 10.27 25.29 -37.92
CA ASN D 25 10.17 26.69 -37.54
C ASN D 25 8.90 26.99 -36.78
N ARG D 26 8.25 25.97 -36.24
CA ARG D 26 7.00 26.30 -35.56
C ARG D 26 7.23 26.81 -34.14
N LEU D 27 6.47 27.83 -33.72
CA LEU D 27 6.63 28.35 -32.36
C LEU D 27 6.01 27.43 -31.31
N ALA D 28 6.48 27.61 -30.08
CA ALA D 28 5.94 26.79 -29.01
C ALA D 28 4.42 26.96 -28.82
N ALA D 29 3.72 25.89 -28.31
CA ALA D 29 2.31 25.92 -27.98
C ALA D 29 2.12 26.66 -26.65
N HIS D 30 0.92 27.22 -26.43
CA HIS D 30 0.72 28.01 -25.23
C HIS D 30 -0.80 28.20 -25.15
N PRO D 31 -1.30 28.72 -24.03
CA PRO D 31 -2.72 28.95 -23.84
C PRO D 31 -3.14 30.14 -24.73
N PRO D 32 -4.44 30.34 -24.89
CA PRO D 32 -4.92 31.42 -25.77
C PRO D 32 -4.43 32.81 -25.39
N PHE D 33 -3.84 33.48 -26.38
CA PHE D 33 -3.33 34.80 -26.11
C PHE D 33 -4.07 35.83 -26.96
N ALA D 34 -3.99 37.08 -26.51
CA ALA D 34 -4.55 38.21 -27.26
C ALA D 34 -3.65 39.45 -27.20
N SER D 35 -2.50 39.38 -26.49
CA SER D 35 -1.58 40.55 -26.36
C SER D 35 -2.38 41.79 -26.07
N TRP D 36 -3.21 41.76 -25.01
CA TRP D 36 -3.96 42.99 -24.72
C TRP D 36 -2.94 44.05 -24.20
N ARG D 37 -3.14 45.30 -24.55
CA ARG D 37 -2.20 46.33 -24.10
C ARG D 37 -2.93 47.25 -23.16
N ASN D 38 -4.13 46.80 -22.75
CA ASN D 38 -4.95 47.59 -21.78
C ASN D 38 -5.51 46.56 -20.80
N SER D 39 -5.21 46.72 -19.51
CA SER D 39 -5.63 45.72 -18.49
C SER D 39 -7.11 45.51 -18.35
N GLU D 40 -7.85 46.58 -18.50
CA GLU D 40 -9.31 46.54 -18.39
C GLU D 40 -9.96 45.80 -19.57
N GLU D 41 -9.41 46.00 -20.76
CA GLU D 41 -9.93 45.23 -21.88
C GLU D 41 -9.67 43.71 -21.66
N ALA D 42 -8.48 43.34 -21.16
CA ALA D 42 -8.13 41.96 -20.85
C ALA D 42 -9.13 41.45 -19.77
N ARG D 43 -9.37 42.26 -18.75
CA ARG D 43 -10.30 41.87 -17.72
C ARG D 43 -11.68 41.51 -18.30
N THR D 44 -12.19 42.31 -19.26
CA THR D 44 -13.52 42.15 -19.79
C THR D 44 -13.57 41.25 -20.98
N ASP D 45 -12.45 40.72 -21.38
CA ASP D 45 -12.49 39.80 -22.48
C ASP D 45 -12.86 40.45 -23.79
N ARG D 46 -12.65 41.77 -23.87
CA ARG D 46 -12.99 42.47 -25.14
C ARG D 46 -11.90 42.28 -26.17
N PRO D 47 -12.17 42.63 -27.42
CA PRO D 47 -11.20 42.44 -28.52
C PRO D 47 -9.93 43.15 -28.24
N SER D 48 -8.87 42.59 -28.83
CA SER D 48 -7.58 43.21 -28.73
C SER D 48 -7.19 43.65 -30.17
N GLN D 49 -6.72 44.88 -30.34
CA GLN D 49 -6.31 45.28 -31.69
C GLN D 49 -5.02 44.62 -32.06
N GLN D 50 -4.40 43.90 -31.12
CA GLN D 50 -3.17 43.19 -31.53
C GLN D 50 -3.42 41.79 -32.08
N LEU D 51 -4.69 41.38 -32.09
CA LEU D 51 -5.07 40.07 -32.59
C LEU D 51 -6.11 40.29 -33.66
N ARG D 52 -5.75 40.02 -34.91
CA ARG D 52 -6.62 40.21 -36.06
C ARG D 52 -6.96 38.86 -36.73
N SER D 53 -8.18 38.77 -37.24
CA SER D 53 -8.53 37.56 -37.94
C SER D 53 -8.28 37.71 -39.43
N LEU D 54 -7.75 36.70 -40.09
CA LEU D 54 -7.59 36.72 -41.55
C LEU D 54 -8.61 35.82 -42.26
N ASN D 55 -9.68 35.45 -41.54
CA ASN D 55 -10.78 34.66 -42.09
C ASN D 55 -11.48 35.55 -43.14
N GLY D 56 -12.04 34.89 -44.17
CA GLY D 56 -12.73 35.63 -45.22
C GLY D 56 -12.33 35.06 -46.55
N GLU D 57 -12.29 35.94 -47.52
CA GLU D 57 -11.98 35.51 -48.88
C GLU D 57 -10.53 35.36 -49.22
N TRP D 58 -10.14 34.14 -49.57
CA TRP D 58 -8.77 33.81 -49.99
C TRP D 58 -8.76 33.32 -51.42
N ARG D 59 -7.59 33.17 -51.95
CA ARG D 59 -7.48 32.63 -53.29
C ARG D 59 -7.13 31.15 -53.15
N PHE D 60 -7.71 30.27 -54.01
CA PHE D 60 -7.45 28.84 -53.91
C PHE D 60 -7.38 28.12 -55.25
N ALA D 61 -6.52 27.15 -55.28
CA ALA D 61 -6.35 26.33 -56.44
C ALA D 61 -6.02 24.95 -55.92
N TRP D 62 -6.59 23.91 -56.59
CA TRP D 62 -6.40 22.51 -56.31
C TRP D 62 -5.49 21.86 -57.34
N PHE D 63 -4.59 20.98 -56.85
CA PHE D 63 -3.69 20.20 -57.66
C PHE D 63 -3.75 18.75 -57.21
N PRO D 64 -3.44 17.83 -58.11
CA PRO D 64 -3.44 16.38 -57.84
C PRO D 64 -2.26 15.83 -57.02
N ALA D 65 -1.18 16.61 -56.94
CA ALA D 65 0.02 16.28 -56.21
C ALA D 65 0.81 17.56 -56.02
N PRO D 66 1.68 17.54 -55.03
CA PRO D 66 2.52 18.68 -54.74
C PRO D 66 3.47 18.94 -55.90
N GLU D 67 3.87 17.86 -56.56
CA GLU D 67 4.73 18.06 -57.73
C GLU D 67 4.03 18.87 -58.83
N ALA D 68 2.71 19.07 -58.81
CA ALA D 68 2.09 19.84 -59.89
C ALA D 68 1.95 21.31 -59.64
N VAL D 69 2.33 21.74 -58.45
CA VAL D 69 2.20 23.16 -58.10
C VAL D 69 3.31 24.01 -58.78
N PRO D 70 2.96 25.00 -59.61
CA PRO D 70 3.96 25.81 -60.31
C PRO D 70 4.68 26.79 -59.38
N GLU D 71 5.99 26.94 -59.58
CA GLU D 71 6.75 27.80 -58.72
C GLU D 71 6.24 29.20 -58.76
N SER D 72 5.61 29.55 -59.86
CA SER D 72 5.18 30.94 -59.88
C SER D 72 4.20 31.33 -58.80
N TRP D 73 3.43 30.30 -58.40
CA TRP D 73 2.38 30.48 -57.40
C TRP D 73 2.97 31.14 -56.16
N LEU D 74 4.27 30.87 -55.99
CA LEU D 74 5.01 31.44 -54.86
C LEU D 74 5.07 32.97 -54.87
N GLU D 75 5.26 33.52 -56.10
CA GLU D 75 5.31 34.97 -56.26
C GLU D 75 4.00 35.51 -56.74
N CYS D 76 3.21 34.78 -57.54
CA CYS D 76 1.95 35.44 -57.92
C CYS D 76 0.74 34.60 -58.00
N ASP D 77 -0.37 35.31 -57.76
CA ASP D 77 -1.67 34.70 -57.86
C ASP D 77 -1.82 33.91 -59.14
N LEU D 78 -2.35 32.73 -59.06
CA LEU D 78 -2.57 32.01 -60.28
C LEU D 78 -3.89 32.51 -60.82
N PRO D 79 -3.88 32.80 -62.09
CA PRO D 79 -5.07 33.29 -62.74
C PRO D 79 -6.20 32.27 -62.69
N GLU D 80 -5.86 30.98 -62.74
CA GLU D 80 -6.94 30.01 -62.69
C GLU D 80 -7.47 29.81 -61.29
N ALA D 81 -6.91 30.38 -60.23
CA ALA D 81 -7.46 30.08 -58.91
C ALA D 81 -8.84 30.69 -58.74
N ASP D 82 -9.60 30.25 -57.75
CA ASP D 82 -10.90 30.80 -57.47
C ASP D 82 -10.78 31.57 -56.17
N THR D 83 -11.78 32.32 -55.88
CA THR D 83 -11.83 33.03 -54.61
C THR D 83 -12.77 32.22 -53.73
N VAL D 84 -12.30 31.77 -52.56
CA VAL D 84 -13.16 30.96 -51.69
C VAL D 84 -13.08 31.47 -50.27
N VAL D 85 -14.06 31.04 -49.50
CA VAL D 85 -14.08 31.34 -48.11
C VAL D 85 -13.15 30.38 -47.33
N VAL D 86 -12.42 31.04 -46.39
CA VAL D 86 -11.55 30.33 -45.45
C VAL D 86 -12.00 30.80 -44.04
N PRO D 87 -12.23 29.92 -43.05
CA PRO D 87 -11.97 28.49 -43.14
C PRO D 87 -13.00 27.72 -43.92
N SER D 88 -12.48 26.61 -44.49
CA SER D 88 -13.32 25.68 -45.22
C SER D 88 -12.63 24.37 -45.44
N ASN D 89 -13.39 23.31 -45.77
CA ASN D 89 -12.81 22.03 -46.14
C ASN D 89 -12.94 22.03 -47.67
N TRP D 90 -11.90 21.80 -48.48
CA TRP D 90 -12.07 21.90 -49.90
C TRP D 90 -13.07 20.94 -50.53
N GLN D 91 -13.28 19.85 -49.83
CA GLN D 91 -14.27 18.91 -50.39
C GLN D 91 -15.64 19.55 -50.37
N MET D 92 -15.81 20.50 -49.43
CA MET D 92 -17.10 21.14 -49.26
C MET D 92 -17.42 22.11 -50.37
N HIS D 93 -16.37 22.46 -51.07
CA HIS D 93 -16.44 23.36 -52.19
C HIS D 93 -16.46 22.51 -53.46
N GLY D 94 -16.43 21.19 -53.35
CA GLY D 94 -16.48 20.36 -54.53
C GLY D 94 -15.19 20.17 -55.29
N TYR D 95 -14.02 20.48 -54.75
CA TYR D 95 -12.81 20.23 -55.55
C TYR D 95 -12.40 18.78 -55.64
N ASP D 96 -12.77 18.00 -54.63
CA ASP D 96 -12.51 16.56 -54.62
C ASP D 96 -13.47 15.89 -53.66
N ALA D 97 -13.47 14.57 -53.63
CA ALA D 97 -14.50 13.98 -52.81
C ALA D 97 -14.10 13.76 -51.36
N PRO D 98 -15.04 13.95 -50.41
CA PRO D 98 -14.76 13.60 -48.99
C PRO D 98 -14.92 12.05 -48.96
N ILE D 99 -14.20 11.35 -48.08
CA ILE D 99 -14.32 9.92 -48.05
C ILE D 99 -14.81 9.43 -46.69
N TYR D 100 -15.77 8.51 -46.61
CA TYR D 100 -16.16 8.02 -45.33
C TYR D 100 -15.69 6.58 -45.18
N THR D 101 -14.60 6.38 -44.40
CA THR D 101 -14.13 5.04 -44.05
C THR D 101 -14.04 5.02 -42.50
N ASN D 102 -14.34 3.88 -41.89
CA ASN D 102 -14.39 3.77 -40.48
C ASN D 102 -13.02 3.40 -39.97
N VAL D 103 -12.66 2.12 -40.08
CA VAL D 103 -11.37 1.67 -39.55
C VAL D 103 -10.27 1.62 -40.58
N THR D 104 -10.57 0.96 -41.70
CA THR D 104 -9.55 0.81 -42.75
C THR D 104 -9.01 2.18 -43.21
N TYR D 105 -7.67 2.38 -43.23
CA TYR D 105 -7.14 3.69 -43.61
C TYR D 105 -7.58 3.97 -45.06
N PRO D 106 -7.78 5.25 -45.36
CA PRO D 106 -8.18 5.68 -46.67
C PRO D 106 -6.99 5.67 -47.62
N ILE D 107 -5.83 5.29 -47.12
CA ILE D 107 -4.68 5.18 -47.97
C ILE D 107 -4.04 3.86 -47.70
N THR D 108 -3.27 3.40 -48.70
CA THR D 108 -2.55 2.11 -48.53
C THR D 108 -1.73 2.15 -47.25
N VAL D 109 -1.77 1.09 -46.44
CA VAL D 109 -1.02 1.15 -45.20
C VAL D 109 0.44 0.87 -45.48
N ASN D 110 1.25 1.90 -45.51
CA ASN D 110 2.69 1.69 -45.82
C ASN D 110 3.50 2.84 -45.18
N PRO D 111 3.40 2.95 -43.86
CA PRO D 111 4.03 4.05 -43.14
C PRO D 111 5.50 4.09 -43.45
N PRO D 112 6.03 5.29 -43.56
CA PRO D 112 5.31 6.48 -43.38
C PRO D 112 4.94 7.05 -44.73
N PHE D 113 4.83 6.25 -45.76
CA PHE D 113 4.54 6.85 -47.08
C PHE D 113 3.07 7.12 -47.30
N VAL D 114 2.81 8.05 -48.24
CA VAL D 114 1.43 8.36 -48.61
C VAL D 114 1.35 8.25 -50.15
N PRO D 115 0.13 8.28 -50.72
CA PRO D 115 0.03 8.10 -52.18
C PRO D 115 0.73 9.18 -52.97
N THR D 116 1.27 8.81 -54.11
CA THR D 116 1.91 9.90 -54.84
C THR D 116 0.88 10.89 -55.41
N GLU D 117 -0.36 10.40 -55.58
CA GLU D 117 -1.46 11.23 -55.99
C GLU D 117 -1.99 11.77 -54.66
N ASN D 118 -1.59 12.99 -54.29
CA ASN D 118 -1.97 13.51 -52.99
C ASN D 118 -2.50 14.89 -53.20
N PRO D 119 -3.83 15.02 -53.14
CA PRO D 119 -4.49 16.27 -53.37
C PRO D 119 -3.87 17.35 -52.55
N THR D 120 -3.51 18.39 -53.32
CA THR D 120 -2.84 19.60 -52.82
C THR D 120 -3.69 20.87 -53.00
N GLY D 121 -3.91 21.59 -51.88
CA GLY D 121 -4.69 22.80 -51.83
C GLY D 121 -3.78 24.02 -51.72
N CYS D 122 -3.78 24.90 -52.71
CA CYS D 122 -2.91 26.07 -52.71
C CYS D 122 -3.70 27.30 -52.38
N TYR D 123 -3.52 27.73 -51.15
CA TYR D 123 -4.23 28.87 -50.68
C TYR D 123 -3.30 30.07 -50.64
N SER D 124 -3.87 31.24 -50.83
CA SER D 124 -3.10 32.49 -50.74
C SER D 124 -3.94 33.68 -50.38
N LEU D 125 -3.28 34.72 -49.89
CA LEU D 125 -4.05 35.86 -49.44
C LEU D 125 -3.12 37.07 -49.48
N THR D 126 -3.61 38.22 -49.95
CA THR D 126 -2.79 39.43 -49.94
C THR D 126 -3.20 40.26 -48.74
N PHE D 127 -2.28 40.77 -47.94
CA PHE D 127 -2.72 41.53 -46.78
C PHE D 127 -1.68 42.61 -46.43
N ASN D 128 -2.06 43.45 -45.49
CA ASN D 128 -1.06 44.39 -44.98
C ASN D 128 -1.16 44.53 -43.49
N VAL D 129 -0.21 45.21 -42.83
CA VAL D 129 -0.22 45.37 -41.40
C VAL D 129 -0.07 46.83 -40.97
N ASP D 130 -0.49 47.11 -39.73
CA ASP D 130 -0.33 48.44 -39.19
C ASP D 130 1.15 48.82 -39.26
N GLU D 131 1.45 50.10 -39.43
CA GLU D 131 2.80 50.57 -39.49
C GLU D 131 3.61 50.17 -38.29
N SER D 132 2.96 50.30 -37.17
CA SER D 132 3.66 50.00 -35.95
C SER D 132 4.21 48.56 -35.87
N TRP D 133 3.50 47.66 -36.61
CA TRP D 133 3.91 46.26 -36.63
C TRP D 133 5.14 46.12 -37.45
N LEU D 134 5.31 47.05 -38.42
CA LEU D 134 6.55 46.96 -39.19
C LEU D 134 7.63 47.58 -38.32
N GLN D 135 7.21 48.47 -37.41
CA GLN D 135 8.18 49.14 -36.57
C GLN D 135 8.87 48.24 -35.55
N GLU D 136 8.09 47.57 -34.75
CA GLU D 136 8.72 46.76 -33.72
C GLU D 136 7.84 45.59 -33.29
N GLY D 137 8.36 44.72 -32.45
CA GLY D 137 7.52 43.68 -31.94
C GLY D 137 7.48 42.45 -32.81
N GLN D 138 6.89 41.38 -32.28
CA GLN D 138 6.81 40.11 -32.99
C GLN D 138 5.41 39.89 -33.60
N THR D 139 5.33 39.64 -34.92
CA THR D 139 4.04 39.41 -35.56
C THR D 139 4.02 37.95 -35.96
N ARG D 140 3.12 37.18 -35.38
CA ARG D 140 3.08 35.76 -35.75
C ARG D 140 1.78 35.50 -36.45
N ILE D 141 1.75 34.39 -37.22
CA ILE D 141 0.51 33.94 -37.86
C ILE D 141 0.13 32.62 -37.20
N ILE D 142 -1.18 32.50 -36.94
CA ILE D 142 -1.68 31.31 -36.28
C ILE D 142 -2.71 30.65 -37.15
N PHE D 143 -2.48 29.39 -37.41
CA PHE D 143 -3.45 28.56 -38.14
C PHE D 143 -4.01 27.56 -37.10
N ASP D 144 -5.28 27.82 -36.70
CA ASP D 144 -5.92 26.95 -35.71
C ASP D 144 -6.11 25.55 -36.22
N GLY D 145 -6.16 25.33 -37.53
CA GLY D 145 -6.32 23.92 -37.94
C GLY D 145 -6.14 23.82 -39.44
N VAL D 146 -5.21 22.98 -39.81
CA VAL D 146 -4.94 22.76 -41.23
C VAL D 146 -4.82 21.25 -41.36
N ASN D 147 -5.60 20.71 -42.27
CA ASN D 147 -5.66 19.26 -42.43
C ASN D 147 -5.07 18.79 -43.78
N SER D 148 -4.02 17.99 -43.84
CA SER D 148 -3.34 17.40 -42.72
C SER D 148 -1.94 17.92 -42.47
N ALA D 149 -1.33 18.67 -43.40
CA ALA D 149 0.06 19.12 -43.17
C ALA D 149 0.28 20.27 -44.14
N PHE D 150 1.22 21.14 -43.88
CA PHE D 150 1.36 22.19 -44.85
C PHE D 150 2.69 22.93 -44.77
N HIS D 151 3.04 23.60 -45.91
CA HIS D 151 4.17 24.47 -46.05
C HIS D 151 3.60 25.90 -46.15
N LEU D 152 4.31 26.86 -45.56
CA LEU D 152 3.90 28.26 -45.59
C LEU D 152 5.08 29.12 -46.13
N TRP D 153 4.72 30.05 -47.02
CA TRP D 153 5.60 31.07 -47.60
C TRP D 153 4.98 32.44 -47.39
N CYS D 154 5.82 33.47 -47.22
CA CYS D 154 5.35 34.83 -47.08
C CYS D 154 6.27 35.68 -47.99
N ASN D 155 5.61 36.46 -48.85
CA ASN D 155 6.26 37.26 -49.87
C ASN D 155 7.25 36.42 -50.63
N GLY D 156 6.90 35.16 -51.04
CA GLY D 156 7.78 34.28 -51.87
C GLY D 156 8.82 33.57 -51.04
N ARG D 157 8.95 33.88 -49.74
CA ARG D 157 10.01 33.23 -48.99
C ARG D 157 9.43 32.16 -48.05
N TRP D 158 10.03 31.02 -48.02
CA TRP D 158 9.56 29.92 -47.19
C TRP D 158 9.70 30.23 -45.71
N VAL D 159 8.60 29.98 -45.01
CA VAL D 159 8.51 30.19 -43.58
C VAL D 159 8.67 28.93 -42.72
N GLY D 160 7.86 27.92 -42.96
CA GLY D 160 7.89 26.71 -42.17
C GLY D 160 6.83 25.71 -42.62
N TYR D 161 6.69 24.69 -41.76
CA TYR D 161 5.84 23.56 -42.02
C TYR D 161 5.23 23.08 -40.72
N GLY D 162 4.03 22.52 -40.89
CA GLY D 162 3.30 22.00 -39.72
C GLY D 162 2.49 20.74 -40.04
N GLN D 163 2.28 19.90 -39.02
CA GLN D 163 1.45 18.66 -38.96
C GLN D 163 0.52 18.75 -37.70
N ASP D 164 -0.38 17.78 -37.58
CA ASP D 164 -1.40 17.70 -36.51
C ASP D 164 -2.56 18.60 -36.93
N SER D 165 -3.56 18.02 -37.56
CA SER D 165 -4.64 18.82 -38.08
C SER D 165 -5.52 19.45 -37.04
N ARG D 166 -5.30 19.17 -35.75
CA ARG D 166 -6.29 19.63 -34.75
C ARG D 166 -5.75 20.58 -33.70
N LEU D 167 -4.53 21.07 -33.91
CA LEU D 167 -3.97 22.04 -32.94
C LEU D 167 -3.40 23.21 -33.76
N PRO D 168 -3.34 24.44 -33.20
CA PRO D 168 -2.86 25.59 -33.96
C PRO D 168 -1.36 25.47 -34.21
N SER D 169 -0.94 25.87 -35.43
CA SER D 169 0.46 25.91 -35.82
C SER D 169 0.72 27.40 -35.99
N GLU D 170 1.75 27.89 -35.30
CA GLU D 170 2.11 29.34 -35.33
C GLU D 170 3.55 29.54 -35.83
N PHE D 171 3.64 30.66 -36.60
CA PHE D 171 4.97 30.99 -37.19
C PHE D 171 5.24 32.52 -37.08
N ASP D 172 6.54 32.81 -36.82
CA ASP D 172 6.92 34.21 -36.65
C ASP D 172 7.10 34.82 -38.03
N LEU D 173 6.32 35.81 -38.36
CA LEU D 173 6.51 36.39 -39.67
C LEU D 173 7.30 37.70 -39.57
N SER D 174 7.72 38.09 -38.38
CA SER D 174 8.37 39.39 -38.17
C SER D 174 9.37 39.77 -39.25
N ALA D 175 10.23 38.82 -39.60
CA ALA D 175 11.26 39.12 -40.58
C ALA D 175 10.85 39.01 -42.04
N PHE D 176 9.60 38.63 -42.32
CA PHE D 176 9.24 38.46 -43.72
C PHE D 176 8.38 39.59 -44.14
N LEU D 177 7.86 40.34 -43.16
CA LEU D 177 6.91 41.41 -43.45
C LEU D 177 7.48 42.59 -44.18
N ARG D 178 6.64 43.21 -45.01
CA ARG D 178 7.09 44.41 -45.71
C ARG D 178 6.05 45.52 -45.73
N ALA D 179 6.54 46.72 -46.03
CA ALA D 179 5.59 47.81 -46.11
C ALA D 179 4.67 47.53 -47.28
N GLY D 180 3.41 47.92 -47.12
CA GLY D 180 2.48 47.69 -48.23
C GLY D 180 1.81 46.32 -48.31
N GLU D 181 1.68 45.80 -49.52
CA GLU D 181 1.01 44.54 -49.71
C GLU D 181 1.88 43.35 -49.39
N ASN D 182 1.35 42.37 -48.61
CA ASN D 182 2.12 41.14 -48.32
C ASN D 182 1.31 39.98 -48.87
N ARG D 183 1.99 38.88 -49.18
CA ARG D 183 1.34 37.66 -49.73
C ARG D 183 1.67 36.36 -48.98
N LEU D 184 0.60 35.65 -48.54
CA LEU D 184 0.84 34.37 -47.88
C LEU D 184 0.53 33.40 -48.94
N ALA D 185 1.26 32.29 -48.96
CA ALA D 185 1.05 31.14 -49.86
C ALA D 185 1.10 29.90 -48.93
N VAL D 186 0.01 29.13 -48.92
CA VAL D 186 -0.04 27.97 -48.07
C VAL D 186 -0.36 26.79 -48.91
N MET D 187 0.58 25.88 -48.87
CA MET D 187 0.41 24.62 -49.63
C MET D 187 -0.02 23.50 -48.66
N VAL D 188 -1.29 23.11 -48.74
CA VAL D 188 -1.82 22.09 -47.85
C VAL D 188 -1.92 20.72 -48.53
N LEU D 189 -1.33 19.71 -47.89
CA LEU D 189 -1.37 18.33 -48.36
C LEU D 189 -2.49 17.52 -47.68
N ARG D 190 -3.21 16.80 -48.53
CA ARG D 190 -4.27 15.98 -48.02
C ARG D 190 -3.72 14.88 -47.13
N TRP D 191 -2.78 14.15 -47.64
CA TRP D 191 -2.27 13.06 -46.86
C TRP D 191 -0.85 13.33 -46.42
N SER D 192 -0.45 12.87 -45.21
CA SER D 192 0.92 13.06 -44.74
C SER D 192 1.19 11.96 -43.74
N ASP D 193 2.41 11.93 -43.21
CA ASP D 193 2.67 10.87 -42.25
C ASP D 193 1.74 11.09 -41.03
N GLY D 194 1.28 12.34 -40.84
CA GLY D 194 0.34 12.72 -39.77
C GLY D 194 -0.96 11.92 -39.90
N SER D 195 -1.35 11.57 -41.12
CA SER D 195 -2.58 10.77 -41.43
C SER D 195 -2.56 9.40 -40.76
N TYR D 196 -1.33 8.82 -40.53
CA TYR D 196 -1.31 7.53 -39.86
C TYR D 196 -1.83 7.64 -38.42
N LEU D 197 -1.76 8.86 -37.86
CA LEU D 197 -2.25 9.11 -36.49
C LEU D 197 -3.63 9.75 -36.47
N GLU D 198 -4.26 9.81 -37.65
CA GLU D 198 -5.57 10.46 -37.73
C GLU D 198 -6.63 9.58 -38.41
N ASP D 199 -6.74 8.36 -37.88
CA ASP D 199 -7.66 7.36 -38.43
C ASP D 199 -9.03 7.31 -37.73
N GLN D 200 -9.50 8.50 -37.27
CA GLN D 200 -10.81 8.55 -36.63
C GLN D 200 -11.93 8.15 -37.59
N ASP D 201 -12.99 7.47 -37.06
CA ASP D 201 -14.19 7.04 -37.76
C ASP D 201 -15.04 8.31 -38.06
N MET D 202 -14.72 8.92 -39.22
CA MET D 202 -15.36 10.16 -39.64
C MET D 202 -14.98 10.43 -41.09
N TRP D 203 -15.64 11.43 -41.67
CA TRP D 203 -15.31 11.79 -43.04
C TRP D 203 -13.89 12.24 -43.08
N ARG D 204 -13.20 11.84 -44.16
CA ARG D 204 -11.78 12.22 -44.38
C ARG D 204 -11.78 13.43 -45.29
N MET D 205 -11.48 14.62 -44.79
CA MET D 205 -11.50 15.87 -45.56
C MET D 205 -10.10 16.49 -45.44
N SER D 206 -9.95 17.73 -45.89
CA SER D 206 -8.68 18.44 -45.82
C SER D 206 -8.90 19.96 -46.04
N GLY D 207 -7.87 20.77 -45.73
CA GLY D 207 -7.88 22.21 -45.97
C GLY D 207 -7.58 23.06 -44.74
N ILE D 208 -7.76 24.36 -44.89
CA ILE D 208 -7.56 25.29 -43.77
C ILE D 208 -8.95 25.47 -43.19
N PHE D 209 -9.24 24.61 -42.24
CA PHE D 209 -10.59 24.52 -41.71
C PHE D 209 -10.90 25.15 -40.36
N ARG D 210 -9.92 25.78 -39.70
CA ARG D 210 -10.20 26.54 -38.49
C ARG D 210 -9.59 27.93 -38.76
N ASP D 211 -9.81 28.90 -37.84
CA ASP D 211 -9.39 30.28 -38.03
C ASP D 211 -7.95 30.48 -38.37
N VAL D 212 -7.69 31.60 -39.03
CA VAL D 212 -6.32 32.01 -39.33
C VAL D 212 -6.26 33.44 -38.71
N SER D 213 -5.16 33.75 -38.00
CA SER D 213 -5.00 35.07 -37.40
C SER D 213 -3.58 35.52 -37.37
N LEU D 214 -3.48 36.83 -37.10
CA LEU D 214 -2.20 37.48 -36.89
C LEU D 214 -2.20 38.03 -35.48
N LEU D 215 -1.11 37.82 -34.73
CA LEU D 215 -0.95 38.26 -33.37
C LEU D 215 0.39 38.98 -33.21
N HIS D 216 0.22 40.24 -32.75
CA HIS D 216 1.36 41.12 -32.52
C HIS D 216 1.67 41.22 -31.01
N LYS D 217 2.78 40.54 -30.64
CA LYS D 217 3.23 40.55 -29.27
C LYS D 217 4.49 41.43 -29.13
N PRO D 218 4.76 41.88 -27.89
CA PRO D 218 5.96 42.66 -27.66
C PRO D 218 7.15 41.66 -27.67
N THR D 219 8.35 42.15 -27.88
CA THR D 219 9.55 41.34 -27.88
C THR D 219 9.81 40.84 -26.47
N THR D 220 9.47 41.64 -25.47
CA THR D 220 9.60 41.13 -24.10
C THR D 220 8.16 40.81 -23.77
N GLN D 221 7.88 39.50 -23.63
CA GLN D 221 6.47 39.16 -23.53
C GLN D 221 6.15 38.00 -22.63
N ILE D 222 4.84 37.83 -22.39
CA ILE D 222 4.33 36.69 -21.65
C ILE D 222 4.32 35.56 -22.67
N SER D 223 5.09 34.50 -22.40
CA SER D 223 5.18 33.40 -23.31
C SER D 223 4.36 32.22 -22.82
N ASP D 224 4.00 32.17 -21.57
CA ASP D 224 3.14 31.08 -21.09
C ASP D 224 2.73 31.44 -19.66
N PHE D 225 1.62 30.86 -19.21
CA PHE D 225 1.12 31.03 -17.86
C PHE D 225 0.23 29.85 -17.55
N HIS D 226 0.35 29.38 -16.32
CA HIS D 226 -0.45 28.20 -15.88
C HIS D 226 -1.18 28.56 -14.62
N VAL D 227 -2.45 28.26 -14.56
CA VAL D 227 -3.17 28.63 -13.37
C VAL D 227 -3.59 27.35 -12.65
N ALA D 228 -3.34 27.28 -11.33
CA ALA D 228 -3.77 26.12 -10.55
C ALA D 228 -4.55 26.61 -9.33
N THR D 229 -5.49 25.80 -8.87
CA THR D 229 -6.27 26.16 -7.69
C THR D 229 -6.25 25.02 -6.70
N ARG D 230 -5.72 25.20 -5.47
CA ARG D 230 -5.66 24.15 -4.44
C ARG D 230 -6.60 24.56 -3.30
N PHE D 231 -7.16 23.56 -2.56
CA PHE D 231 -8.15 23.85 -1.52
C PHE D 231 -7.87 23.23 -0.18
N ASN D 232 -8.56 23.81 0.83
CA ASN D 232 -8.48 23.20 2.15
C ASN D 232 -9.54 22.10 2.21
N ASP D 233 -9.58 21.40 3.33
CA ASP D 233 -10.43 20.25 3.51
C ASP D 233 -11.88 20.42 3.20
N ASP D 234 -12.42 21.58 3.51
CA ASP D 234 -13.81 21.76 3.20
C ASP D 234 -14.02 22.76 2.09
N PHE D 235 -12.99 23.09 1.33
CA PHE D 235 -13.20 24.03 0.23
C PHE D 235 -13.57 25.45 0.63
N SER D 236 -13.42 25.80 1.90
CA SER D 236 -13.75 27.16 2.35
C SER D 236 -12.62 28.11 2.06
N ARG D 237 -11.46 27.54 1.75
CA ARG D 237 -10.28 28.36 1.40
C ARG D 237 -9.50 27.73 0.21
N ALA D 238 -8.91 28.62 -0.60
CA ALA D 238 -8.12 28.17 -1.72
C ALA D 238 -6.90 29.05 -1.96
N VAL D 239 -5.97 28.41 -2.62
CA VAL D 239 -4.81 29.15 -3.04
C VAL D 239 -4.82 29.07 -4.57
N LEU D 240 -4.74 30.24 -5.19
CA LEU D 240 -4.59 30.30 -6.61
C LEU D 240 -3.10 30.50 -6.91
N GLU D 241 -2.51 29.60 -7.70
CA GLU D 241 -1.13 29.77 -7.98
C GLU D 241 -0.98 29.93 -9.48
N ALA D 242 -0.25 30.96 -9.90
CA ALA D 242 -0.07 31.16 -11.34
C ALA D 242 1.39 31.29 -11.69
N GLU D 243 1.86 30.38 -12.53
CA GLU D 243 3.23 30.36 -12.99
C GLU D 243 3.24 31.14 -14.28
N VAL D 244 4.15 32.12 -14.36
CA VAL D 244 4.19 32.96 -15.56
C VAL D 244 5.59 32.92 -16.13
N GLN D 245 5.64 32.70 -17.46
CA GLN D 245 6.94 32.65 -18.11
C GLN D 245 7.07 33.79 -19.14
N MET D 246 8.29 34.31 -19.32
CA MET D 246 8.51 35.36 -20.33
C MET D 246 9.59 34.94 -21.30
N CYS D 247 9.62 35.63 -22.42
CA CYS D 247 10.65 35.55 -23.51
C CYS D 247 11.02 37.01 -23.74
N GLY D 248 12.28 37.20 -24.05
CA GLY D 248 12.78 38.52 -24.28
C GLY D 248 13.85 38.86 -23.30
N GLU D 249 14.14 40.14 -23.28
CA GLU D 249 15.21 40.60 -22.43
C GLU D 249 14.82 40.88 -20.99
N LEU D 250 15.49 40.17 -20.07
CA LEU D 250 15.19 40.40 -18.66
C LEU D 250 15.71 41.75 -18.19
N ARG D 251 14.96 42.46 -17.34
CA ARG D 251 15.42 43.75 -16.80
C ARG D 251 14.91 43.79 -15.40
N ASP D 252 15.73 44.37 -14.54
CA ASP D 252 15.34 44.42 -13.15
C ASP D 252 14.05 45.16 -12.86
N TYR D 253 13.67 46.04 -13.76
CA TYR D 253 12.45 46.76 -13.45
C TYR D 253 11.17 46.01 -13.80
N LEU D 254 11.35 44.82 -14.44
CA LEU D 254 10.16 44.06 -14.80
C LEU D 254 9.44 43.40 -13.62
N ARG D 255 8.12 43.32 -13.79
CA ARG D 255 7.29 42.70 -12.76
C ARG D 255 6.15 41.95 -13.43
N VAL D 256 5.57 41.04 -12.62
CA VAL D 256 4.34 40.43 -13.04
C VAL D 256 3.31 40.62 -11.91
N THR D 257 2.09 40.95 -12.28
CA THR D 257 1.04 41.02 -11.27
C THR D 257 -0.05 40.09 -11.76
N VAL D 258 -0.57 39.23 -10.89
CA VAL D 258 -1.70 38.45 -11.36
C VAL D 258 -2.81 38.85 -10.42
N SER D 259 -3.97 39.21 -11.01
CA SER D 259 -5.10 39.68 -10.20
C SER D 259 -6.29 38.83 -10.48
N LEU D 260 -7.08 38.61 -9.41
CA LEU D 260 -8.27 37.78 -9.58
C LEU D 260 -9.52 38.62 -9.38
N TRP D 261 -10.42 38.51 -10.33
CA TRP D 261 -11.64 39.33 -10.28
C TRP D 261 -12.92 38.53 -10.25
N GLN D 262 -13.87 39.03 -9.47
CA GLN D 262 -15.18 38.41 -9.42
C GLN D 262 -16.04 39.49 -10.01
N GLY D 263 -16.40 39.31 -11.29
CA GLY D 263 -17.14 40.39 -11.88
C GLY D 263 -16.23 41.64 -11.77
N GLU D 264 -16.74 42.78 -11.34
CA GLU D 264 -15.86 43.93 -11.31
C GLU D 264 -15.17 44.13 -10.03
N THR D 265 -15.26 43.15 -9.15
CA THR D 265 -14.60 43.30 -7.87
C THR D 265 -13.25 42.57 -7.90
N GLN D 266 -12.17 43.24 -7.56
CA GLN D 266 -10.91 42.55 -7.51
C GLN D 266 -10.83 41.84 -6.16
N VAL D 267 -10.71 40.50 -6.19
CA VAL D 267 -10.69 39.77 -4.91
C VAL D 267 -9.33 39.44 -4.37
N ALA D 268 -8.32 39.35 -5.23
CA ALA D 268 -6.96 39.03 -4.77
C ALA D 268 -5.98 39.44 -5.83
N SER D 269 -4.78 39.70 -5.33
CA SER D 269 -3.75 40.12 -6.29
C SER D 269 -2.38 39.83 -5.71
N GLY D 270 -1.40 39.61 -6.59
CA GLY D 270 -0.03 39.42 -6.17
C GLY D 270 0.90 39.99 -7.26
N THR D 271 2.01 40.61 -6.83
CA THR D 271 2.98 41.16 -7.75
C THR D 271 4.38 40.71 -7.32
N ALA D 272 5.25 40.44 -8.27
CA ALA D 272 6.62 40.06 -7.95
C ALA D 272 7.54 40.29 -9.14
N PRO D 273 8.82 40.39 -8.89
CA PRO D 273 9.77 40.52 -10.00
C PRO D 273 10.04 39.08 -10.52
N PHE D 274 10.70 38.97 -11.67
CA PHE D 274 11.00 37.61 -12.22
C PHE D 274 12.07 36.95 -11.38
N GLY D 275 12.12 35.64 -11.41
CA GLY D 275 13.12 34.97 -10.67
C GLY D 275 12.41 33.96 -9.80
N GLY D 276 12.36 32.72 -10.31
CA GLY D 276 11.65 31.66 -9.58
C GLY D 276 12.50 31.11 -8.43
N GLU D 277 11.93 30.23 -7.61
CA GLU D 277 12.76 29.67 -6.54
C GLU D 277 13.88 28.78 -7.12
N ILE D 278 14.92 28.52 -6.32
CA ILE D 278 15.96 27.60 -6.83
C ILE D 278 15.35 26.21 -7.13
N ILE D 279 15.75 25.67 -8.27
CA ILE D 279 15.23 24.33 -8.50
C ILE D 279 16.28 23.21 -8.52
N ASP D 280 17.53 23.56 -8.85
CA ASP D 280 18.58 22.56 -8.86
C ASP D 280 19.92 23.24 -8.68
N GLU D 281 20.98 22.42 -8.87
CA GLU D 281 22.34 22.92 -8.61
C GLU D 281 22.71 24.11 -9.45
N ARG D 282 21.98 24.36 -10.57
CA ARG D 282 22.35 25.51 -11.42
C ARG D 282 21.52 26.73 -11.12
N GLY D 283 20.66 26.64 -10.11
CA GLY D 283 19.79 27.76 -9.76
C GLY D 283 18.26 27.56 -10.07
N GLY D 284 17.58 28.63 -10.52
CA GLY D 284 16.15 28.62 -10.82
C GLY D 284 15.93 29.27 -12.18
N TYR D 285 14.67 29.52 -12.55
CA TYR D 285 14.34 30.16 -13.83
C TYR D 285 14.27 31.65 -13.60
N ALA D 286 15.20 32.35 -14.19
CA ALA D 286 15.21 33.79 -14.00
C ALA D 286 14.10 34.46 -14.81
N ASP D 287 13.60 33.69 -15.78
CA ASP D 287 12.54 34.06 -16.76
C ASP D 287 11.13 33.60 -16.36
N ARG D 288 10.99 33.22 -15.09
CA ARG D 288 9.67 32.80 -14.58
C ARG D 288 9.44 33.39 -13.22
N VAL D 289 8.16 33.35 -12.85
CA VAL D 289 7.79 33.72 -11.54
C VAL D 289 6.49 33.02 -11.28
N THR D 290 6.23 32.67 -10.01
CA THR D 290 4.97 32.05 -9.56
C THR D 290 4.31 32.98 -8.55
N LEU D 291 3.04 33.37 -8.80
CA LEU D 291 2.37 34.29 -7.90
C LEU D 291 1.43 33.43 -7.13
N ARG D 292 1.23 33.66 -5.84
CA ARG D 292 0.27 32.84 -5.00
C ARG D 292 -0.74 33.75 -4.34
N LEU D 293 -2.01 33.51 -4.61
CA LEU D 293 -3.11 34.35 -4.14
C LEU D 293 -4.04 33.59 -3.21
N ASN D 294 -4.29 34.16 -2.03
CA ASN D 294 -5.16 33.53 -1.07
C ASN D 294 -6.56 33.88 -1.43
N VAL D 295 -7.45 32.91 -1.45
CA VAL D 295 -8.82 33.23 -1.78
C VAL D 295 -9.77 32.62 -0.75
N GLU D 296 -10.50 33.45 -0.03
CA GLU D 296 -11.43 32.96 0.97
C GLU D 296 -12.76 32.60 0.42
N ASN D 297 -13.38 31.50 0.89
CA ASN D 297 -14.71 31.15 0.45
C ASN D 297 -14.94 31.32 -1.05
N PRO D 298 -14.10 30.71 -1.84
CA PRO D 298 -14.34 30.84 -3.27
C PRO D 298 -15.64 30.23 -3.78
N LYS D 299 -16.22 30.85 -4.82
CA LYS D 299 -17.37 30.34 -5.54
C LYS D 299 -16.82 29.24 -6.42
N LEU D 300 -17.31 28.01 -6.22
CA LEU D 300 -16.80 26.84 -6.91
C LEU D 300 -17.45 26.59 -8.25
N TRP D 301 -16.65 26.10 -9.20
CA TRP D 301 -17.17 25.83 -10.51
C TRP D 301 -17.55 24.35 -10.63
N SER D 302 -18.66 24.14 -11.34
CA SER D 302 -19.11 22.81 -11.71
C SER D 302 -20.08 23.03 -12.87
N ALA D 303 -20.42 21.93 -13.51
CA ALA D 303 -21.35 22.02 -14.60
C ALA D 303 -22.69 22.54 -14.10
N GLU D 304 -23.07 22.19 -12.85
CA GLU D 304 -24.32 22.61 -12.25
C GLU D 304 -24.37 24.12 -12.08
N ILE D 305 -23.29 24.74 -11.55
CA ILE D 305 -23.17 26.21 -11.33
C ILE D 305 -21.75 26.58 -11.78
N PRO D 306 -21.63 26.99 -13.03
CA PRO D 306 -20.31 27.28 -13.59
C PRO D 306 -19.75 28.60 -13.13
N ASN D 307 -19.58 28.75 -11.82
CA ASN D 307 -19.02 30.01 -11.28
C ASN D 307 -17.61 30.28 -11.87
N LEU D 308 -17.37 31.51 -12.38
CA LEU D 308 -16.06 31.78 -12.93
C LEU D 308 -15.51 33.08 -12.41
N TYR D 309 -14.19 33.17 -12.31
CA TYR D 309 -13.59 34.39 -11.95
C TYR D 309 -12.74 34.68 -13.18
N ARG D 310 -12.14 35.89 -13.11
CA ARG D 310 -11.25 36.31 -14.17
C ARG D 310 -9.82 36.54 -13.61
N ALA D 311 -8.81 35.87 -14.23
CA ALA D 311 -7.44 36.09 -13.86
C ALA D 311 -6.83 36.92 -15.00
N VAL D 312 -6.22 38.03 -14.58
CA VAL D 312 -5.52 38.93 -15.46
C VAL D 312 -4.01 38.87 -15.09
N VAL D 313 -3.25 38.54 -16.10
CA VAL D 313 -1.78 38.41 -15.96
C VAL D 313 -1.10 39.61 -16.62
N GLU D 314 -0.49 40.51 -15.85
CA GLU D 314 0.12 41.69 -16.42
C GLU D 314 1.64 41.61 -16.33
N LEU D 315 2.28 41.89 -17.46
CA LEU D 315 3.74 41.99 -17.55
C LEU D 315 3.95 43.52 -17.55
N HIS D 316 4.62 44.03 -16.53
CA HIS D 316 4.67 45.49 -16.45
C HIS D 316 5.93 45.92 -15.74
N THR D 317 6.03 47.23 -15.49
CA THR D 317 7.24 47.68 -14.84
C THR D 317 6.90 48.03 -13.39
N ALA D 318 7.93 48.10 -12.58
CA ALA D 318 7.67 48.42 -11.18
C ALA D 318 7.05 49.78 -11.01
N ASP D 319 7.39 50.72 -11.88
CA ASP D 319 6.81 52.01 -11.75
C ASP D 319 5.48 52.19 -12.45
N GLY D 320 4.89 51.08 -12.88
CA GLY D 320 3.56 51.17 -13.42
C GLY D 320 3.28 51.13 -14.90
N THR D 321 4.27 50.91 -15.75
CA THR D 321 3.89 50.89 -17.13
C THR D 321 3.51 49.48 -17.56
N LEU D 322 2.39 49.31 -18.26
CA LEU D 322 2.01 47.95 -18.71
C LEU D 322 2.78 47.61 -19.97
N ILE D 323 3.46 46.45 -20.09
CA ILE D 323 4.14 46.02 -21.28
C ILE D 323 3.07 45.26 -22.05
N GLU D 324 2.36 44.30 -21.40
CA GLU D 324 1.23 43.66 -22.08
C GLU D 324 0.49 42.85 -21.04
N ALA D 325 -0.71 42.36 -21.43
CA ALA D 325 -1.47 41.54 -20.50
C ALA D 325 -2.06 40.32 -21.21
N GLU D 326 -2.20 39.22 -20.45
CA GLU D 326 -2.92 38.03 -20.96
C GLU D 326 -3.97 37.73 -19.89
N ALA D 327 -4.94 36.81 -20.21
CA ALA D 327 -6.00 36.56 -19.23
C ALA D 327 -6.76 35.28 -19.45
N CYS D 328 -7.47 34.76 -18.42
CA CYS D 328 -8.28 33.61 -18.66
C CYS D 328 -9.41 33.60 -17.69
N ASP D 329 -10.49 32.85 -17.99
CA ASP D 329 -11.56 32.64 -17.01
C ASP D 329 -11.04 31.55 -16.10
N VAL D 330 -11.30 31.67 -14.81
CA VAL D 330 -10.84 30.69 -13.88
C VAL D 330 -12.03 30.06 -13.17
N GLY D 331 -12.04 28.70 -13.10
CA GLY D 331 -13.07 27.97 -12.37
C GLY D 331 -12.41 27.31 -11.15
N PHE D 332 -12.80 27.68 -9.92
CA PHE D 332 -12.19 27.03 -8.79
C PHE D 332 -12.87 25.65 -8.62
N ARG D 333 -12.11 24.60 -8.93
CA ARG D 333 -12.62 23.25 -8.71
C ARG D 333 -11.45 22.31 -8.56
N GLU D 334 -11.68 21.25 -7.75
CA GLU D 334 -10.68 20.23 -7.58
C GLU D 334 -11.23 18.91 -8.21
N VAL D 335 -10.37 18.24 -8.97
CA VAL D 335 -10.75 16.94 -9.60
C VAL D 335 -9.75 15.93 -9.00
N ARG D 336 -10.23 14.90 -8.34
CA ARG D 336 -9.34 13.89 -7.77
C ARG D 336 -10.05 12.55 -7.77
N ILE D 337 -9.27 11.49 -7.77
CA ILE D 337 -9.79 10.15 -7.64
C ILE D 337 -9.41 9.63 -6.25
N GLU D 338 -10.35 9.21 -5.44
CA GLU D 338 -9.91 8.79 -4.13
C GLU D 338 -10.80 7.69 -3.68
N ASN D 339 -10.13 6.65 -3.19
CA ASN D 339 -10.93 5.50 -2.79
C ASN D 339 -11.82 4.88 -3.91
N GLY D 340 -11.35 4.99 -5.16
CA GLY D 340 -12.06 4.39 -6.29
C GLY D 340 -13.08 5.30 -6.94
N LEU D 341 -13.25 6.53 -6.47
CA LEU D 341 -14.26 7.46 -6.98
C LEU D 341 -13.67 8.75 -7.52
N LEU D 342 -14.26 9.15 -8.66
CA LEU D 342 -13.92 10.44 -9.31
C LEU D 342 -14.72 11.51 -8.58
N LEU D 343 -13.99 12.41 -7.92
CA LEU D 343 -14.63 13.47 -7.12
C LEU D 343 -14.36 14.85 -7.70
N LEU D 344 -15.39 15.69 -7.67
CA LEU D 344 -15.27 17.06 -8.12
C LEU D 344 -15.67 17.86 -6.91
N ASN D 345 -14.75 18.71 -6.41
CA ASN D 345 -15.07 19.46 -5.20
C ASN D 345 -15.49 18.54 -4.05
N GLY D 346 -14.82 17.36 -4.01
CA GLY D 346 -15.06 16.37 -3.00
C GLY D 346 -16.31 15.53 -3.16
N LYS D 347 -17.11 15.73 -4.20
CA LYS D 347 -18.36 14.95 -4.35
C LYS D 347 -18.24 14.03 -5.57
N PRO D 348 -18.81 12.81 -5.53
CA PRO D 348 -18.64 11.85 -6.66
C PRO D 348 -19.49 12.19 -7.85
N LEU D 349 -18.84 12.33 -9.01
CA LEU D 349 -19.66 12.73 -10.16
C LEU D 349 -20.50 11.58 -10.72
N LEU D 350 -21.56 11.93 -11.44
CA LEU D 350 -22.36 10.94 -12.23
C LEU D 350 -22.34 11.61 -13.62
N ILE D 351 -21.50 11.09 -14.52
CA ILE D 351 -21.28 11.68 -15.84
C ILE D 351 -22.45 11.35 -16.79
N ARG D 352 -23.22 12.39 -17.16
CA ARG D 352 -24.29 12.27 -18.16
C ARG D 352 -23.62 12.79 -19.42
N GLY D 353 -22.76 11.98 -20.06
CA GLY D 353 -21.99 12.56 -21.15
C GLY D 353 -22.38 12.12 -22.56
N VAL D 354 -21.77 12.83 -23.51
CA VAL D 354 -21.96 12.46 -24.91
C VAL D 354 -20.65 12.70 -25.62
N ASN D 355 -20.38 11.85 -26.62
CA ASN D 355 -19.19 12.06 -27.43
C ASN D 355 -19.66 13.03 -28.55
N ARG D 356 -18.88 14.06 -28.92
CA ARG D 356 -19.35 14.95 -29.95
C ARG D 356 -18.22 15.21 -30.93
N HIS D 357 -18.48 14.90 -32.21
CA HIS D 357 -17.56 15.23 -33.31
C HIS D 357 -17.88 16.67 -33.77
N GLU D 358 -16.91 17.36 -34.42
CA GLU D 358 -17.13 18.71 -34.98
C GLU D 358 -17.60 18.50 -36.44
N HIS D 359 -18.90 18.58 -36.61
CA HIS D 359 -19.47 18.26 -37.90
C HIS D 359 -20.66 19.13 -38.20
N HIS D 360 -20.69 19.59 -39.44
CA HIS D 360 -21.77 20.45 -39.94
C HIS D 360 -22.13 19.92 -41.32
N PRO D 361 -23.42 19.71 -41.60
CA PRO D 361 -23.87 19.10 -42.88
C PRO D 361 -23.51 19.87 -44.17
N LEU D 362 -23.31 21.18 -44.01
CA LEU D 362 -22.92 22.02 -45.16
C LEU D 362 -21.48 22.42 -45.08
N HIS D 363 -20.96 22.73 -43.89
CA HIS D 363 -19.59 23.18 -43.75
C HIS D 363 -18.56 22.12 -43.45
N GLY D 364 -18.97 20.89 -43.28
CA GLY D 364 -17.97 19.89 -43.10
C GLY D 364 -17.42 19.90 -41.66
N GLN D 365 -16.11 20.09 -41.52
CA GLN D 365 -15.54 20.06 -40.17
C GLN D 365 -15.21 21.43 -39.62
N VAL D 366 -15.78 22.45 -40.27
CA VAL D 366 -15.58 23.90 -39.89
C VAL D 366 -16.60 24.18 -38.85
N MET D 367 -16.18 24.64 -37.68
CA MET D 367 -17.12 24.90 -36.58
C MET D 367 -17.32 26.40 -36.49
N ASP D 368 -18.50 26.80 -36.04
CA ASP D 368 -18.87 28.17 -35.86
C ASP D 368 -19.56 28.31 -34.52
N GLU D 369 -19.50 29.57 -34.00
CA GLU D 369 -20.09 29.79 -32.72
C GLU D 369 -21.56 29.44 -32.64
N GLN D 370 -22.30 29.80 -33.67
CA GLN D 370 -23.69 29.51 -33.54
C GLN D 370 -23.98 28.04 -33.37
N THR D 371 -23.28 27.28 -34.16
CA THR D 371 -23.52 25.84 -34.08
C THR D 371 -23.13 25.26 -32.68
N MET D 372 -21.97 25.72 -32.18
CA MET D 372 -21.46 25.22 -30.91
C MET D 372 -22.46 25.51 -29.84
N VAL D 373 -22.93 26.77 -29.92
CA VAL D 373 -23.92 27.26 -28.97
C VAL D 373 -25.19 26.40 -29.04
N GLN D 374 -25.65 26.21 -30.26
CA GLN D 374 -26.86 25.39 -30.38
C GLN D 374 -26.67 23.99 -29.77
N ASP D 375 -25.50 23.39 -30.02
CA ASP D 375 -25.25 22.08 -29.52
C ASP D 375 -25.21 22.10 -28.02
N ILE D 376 -24.52 23.07 -27.41
CA ILE D 376 -24.48 23.09 -25.94
C ILE D 376 -25.86 23.25 -25.32
N LEU D 377 -26.66 24.16 -25.89
CA LEU D 377 -27.99 24.38 -25.33
C LEU D 377 -28.83 23.10 -25.45
N LEU D 378 -28.71 22.44 -26.59
CA LEU D 378 -29.46 21.22 -26.71
C LEU D 378 -28.97 20.13 -25.75
N MET D 379 -27.64 20.06 -25.52
CA MET D 379 -27.16 19.03 -24.61
C MET D 379 -27.69 19.28 -23.20
N LYS D 380 -27.56 20.54 -22.75
CA LYS D 380 -28.00 20.89 -21.42
C LYS D 380 -29.51 20.70 -21.27
N GLN D 381 -30.21 21.11 -22.34
CA GLN D 381 -31.63 20.94 -22.35
C GLN D 381 -31.99 19.49 -22.26
N ASN D 382 -31.10 18.64 -22.67
CA ASN D 382 -31.41 17.21 -22.59
C ASN D 382 -30.70 16.39 -21.46
N ASN D 383 -30.36 17.15 -20.41
CA ASN D 383 -29.78 16.63 -19.20
C ASN D 383 -28.37 16.04 -19.31
N PHE D 384 -27.62 16.50 -20.33
CA PHE D 384 -26.22 16.10 -20.43
C PHE D 384 -25.42 17.12 -19.58
N ASN D 385 -24.35 16.66 -18.94
CA ASN D 385 -23.51 17.57 -18.18
C ASN D 385 -22.04 17.39 -18.63
N ALA D 386 -21.76 16.60 -19.65
CA ALA D 386 -20.36 16.41 -19.99
C ALA D 386 -20.27 15.98 -21.43
N VAL D 387 -19.08 16.25 -21.97
CA VAL D 387 -18.80 15.93 -23.36
C VAL D 387 -17.36 15.47 -23.54
N ARG D 388 -17.21 14.48 -24.41
CA ARG D 388 -15.92 13.98 -24.74
C ARG D 388 -15.62 14.46 -26.18
N CYS D 389 -14.40 15.03 -26.31
CA CYS D 389 -13.88 15.59 -27.53
C CYS D 389 -13.42 14.40 -28.42
N SER D 390 -14.37 13.60 -28.92
CA SER D 390 -13.99 12.48 -29.81
C SER D 390 -13.59 13.08 -31.17
N HIS D 391 -12.35 12.90 -31.61
CA HIS D 391 -11.23 12.23 -30.89
C HIS D 391 -10.02 13.15 -31.18
N TYR D 392 -10.13 14.45 -30.77
CA TYR D 392 -9.04 15.34 -31.05
C TYR D 392 -9.40 16.59 -30.31
N PRO D 393 -8.41 17.44 -30.15
CA PRO D 393 -8.64 18.75 -29.54
C PRO D 393 -9.61 19.54 -30.43
N ASN D 394 -10.57 20.26 -29.83
CA ASN D 394 -11.57 21.00 -30.53
C ASN D 394 -11.17 22.45 -30.81
N HIS D 395 -12.01 23.08 -31.64
CA HIS D 395 -11.83 24.47 -31.94
C HIS D 395 -11.78 25.14 -30.60
N PRO D 396 -10.90 26.12 -30.50
CA PRO D 396 -10.68 26.78 -29.21
C PRO D 396 -11.91 27.36 -28.52
N LEU D 397 -12.84 27.85 -29.34
CA LEU D 397 -14.02 28.44 -28.72
C LEU D 397 -14.86 27.42 -27.93
N TRP D 398 -14.75 26.13 -28.28
CA TRP D 398 -15.60 25.17 -27.55
C TRP D 398 -15.37 25.14 -26.04
N TYR D 399 -14.08 25.24 -25.67
CA TYR D 399 -13.69 25.23 -24.25
C TYR D 399 -14.25 26.41 -23.50
N THR D 400 -14.17 27.56 -24.19
CA THR D 400 -14.70 28.78 -23.58
C THR D 400 -16.18 28.62 -23.25
N LEU D 401 -16.92 28.08 -24.23
CA LEU D 401 -18.35 27.86 -24.06
C LEU D 401 -18.62 26.85 -22.94
N CYS D 402 -17.83 25.76 -22.91
CA CYS D 402 -18.03 24.73 -21.88
C CYS D 402 -17.69 25.32 -20.52
N ASP D 403 -16.63 26.15 -20.47
CA ASP D 403 -16.33 26.82 -19.19
C ASP D 403 -17.47 27.67 -18.67
N ARG D 404 -18.10 28.41 -19.59
CA ARG D 404 -19.14 29.40 -19.23
C ARG D 404 -20.55 28.84 -19.07
N TYR D 405 -20.90 27.89 -19.95
CA TYR D 405 -22.22 27.30 -19.86
C TYR D 405 -22.24 26.18 -18.83
N GLY D 406 -21.06 25.59 -18.63
CA GLY D 406 -21.01 24.54 -17.66
C GLY D 406 -21.17 23.11 -18.24
N LEU D 407 -20.08 22.48 -18.70
CA LEU D 407 -20.14 21.08 -19.08
C LEU D 407 -18.75 20.54 -18.70
N TYR D 408 -18.67 19.30 -18.16
CA TYR D 408 -17.37 18.69 -17.89
C TYR D 408 -16.80 18.23 -19.20
N VAL D 409 -15.54 18.53 -19.46
CA VAL D 409 -14.93 18.08 -20.72
C VAL D 409 -13.78 17.08 -20.60
N VAL D 410 -13.76 16.08 -21.54
CA VAL D 410 -12.63 15.14 -21.66
C VAL D 410 -11.91 15.65 -22.93
N ASP D 411 -10.70 16.23 -22.76
CA ASP D 411 -9.89 16.78 -23.85
C ASP D 411 -9.01 15.64 -24.31
N GLU D 412 -9.06 15.34 -25.59
CA GLU D 412 -8.40 14.16 -26.16
C GLU D 412 -7.42 14.46 -27.28
N ALA D 413 -6.24 13.85 -27.11
CA ALA D 413 -5.20 14.10 -28.10
C ALA D 413 -5.61 13.53 -29.46
N ASN D 414 -5.11 14.21 -30.52
CA ASN D 414 -5.41 13.78 -31.91
C ASN D 414 -4.54 12.62 -32.36
N ILE D 415 -4.78 11.44 -31.76
CA ILE D 415 -3.99 10.23 -32.09
C ILE D 415 -4.98 9.04 -32.20
N GLU D 416 -5.19 8.53 -33.42
CA GLU D 416 -6.02 7.34 -33.55
C GLU D 416 -5.40 6.51 -34.62
N THR D 417 -5.03 5.25 -34.31
CA THR D 417 -4.33 4.41 -35.29
C THR D 417 -5.10 3.13 -35.48
N HIS D 418 -6.41 3.25 -35.51
CA HIS D 418 -7.27 2.07 -35.53
C HIS D 418 -6.96 1.06 -36.61
N GLY D 419 -6.68 1.55 -37.80
CA GLY D 419 -6.43 0.70 -38.95
C GLY D 419 -5.18 -0.13 -38.92
N MET D 420 -4.31 0.06 -37.94
CA MET D 420 -3.10 -0.76 -37.91
C MET D 420 -3.40 -2.15 -37.51
N VAL D 421 -2.48 -3.05 -37.80
CA VAL D 421 -2.62 -4.43 -37.35
C VAL D 421 -1.29 -4.85 -36.73
N PRO D 422 -1.21 -5.18 -35.43
CA PRO D 422 -2.32 -5.10 -34.49
C PRO D 422 -2.47 -3.58 -34.27
N MET D 423 -3.49 -3.15 -33.52
CA MET D 423 -3.80 -1.73 -33.35
C MET D 423 -2.65 -0.94 -32.73
N ASN D 424 -1.76 -1.54 -31.90
CA ASN D 424 -0.65 -0.71 -31.30
C ASN D 424 0.66 -0.72 -32.09
N ARG D 425 0.59 -1.14 -33.38
CA ARG D 425 1.82 -1.26 -34.14
C ARG D 425 2.69 0.01 -34.09
N LEU D 426 2.05 1.18 -34.26
CA LEU D 426 2.75 2.43 -34.19
C LEU D 426 2.95 2.92 -32.74
N THR D 427 1.91 2.77 -31.93
CA THR D 427 2.01 3.27 -30.56
C THR D 427 2.97 2.53 -29.66
N ASP D 428 3.38 1.32 -30.06
CA ASP D 428 4.38 0.59 -29.29
C ASP D 428 5.76 0.82 -29.88
N ASP D 429 5.86 1.59 -30.97
CA ASP D 429 7.16 1.79 -31.63
C ASP D 429 7.82 3.14 -31.23
N PRO D 430 9.01 3.08 -30.66
CA PRO D 430 9.69 4.29 -30.19
C PRO D 430 9.91 5.28 -31.29
N ARG D 431 10.00 4.80 -32.51
CA ARG D 431 10.17 5.79 -33.55
C ARG D 431 8.98 6.69 -33.75
N TRP D 432 7.81 6.33 -33.23
CA TRP D 432 6.64 7.18 -33.40
C TRP D 432 6.36 8.00 -32.12
N LEU D 433 7.25 7.81 -31.13
CA LEU D 433 7.08 8.50 -29.87
C LEU D 433 7.11 9.98 -30.07
N PRO D 434 8.04 10.45 -30.90
CA PRO D 434 8.12 11.92 -31.08
C PRO D 434 6.84 12.59 -31.60
N ALA D 435 6.33 11.98 -32.67
CA ALA D 435 5.12 12.49 -33.28
C ALA D 435 3.95 12.37 -32.33
N MET D 436 3.84 11.22 -31.61
CA MET D 436 2.71 11.14 -30.68
C MET D 436 2.85 12.16 -29.55
N SER D 437 4.09 12.31 -29.06
CA SER D 437 4.31 13.24 -27.93
C SER D 437 3.78 14.65 -28.21
N GLU D 438 3.98 15.10 -29.44
CA GLU D 438 3.51 16.45 -29.70
C GLU D 438 2.02 16.60 -29.70
N ARG D 439 1.36 15.50 -30.07
CA ARG D 439 -0.11 15.54 -30.11
C ARG D 439 -0.67 15.64 -28.69
N VAL D 440 0.08 15.03 -27.72
CA VAL D 440 -0.33 15.09 -26.35
C VAL D 440 0.18 16.40 -25.73
N THR D 441 1.45 16.65 -25.75
CA THR D 441 1.96 17.81 -25.04
C THR D 441 1.43 19.14 -25.49
N ARG D 442 1.33 19.31 -26.80
CA ARG D 442 0.81 20.57 -27.33
C ARG D 442 -0.64 20.82 -26.96
N MET D 443 -1.43 19.73 -26.78
CA MET D 443 -2.82 19.86 -26.35
C MET D 443 -2.85 20.37 -24.88
N VAL D 444 -1.99 19.77 -24.04
CA VAL D 444 -2.01 20.18 -22.65
C VAL D 444 -1.53 21.61 -22.52
N GLN D 445 -0.50 21.94 -23.29
CA GLN D 445 0.00 23.32 -23.22
C GLN D 445 -1.05 24.36 -23.62
N ARG D 446 -1.93 23.96 -24.53
CA ARG D 446 -2.94 24.90 -24.98
C ARG D 446 -4.15 24.99 -24.05
N ASP D 447 -4.63 23.84 -23.57
CA ASP D 447 -5.90 23.79 -22.82
C ASP D 447 -5.88 23.69 -21.30
N ARG D 448 -4.69 23.62 -20.71
CA ARG D 448 -4.58 23.36 -19.29
C ARG D 448 -5.24 24.38 -18.33
N ASN D 449 -5.55 25.58 -18.82
CA ASN D 449 -6.15 26.58 -17.95
C ASN D 449 -7.66 26.60 -17.99
N HIS D 450 -8.29 25.76 -18.87
CA HIS D 450 -9.73 25.70 -18.93
C HIS D 450 -10.35 24.92 -17.78
N PRO D 451 -11.20 25.51 -16.98
CA PRO D 451 -11.77 24.71 -15.87
C PRO D 451 -12.67 23.59 -16.37
N SER D 452 -13.30 23.76 -17.53
CA SER D 452 -14.21 22.73 -17.99
C SER D 452 -13.47 21.41 -18.25
N VAL D 453 -12.18 21.50 -18.62
CA VAL D 453 -11.48 20.25 -18.87
C VAL D 453 -11.23 19.58 -17.52
N ILE D 454 -11.74 18.38 -17.27
CA ILE D 454 -11.49 17.76 -15.99
C ILE D 454 -10.68 16.48 -16.16
N ILE D 455 -10.57 16.01 -17.39
CA ILE D 455 -9.85 14.77 -17.66
C ILE D 455 -9.09 14.86 -18.99
N TRP D 456 -7.87 14.37 -19.06
CA TRP D 456 -7.13 14.33 -20.30
C TRP D 456 -7.26 12.90 -20.84
N SER D 457 -7.27 12.76 -22.18
CA SER D 457 -7.31 11.45 -22.81
C SER D 457 -6.17 11.41 -23.80
N LEU D 458 -5.51 10.25 -23.84
CA LEU D 458 -4.36 10.06 -24.73
C LEU D 458 -4.69 9.76 -26.21
N GLY D 459 -5.98 9.78 -26.58
CA GLY D 459 -6.26 9.48 -27.94
C GLY D 459 -7.38 8.42 -27.97
N ASN D 460 -7.49 7.74 -29.11
CA ASN D 460 -8.55 6.75 -29.22
C ASN D 460 -8.12 5.57 -30.11
N GLU D 461 -8.57 4.34 -29.79
CA GLU D 461 -8.37 3.18 -30.67
C GLU D 461 -7.00 3.14 -31.37
N SER D 462 -5.98 3.12 -30.51
CA SER D 462 -4.56 3.01 -30.94
C SER D 462 -3.86 1.86 -30.17
N GLY D 463 -4.66 0.84 -29.72
CA GLY D 463 -4.13 -0.26 -28.96
C GLY D 463 -3.53 0.30 -27.67
N HIS D 464 -2.64 -0.45 -27.07
CA HIS D 464 -1.94 0.05 -25.87
C HIS D 464 -0.44 -0.22 -26.17
N GLY D 465 0.36 0.86 -26.32
CA GLY D 465 1.78 0.82 -26.64
C GLY D 465 2.59 1.53 -25.56
N ALA D 466 3.88 1.21 -25.50
CA ALA D 466 4.74 1.85 -24.49
C ALA D 466 4.71 3.39 -24.61
N ASN D 467 4.47 3.91 -25.84
CA ASN D 467 4.38 5.35 -26.02
C ASN D 467 3.24 5.89 -25.17
N HIS D 468 2.20 5.10 -24.96
CA HIS D 468 1.08 5.55 -24.13
C HIS D 468 1.52 5.67 -22.68
N ASP D 469 2.31 4.69 -22.22
CA ASP D 469 2.76 4.73 -20.83
C ASP D 469 3.63 5.96 -20.60
N ALA D 470 4.53 6.20 -21.58
CA ALA D 470 5.35 7.37 -21.38
C ALA D 470 4.57 8.67 -21.33
N LEU D 471 3.61 8.84 -22.24
CA LEU D 471 2.83 10.10 -22.28
C LEU D 471 1.87 10.26 -21.12
N TYR D 472 1.33 9.10 -20.69
CA TYR D 472 0.51 9.11 -19.47
C TYR D 472 1.35 9.73 -18.32
N ARG D 473 2.59 9.20 -18.15
CA ARG D 473 3.44 9.69 -17.08
C ARG D 473 3.80 11.16 -17.19
N TRP D 474 4.05 11.56 -18.45
CA TRP D 474 4.40 12.96 -18.74
C TRP D 474 3.24 13.88 -18.23
N ILE D 475 2.00 13.55 -18.57
CA ILE D 475 0.91 14.38 -18.11
C ILE D 475 0.82 14.35 -16.60
N LYS D 476 0.93 13.17 -16.03
CA LYS D 476 0.79 13.09 -14.58
C LYS D 476 1.83 13.94 -13.92
N SER D 477 3.00 14.08 -14.55
CA SER D 477 4.04 14.92 -13.90
C SER D 477 3.74 16.36 -14.08
N VAL D 478 3.38 16.70 -15.28
CA VAL D 478 3.15 18.07 -15.63
C VAL D 478 1.87 18.70 -15.08
N ASP D 479 0.80 17.93 -14.99
CA ASP D 479 -0.44 18.48 -14.53
C ASP D 479 -1.15 17.51 -13.65
N PRO D 480 -0.75 17.48 -12.43
CA PRO D 480 -1.35 16.55 -11.50
C PRO D 480 -2.81 16.90 -11.15
N SER D 481 -3.32 17.99 -11.70
CA SER D 481 -4.67 18.39 -11.34
C SER D 481 -5.83 17.60 -11.96
N ARG D 482 -5.54 16.85 -13.07
CA ARG D 482 -6.60 16.13 -13.74
C ARG D 482 -6.24 14.68 -13.98
N PRO D 483 -7.14 13.76 -13.77
CA PRO D 483 -6.86 12.36 -14.09
C PRO D 483 -6.60 12.19 -15.61
N VAL D 484 -5.91 11.09 -15.94
CA VAL D 484 -5.65 10.80 -17.34
C VAL D 484 -6.39 9.48 -17.66
N GLN D 485 -7.13 9.44 -18.78
CA GLN D 485 -7.77 8.17 -19.17
C GLN D 485 -7.35 7.77 -20.61
N TYR D 486 -7.54 6.49 -20.95
CA TYR D 486 -7.24 6.03 -22.29
C TYR D 486 -7.84 4.60 -22.33
N GLU D 487 -8.64 4.35 -23.36
CA GLU D 487 -9.36 3.09 -23.49
C GLU D 487 -8.64 1.95 -24.22
N GLY D 488 -7.62 2.27 -25.04
CA GLY D 488 -6.95 1.25 -25.88
C GLY D 488 -6.34 0.10 -25.14
N GLY D 489 -6.27 -1.03 -25.84
CA GLY D 489 -5.63 -2.14 -25.18
C GLY D 489 -6.45 -2.75 -24.01
N GLY D 490 -7.78 -2.55 -23.92
CA GLY D 490 -8.48 -3.26 -22.85
C GLY D 490 -9.17 -2.40 -21.82
N ALA D 491 -9.01 -1.06 -21.94
CA ALA D 491 -9.71 -0.08 -21.13
C ALA D 491 -9.34 -0.02 -19.66
N ASP D 492 -8.39 -0.88 -19.25
CA ASP D 492 -7.98 -0.89 -17.86
C ASP D 492 -6.49 -1.08 -17.74
N THR D 493 -5.76 -0.59 -18.72
CA THR D 493 -4.28 -0.77 -18.77
C THR D 493 -3.60 0.18 -17.78
N THR D 494 -2.28 0.11 -17.70
CA THR D 494 -1.53 0.98 -16.85
C THR D 494 -1.50 2.41 -17.38
N ALA D 495 -2.11 2.70 -18.53
CA ALA D 495 -2.09 4.06 -19.00
C ALA D 495 -3.45 4.73 -18.74
N THR D 496 -4.23 4.26 -17.77
CA THR D 496 -5.48 4.96 -17.54
C THR D 496 -5.81 4.98 -16.06
N ASP D 497 -6.26 6.13 -15.54
CA ASP D 497 -6.65 6.21 -14.12
C ASP D 497 -8.14 5.83 -13.90
N ILE D 498 -8.88 5.68 -15.03
CA ILE D 498 -10.33 5.35 -15.01
C ILE D 498 -10.58 4.13 -15.95
N ILE D 499 -11.37 3.13 -15.48
CA ILE D 499 -11.62 2.04 -16.41
C ILE D 499 -12.60 2.68 -17.37
N CYS D 500 -12.22 2.72 -18.65
CA CYS D 500 -13.07 3.46 -19.57
C CYS D 500 -13.44 2.78 -20.86
N PRO D 501 -14.15 1.67 -20.71
CA PRO D 501 -14.49 0.87 -21.88
C PRO D 501 -15.43 1.53 -22.85
N MET D 502 -15.44 0.96 -24.06
CA MET D 502 -16.42 1.39 -25.09
C MET D 502 -17.36 0.22 -25.38
N TYR D 503 -18.66 0.48 -25.21
CA TYR D 503 -19.71 -0.52 -25.47
C TYR D 503 -19.69 -1.76 -24.57
N ALA D 504 -19.08 -1.67 -23.39
CA ALA D 504 -19.20 -2.79 -22.47
C ALA D 504 -20.69 -2.75 -22.02
N ARG D 505 -21.33 -3.94 -21.91
CA ARG D 505 -22.71 -4.13 -21.53
C ARG D 505 -22.87 -4.15 -20.04
N VAL D 506 -24.11 -3.95 -19.64
CA VAL D 506 -24.37 -3.81 -18.22
C VAL D 506 -24.19 -5.07 -17.44
N ASP D 507 -24.87 -6.13 -17.90
CA ASP D 507 -24.84 -7.43 -17.24
C ASP D 507 -24.14 -8.51 -18.05
N GLU D 508 -24.01 -8.29 -19.37
CA GLU D 508 -23.46 -9.31 -20.22
C GLU D 508 -22.00 -9.17 -20.48
N ASP D 509 -21.26 -10.25 -20.20
CA ASP D 509 -19.81 -10.27 -20.47
C ASP D 509 -19.58 -10.58 -21.95
N GLN D 510 -18.53 -10.06 -22.56
CA GLN D 510 -18.11 -10.35 -23.96
C GLN D 510 -16.60 -10.61 -23.84
N PRO D 511 -16.28 -11.82 -23.54
CA PRO D 511 -14.91 -12.15 -23.21
C PRO D 511 -13.99 -12.34 -24.34
N PHE D 512 -13.83 -11.29 -25.12
CA PHE D 512 -12.89 -11.39 -26.21
C PHE D 512 -11.48 -11.63 -25.66
N PRO D 513 -10.70 -12.37 -26.41
CA PRO D 513 -9.33 -12.61 -26.05
C PRO D 513 -8.54 -11.27 -26.04
N ALA D 514 -7.72 -11.19 -25.03
CA ALA D 514 -6.82 -10.09 -24.82
C ALA D 514 -7.53 -8.86 -24.37
N VAL D 515 -8.65 -8.54 -25.01
CA VAL D 515 -9.28 -7.30 -24.65
C VAL D 515 -10.74 -7.52 -24.39
N PRO D 516 -11.06 -8.30 -23.39
CA PRO D 516 -12.48 -8.57 -23.12
C PRO D 516 -13.22 -7.33 -22.70
N LYS D 517 -14.51 -7.33 -23.05
CA LYS D 517 -15.37 -6.25 -22.59
C LYS D 517 -16.30 -6.90 -21.54
N TRP D 518 -15.90 -6.84 -20.26
CA TRP D 518 -16.72 -7.43 -19.16
C TRP D 518 -18.00 -6.64 -18.91
N SER D 519 -19.00 -7.23 -18.31
CA SER D 519 -20.17 -6.52 -17.83
C SER D 519 -19.54 -5.41 -16.93
N ILE D 520 -20.06 -4.17 -16.97
CA ILE D 520 -19.44 -3.10 -16.15
C ILE D 520 -19.52 -3.34 -14.65
N LYS D 521 -20.59 -3.99 -14.23
CA LYS D 521 -20.75 -4.28 -12.82
C LYS D 521 -19.69 -5.23 -12.38
N LYS D 522 -19.43 -6.25 -13.24
CA LYS D 522 -18.41 -7.24 -12.90
C LYS D 522 -16.98 -6.65 -12.97
N TRP D 523 -16.76 -5.77 -13.95
CA TRP D 523 -15.44 -5.20 -14.23
C TRP D 523 -14.93 -4.55 -13.00
N LEU D 524 -15.82 -3.81 -12.35
CA LEU D 524 -15.38 -3.08 -11.14
C LEU D 524 -14.71 -3.90 -10.06
N SER D 525 -15.28 -5.10 -9.86
CA SER D 525 -14.81 -5.94 -8.79
C SER D 525 -13.81 -7.01 -9.20
N LEU D 526 -13.19 -6.90 -10.41
CA LEU D 526 -12.17 -7.94 -10.70
C LEU D 526 -11.07 -7.90 -9.60
N PRO D 527 -10.43 -9.06 -9.37
CA PRO D 527 -9.38 -9.16 -8.35
C PRO D 527 -8.44 -8.02 -8.49
N GLY D 528 -8.28 -7.37 -7.39
CA GLY D 528 -7.38 -6.24 -7.22
C GLY D 528 -7.80 -4.92 -7.86
N GLU D 529 -8.93 -4.89 -8.59
CA GLU D 529 -9.28 -3.63 -9.27
C GLU D 529 -9.90 -2.62 -8.30
N THR D 530 -9.59 -1.33 -8.41
CA THR D 530 -10.21 -0.35 -7.49
C THR D 530 -10.64 0.95 -8.15
N ARG D 531 -10.33 1.07 -9.46
CA ARG D 531 -10.62 2.32 -10.15
C ARG D 531 -12.10 2.56 -10.48
N PRO D 532 -12.44 3.83 -10.73
CA PRO D 532 -13.83 4.10 -11.10
C PRO D 532 -14.01 3.68 -12.52
N LEU D 533 -15.29 3.49 -12.89
CA LEU D 533 -15.53 3.11 -14.31
C LEU D 533 -16.49 4.13 -14.93
N ILE D 534 -16.03 4.74 -16.03
CA ILE D 534 -16.85 5.68 -16.77
C ILE D 534 -16.71 5.29 -18.27
N LEU D 535 -17.76 4.81 -18.95
CA LEU D 535 -17.62 4.43 -20.37
C LEU D 535 -17.25 5.57 -21.28
N CYS D 536 -16.16 5.39 -22.05
CA CYS D 536 -15.77 6.45 -22.94
C CYS D 536 -16.82 6.53 -24.06
N GLN D 537 -17.43 5.36 -24.40
CA GLN D 537 -18.45 5.37 -25.41
C GLN D 537 -19.46 4.30 -25.02
N TYR D 538 -20.77 4.58 -25.07
CA TYR D 538 -21.72 3.48 -24.75
C TYR D 538 -23.01 3.86 -25.44
N ALA D 539 -23.87 2.84 -25.64
CA ALA D 539 -25.13 3.03 -26.40
C ALA D 539 -25.09 3.76 -27.76
C ALA D 539 -24.52 3.31 -27.82
N HIS D 540 -24.79 3.00 -28.80
N HIS D 540 -25.23 3.12 -28.89
CA HIS D 540 -24.64 3.36 -30.21
C HIS D 540 -25.92 3.81 -30.94
N ALA D 541 -26.11 5.15 -31.03
CA ALA D 541 -27.35 5.75 -31.47
C ALA D 541 -27.54 5.78 -32.98
N MET D 542 -27.17 4.65 -33.59
CA MET D 542 -27.22 4.52 -35.04
C MET D 542 -28.64 4.09 -35.49
N GLY D 543 -29.31 4.97 -36.22
CA GLY D 543 -30.68 4.65 -36.68
C GLY D 543 -31.67 4.48 -35.51
N ASN D 544 -32.59 3.49 -35.63
CA ASN D 544 -33.59 3.34 -34.58
C ASN D 544 -32.89 2.54 -33.45
N SER D 545 -32.38 3.25 -32.43
CA SER D 545 -31.52 2.63 -31.41
C SER D 545 -31.72 3.17 -30.01
N LEU D 546 -30.79 2.91 -29.11
CA LEU D 546 -30.92 3.29 -27.71
C LEU D 546 -31.76 2.29 -26.91
N GLY D 547 -32.01 1.13 -27.51
CA GLY D 547 -32.71 0.10 -26.77
C GLY D 547 -31.79 -0.41 -25.64
N GLY D 548 -32.37 -0.46 -24.45
CA GLY D 548 -31.54 -0.93 -23.33
C GLY D 548 -30.90 0.28 -22.57
N PHE D 549 -31.15 1.51 -23.03
CA PHE D 549 -30.51 2.65 -22.38
C PHE D 549 -30.76 2.71 -20.88
N ALA D 550 -31.96 2.44 -20.46
CA ALA D 550 -32.31 2.52 -19.04
C ALA D 550 -31.55 1.57 -18.15
N LYS D 551 -31.15 0.46 -18.74
CA LYS D 551 -30.37 -0.51 -18.00
C LYS D 551 -29.05 0.06 -17.48
N TYR D 552 -28.42 0.91 -18.28
CA TYR D 552 -27.16 1.55 -17.89
C TYR D 552 -27.42 2.47 -16.71
N TRP D 553 -28.49 3.30 -16.84
CA TRP D 553 -28.80 4.32 -15.81
C TRP D 553 -29.11 3.68 -14.50
N GLN D 554 -29.84 2.58 -14.56
CA GLN D 554 -30.17 1.91 -13.31
C GLN D 554 -28.85 1.41 -12.62
N ALA D 555 -27.92 0.93 -13.42
CA ALA D 555 -26.64 0.43 -12.89
C ALA D 555 -25.78 1.58 -12.39
N PHE D 556 -25.78 2.67 -13.16
CA PHE D 556 -25.00 3.82 -12.75
C PHE D 556 -25.46 4.33 -11.41
N ARG D 557 -26.78 4.36 -11.21
CA ARG D 557 -27.31 4.86 -9.93
C ARG D 557 -27.08 3.94 -8.74
N GLN D 558 -27.18 2.64 -8.99
CA GLN D 558 -26.94 1.69 -7.90
C GLN D 558 -25.49 1.52 -7.45
N TYR D 559 -24.50 1.60 -8.35
CA TYR D 559 -23.11 1.34 -8.03
C TYR D 559 -22.35 2.62 -7.96
N PRO D 560 -21.83 2.91 -6.76
CA PRO D 560 -21.10 4.15 -6.57
C PRO D 560 -19.98 4.30 -7.60
N ARG D 561 -19.21 3.24 -7.82
CA ARG D 561 -18.07 3.30 -8.75
C ARG D 561 -18.40 3.28 -10.24
N LEU D 562 -19.67 3.02 -10.56
CA LEU D 562 -20.11 3.16 -11.95
C LEU D 562 -20.52 4.64 -12.01
N GLN D 563 -19.68 5.51 -12.57
CA GLN D 563 -19.89 6.91 -12.58
C GLN D 563 -20.37 7.48 -13.91
N GLY D 564 -20.96 6.60 -14.69
CA GLY D 564 -21.60 7.09 -15.92
C GLY D 564 -20.85 6.81 -17.22
N GLY D 565 -21.03 7.67 -18.19
CA GLY D 565 -20.37 7.41 -19.48
C GLY D 565 -20.76 8.47 -20.51
N PHE D 566 -20.20 8.29 -21.68
CA PHE D 566 -20.49 9.24 -22.77
C PHE D 566 -21.13 8.48 -23.91
N VAL D 567 -22.34 8.87 -24.24
CA VAL D 567 -23.06 8.17 -25.32
C VAL D 567 -22.36 8.40 -26.67
N TRP D 568 -22.46 7.40 -27.51
CA TRP D 568 -21.96 7.45 -28.86
C TRP D 568 -23.15 7.55 -29.82
N ASP D 569 -23.43 8.71 -30.40
CA ASP D 569 -22.71 9.97 -30.14
C ASP D 569 -23.71 11.10 -30.38
N TRP D 570 -23.24 12.36 -30.47
CA TRP D 570 -24.17 13.48 -30.48
C TRP D 570 -24.84 13.67 -31.82
N VAL D 571 -24.04 13.81 -32.86
CA VAL D 571 -24.66 14.15 -34.11
C VAL D 571 -24.30 13.35 -35.34
N ASP D 572 -25.33 12.98 -36.13
CA ASP D 572 -25.08 12.21 -37.36
C ASP D 572 -24.15 12.99 -38.27
N GLN D 573 -23.17 12.27 -38.80
CA GLN D 573 -22.24 12.91 -39.75
C GLN D 573 -22.80 12.66 -41.18
N SER D 574 -23.96 13.20 -41.44
CA SER D 574 -24.46 13.04 -42.81
C SER D 574 -24.05 14.33 -43.55
N LEU D 575 -23.87 14.33 -44.87
CA LEU D 575 -23.54 15.54 -45.61
C LEU D 575 -24.68 15.91 -46.56
N ILE D 576 -24.88 17.18 -46.88
CA ILE D 576 -25.95 17.52 -47.81
C ILE D 576 -25.48 17.42 -49.26
N LYS D 577 -26.30 16.78 -50.07
CA LYS D 577 -26.07 16.70 -51.49
C LYS D 577 -27.33 17.24 -52.10
N TYR D 578 -27.28 17.59 -53.38
CA TYR D 578 -28.48 18.15 -54.02
C TYR D 578 -28.91 17.32 -55.21
N ASP D 579 -30.23 17.13 -55.41
CA ASP D 579 -30.70 16.38 -56.59
C ASP D 579 -30.72 17.29 -57.85
N GLU D 580 -31.25 16.77 -58.96
CA GLU D 580 -31.32 17.49 -60.23
C GLU D 580 -32.10 18.79 -60.16
N ASN D 581 -33.18 18.74 -59.39
CA ASN D 581 -34.08 19.85 -59.13
C ASN D 581 -33.48 20.85 -58.13
N GLY D 582 -32.30 20.51 -57.61
CA GLY D 582 -31.69 21.41 -56.64
C GLY D 582 -32.18 21.21 -55.21
N ASN D 583 -32.87 20.10 -54.93
CA ASN D 583 -33.37 19.77 -53.60
C ASN D 583 -32.32 18.95 -52.87
N PRO D 584 -32.09 19.37 -51.67
CA PRO D 584 -31.08 18.74 -50.82
C PRO D 584 -31.52 17.44 -50.20
N TRP D 585 -30.52 16.58 -49.98
CA TRP D 585 -30.82 15.34 -49.31
C TRP D 585 -29.62 14.93 -48.48
N SER D 586 -29.82 14.10 -47.48
CA SER D 586 -28.71 13.70 -46.61
C SER D 586 -28.00 12.52 -47.17
N ALA D 587 -26.68 12.67 -47.38
CA ALA D 587 -25.76 11.65 -47.93
C ALA D 587 -24.83 11.02 -46.88
N TYR D 588 -24.47 9.75 -47.11
CA TYR D 588 -23.56 9.05 -46.22
C TYR D 588 -22.42 8.42 -47.03
N GLY D 589 -21.72 7.48 -46.42
CA GLY D 589 -20.59 6.85 -47.04
C GLY D 589 -20.92 6.30 -48.39
N GLY D 590 -20.09 6.60 -49.34
CA GLY D 590 -20.24 6.10 -50.70
C GLY D 590 -20.97 7.05 -51.65
N ASP D 591 -21.69 7.95 -51.01
CA ASP D 591 -22.51 8.88 -51.76
C ASP D 591 -21.69 9.89 -52.56
N PHE D 592 -20.36 9.85 -52.40
CA PHE D 592 -19.56 10.81 -53.10
C PHE D 592 -18.71 10.03 -54.04
N GLY D 593 -19.01 8.71 -54.23
CA GLY D 593 -18.16 7.92 -55.12
C GLY D 593 -16.93 7.44 -54.38
N ASP D 594 -16.91 7.76 -53.10
CA ASP D 594 -15.79 7.34 -52.22
C ASP D 594 -15.86 5.81 -52.02
N THR D 595 -14.73 5.12 -52.32
CA THR D 595 -14.75 3.71 -52.07
C THR D 595 -13.34 3.22 -51.84
N PRO D 596 -13.15 2.26 -50.95
CA PRO D 596 -14.17 1.62 -50.13
C PRO D 596 -14.79 2.63 -49.16
N ASN D 597 -16.01 2.38 -48.65
CA ASN D 597 -16.52 3.34 -47.68
C ASN D 597 -17.29 2.52 -46.69
N ASP D 598 -17.73 3.11 -45.62
CA ASP D 598 -18.49 2.35 -44.59
C ASP D 598 -19.94 2.79 -44.45
N ARG D 599 -20.48 3.18 -45.62
CA ARG D 599 -21.91 3.48 -45.77
C ARG D 599 -22.54 4.22 -44.62
N GLN D 600 -23.66 3.73 -44.07
CA GLN D 600 -24.28 4.55 -43.05
C GLN D 600 -23.64 4.60 -41.66
N PHE D 601 -22.46 3.97 -41.49
CA PHE D 601 -21.79 3.94 -40.17
C PHE D 601 -21.33 5.31 -39.63
N CYS D 602 -21.40 6.33 -40.49
CA CYS D 602 -21.07 7.68 -40.08
C CYS D 602 -22.26 8.37 -39.41
N MET D 603 -23.45 7.74 -39.36
CA MET D 603 -24.63 8.38 -38.72
C MET D 603 -24.95 7.64 -37.41
N ASN D 604 -24.53 8.20 -36.26
CA ASN D 604 -24.76 7.49 -34.99
C ASN D 604 -25.23 8.46 -33.99
N GLY D 605 -25.83 9.56 -34.43
CA GLY D 605 -26.13 10.59 -33.49
C GLY D 605 -27.49 10.58 -32.84
N LEU D 606 -27.53 11.24 -31.70
CA LEU D 606 -28.80 11.41 -31.01
C LEU D 606 -29.60 12.49 -31.79
N VAL D 607 -28.90 13.30 -32.58
CA VAL D 607 -29.65 14.29 -33.37
C VAL D 607 -29.22 14.10 -34.80
N PHE D 608 -30.04 14.52 -35.77
CA PHE D 608 -29.70 14.53 -37.16
C PHE D 608 -28.68 15.67 -37.35
N ALA D 609 -27.99 15.67 -38.53
CA ALA D 609 -26.98 16.70 -38.84
C ALA D 609 -27.45 18.13 -38.66
N ASP D 610 -28.75 18.39 -38.91
CA ASP D 610 -29.22 19.75 -38.78
C ASP D 610 -29.68 20.02 -37.38
N ARG D 611 -29.37 19.09 -36.46
CA ARG D 611 -29.69 19.25 -35.06
C ARG D 611 -31.11 18.95 -34.61
N THR D 612 -31.90 18.41 -35.55
CA THR D 612 -33.25 18.00 -35.23
C THR D 612 -33.09 16.69 -34.41
N PRO D 613 -33.83 16.53 -33.33
CA PRO D 613 -33.62 15.30 -32.56
C PRO D 613 -34.15 14.01 -33.16
N HIS D 614 -33.43 12.95 -32.92
CA HIS D 614 -33.98 11.68 -33.26
C HIS D 614 -34.82 11.39 -31.99
N PRO D 615 -35.70 10.39 -32.06
CA PRO D 615 -36.52 10.05 -30.89
C PRO D 615 -35.72 9.64 -29.65
N ALA D 616 -34.62 8.95 -29.90
CA ALA D 616 -33.80 8.48 -28.77
C ALA D 616 -33.35 9.58 -27.82
N LEU D 617 -33.33 10.81 -28.31
CA LEU D 617 -32.87 11.90 -27.48
C LEU D 617 -33.74 12.04 -26.25
N THR D 618 -35.04 11.80 -26.39
CA THR D 618 -35.91 11.94 -25.21
C THR D 618 -35.70 10.83 -24.19
N GLU D 619 -35.35 9.64 -24.72
CA GLU D 619 -35.03 8.51 -23.86
C GLU D 619 -33.82 8.93 -23.00
N ALA D 620 -32.87 9.56 -23.66
CA ALA D 620 -31.67 9.97 -22.93
C ALA D 620 -32.00 11.02 -21.89
N LYS D 621 -32.78 12.01 -22.31
CA LYS D 621 -33.08 13.10 -21.40
C LYS D 621 -33.76 12.57 -20.14
N HIS D 622 -34.68 11.64 -20.33
CA HIS D 622 -35.43 11.08 -19.21
C HIS D 622 -34.54 10.23 -18.27
N GLN D 623 -33.74 9.34 -18.85
CA GLN D 623 -32.93 8.49 -18.02
C GLN D 623 -31.89 9.33 -17.30
N GLN D 624 -31.49 10.46 -17.89
CA GLN D 624 -30.48 11.38 -17.29
C GLN D 624 -31.06 12.45 -16.36
N GLN D 625 -32.32 12.32 -15.95
CA GLN D 625 -32.91 13.34 -15.12
C GLN D 625 -32.13 13.48 -13.83
N PHE D 626 -32.20 14.66 -13.17
CA PHE D 626 -31.47 14.97 -11.92
C PHE D 626 -32.33 14.84 -10.65
N PHE D 627 -33.61 14.48 -10.85
CA PHE D 627 -34.57 14.25 -9.75
C PHE D 627 -35.16 12.86 -9.90
N GLN D 628 -35.17 12.12 -8.78
CA GLN D 628 -35.72 10.77 -8.71
C GLN D 628 -36.98 10.84 -7.84
N PHE D 629 -37.94 10.01 -8.21
CA PHE D 629 -39.19 10.00 -7.51
C PHE D 629 -39.61 8.61 -7.08
N ARG D 630 -40.31 8.61 -5.95
CA ARG D 630 -40.91 7.41 -5.41
C ARG D 630 -42.33 7.85 -5.02
N LEU D 631 -43.32 6.96 -5.15
CA LEU D 631 -44.69 7.31 -4.73
C LEU D 631 -45.17 6.36 -3.64
N SER D 632 -45.71 6.84 -2.52
CA SER D 632 -46.30 6.00 -1.46
C SER D 632 -47.64 6.61 -1.13
N GLY D 633 -48.69 5.91 -1.51
CA GLY D 633 -49.99 6.46 -1.22
C GLY D 633 -50.17 7.70 -2.04
N GLN D 634 -50.26 8.83 -1.35
CA GLN D 634 -50.41 10.06 -2.11
C GLN D 634 -49.24 10.97 -1.87
N THR D 635 -48.18 10.34 -1.43
CA THR D 635 -47.00 11.09 -1.15
C THR D 635 -45.93 10.81 -2.15
N ILE D 636 -45.42 11.89 -2.75
CA ILE D 636 -44.37 11.74 -3.70
C ILE D 636 -43.12 12.14 -2.97
N GLU D 637 -42.08 11.32 -3.13
CA GLU D 637 -40.79 11.58 -2.52
C GLU D 637 -39.86 11.99 -3.65
N VAL D 638 -39.28 13.19 -3.50
CA VAL D 638 -38.39 13.68 -4.56
C VAL D 638 -36.99 13.70 -4.03
N THR D 639 -36.10 13.05 -4.77
CA THR D 639 -34.72 13.04 -4.35
C THR D 639 -33.87 13.78 -5.39
N SER D 640 -33.01 14.67 -4.85
CA SER D 640 -32.13 15.44 -5.73
C SER D 640 -30.81 14.75 -6.03
N GLU D 641 -30.44 14.67 -7.31
CA GLU D 641 -29.16 14.07 -7.62
C GLU D 641 -28.12 15.16 -7.88
N TYR D 642 -28.45 16.43 -7.64
CA TYR D 642 -27.46 17.46 -7.81
C TYR D 642 -26.51 17.32 -6.66
N LEU D 643 -25.28 17.70 -6.89
CA LEU D 643 -24.31 17.59 -5.85
C LEU D 643 -24.05 18.92 -5.18
N PHE D 644 -24.34 19.99 -5.92
CA PHE D 644 -24.00 21.26 -5.45
C PHE D 644 -25.09 22.28 -5.38
N ARG D 645 -25.99 22.18 -6.28
CA ARG D 645 -26.99 23.25 -6.23
C ARG D 645 -28.29 22.85 -5.57
N HIS D 646 -28.97 23.83 -5.01
CA HIS D 646 -30.30 23.62 -4.44
C HIS D 646 -31.29 23.73 -5.63
N SER D 647 -32.54 23.21 -5.51
CA SER D 647 -33.50 23.28 -6.61
C SER D 647 -34.12 24.65 -6.61
N ASP D 648 -33.33 25.64 -6.92
CA ASP D 648 -33.75 27.03 -6.91
C ASP D 648 -34.44 27.56 -8.16
N ASN D 649 -34.77 26.69 -9.10
CA ASN D 649 -35.52 27.16 -10.26
C ASN D 649 -36.37 25.97 -10.72
N GLU D 650 -37.17 25.44 -9.79
CA GLU D 650 -37.96 24.25 -10.11
C GLU D 650 -39.21 24.20 -9.29
N LEU D 651 -40.18 23.76 -10.00
CA LEU D 651 -41.49 23.52 -9.51
C LEU D 651 -42.00 22.23 -10.09
N LEU D 652 -42.86 21.63 -9.28
CA LEU D 652 -43.45 20.37 -9.63
C LEU D 652 -44.90 20.57 -10.03
N HIS D 653 -45.21 20.05 -11.21
CA HIS D 653 -46.58 20.07 -11.68
C HIS D 653 -47.04 18.62 -11.61
N TRP D 654 -48.30 18.40 -11.22
CA TRP D 654 -48.77 17.03 -11.22
C TRP D 654 -50.17 16.99 -11.74
N MET D 655 -50.47 15.87 -12.39
CA MET D 655 -51.83 15.73 -12.93
C MET D 655 -52.32 14.32 -12.77
N VAL D 656 -53.62 14.16 -12.51
CA VAL D 656 -54.22 12.81 -12.43
C VAL D 656 -55.25 12.70 -13.58
N ALA D 657 -55.21 11.62 -14.38
CA ALA D 657 -56.10 11.48 -15.51
C ALA D 657 -56.67 10.08 -15.60
N LEU D 658 -57.94 9.98 -16.08
CA LEU D 658 -58.55 8.67 -16.23
C LEU D 658 -58.56 8.40 -17.71
N ASP D 659 -57.84 7.37 -18.15
CA ASP D 659 -57.81 7.17 -19.60
C ASP D 659 -57.58 8.42 -20.48
N GLY D 660 -56.70 9.34 -20.06
CA GLY D 660 -56.47 10.48 -20.90
C GLY D 660 -57.33 11.65 -20.47
N LYS D 661 -58.27 11.38 -19.58
CA LYS D 661 -59.13 12.45 -19.13
C LYS D 661 -58.73 13.09 -17.82
N PRO D 662 -58.41 14.37 -17.90
CA PRO D 662 -58.03 15.13 -16.76
C PRO D 662 -59.09 15.03 -15.69
N LEU D 663 -58.63 14.85 -14.48
CA LEU D 663 -59.44 14.63 -13.30
C LEU D 663 -58.97 15.65 -12.27
N ALA D 664 -57.66 15.93 -12.23
CA ALA D 664 -57.11 16.91 -11.30
C ALA D 664 -55.65 17.24 -11.58
N SER D 665 -55.15 18.34 -11.03
CA SER D 665 -53.75 18.68 -11.26
C SER D 665 -53.39 19.82 -10.34
N GLY D 666 -52.12 19.98 -10.10
CA GLY D 666 -51.74 21.04 -9.19
C GLY D 666 -50.25 21.29 -9.37
N GLU D 667 -49.73 22.19 -8.55
CA GLU D 667 -48.30 22.57 -8.56
C GLU D 667 -47.81 22.76 -7.17
N VAL D 668 -46.52 22.44 -6.93
CA VAL D 668 -45.85 22.56 -5.64
C VAL D 668 -44.41 22.97 -5.90
N PRO D 669 -43.91 23.91 -5.19
CA PRO D 669 -42.53 24.30 -5.43
C PRO D 669 -41.57 23.27 -4.93
N LEU D 670 -40.43 23.15 -5.63
CA LEU D 670 -39.42 22.19 -5.20
C LEU D 670 -38.42 22.92 -4.42
N ASP D 671 -38.17 22.40 -3.25
CA ASP D 671 -37.22 23.04 -2.38
C ASP D 671 -36.33 21.91 -1.86
N VAL D 672 -35.46 21.39 -2.72
CA VAL D 672 -34.68 20.27 -2.25
C VAL D 672 -33.19 20.55 -2.30
N ALA D 673 -32.48 20.26 -1.22
CA ALA D 673 -31.05 20.51 -1.25
C ALA D 673 -30.30 19.43 -2.09
N PRO D 674 -29.04 19.69 -2.51
CA PRO D 674 -28.34 18.68 -3.30
C PRO D 674 -28.28 17.41 -2.52
N GLN D 675 -28.61 16.35 -3.19
CA GLN D 675 -28.68 15.02 -2.60
C GLN D 675 -29.79 14.93 -1.56
N GLY D 676 -30.61 15.95 -1.39
CA GLY D 676 -31.62 15.85 -0.35
C GLY D 676 -32.91 15.27 -0.91
N LYS D 677 -33.93 15.25 -0.06
CA LYS D 677 -35.26 14.75 -0.38
C LYS D 677 -36.31 15.75 0.06
N GLN D 678 -37.51 15.61 -0.47
CA GLN D 678 -38.66 16.41 -0.15
C GLN D 678 -39.89 15.53 -0.40
N LEU D 679 -40.81 15.59 0.58
CA LEU D 679 -42.10 14.85 0.55
C LEU D 679 -43.20 15.79 0.23
N ILE D 680 -44.04 15.39 -0.70
CA ILE D 680 -45.19 16.16 -1.12
C ILE D 680 -46.39 15.26 -1.04
N GLU D 681 -47.40 15.64 -0.22
CA GLU D 681 -48.64 14.87 -0.07
C GLU D 681 -49.62 15.47 -1.02
N LEU D 682 -50.12 14.65 -1.94
CA LEU D 682 -51.07 15.10 -2.92
C LEU D 682 -52.37 15.48 -2.20
N PRO D 683 -53.18 16.41 -2.70
CA PRO D 683 -54.44 16.72 -2.00
C PRO D 683 -55.32 15.51 -2.12
N GLU D 684 -56.40 15.42 -1.37
CA GLU D 684 -57.21 14.24 -1.59
C GLU D 684 -57.79 14.27 -3.00
N LEU D 685 -57.82 13.10 -3.64
CA LEU D 685 -58.31 12.96 -5.01
C LEU D 685 -59.73 12.48 -5.22
N PRO D 686 -60.41 12.94 -6.28
CA PRO D 686 -61.77 12.45 -6.47
C PRO D 686 -61.75 11.01 -6.85
N GLN D 687 -62.95 10.49 -6.64
CA GLN D 687 -63.21 9.10 -6.90
C GLN D 687 -64.10 8.91 -8.09
N PRO D 688 -63.48 8.32 -9.10
CA PRO D 688 -64.12 8.02 -10.36
C PRO D 688 -64.35 6.53 -10.35
N GLU D 689 -65.59 6.15 -10.03
CA GLU D 689 -66.01 4.77 -9.97
C GLU D 689 -66.25 4.25 -11.40
N SER D 690 -66.02 5.20 -12.35
CA SER D 690 -66.08 5.11 -13.82
C SER D 690 -64.93 4.22 -14.24
N ALA D 691 -65.23 3.17 -14.98
CA ALA D 691 -64.19 2.24 -15.29
C ALA D 691 -62.95 2.89 -15.83
N GLY D 692 -61.80 2.21 -15.64
CA GLY D 692 -60.56 2.69 -16.22
C GLY D 692 -59.39 2.74 -15.26
N GLN D 693 -58.27 3.05 -15.88
CA GLN D 693 -57.02 3.20 -15.15
C GLN D 693 -56.70 4.67 -14.91
N LEU D 694 -56.48 4.98 -13.64
CA LEU D 694 -56.13 6.37 -13.26
C LEU D 694 -54.60 6.46 -13.31
N TRP D 695 -54.08 7.51 -13.88
CA TRP D 695 -52.62 7.65 -13.94
C TRP D 695 -52.26 9.04 -13.42
N LEU D 696 -51.13 9.03 -12.73
CA LEU D 696 -50.50 10.23 -12.17
C LEU D 696 -49.21 10.49 -12.93
N THR D 697 -49.11 11.71 -13.41
CA THR D 697 -47.96 12.22 -14.10
C THR D 697 -47.41 13.43 -13.38
N VAL D 698 -46.08 13.44 -13.15
CA VAL D 698 -45.53 14.64 -12.54
C VAL D 698 -44.42 15.17 -13.44
N ARG D 699 -44.15 16.44 -13.36
CA ARG D 699 -43.07 16.98 -14.16
C ARG D 699 -42.44 18.15 -13.41
N VAL D 700 -41.12 18.34 -13.56
CA VAL D 700 -40.34 19.42 -12.97
C VAL D 700 -40.17 20.41 -14.08
N VAL D 701 -40.61 21.60 -13.74
CA VAL D 701 -40.62 22.75 -14.63
C VAL D 701 -39.74 23.85 -14.07
N GLN D 702 -38.99 24.49 -14.99
CA GLN D 702 -38.14 25.60 -14.56
C GLN D 702 -38.87 26.85 -14.94
N PRO D 703 -39.30 27.57 -13.96
CA PRO D 703 -40.11 28.76 -14.23
C PRO D 703 -39.34 29.90 -14.85
N ASN D 704 -38.08 30.04 -14.47
CA ASN D 704 -37.28 31.09 -15.03
C ASN D 704 -36.35 30.58 -16.11
N ALA D 705 -36.18 31.43 -17.11
CA ALA D 705 -35.22 31.18 -18.19
C ALA D 705 -33.83 31.26 -17.58
N THR D 706 -32.88 30.55 -18.19
CA THR D 706 -31.45 30.47 -17.78
C THR D 706 -30.64 30.78 -19.04
N ALA D 707 -29.33 30.75 -18.95
CA ALA D 707 -28.54 30.97 -20.12
C ALA D 707 -28.72 29.84 -21.12
N TRP D 708 -29.25 28.68 -20.70
CA TRP D 708 -29.33 27.58 -21.68
C TRP D 708 -30.74 27.04 -21.86
N SER D 709 -31.73 27.70 -21.23
CA SER D 709 -33.07 27.15 -21.36
C SER D 709 -34.13 28.24 -21.27
N GLU D 710 -35.31 28.01 -21.84
CA GLU D 710 -36.40 28.98 -21.78
C GLU D 710 -37.23 28.80 -20.53
N ALA D 711 -37.98 29.84 -20.20
CA ALA D 711 -38.85 29.72 -19.05
C ALA D 711 -39.84 28.61 -19.37
N GLY D 712 -40.20 27.83 -18.37
CA GLY D 712 -41.16 26.74 -18.59
C GLY D 712 -40.51 25.44 -19.06
N HIS D 713 -39.16 25.46 -19.22
CA HIS D 713 -38.44 24.28 -19.68
C HIS D 713 -38.78 23.09 -18.74
N ILE D 714 -39.07 21.92 -19.30
CA ILE D 714 -39.34 20.73 -18.51
C ILE D 714 -38.03 19.94 -18.41
N SER D 715 -37.55 19.71 -17.18
CA SER D 715 -36.30 18.98 -16.99
C SER D 715 -36.46 17.51 -16.52
N ALA D 716 -37.66 17.07 -16.14
CA ALA D 716 -37.84 15.70 -15.67
C ALA D 716 -39.32 15.35 -15.59
N TRP D 717 -39.64 14.07 -15.68
CA TRP D 717 -41.01 13.63 -15.54
C TRP D 717 -41.07 12.21 -15.05
N GLN D 718 -42.22 11.75 -14.53
CA GLN D 718 -42.37 10.35 -14.10
C GLN D 718 -43.84 10.12 -13.99
N GLN D 719 -44.23 8.86 -14.24
CA GLN D 719 -45.67 8.51 -14.17
C GLN D 719 -45.87 7.26 -13.35
N TRP D 720 -47.04 7.15 -12.75
CA TRP D 720 -47.39 5.92 -12.02
C TRP D 720 -48.86 5.58 -12.29
N ARG D 721 -49.26 4.29 -12.29
CA ARG D 721 -50.69 3.97 -12.38
C ARG D 721 -51.22 4.09 -10.92
N LEU D 722 -52.35 4.74 -10.70
CA LEU D 722 -52.98 4.83 -9.37
C LEU D 722 -54.09 3.77 -9.36
N ALA D 723 -55.27 4.08 -8.83
CA ALA D 723 -56.31 3.05 -8.85
C ALA D 723 -56.75 2.63 -10.28
N GLU D 724 -57.31 1.42 -10.41
CA GLU D 724 -57.82 0.94 -11.68
C GLU D 724 -59.17 0.36 -11.36
N ASN D 725 -60.18 0.69 -12.15
CA ASN D 725 -61.55 0.16 -12.00
C ASN D 725 -61.83 -0.76 -13.17
N LEU D 726 -61.82 -2.08 -12.98
CA LEU D 726 -62.08 -3.00 -14.08
C LEU D 726 -63.54 -2.77 -14.56
N SER D 727 -63.76 -2.85 -15.88
CA SER D 727 -65.12 -2.65 -16.31
C SER D 727 -65.96 -3.87 -16.12
N VAL D 728 -67.10 -3.74 -15.45
CA VAL D 728 -67.83 -5.00 -15.44
C VAL D 728 -69.18 -4.85 -16.11
N THR D 729 -69.42 -3.68 -16.67
CA THR D 729 -70.67 -3.47 -17.35
C THR D 729 -70.74 -4.13 -18.73
N LEU D 730 -71.94 -4.64 -19.04
CA LEU D 730 -72.22 -5.32 -20.28
C LEU D 730 -72.62 -4.36 -21.38
N PRO D 731 -71.98 -4.55 -22.51
CA PRO D 731 -72.25 -3.73 -23.67
C PRO D 731 -73.74 -3.86 -23.89
N ALA D 732 -74.38 -2.77 -24.33
CA ALA D 732 -75.83 -2.73 -24.54
C ALA D 732 -76.38 -3.66 -25.63
N ALA D 733 -77.55 -4.30 -25.39
CA ALA D 733 -78.13 -5.18 -26.43
C ALA D 733 -78.20 -4.77 -27.90
N SER D 734 -78.06 -5.74 -28.72
CA SER D 734 -78.00 -5.37 -30.05
C SER D 734 -79.15 -5.72 -30.88
N HIS D 735 -79.35 -4.61 -31.57
CA HIS D 735 -80.46 -4.37 -32.43
C HIS D 735 -80.54 -5.50 -33.52
N ALA D 736 -79.38 -5.80 -34.16
CA ALA D 736 -79.29 -6.78 -35.25
C ALA D 736 -78.51 -8.06 -35.15
N ILE D 737 -78.39 -8.62 -36.37
CA ILE D 737 -77.69 -9.87 -36.67
C ILE D 737 -77.00 -9.77 -38.03
N PRO D 738 -75.67 -9.99 -38.10
CA PRO D 738 -75.03 -9.81 -39.42
C PRO D 738 -75.36 -11.05 -40.25
N HIS D 739 -75.35 -10.98 -41.57
CA HIS D 739 -75.69 -12.18 -42.36
C HIS D 739 -74.54 -12.77 -43.12
N LEU D 740 -74.48 -14.08 -43.15
CA LEU D 740 -73.42 -14.72 -43.89
C LEU D 740 -73.89 -15.19 -45.26
N THR D 741 -73.02 -15.01 -46.20
CA THR D 741 -73.11 -15.43 -47.59
C THR D 741 -71.85 -16.24 -47.92
N THR D 742 -72.03 -17.39 -48.48
CA THR D 742 -70.84 -18.21 -48.74
C THR D 742 -70.69 -18.55 -50.20
N SER D 743 -69.45 -18.67 -50.68
CA SER D 743 -69.11 -19.12 -52.05
C SER D 743 -67.87 -20.01 -51.89
N GLU D 744 -67.44 -20.75 -52.89
CA GLU D 744 -66.28 -21.63 -52.63
C GLU D 744 -65.06 -20.81 -52.26
N MET D 745 -64.99 -19.63 -52.88
CA MET D 745 -63.90 -18.66 -52.77
C MET D 745 -63.96 -17.65 -51.61
N ASP D 746 -65.16 -17.38 -51.08
CA ASP D 746 -65.27 -16.37 -50.01
C ASP D 746 -66.39 -16.57 -49.05
N PHE D 747 -66.20 -15.88 -47.95
CA PHE D 747 -67.19 -15.78 -46.91
C PHE D 747 -67.45 -14.29 -46.82
N CYS D 748 -68.69 -13.89 -47.07
CA CYS D 748 -69.11 -12.48 -47.00
C CYS D 748 -70.03 -12.24 -45.80
N ILE D 749 -69.81 -11.19 -44.99
CA ILE D 749 -70.65 -10.90 -43.86
C ILE D 749 -71.16 -9.52 -44.06
N GLU D 750 -72.45 -9.35 -43.83
CA GLU D 750 -73.07 -8.06 -44.04
C GLU D 750 -73.86 -7.64 -42.83
N LEU D 751 -73.76 -6.33 -42.55
CA LEU D 751 -74.46 -5.73 -41.43
C LEU D 751 -74.68 -4.26 -41.75
N GLY D 752 -75.94 -3.90 -41.92
CA GLY D 752 -76.28 -2.53 -42.27
C GLY D 752 -75.53 -2.15 -43.55
N ASN D 753 -74.86 -1.00 -43.52
CA ASN D 753 -74.09 -0.57 -44.68
C ASN D 753 -72.70 -1.18 -44.66
N LYS D 754 -72.45 -2.12 -43.74
CA LYS D 754 -71.12 -2.71 -43.68
C LYS D 754 -71.02 -4.13 -44.17
N ARG D 755 -69.86 -4.40 -44.81
CA ARG D 755 -69.53 -5.73 -45.33
C ARG D 755 -68.09 -6.15 -45.10
N TRP D 756 -67.89 -7.47 -44.92
CA TRP D 756 -66.58 -8.02 -44.67
C TRP D 756 -66.43 -9.19 -45.58
N GLN D 757 -65.33 -9.24 -46.28
CA GLN D 757 -65.09 -10.34 -47.12
C GLN D 757 -63.83 -11.12 -46.76
N PHE D 758 -64.01 -12.42 -46.56
CA PHE D 758 -62.93 -13.29 -46.24
C PHE D 758 -62.68 -14.26 -47.35
N ASN D 759 -61.44 -14.21 -47.84
CA ASN D 759 -60.95 -15.06 -48.90
C ASN D 759 -60.71 -16.47 -48.41
N ARG D 760 -61.44 -17.43 -48.98
CA ARG D 760 -61.25 -18.77 -48.52
C ARG D 760 -60.06 -19.42 -49.06
N GLN D 761 -59.44 -18.88 -50.08
CA GLN D 761 -58.24 -19.59 -50.53
C GLN D 761 -57.02 -19.16 -49.69
N SER D 762 -56.98 -17.87 -49.40
CA SER D 762 -55.89 -17.32 -48.63
C SER D 762 -56.14 -17.40 -47.13
N GLY D 763 -57.42 -17.33 -46.75
CA GLY D 763 -57.76 -17.36 -45.35
C GLY D 763 -57.67 -15.98 -44.71
N PHE D 764 -57.65 -14.93 -45.53
CA PHE D 764 -57.58 -13.61 -44.89
C PHE D 764 -58.75 -12.69 -45.20
N LEU D 765 -59.04 -11.75 -44.29
CA LEU D 765 -60.04 -10.72 -44.51
C LEU D 765 -59.41 -10.00 -45.68
N SER D 766 -60.11 -9.96 -46.80
CA SER D 766 -59.51 -9.33 -47.94
C SER D 766 -60.16 -8.05 -48.35
N GLN D 767 -61.34 -7.83 -47.83
CA GLN D 767 -61.95 -6.55 -48.21
C GLN D 767 -62.99 -6.22 -47.16
N MET D 768 -63.22 -4.91 -47.04
CA MET D 768 -64.23 -4.39 -46.17
C MET D 768 -64.83 -3.17 -46.90
N TRP D 769 -66.14 -2.96 -46.64
CA TRP D 769 -66.88 -1.80 -47.19
C TRP D 769 -67.74 -1.10 -46.16
N ILE D 770 -67.76 0.18 -46.33
CA ILE D 770 -68.67 0.93 -45.52
C ILE D 770 -69.44 1.53 -46.66
N GLY D 771 -70.73 1.22 -46.76
CA GLY D 771 -71.42 1.75 -47.91
C GLY D 771 -70.80 1.10 -49.13
N ASP D 772 -70.64 1.85 -50.18
CA ASP D 772 -70.04 1.27 -51.36
C ASP D 772 -68.52 1.43 -51.32
N LYS D 773 -68.00 2.00 -50.23
CA LYS D 773 -66.57 2.28 -50.20
C LYS D 773 -65.70 1.16 -49.68
N LYS D 774 -64.77 0.76 -50.52
CA LYS D 774 -63.83 -0.27 -50.12
C LYS D 774 -62.85 0.30 -49.12
N GLN D 775 -62.48 -0.49 -48.14
CA GLN D 775 -61.59 0.05 -47.12
C GLN D 775 -60.13 -0.40 -47.14
N LEU D 776 -59.86 -1.50 -47.82
CA LEU D 776 -58.53 -2.08 -47.86
C LEU D 776 -57.95 -2.11 -49.26
N LEU D 777 -56.65 -1.80 -49.35
CA LEU D 777 -55.89 -1.90 -50.59
C LEU D 777 -55.10 -3.24 -50.67
N THR D 778 -54.76 -3.77 -49.46
CA THR D 778 -54.10 -5.08 -49.28
C THR D 778 -54.83 -5.81 -48.15
N PRO D 779 -54.97 -7.11 -48.23
CA PRO D 779 -55.63 -7.86 -47.16
C PRO D 779 -54.93 -7.78 -45.81
N LEU D 780 -55.68 -8.05 -44.77
CA LEU D 780 -55.18 -8.05 -43.42
C LEU D 780 -54.49 -9.40 -43.21
N ARG D 781 -53.17 -9.42 -43.05
CA ARG D 781 -52.43 -10.66 -42.90
C ARG D 781 -51.48 -10.67 -41.71
N ASP D 782 -51.11 -11.85 -41.24
CA ASP D 782 -50.14 -11.86 -40.14
C ASP D 782 -48.81 -11.31 -40.66
N GLN D 783 -48.02 -10.73 -39.76
CA GLN D 783 -46.67 -10.22 -40.06
C GLN D 783 -45.73 -10.60 -38.91
N PHE D 784 -44.62 -11.23 -39.26
CA PHE D 784 -43.60 -11.70 -38.33
C PHE D 784 -42.21 -11.06 -38.56
N THR D 785 -42.07 -10.17 -39.56
CA THR D 785 -40.77 -9.54 -39.85
C THR D 785 -40.89 -8.03 -39.80
N ARG D 786 -39.73 -7.35 -39.82
CA ARG D 786 -39.72 -5.87 -39.84
C ARG D 786 -38.69 -5.44 -40.88
N ALA D 787 -38.78 -4.26 -41.51
CA ALA D 787 -37.73 -3.79 -42.44
C ALA D 787 -36.58 -3.54 -41.41
N PRO D 788 -35.50 -4.25 -41.57
CA PRO D 788 -34.44 -4.30 -40.58
C PRO D 788 -33.83 -3.00 -40.17
N LEU D 789 -33.64 -2.90 -38.86
CA LEU D 789 -32.98 -1.71 -38.33
C LEU D 789 -31.49 -1.83 -38.58
N ASP D 790 -30.79 -0.70 -38.41
CA ASP D 790 -29.35 -0.76 -38.50
C ASP D 790 -28.80 -1.81 -37.49
N ASN D 791 -29.43 -1.87 -36.31
CA ASN D 791 -28.96 -2.81 -35.33
C ASN D 791 -29.30 -4.20 -35.76
N ASP D 792 -30.29 -4.37 -36.59
CA ASP D 792 -30.61 -5.77 -37.02
C ASP D 792 -29.66 -6.19 -38.08
N ILE D 793 -29.14 -5.23 -38.82
CA ILE D 793 -28.21 -5.54 -39.89
C ILE D 793 -26.72 -5.60 -39.44
N GLY D 794 -26.36 -4.70 -38.57
CA GLY D 794 -24.97 -4.73 -38.14
C GLY D 794 -24.02 -4.48 -39.31
N VAL D 795 -22.93 -5.26 -39.34
CA VAL D 795 -21.96 -5.05 -40.43
C VAL D 795 -22.30 -5.88 -41.65
N SER D 796 -23.40 -6.66 -41.54
CA SER D 796 -23.73 -7.52 -42.68
C SER D 796 -23.81 -6.74 -43.97
N GLU D 797 -23.20 -7.31 -45.03
CA GLU D 797 -23.21 -6.79 -46.43
C GLU D 797 -23.42 -7.93 -47.46
N ALA D 798 -24.01 -7.60 -48.62
CA ALA D 798 -24.25 -8.66 -49.61
C ALA D 798 -23.00 -9.43 -49.93
N THR D 799 -21.99 -8.60 -50.04
CA THR D 799 -20.63 -8.96 -50.38
C THR D 799 -19.93 -9.67 -49.21
N ARG D 800 -20.50 -9.61 -48.01
CA ARG D 800 -19.83 -10.19 -46.85
C ARG D 800 -20.85 -10.29 -45.76
N ILE D 801 -21.60 -11.31 -45.90
CA ILE D 801 -22.66 -11.52 -44.98
C ILE D 801 -22.15 -11.86 -43.62
N ASP D 802 -22.86 -11.38 -42.60
CA ASP D 802 -22.54 -11.75 -41.22
C ASP D 802 -23.71 -12.62 -40.77
N PRO D 803 -23.56 -13.91 -40.80
CA PRO D 803 -24.67 -14.76 -40.46
C PRO D 803 -25.06 -14.64 -39.00
N ASN D 804 -24.27 -13.94 -38.21
CA ASN D 804 -24.68 -13.86 -36.85
C ASN D 804 -25.70 -12.73 -36.66
N ALA D 805 -25.75 -11.80 -37.62
CA ALA D 805 -26.68 -10.65 -37.50
C ALA D 805 -28.15 -11.15 -37.47
N TRP D 806 -29.00 -10.39 -36.73
CA TRP D 806 -30.43 -10.78 -36.67
C TRP D 806 -31.03 -10.90 -38.07
N VAL D 807 -30.76 -9.91 -38.90
CA VAL D 807 -31.35 -9.94 -40.23
C VAL D 807 -30.97 -11.17 -41.02
N GLU D 808 -29.72 -11.55 -40.86
CA GLU D 808 -29.25 -12.75 -41.58
C GLU D 808 -29.86 -14.03 -41.07
N ARG D 809 -30.06 -14.08 -39.77
CA ARG D 809 -30.65 -15.23 -39.15
C ARG D 809 -32.08 -15.34 -39.66
N TRP D 810 -32.82 -14.22 -39.65
CA TRP D 810 -34.22 -14.24 -40.16
C TRP D 810 -34.22 -14.60 -41.67
N LYS D 811 -33.31 -14.05 -42.49
CA LYS D 811 -33.30 -14.39 -43.90
C LYS D 811 -33.09 -15.85 -44.10
N ALA D 812 -32.06 -16.32 -43.42
CA ALA D 812 -31.70 -17.71 -43.61
C ALA D 812 -32.81 -18.63 -43.17
N ALA D 813 -33.62 -18.16 -42.23
CA ALA D 813 -34.63 -19.04 -41.73
C ALA D 813 -35.83 -19.01 -42.65
N GLY D 814 -35.83 -18.10 -43.61
CA GLY D 814 -36.96 -17.97 -44.50
C GLY D 814 -38.05 -17.07 -43.95
N HIS D 815 -37.77 -16.28 -42.93
CA HIS D 815 -38.79 -15.43 -42.38
C HIS D 815 -39.36 -14.50 -43.39
N TYR D 816 -38.48 -13.97 -44.22
CA TYR D 816 -38.92 -12.99 -45.17
C TYR D 816 -39.62 -13.58 -46.37
N GLN D 817 -39.33 -14.82 -46.64
CA GLN D 817 -39.95 -15.46 -47.78
C GLN D 817 -41.02 -16.48 -47.43
N ALA D 818 -41.26 -16.81 -46.16
CA ALA D 818 -42.26 -17.81 -45.82
C ALA D 818 -43.61 -17.43 -46.40
N GLU D 819 -44.31 -18.42 -46.88
CA GLU D 819 -45.62 -18.28 -47.48
C GLU D 819 -46.68 -18.90 -46.56
N ALA D 820 -47.87 -18.26 -46.44
CA ALA D 820 -48.96 -18.74 -45.56
C ALA D 820 -49.84 -19.90 -46.05
N ALA D 821 -49.51 -21.11 -45.67
CA ALA D 821 -50.32 -22.25 -46.06
C ALA D 821 -51.62 -22.29 -45.28
N LEU D 822 -52.73 -22.44 -46.00
CA LEU D 822 -53.97 -22.46 -45.27
C LEU D 822 -54.31 -23.79 -44.67
N LEU D 823 -54.49 -23.79 -43.37
CA LEU D 823 -54.83 -25.04 -42.77
C LEU D 823 -56.30 -25.14 -42.53
N GLN D 824 -56.97 -24.01 -42.30
CA GLN D 824 -58.38 -24.09 -41.98
C GLN D 824 -59.05 -22.75 -42.06
N CYS D 825 -60.29 -22.74 -42.52
CA CYS D 825 -61.05 -21.52 -42.66
C CYS D 825 -62.51 -21.90 -42.60
N THR D 826 -63.16 -21.51 -41.53
CA THR D 826 -64.54 -21.87 -41.42
C THR D 826 -65.34 -20.73 -40.99
N ALA D 827 -66.61 -20.89 -41.22
CA ALA D 827 -67.59 -19.89 -40.79
C ALA D 827 -68.77 -20.51 -40.03
N ASP D 828 -69.21 -19.88 -39.00
CA ASP D 828 -70.35 -20.36 -38.27
C ASP D 828 -71.20 -19.18 -37.89
N THR D 829 -72.47 -19.50 -37.76
CA THR D 829 -73.41 -18.47 -37.35
C THR D 829 -73.86 -18.70 -35.89
N LEU D 830 -73.82 -17.62 -35.16
CA LEU D 830 -74.19 -17.72 -33.80
C LEU D 830 -75.45 -16.92 -33.64
N ALA D 831 -75.88 -16.96 -32.40
CA ALA D 831 -77.10 -16.32 -31.96
C ALA D 831 -77.18 -14.89 -32.40
N ASP D 832 -76.16 -14.09 -32.05
CA ASP D 832 -76.07 -12.67 -32.38
C ASP D 832 -74.81 -12.26 -33.23
N ALA D 833 -74.15 -13.26 -33.88
CA ALA D 833 -72.96 -12.99 -34.66
C ALA D 833 -72.57 -14.10 -35.60
N VAL D 834 -71.62 -13.69 -36.43
CA VAL D 834 -70.97 -14.54 -37.40
C VAL D 834 -69.53 -14.77 -36.96
N LEU D 835 -69.12 -16.00 -36.98
CA LEU D 835 -67.78 -16.30 -36.57
C LEU D 835 -66.93 -16.98 -37.62
N ILE D 836 -65.81 -16.33 -37.90
CA ILE D 836 -64.91 -16.96 -38.85
C ILE D 836 -63.69 -17.43 -38.10
N THR D 837 -63.35 -18.64 -38.39
CA THR D 837 -62.19 -19.30 -37.80
C THR D 837 -61.12 -19.65 -38.85
N THR D 838 -59.85 -19.25 -38.55
CA THR D 838 -58.75 -19.59 -39.46
C THR D 838 -57.54 -20.16 -38.78
N ALA D 839 -56.76 -20.91 -39.55
CA ALA D 839 -55.50 -21.44 -39.10
C ALA D 839 -54.55 -21.52 -40.26
N HIS D 840 -53.33 -20.93 -40.13
CA HIS D 840 -52.32 -20.94 -41.19
C HIS D 840 -50.99 -21.36 -40.60
N ALA D 841 -50.15 -21.95 -41.47
CA ALA D 841 -48.77 -22.40 -41.16
C ALA D 841 -47.83 -21.67 -42.09
N TRP D 842 -46.80 -21.02 -41.58
CA TRP D 842 -45.85 -20.34 -42.49
C TRP D 842 -44.72 -21.26 -42.55
N GLN D 843 -44.29 -21.64 -43.75
CA GLN D 843 -43.23 -22.62 -43.84
C GLN D 843 -42.12 -22.24 -44.72
N HIS D 844 -41.03 -22.93 -44.54
CA HIS D 844 -39.96 -22.59 -45.38
C HIS D 844 -39.15 -23.81 -45.75
N GLN D 845 -39.04 -24.17 -47.06
CA GLN D 845 -38.22 -25.33 -47.29
C GLN D 845 -38.73 -26.51 -46.51
N GLY D 846 -40.02 -26.61 -46.36
CA GLY D 846 -40.44 -27.76 -45.60
C GLY D 846 -40.54 -27.53 -44.12
N LYS D 847 -40.04 -26.39 -43.64
CA LYS D 847 -40.11 -26.14 -42.21
C LYS D 847 -41.23 -25.20 -41.82
N THR D 848 -41.96 -25.66 -40.83
CA THR D 848 -43.03 -24.79 -40.35
C THR D 848 -42.39 -23.83 -39.30
N LEU D 849 -42.36 -22.57 -39.60
CA LEU D 849 -41.83 -21.55 -38.73
C LEU D 849 -42.85 -21.09 -37.69
N PHE D 850 -44.04 -20.76 -38.18
CA PHE D 850 -45.07 -20.28 -37.27
C PHE D 850 -46.45 -20.76 -37.64
N ILE D 851 -47.30 -20.85 -36.64
CA ILE D 851 -48.70 -21.18 -36.91
C ILE D 851 -49.58 -20.07 -36.30
N SER D 852 -50.51 -19.53 -37.07
CA SER D 852 -51.41 -18.51 -36.57
C SER D 852 -52.85 -19.07 -36.60
N ARG D 853 -53.52 -18.99 -35.48
CA ARG D 853 -54.91 -19.45 -35.32
C ARG D 853 -55.75 -18.27 -34.91
N LYS D 854 -56.84 -18.00 -35.63
CA LYS D 854 -57.62 -16.82 -35.27
C LYS D 854 -59.09 -17.02 -35.33
N THR D 855 -59.79 -16.13 -34.67
CA THR D 855 -61.24 -16.09 -34.78
C THR D 855 -61.55 -14.63 -34.99
N TYR D 856 -62.54 -14.47 -35.85
CA TYR D 856 -63.06 -13.15 -36.12
C TYR D 856 -64.52 -13.24 -35.80
N ARG D 857 -64.94 -12.36 -34.89
CA ARG D 857 -66.33 -12.37 -34.46
C ARG D 857 -67.00 -11.05 -34.71
N ILE D 858 -67.95 -11.07 -35.66
CA ILE D 858 -68.67 -9.86 -36.05
C ILE D 858 -70.08 -9.91 -35.49
N ASP D 859 -70.44 -8.94 -34.64
CA ASP D 859 -71.77 -8.99 -34.06
C ASP D 859 -72.69 -7.94 -34.63
N GLY D 860 -73.93 -7.88 -34.11
CA GLY D 860 -74.98 -6.95 -34.57
C GLY D 860 -74.68 -5.50 -34.30
N SER D 861 -73.59 -5.31 -33.58
CA SER D 861 -73.27 -3.92 -33.33
C SER D 861 -72.27 -3.46 -34.35
N GLY D 862 -71.82 -4.39 -35.20
CA GLY D 862 -70.85 -4.06 -36.23
C GLY D 862 -69.39 -4.11 -35.76
N GLN D 863 -69.12 -4.60 -34.56
CA GLN D 863 -67.71 -4.61 -34.21
C GLN D 863 -67.11 -5.93 -34.58
N MET D 864 -65.80 -5.89 -34.90
CA MET D 864 -65.17 -7.13 -35.28
C MET D 864 -64.13 -7.55 -34.24
N ALA D 865 -64.41 -8.56 -33.46
CA ALA D 865 -63.35 -8.89 -32.55
C ALA D 865 -62.40 -9.95 -33.11
N ILE D 866 -61.08 -9.61 -33.07
CA ILE D 866 -60.11 -10.61 -33.55
C ILE D 866 -59.31 -11.24 -32.44
N THR D 867 -59.25 -12.56 -32.45
CA THR D 867 -58.44 -13.23 -31.46
C THR D 867 -57.34 -13.94 -32.16
N VAL D 868 -56.05 -13.79 -31.73
CA VAL D 868 -54.95 -14.40 -32.44
C VAL D 868 -54.10 -15.17 -31.44
N ASP D 869 -53.78 -16.45 -31.77
CA ASP D 869 -52.94 -17.31 -30.94
C ASP D 869 -51.87 -17.84 -31.88
N VAL D 870 -50.60 -17.49 -31.63
CA VAL D 870 -49.56 -17.94 -32.52
C VAL D 870 -48.56 -18.83 -31.82
N GLU D 871 -48.14 -19.82 -32.57
CA GLU D 871 -47.11 -20.72 -32.15
C GLU D 871 -45.83 -20.43 -32.97
N VAL D 872 -44.67 -20.32 -32.27
CA VAL D 872 -43.44 -20.07 -33.03
C VAL D 872 -42.49 -21.20 -32.75
N ALA D 873 -42.03 -21.90 -33.78
CA ALA D 873 -41.13 -23.02 -33.59
C ALA D 873 -39.94 -22.59 -32.71
N SER D 874 -39.63 -23.41 -31.68
CA SER D 874 -38.56 -23.12 -30.72
C SER D 874 -37.19 -22.99 -31.37
N ASP D 875 -37.03 -23.64 -32.49
CA ASP D 875 -35.80 -23.66 -33.20
C ASP D 875 -35.72 -22.67 -34.35
N THR D 876 -36.70 -21.80 -34.56
CA THR D 876 -36.48 -20.78 -35.59
C THR D 876 -35.98 -19.50 -34.85
N PRO D 877 -35.20 -18.62 -35.50
CA PRO D 877 -34.74 -17.40 -34.81
C PRO D 877 -35.90 -16.62 -34.26
N HIS D 878 -35.80 -16.08 -33.02
CA HIS D 878 -36.97 -15.34 -32.48
C HIS D 878 -37.36 -14.26 -33.49
N PRO D 879 -38.67 -14.15 -33.80
CA PRO D 879 -39.16 -13.21 -34.81
C PRO D 879 -39.13 -11.74 -34.35
N ALA D 880 -38.99 -10.85 -35.34
CA ALA D 880 -38.99 -9.38 -35.09
C ALA D 880 -40.30 -8.86 -34.50
N ARG D 881 -41.44 -9.52 -34.83
CA ARG D 881 -42.71 -9.10 -34.31
C ARG D 881 -43.70 -10.21 -34.53
N ILE D 882 -44.82 -10.01 -33.90
CA ILE D 882 -45.97 -10.92 -34.03
C ILE D 882 -47.16 -10.01 -34.08
N GLY D 883 -47.66 -9.77 -35.28
CA GLY D 883 -48.80 -8.85 -35.38
C GLY D 883 -49.58 -9.02 -36.70
N LEU D 884 -50.34 -7.97 -37.06
CA LEU D 884 -51.07 -8.02 -38.35
C LEU D 884 -50.72 -6.80 -39.14
N ASN D 885 -50.93 -6.91 -40.44
CA ASN D 885 -50.69 -5.75 -41.24
C ASN D 885 -51.66 -5.60 -42.40
N CYS D 886 -51.89 -4.35 -42.78
CA CYS D 886 -52.73 -4.11 -43.94
C CYS D 886 -52.50 -2.70 -44.51
N GLN D 887 -52.93 -2.50 -45.76
CA GLN D 887 -52.84 -1.19 -46.37
C GLN D 887 -54.29 -0.67 -46.45
N LEU D 888 -54.57 0.36 -45.69
CA LEU D 888 -55.92 0.91 -45.70
C LEU D 888 -56.04 1.81 -46.91
N ALA D 889 -57.27 1.92 -47.40
CA ALA D 889 -57.51 2.78 -48.53
C ALA D 889 -57.44 4.27 -48.16
N GLN D 890 -57.91 4.53 -46.97
CA GLN D 890 -58.02 5.86 -46.39
C GLN D 890 -56.70 6.51 -46.06
N VAL D 891 -56.64 7.80 -46.23
CA VAL D 891 -55.47 8.59 -45.90
C VAL D 891 -56.10 9.74 -45.09
N ALA D 892 -55.87 9.78 -43.76
CA ALA D 892 -56.44 10.83 -42.91
C ALA D 892 -55.33 11.76 -42.39
N GLU D 893 -55.68 12.96 -42.01
CA GLU D 893 -54.73 13.95 -41.54
C GLU D 893 -54.10 13.61 -40.18
N ARG D 894 -54.91 13.09 -39.29
CA ARG D 894 -54.41 12.84 -37.95
C ARG D 894 -54.48 11.39 -37.51
N VAL D 895 -53.75 11.16 -36.41
CA VAL D 895 -53.68 9.90 -35.70
C VAL D 895 -53.89 10.20 -34.22
N ASN D 896 -54.89 9.56 -33.65
CA ASN D 896 -55.18 9.75 -32.23
C ASN D 896 -55.10 8.36 -31.54
N TRP D 897 -54.39 8.28 -30.41
CA TRP D 897 -54.31 7.02 -29.74
C TRP D 897 -54.23 7.24 -28.23
N LEU D 898 -54.64 6.21 -27.50
CA LEU D 898 -54.55 6.20 -26.03
C LEU D 898 -53.48 5.13 -25.78
N GLY D 899 -52.27 5.56 -25.47
CA GLY D 899 -51.15 4.62 -25.32
C GLY D 899 -49.91 5.43 -24.96
N LEU D 900 -48.73 4.81 -25.14
CA LEU D 900 -47.48 5.51 -24.79
C LEU D 900 -47.08 6.54 -25.88
N GLY D 901 -46.65 7.74 -25.50
CA GLY D 901 -46.27 8.69 -26.55
C GLY D 901 -45.83 10.00 -25.92
N PRO D 902 -45.71 11.06 -26.70
CA PRO D 902 -46.11 11.07 -28.10
C PRO D 902 -45.11 10.57 -29.10
N GLN D 903 -43.86 10.43 -28.70
CA GLN D 903 -42.92 10.03 -29.72
C GLN D 903 -42.80 8.54 -29.90
N GLU D 904 -42.07 8.18 -30.98
CA GLU D 904 -41.77 6.78 -31.29
C GLU D 904 -41.17 6.08 -30.09
N ASN D 905 -41.63 4.89 -29.80
CA ASN D 905 -41.16 4.12 -28.66
C ASN D 905 -41.17 2.62 -28.92
N TYR D 906 -40.20 1.89 -28.39
CA TYR D 906 -40.09 0.46 -28.61
C TYR D 906 -39.98 -0.17 -27.23
N PRO D 907 -40.16 -1.49 -27.17
CA PRO D 907 -40.15 -2.18 -25.88
C PRO D 907 -38.99 -1.88 -24.91
N ASP D 908 -37.80 -1.85 -25.52
CA ASP D 908 -36.56 -1.59 -24.78
C ASP D 908 -36.16 -0.10 -24.82
N ARG D 909 -37.07 0.73 -25.36
CA ARG D 909 -36.85 2.16 -25.38
C ARG D 909 -38.18 2.87 -25.29
N LEU D 910 -38.83 2.77 -24.15
CA LEU D 910 -40.12 3.40 -23.97
C LEU D 910 -40.24 4.05 -22.60
N THR D 911 -39.17 4.06 -21.78
CA THR D 911 -39.33 4.62 -20.43
C THR D 911 -39.70 6.09 -20.47
N ALA D 912 -39.26 6.82 -21.51
CA ALA D 912 -39.53 8.26 -21.57
C ALA D 912 -40.96 8.56 -22.06
N ALA D 913 -41.61 7.60 -22.75
CA ALA D 913 -42.95 7.84 -23.28
C ALA D 913 -43.92 7.82 -22.14
N CYS D 914 -45.00 8.58 -22.23
CA CYS D 914 -45.98 8.61 -21.17
C CYS D 914 -47.29 8.10 -21.76
N PHE D 915 -48.05 7.52 -20.87
CA PHE D 915 -49.39 6.97 -21.25
C PHE D 915 -50.44 8.09 -21.12
N ASP D 916 -51.05 8.41 -22.26
CA ASP D 916 -52.06 9.47 -22.27
C ASP D 916 -52.81 9.44 -23.64
N ARG D 917 -53.65 10.45 -23.89
CA ARG D 917 -54.31 10.47 -25.20
C ARG D 917 -53.49 11.40 -26.07
N TRP D 918 -52.99 10.87 -27.19
CA TRP D 918 -52.16 11.68 -28.06
C TRP D 918 -52.86 11.81 -29.40
N ASP D 919 -52.47 12.88 -30.09
CA ASP D 919 -53.07 13.23 -31.37
C ASP D 919 -52.11 14.08 -32.18
N LEU D 920 -51.61 13.47 -33.24
CA LEU D 920 -50.65 14.11 -34.06
C LEU D 920 -51.02 13.98 -35.52
N PRO D 921 -50.43 14.82 -36.34
CA PRO D 921 -50.52 14.72 -37.76
C PRO D 921 -49.85 13.39 -38.18
N LEU D 922 -50.41 12.78 -39.23
CA LEU D 922 -49.89 11.52 -39.73
C LEU D 922 -48.35 11.50 -39.92
N SER D 923 -47.79 12.50 -40.59
CA SER D 923 -46.37 12.42 -40.85
C SER D 923 -45.53 12.35 -39.58
N ASP D 924 -46.04 12.81 -38.43
CA ASP D 924 -45.25 12.70 -37.20
C ASP D 924 -45.17 11.27 -36.72
N MET D 925 -45.96 10.43 -37.36
CA MET D 925 -45.96 9.03 -36.97
C MET D 925 -44.94 8.25 -37.77
N TYR D 926 -44.17 9.04 -38.55
CA TYR D 926 -43.09 8.48 -39.35
C TYR D 926 -41.78 9.14 -38.86
N THR D 927 -40.72 8.35 -38.61
CA THR D 927 -39.44 8.93 -38.18
C THR D 927 -38.51 8.87 -39.34
N PRO D 928 -38.08 10.03 -39.83
CA PRO D 928 -37.22 10.05 -41.02
C PRO D 928 -35.71 9.69 -40.87
N TYR D 929 -35.45 8.48 -40.40
CA TYR D 929 -34.10 7.97 -40.30
C TYR D 929 -33.50 8.09 -41.68
N VAL D 930 -32.27 8.54 -41.75
CA VAL D 930 -31.72 8.71 -43.08
C VAL D 930 -31.64 7.38 -43.83
N PHE D 931 -31.30 6.30 -43.09
CA PHE D 931 -31.27 4.95 -43.66
C PHE D 931 -32.62 4.38 -43.19
N PRO D 932 -33.56 4.18 -44.10
CA PRO D 932 -34.91 3.74 -43.71
C PRO D 932 -35.05 2.36 -43.14
N SER D 933 -35.92 2.22 -42.14
CA SER D 933 -36.15 0.91 -41.51
C SER D 933 -37.48 0.92 -40.76
N GLU D 934 -37.85 -0.23 -40.16
CA GLU D 934 -39.04 -0.15 -39.31
C GLU D 934 -38.86 1.09 -38.41
N ASN D 935 -39.96 1.82 -38.21
CA ASN D 935 -39.93 3.05 -37.45
C ASN D 935 -41.31 3.51 -37.00
N GLY D 936 -41.34 4.47 -36.07
CA GLY D 936 -42.58 5.08 -35.62
C GLY D 936 -43.50 4.26 -34.75
N LEU D 937 -43.06 3.06 -34.36
CA LEU D 937 -43.90 2.30 -33.45
C LEU D 937 -44.20 3.09 -32.17
N ARG D 938 -45.40 2.83 -31.61
CA ARG D 938 -45.86 3.36 -30.30
C ARG D 938 -46.32 2.13 -29.56
N CYS D 939 -45.92 1.91 -28.30
CA CYS D 939 -46.34 0.71 -27.60
C CYS D 939 -47.42 0.96 -26.54
N GLY D 940 -47.80 -0.08 -25.85
CA GLY D 940 -48.77 0.09 -24.77
C GLY D 940 -50.04 0.84 -25.11
N THR D 941 -50.57 0.59 -26.31
CA THR D 941 -51.73 1.27 -26.88
C THR D 941 -53.01 0.46 -26.68
N ARG D 942 -54.02 1.19 -26.18
CA ARG D 942 -55.27 0.57 -25.86
C ARG D 942 -56.30 0.95 -26.87
N GLU D 943 -56.08 2.05 -27.54
CA GLU D 943 -57.07 2.48 -28.52
C GLU D 943 -56.39 3.32 -29.56
N LEU D 944 -56.69 3.05 -30.81
CA LEU D 944 -56.12 3.80 -31.92
C LEU D 944 -57.27 4.28 -32.81
N ASN D 945 -57.25 5.57 -33.21
CA ASN D 945 -58.28 6.15 -34.10
C ASN D 945 -57.70 6.66 -35.40
N TYR D 946 -58.25 6.27 -36.54
CA TYR D 946 -57.70 6.79 -37.81
C TYR D 946 -58.83 6.86 -38.83
N GLY D 947 -59.15 8.08 -39.27
CA GLY D 947 -60.24 8.15 -40.20
C GLY D 947 -61.47 7.60 -39.47
N PRO D 948 -62.19 6.74 -40.14
CA PRO D 948 -63.38 6.13 -39.56
C PRO D 948 -63.08 4.95 -38.69
N HIS D 949 -61.81 4.49 -38.70
CA HIS D 949 -61.56 3.29 -37.91
C HIS D 949 -61.11 3.48 -36.46
N GLN D 950 -61.44 2.47 -35.70
CA GLN D 950 -60.99 2.47 -34.33
C GLN D 950 -60.60 1.05 -33.98
N TRP D 951 -59.37 0.80 -33.51
CA TRP D 951 -58.94 -0.52 -33.06
C TRP D 951 -58.72 -0.42 -31.57
N ARG D 952 -59.17 -1.41 -30.81
CA ARG D 952 -58.93 -1.33 -29.36
C ARG D 952 -58.34 -2.65 -28.99
N GLY D 953 -57.55 -2.65 -27.92
CA GLY D 953 -56.86 -3.84 -27.38
C GLY D 953 -55.69 -3.41 -26.46
N ASP D 954 -54.55 -4.06 -26.67
CA ASP D 954 -53.36 -3.79 -25.90
C ASP D 954 -52.23 -4.21 -26.84
N PHE D 955 -51.90 -3.30 -27.74
CA PHE D 955 -50.97 -3.57 -28.78
C PHE D 955 -49.98 -2.43 -29.04
N GLN D 956 -49.05 -2.72 -29.92
CA GLN D 956 -48.07 -1.76 -30.37
C GLN D 956 -48.48 -1.50 -31.83
N PHE D 957 -48.16 -0.31 -32.37
CA PHE D 957 -48.51 -0.10 -33.76
C PHE D 957 -47.66 0.97 -34.38
N ASN D 958 -47.63 0.94 -35.71
CA ASN D 958 -47.07 1.99 -36.53
C ASN D 958 -48.03 2.23 -37.69
N ILE D 959 -47.98 3.40 -38.26
CA ILE D 959 -48.90 3.75 -39.34
C ILE D 959 -48.22 4.80 -40.16
N SER D 960 -48.20 4.57 -41.46
CA SER D 960 -47.51 5.54 -42.31
C SER D 960 -47.86 5.22 -43.74
N ARG D 961 -47.36 6.08 -44.63
CA ARG D 961 -47.60 5.88 -46.03
C ARG D 961 -46.55 4.97 -46.62
N TYR D 962 -45.70 4.32 -45.78
CA TYR D 962 -44.67 3.48 -46.39
C TYR D 962 -44.75 2.07 -45.91
N SER D 963 -44.73 1.10 -46.85
CA SER D 963 -44.82 -0.31 -46.54
C SER D 963 -43.50 -0.81 -45.91
N GLN D 964 -43.53 -1.90 -45.13
CA GLN D 964 -42.30 -2.50 -44.62
C GLN D 964 -41.36 -2.85 -45.76
N GLN D 965 -41.97 -3.35 -46.83
CA GLN D 965 -41.19 -3.73 -47.99
C GLN D 965 -40.46 -2.55 -48.57
N GLN D 966 -41.18 -1.45 -48.75
CA GLN D 966 -40.47 -0.33 -49.31
C GLN D 966 -39.30 0.18 -48.43
N LEU D 967 -39.56 0.22 -47.15
CA LEU D 967 -38.53 0.67 -46.21
C LEU D 967 -37.32 -0.24 -46.28
N MET D 968 -37.57 -1.54 -46.40
CA MET D 968 -36.50 -2.50 -46.44
C MET D 968 -35.73 -2.44 -47.74
N GLU D 969 -36.39 -1.98 -48.78
CA GLU D 969 -35.65 -1.96 -50.03
C GLU D 969 -35.07 -0.61 -50.35
N THR D 970 -35.28 0.39 -49.49
CA THR D 970 -34.83 1.72 -49.86
C THR D 970 -33.72 2.13 -48.90
N SER D 971 -32.64 2.60 -49.49
CA SER D 971 -31.44 2.95 -48.72
C SER D 971 -31.32 4.38 -48.19
N HIS D 972 -32.12 5.29 -48.69
CA HIS D 972 -32.05 6.67 -48.33
C HIS D 972 -33.44 7.19 -48.20
N ARG D 973 -33.64 7.96 -47.18
CA ARG D 973 -34.97 8.42 -46.96
C ARG D 973 -35.48 9.28 -48.10
N HIS D 974 -34.58 9.97 -48.79
CA HIS D 974 -35.05 10.86 -49.81
C HIS D 974 -35.68 10.11 -50.96
N LEU D 975 -35.40 8.82 -51.02
CA LEU D 975 -35.96 8.05 -52.12
C LEU D 975 -37.33 7.43 -51.83
N LEU D 976 -37.88 7.61 -50.65
CA LEU D 976 -39.16 6.98 -50.33
C LEU D 976 -40.29 7.71 -51.05
N HIS D 977 -41.32 6.98 -51.45
CA HIS D 977 -42.47 7.63 -52.09
C HIS D 977 -43.70 7.18 -51.32
N ALA D 978 -44.60 8.11 -51.03
CA ALA D 978 -45.79 7.71 -50.30
C ALA D 978 -46.59 6.71 -51.14
N GLU D 979 -47.07 5.63 -50.54
CA GLU D 979 -47.81 4.64 -51.29
C GLU D 979 -49.27 5.03 -51.26
N GLU D 980 -50.12 4.32 -52.00
CA GLU D 980 -51.55 4.67 -52.01
C GLU D 980 -52.12 4.39 -50.63
N GLY D 981 -52.95 5.24 -50.12
CA GLY D 981 -53.38 4.72 -48.83
C GLY D 981 -52.41 4.66 -47.66
N THR D 982 -52.89 4.06 -46.56
CA THR D 982 -52.10 4.02 -45.31
C THR D 982 -51.71 2.60 -44.83
N TRP D 983 -50.39 2.31 -44.64
CA TRP D 983 -49.94 1.04 -44.10
C TRP D 983 -50.04 1.08 -42.58
N LEU D 984 -50.81 0.12 -42.08
CA LEU D 984 -51.00 -0.05 -40.63
C LEU D 984 -50.33 -1.37 -40.18
N ASN D 985 -49.44 -1.30 -39.19
CA ASN D 985 -48.85 -2.51 -38.65
C ASN D 985 -49.27 -2.53 -37.19
N ILE D 986 -50.04 -3.50 -36.76
CA ILE D 986 -50.50 -3.54 -35.35
C ILE D 986 -49.95 -4.83 -34.78
N ASP D 987 -49.12 -4.70 -33.76
CA ASP D 987 -48.50 -5.90 -33.24
C ASP D 987 -49.00 -6.30 -31.86
N GLY D 988 -49.10 -7.62 -31.66
CA GLY D 988 -49.44 -8.03 -30.30
C GLY D 988 -48.11 -7.89 -29.53
N PHE D 989 -47.04 -8.18 -30.28
CA PHE D 989 -45.71 -8.19 -29.70
C PHE D 989 -44.67 -7.71 -30.67
N HIS D 990 -43.63 -7.03 -30.13
CA HIS D 990 -42.57 -6.51 -31.00
C HIS D 990 -41.21 -6.69 -30.30
N MET D 991 -40.20 -7.17 -31.05
CA MET D 991 -38.86 -7.37 -30.52
C MET D 991 -38.16 -6.04 -30.11
N GLY D 992 -37.22 -6.09 -29.13
CA GLY D 992 -36.48 -4.87 -28.75
C GLY D 992 -35.66 -4.41 -29.96
N ILE D 993 -35.16 -3.20 -29.93
CA ILE D 993 -34.39 -2.66 -31.08
C ILE D 993 -32.90 -2.75 -30.77
N GLY D 994 -32.57 -2.92 -29.48
CA GLY D 994 -31.16 -3.05 -29.11
C GLY D 994 -30.34 -1.75 -29.31
N GLY D 995 -28.99 -1.86 -29.28
CA GLY D 995 -28.21 -0.65 -29.45
C GLY D 995 -26.96 -0.61 -28.58
N ASP D 996 -26.72 -1.59 -27.70
CA ASP D 996 -25.49 -1.55 -26.87
C ASP D 996 -24.30 -1.35 -27.81
N ASP D 997 -24.48 -1.86 -29.03
CA ASP D 997 -23.56 -1.63 -30.14
C ASP D 997 -24.36 -1.86 -31.41
N SER D 998 -23.82 -1.55 -32.58
CA SER D 998 -24.54 -1.81 -33.84
C SER D 998 -23.75 -2.82 -34.71
N TRP D 999 -23.10 -3.83 -34.08
CA TRP D 999 -22.33 -4.79 -34.86
C TRP D 999 -22.44 -6.17 -34.36
N SER D 1000 -23.21 -6.38 -33.33
CA SER D 1000 -23.40 -7.72 -32.81
C SER D 1000 -24.77 -7.73 -32.17
N PRO D 1001 -25.58 -8.80 -32.30
CA PRO D 1001 -26.88 -8.83 -31.67
C PRO D 1001 -26.79 -8.25 -30.25
N SER D 1002 -27.63 -7.26 -30.03
CA SER D 1002 -27.63 -6.55 -28.76
C SER D 1002 -28.97 -6.47 -28.06
N VAL D 1003 -29.99 -7.15 -28.58
CA VAL D 1003 -31.32 -7.05 -27.92
C VAL D 1003 -31.26 -8.06 -26.76
N SER D 1004 -31.56 -7.56 -25.59
CA SER D 1004 -31.49 -8.37 -24.38
C SER D 1004 -32.50 -9.52 -24.41
N ALA D 1005 -32.13 -10.62 -23.78
CA ALA D 1005 -33.01 -11.78 -23.76
C ALA D 1005 -34.44 -11.41 -23.43
N GLU D 1006 -34.61 -10.56 -22.41
CA GLU D 1006 -35.96 -10.23 -22.01
C GLU D 1006 -36.81 -9.50 -23.05
N PHE D 1007 -36.18 -9.02 -24.10
CA PHE D 1007 -36.94 -8.31 -25.13
C PHE D 1007 -37.03 -9.12 -26.43
N GLN D 1008 -36.60 -10.36 -26.41
CA GLN D 1008 -36.66 -11.21 -27.59
C GLN D 1008 -37.97 -12.00 -27.50
N LEU D 1009 -38.59 -12.28 -28.66
CA LEU D 1009 -39.89 -12.99 -28.64
C LEU D 1009 -39.66 -14.51 -28.61
N SER D 1010 -39.31 -15.01 -27.41
CA SER D 1010 -38.95 -16.42 -27.32
C SER D 1010 -39.96 -17.24 -26.58
N ALA D 1011 -41.10 -16.70 -26.24
CA ALA D 1011 -42.09 -17.43 -25.45
C ALA D 1011 -42.67 -18.67 -26.12
N GLY D 1012 -42.54 -18.78 -27.43
CA GLY D 1012 -43.06 -19.98 -28.09
C GLY D 1012 -44.57 -19.87 -28.45
N ARG D 1013 -45.39 -19.39 -27.54
CA ARG D 1013 -46.84 -19.21 -27.77
C ARG D 1013 -47.24 -17.79 -27.40
N TYR D 1014 -47.98 -17.12 -28.28
CA TYR D 1014 -48.38 -15.74 -28.04
C TYR D 1014 -49.84 -15.56 -28.28
N HIS D 1015 -50.39 -14.68 -27.49
CA HIS D 1015 -51.83 -14.42 -27.66
C HIS D 1015 -52.14 -12.94 -27.67
N TYR D 1016 -52.99 -12.56 -28.58
CA TYR D 1016 -53.40 -11.18 -28.49
C TYR D 1016 -54.82 -11.07 -29.07
N GLN D 1017 -55.44 -9.96 -28.77
CA GLN D 1017 -56.75 -9.73 -29.29
C GLN D 1017 -57.04 -8.26 -29.47
N LEU D 1018 -57.81 -8.03 -30.49
CA LEU D 1018 -58.30 -6.70 -30.75
C LEU D 1018 -59.70 -6.69 -31.39
N VAL D 1019 -60.28 -5.48 -31.27
CA VAL D 1019 -61.62 -5.11 -31.78
C VAL D 1019 -61.50 -4.00 -32.80
N TRP D 1020 -62.10 -4.23 -33.96
CA TRP D 1020 -62.06 -3.24 -35.03
C TRP D 1020 -63.50 -2.79 -35.20
N CYS D 1021 -63.66 -1.50 -35.15
CA CYS D 1021 -64.96 -0.88 -35.28
C CYS D 1021 -64.89 0.43 -36.02
N GLN D 1022 -66.05 0.88 -36.51
CA GLN D 1022 -66.02 2.10 -37.28
C GLN D 1022 -66.73 3.14 -36.47
N LYS D 1023 -65.90 4.07 -36.01
CA LYS D 1023 -66.24 5.20 -35.16
C LYS D 1023 -65.83 4.97 -33.69
#